data_2H7C
#
_entry.id   2H7C
#
_cell.length_a   88.990
_cell.length_b   115.370
_cell.length_c   175.530
_cell.angle_alpha   90.00
_cell.angle_beta   90.05
_cell.angle_gamma   90.00
#
_symmetry.space_group_name_H-M   'P 1 21 1'
#
loop_
_entity.id
_entity.type
_entity.pdbx_description
1 polymer 'Liver carboxylesterase 1'
2 branched 2-acetamido-2-deoxy-beta-D-glucopyranose-(1-4)-2-acetamido-2-deoxy-beta-D-glucopyranose
3 non-polymer 'SULFATE ION'
4 non-polymer 'COENZYME A'
5 non-polymer 2-acetamido-2-deoxy-beta-D-glucopyranose
6 non-polymer 'N-acetyl-alpha-neuraminic acid'
7 water water
#
_entity_poly.entity_id   1
_entity_poly.type   'polypeptide(L)'
_entity_poly.pdbx_seq_one_letter_code
;HPSSPPVVDTVHGKVLGKFVSLEGFAQPVAIFLGIPFAKPPLGPLRFTPPQPAEPWSFVKNATSYPPMCTQDPKAGQLLS
ELFTNRKENIPLKLSEDCLYLNIYTPADLTKKNRLPVMVWIHGGGLMVGAASTYDGLALAAHENVVVVTIQYRLGIWGFF
STGDEHSRGNWGHLDQVAALRWVQDNIASFGGNPGSVTIFGESAGGESVSVLVLSPLAKNLFHRAISESGVALTSVLVKK
GDVKPLAEQIAITAGCKTTTSAVMVHCLRQKTEEELLETTLKMKFLSLDLQGDPRESQPLLGTVIDGMLLLKTPEELQAE
RNFHTVPYMVGINKQEFGWLIPMLMSYPLSEGQLDQKTAMSLLWKSYPLVCIAKELIPEATEKYLGGTDDTVKKKDLFLD
LIADVMFGVPSVIVARNHRDAGAPTYMYEFQYRPSFSSDMKPKTVIGDHGDELFSVFGAPFLKEGASEEEIRLSKMVMKF
WANFARNGNPNGEGLPHWPEYNQKEGYLQIGANTQAAQKLKDKEVAFWTNLFAKKAVEKPPQ
;
_entity_poly.pdbx_strand_id   A,B,C,D,E,F
#
# COMPACT_ATOMS: atom_id res chain seq x y z
N SER A 3 49.08 -15.78 -5.21
CA SER A 3 49.70 -16.78 -4.29
C SER A 3 48.93 -18.09 -4.35
N SER A 4 47.86 -18.09 -5.13
CA SER A 4 47.00 -19.27 -5.26
C SER A 4 46.27 -19.46 -3.94
N PRO A 5 45.22 -18.66 -3.71
CA PRO A 5 44.40 -18.73 -2.49
C PRO A 5 43.89 -20.14 -2.23
N PRO A 6 43.57 -20.44 -0.97
CA PRO A 6 43.06 -21.76 -0.57
C PRO A 6 41.69 -22.05 -1.15
N VAL A 7 41.51 -23.26 -1.66
CA VAL A 7 40.22 -23.69 -2.21
C VAL A 7 39.90 -25.01 -1.53
N VAL A 8 38.77 -25.06 -0.84
CA VAL A 8 38.37 -26.25 -0.13
C VAL A 8 37.05 -26.81 -0.65
N ASP A 9 36.96 -28.13 -0.73
CA ASP A 9 35.72 -28.76 -1.20
C ASP A 9 34.89 -29.14 0.01
N THR A 10 33.67 -28.62 0.09
CA THR A 10 32.79 -28.95 1.19
C THR A 10 31.67 -29.81 0.63
N VAL A 11 30.83 -30.36 1.50
CA VAL A 11 29.73 -31.18 1.02
C VAL A 11 28.88 -30.45 -0.02
N HIS A 12 28.61 -29.17 0.22
CA HIS A 12 27.78 -28.40 -0.70
C HIS A 12 28.48 -27.72 -1.87
N GLY A 13 29.81 -27.74 -1.89
CA GLY A 13 30.52 -27.12 -2.99
C GLY A 13 31.88 -26.57 -2.59
N LYS A 14 32.61 -26.07 -3.57
CA LYS A 14 33.94 -25.52 -3.34
C LYS A 14 33.88 -24.09 -2.83
N VAL A 15 34.81 -23.75 -1.95
CA VAL A 15 34.89 -22.41 -1.39
C VAL A 15 36.32 -21.88 -1.50
N LEU A 16 36.45 -20.61 -1.85
CA LEU A 16 37.75 -19.97 -1.98
C LEU A 16 37.94 -19.01 -0.81
N GLY A 17 39.09 -19.11 -0.15
CA GLY A 17 39.37 -18.24 0.98
C GLY A 17 40.62 -17.40 0.69
N LYS A 18 41.31 -16.99 1.75
CA LYS A 18 42.52 -16.19 1.60
C LYS A 18 43.56 -16.51 2.67
N PHE A 19 44.83 -16.26 2.34
CA PHE A 19 45.93 -16.49 3.27
C PHE A 19 46.31 -15.20 3.97
N VAL A 20 46.47 -15.26 5.29
CA VAL A 20 46.85 -14.10 6.07
C VAL A 20 48.04 -14.48 6.95
N SER A 21 49.09 -13.67 6.90
CA SER A 21 50.28 -13.94 7.67
C SER A 21 50.33 -13.17 8.98
N LEU A 22 50.99 -13.77 9.96
CA LEU A 22 51.13 -13.14 11.26
C LEU A 22 52.63 -13.02 11.52
N GLU A 23 53.10 -11.80 11.74
CA GLU A 23 54.51 -11.52 11.99
C GLU A 23 55.15 -12.57 12.90
N GLY A 24 56.01 -13.41 12.32
CA GLY A 24 56.67 -14.43 13.12
C GLY A 24 56.33 -15.87 12.79
N PHE A 25 55.14 -16.10 12.23
CA PHE A 25 54.73 -17.46 11.88
C PHE A 25 55.02 -17.76 10.42
N ALA A 26 55.63 -18.91 10.17
CA ALA A 26 55.99 -19.32 8.81
C ALA A 26 54.77 -19.69 7.96
N GLN A 27 53.89 -20.51 8.54
CA GLN A 27 52.68 -20.96 7.85
C GLN A 27 51.56 -19.91 7.96
N PRO A 28 51.02 -19.46 6.83
CA PRO A 28 49.95 -18.47 6.88
C PRO A 28 48.63 -19.12 7.27
N VAL A 29 47.73 -18.35 7.86
CA VAL A 29 46.43 -18.88 8.26
C VAL A 29 45.45 -18.73 7.11
N ALA A 30 44.68 -19.79 6.85
CA ALA A 30 43.70 -19.75 5.76
C ALA A 30 42.38 -19.29 6.37
N ILE A 31 41.81 -18.23 5.81
CA ILE A 31 40.56 -17.68 6.33
C ILE A 31 39.43 -17.76 5.31
N PHE A 32 38.27 -18.21 5.77
CA PHE A 32 37.10 -18.31 4.90
C PHE A 32 35.97 -17.56 5.57
N LEU A 33 35.49 -16.52 4.89
CA LEU A 33 34.43 -15.68 5.43
C LEU A 33 33.09 -15.84 4.73
N GLY A 34 32.04 -15.93 5.53
CA GLY A 34 30.71 -16.03 4.98
C GLY A 34 30.31 -17.34 4.36
N ILE A 35 30.64 -18.46 5.00
CA ILE A 35 30.24 -19.75 4.46
C ILE A 35 28.83 -20.02 4.99
N PRO A 36 27.87 -20.33 4.11
CA PRO A 36 26.51 -20.59 4.58
C PRO A 36 26.36 -21.99 5.18
N PHE A 37 25.72 -22.09 6.35
CA PHE A 37 25.52 -23.40 6.98
C PHE A 37 24.04 -23.78 6.99
N ALA A 38 23.20 -22.91 6.44
CA ALA A 38 21.77 -23.16 6.36
C ALA A 38 21.16 -22.36 5.22
N LYS A 39 19.90 -22.65 4.90
CA LYS A 39 19.22 -21.91 3.85
C LYS A 39 18.76 -20.59 4.47
N PRO A 40 18.82 -19.48 3.71
CA PRO A 40 18.38 -18.18 4.24
C PRO A 40 16.94 -18.26 4.75
N PRO A 41 16.71 -18.00 6.04
CA PRO A 41 15.38 -18.06 6.65
C PRO A 41 14.48 -16.89 6.27
N LEU A 42 14.17 -16.79 4.99
CA LEU A 42 13.34 -15.71 4.46
C LEU A 42 11.92 -16.15 4.15
N GLY A 43 11.00 -15.20 4.13
CA GLY A 43 9.61 -15.52 3.83
C GLY A 43 8.99 -16.56 4.75
N PRO A 44 8.52 -17.69 4.21
CA PRO A 44 7.89 -18.76 5.00
C PRO A 44 8.81 -19.44 6.00
N LEU A 45 10.12 -19.28 5.83
CA LEU A 45 11.08 -19.89 6.75
C LEU A 45 11.28 -19.09 8.02
N ARG A 46 10.76 -17.86 8.06
CA ARG A 46 10.89 -17.06 9.28
C ARG A 46 10.11 -17.80 10.37
N PHE A 47 10.66 -17.81 11.58
CA PHE A 47 10.03 -18.51 12.70
C PHE A 47 9.90 -20.02 12.48
N THR A 48 10.89 -20.62 11.81
CA THR A 48 10.91 -22.07 11.58
C THR A 48 12.35 -22.55 11.77
N PRO A 49 12.54 -23.86 12.01
CA PRO A 49 13.88 -24.42 12.19
C PRO A 49 14.71 -24.18 10.93
N PRO A 50 16.04 -24.04 11.10
CA PRO A 50 16.87 -23.81 9.91
C PRO A 50 16.95 -25.05 9.02
N GLN A 51 16.95 -24.85 7.72
CA GLN A 51 17.02 -25.97 6.80
C GLN A 51 18.42 -26.00 6.21
N PRO A 52 18.82 -27.16 5.65
CA PRO A 52 20.16 -27.31 5.05
C PRO A 52 20.38 -26.30 3.92
N ALA A 53 21.63 -25.87 3.75
CA ALA A 53 21.95 -24.93 2.68
C ALA A 53 21.92 -25.67 1.34
N GLU A 54 21.56 -24.95 0.29
CA GLU A 54 21.51 -25.56 -1.04
C GLU A 54 22.92 -25.66 -1.62
N PRO A 55 23.23 -26.78 -2.29
CA PRO A 55 24.56 -26.94 -2.88
C PRO A 55 24.76 -25.96 -4.03
N TRP A 56 26.02 -25.62 -4.29
CA TRP A 56 26.32 -24.68 -5.35
C TRP A 56 27.35 -25.23 -6.32
N SER A 57 27.27 -24.76 -7.57
CA SER A 57 28.20 -25.18 -8.59
C SER A 57 29.40 -24.25 -8.56
N PHE A 58 30.47 -24.65 -9.21
CA PHE A 58 31.68 -23.84 -9.29
C PHE A 58 32.29 -23.50 -7.92
N VAL A 59 32.96 -22.35 -7.84
CA VAL A 59 33.62 -21.97 -6.60
C VAL A 59 33.02 -20.74 -5.94
N LYS A 60 32.53 -20.92 -4.72
CA LYS A 60 31.94 -19.82 -3.98
C LYS A 60 33.06 -19.00 -3.37
N ASN A 61 33.04 -17.69 -3.62
CA ASN A 61 34.06 -16.79 -3.10
C ASN A 61 33.72 -16.51 -1.63
N ALA A 62 34.62 -16.86 -0.73
CA ALA A 62 34.38 -16.64 0.70
C ALA A 62 35.43 -15.71 1.29
N THR A 63 35.51 -14.49 0.77
CA THR A 63 36.49 -13.53 1.25
C THR A 63 35.85 -12.21 1.68
N SER A 64 34.54 -12.21 1.86
CA SER A 64 33.81 -11.03 2.29
C SER A 64 33.03 -11.33 3.57
N TYR A 65 33.04 -10.39 4.51
CA TYR A 65 32.32 -10.59 5.77
C TYR A 65 30.83 -10.67 5.45
N PRO A 66 30.12 -11.62 6.07
CA PRO A 66 28.69 -11.73 5.81
C PRO A 66 27.92 -10.65 6.57
N PRO A 67 26.62 -10.52 6.29
CA PRO A 67 25.82 -9.51 6.99
C PRO A 67 25.58 -10.03 8.40
N MET A 68 25.28 -9.14 9.35
CA MET A 68 24.97 -9.60 10.70
C MET A 68 23.44 -9.71 10.70
N CYS A 69 22.88 -10.53 11.59
CA CYS A 69 21.43 -10.69 11.62
C CYS A 69 20.74 -9.38 12.00
N THR A 70 19.53 -9.19 11.48
CA THR A 70 18.78 -7.97 11.72
C THR A 70 18.77 -7.63 13.21
N GLN A 71 19.11 -6.37 13.51
CA GLN A 71 19.19 -5.89 14.88
C GLN A 71 19.29 -4.36 14.87
N ASP A 72 19.14 -3.76 16.06
CA ASP A 72 19.27 -2.32 16.21
C ASP A 72 20.68 -2.02 15.68
N PRO A 73 20.78 -1.38 14.51
CA PRO A 73 22.07 -1.05 13.89
C PRO A 73 23.03 -0.20 14.71
N LYS A 74 22.50 0.74 15.50
CA LYS A 74 23.36 1.58 16.30
C LYS A 74 23.91 0.81 17.49
N ALA A 75 23.04 0.06 18.16
CA ALA A 75 23.45 -0.74 19.30
C ALA A 75 24.42 -1.85 18.87
N GLY A 76 24.13 -2.46 17.73
CA GLY A 76 24.98 -3.53 17.22
C GLY A 76 26.36 -3.05 16.84
N GLN A 77 26.44 -1.90 16.18
CA GLN A 77 27.74 -1.38 15.77
C GLN A 77 28.53 -0.94 17.00
N LEU A 78 27.83 -0.42 18.00
CA LEU A 78 28.51 0.01 19.22
C LEU A 78 29.13 -1.19 19.94
N LEU A 79 28.35 -2.26 20.10
CA LEU A 79 28.87 -3.45 20.77
C LEU A 79 30.06 -4.03 20.02
N SER A 80 29.97 -4.07 18.70
CA SER A 80 31.03 -4.61 17.87
C SER A 80 32.33 -3.81 18.05
N GLU A 81 32.22 -2.49 18.10
CA GLU A 81 33.39 -1.64 18.29
C GLU A 81 34.00 -1.86 19.68
N LEU A 82 33.15 -2.12 20.67
CA LEU A 82 33.63 -2.34 22.03
C LEU A 82 34.29 -3.70 22.27
N PHE A 83 33.87 -4.71 21.52
CA PHE A 83 34.39 -6.07 21.69
C PHE A 83 35.39 -6.58 20.65
N THR A 84 35.44 -5.97 19.47
CA THR A 84 36.34 -6.46 18.43
C THR A 84 37.82 -6.48 18.85
N ASN A 85 38.53 -7.51 18.42
CA ASN A 85 39.95 -7.68 18.74
C ASN A 85 40.87 -7.26 17.59
N ARG A 86 40.29 -6.85 16.46
CA ARG A 86 41.09 -6.42 15.31
C ARG A 86 41.40 -4.92 15.45
N LYS A 87 42.45 -4.46 14.75
CA LYS A 87 42.84 -3.05 14.86
C LYS A 87 41.80 -2.07 14.32
N GLU A 88 40.92 -2.56 13.45
CA GLU A 88 39.87 -1.73 12.86
C GLU A 88 38.52 -2.42 12.93
N ASN A 89 37.49 -1.72 13.42
CA ASN A 89 36.17 -2.32 13.50
C ASN A 89 35.58 -2.39 12.10
N ILE A 90 35.05 -3.54 11.73
CA ILE A 90 34.45 -3.75 10.43
C ILE A 90 32.98 -3.35 10.40
N PRO A 91 32.63 -2.34 9.59
CA PRO A 91 31.23 -1.91 9.51
C PRO A 91 30.47 -3.05 8.83
N LEU A 92 29.42 -3.54 9.47
CA LEU A 92 28.67 -4.65 8.91
C LEU A 92 27.29 -4.25 8.40
N LYS A 93 26.80 -5.03 7.45
CA LYS A 93 25.49 -4.81 6.86
C LYS A 93 24.50 -5.63 7.69
N LEU A 94 23.22 -5.30 7.59
CA LEU A 94 22.17 -6.01 8.32
C LEU A 94 21.34 -6.81 7.32
N SER A 95 20.89 -7.98 7.73
CA SER A 95 20.07 -8.80 6.86
C SER A 95 19.50 -10.02 7.57
N GLU A 96 18.35 -10.49 7.09
CA GLU A 96 17.73 -11.68 7.65
C GLU A 96 18.50 -12.88 7.10
N ASP A 97 19.21 -12.64 5.99
CA ASP A 97 20.05 -13.67 5.37
C ASP A 97 21.37 -13.53 6.10
N CYS A 98 21.47 -14.19 7.25
CA CYS A 98 22.66 -14.07 8.09
C CYS A 98 23.19 -15.38 8.68
N LEU A 99 22.71 -16.52 8.21
CA LEU A 99 23.19 -17.78 8.77
C LEU A 99 24.48 -18.24 8.11
N TYR A 100 25.56 -17.57 8.51
CA TYR A 100 26.89 -17.86 8.00
C TYR A 100 27.86 -18.09 9.15
N LEU A 101 29.03 -18.62 8.82
CA LEU A 101 30.07 -18.85 9.81
C LEU A 101 31.39 -18.51 9.11
N ASN A 102 32.39 -18.12 9.90
CA ASN A 102 33.71 -17.77 9.37
C ASN A 102 34.69 -18.79 9.94
N ILE A 103 35.69 -19.17 9.14
CA ILE A 103 36.67 -20.15 9.59
C ILE A 103 38.11 -19.65 9.51
N TYR A 104 38.88 -19.97 10.55
CA TYR A 104 40.28 -19.60 10.64
C TYR A 104 41.05 -20.90 10.94
N THR A 105 41.71 -21.45 9.93
CA THR A 105 42.47 -22.68 10.11
C THR A 105 43.96 -22.48 9.83
N PRO A 106 44.82 -22.89 10.78
CA PRO A 106 46.28 -22.75 10.63
C PRO A 106 46.87 -23.99 9.96
N ALA A 107 46.03 -24.97 9.67
CA ALA A 107 46.49 -26.21 9.06
C ALA A 107 46.97 -26.06 7.62
N ASP A 108 47.90 -26.92 7.23
CA ASP A 108 48.40 -26.92 5.86
C ASP A 108 47.38 -27.77 5.13
N LEU A 109 46.53 -27.11 4.36
CA LEU A 109 45.48 -27.82 3.64
C LEU A 109 45.92 -28.77 2.54
N THR A 110 47.21 -28.76 2.20
CA THR A 110 47.70 -29.66 1.16
C THR A 110 47.99 -31.03 1.76
N LYS A 111 47.92 -31.10 3.08
CA LYS A 111 48.15 -32.35 3.80
C LYS A 111 46.91 -32.66 4.64
N LYS A 112 46.95 -33.76 5.38
CA LYS A 112 45.83 -34.11 6.22
C LYS A 112 46.11 -33.59 7.63
N ASN A 113 45.09 -32.99 8.23
CA ASN A 113 45.21 -32.46 9.58
C ASN A 113 43.92 -32.75 10.33
N ARG A 114 44.02 -32.82 11.65
CA ARG A 114 42.85 -33.06 12.50
C ARG A 114 43.07 -32.28 13.79
N LEU A 115 43.14 -30.96 13.65
CA LEU A 115 43.36 -30.08 14.80
C LEU A 115 42.09 -29.87 15.61
N PRO A 116 42.24 -29.50 16.90
CA PRO A 116 41.03 -29.29 17.68
C PRO A 116 40.26 -28.11 17.09
N VAL A 117 38.94 -28.13 17.19
CA VAL A 117 38.11 -27.07 16.65
C VAL A 117 37.45 -26.29 17.78
N MET A 118 37.52 -24.97 17.70
CA MET A 118 36.90 -24.12 18.71
C MET A 118 35.83 -23.26 18.03
N VAL A 119 34.56 -23.54 18.36
CA VAL A 119 33.40 -22.84 17.77
C VAL A 119 32.90 -21.76 18.73
N TRP A 120 33.02 -20.51 18.30
CA TRP A 120 32.63 -19.35 19.11
C TRP A 120 31.22 -18.86 18.86
N ILE A 121 30.50 -18.65 19.96
CA ILE A 121 29.13 -18.13 19.91
C ILE A 121 29.15 -16.75 20.57
N HIS A 122 29.02 -15.71 19.75
CA HIS A 122 29.06 -14.33 20.24
C HIS A 122 27.91 -13.97 21.18
N GLY A 123 28.13 -12.92 21.97
CA GLY A 123 27.10 -12.46 22.89
C GLY A 123 26.36 -11.26 22.33
N GLY A 124 25.53 -10.62 23.15
CA GLY A 124 24.73 -9.50 22.71
C GLY A 124 23.30 -9.65 23.17
N GLY A 125 23.12 -10.32 24.31
CA GLY A 125 21.80 -10.52 24.89
C GLY A 125 20.78 -11.19 24.00
N LEU A 126 21.24 -11.93 22.99
CA LEU A 126 20.37 -12.61 22.03
C LEU A 126 19.60 -11.58 21.18
N MET A 127 20.00 -10.31 21.29
CA MET A 127 19.35 -9.22 20.54
C MET A 127 20.28 -8.57 19.51
N VAL A 128 21.58 -8.55 19.79
CA VAL A 128 22.55 -7.96 18.89
C VAL A 128 23.83 -8.81 18.83
N GLY A 129 24.79 -8.36 18.02
CA GLY A 129 26.04 -9.09 17.89
C GLY A 129 26.27 -9.67 16.51
N ALA A 130 27.51 -10.08 16.25
CA ALA A 130 27.88 -10.66 14.97
C ALA A 130 29.14 -11.50 15.14
N ALA A 131 29.34 -12.48 14.27
CA ALA A 131 30.52 -13.33 14.34
C ALA A 131 31.76 -12.59 13.86
N SER A 132 31.59 -11.77 12.83
CA SER A 132 32.70 -11.03 12.23
C SER A 132 33.44 -10.07 13.15
N THR A 133 32.83 -9.75 14.29
CA THR A 133 33.44 -8.88 15.27
C THR A 133 34.72 -9.53 15.81
N TYR A 134 34.71 -10.86 15.88
CA TYR A 134 35.83 -11.62 16.41
C TYR A 134 36.73 -12.26 15.37
N ASP A 135 37.97 -11.80 15.32
CA ASP A 135 38.97 -12.31 14.38
C ASP A 135 39.64 -13.53 15.03
N GLY A 136 39.53 -14.70 14.41
CA GLY A 136 40.12 -15.90 14.97
C GLY A 136 41.58 -16.13 14.62
N LEU A 137 42.17 -15.21 13.86
CA LEU A 137 43.57 -15.32 13.43
C LEU A 137 44.62 -15.63 14.50
N ALA A 138 44.71 -14.80 15.53
CA ALA A 138 45.71 -14.99 16.58
C ALA A 138 45.57 -16.30 17.37
N LEU A 139 44.35 -16.63 17.75
CA LEU A 139 44.12 -17.86 18.49
C LEU A 139 44.45 -19.08 17.64
N ALA A 140 44.05 -19.03 16.38
CA ALA A 140 44.31 -20.14 15.47
C ALA A 140 45.82 -20.37 15.31
N ALA A 141 46.54 -19.31 14.98
CA ALA A 141 47.98 -19.41 14.79
C ALA A 141 48.77 -19.76 16.04
N HIS A 142 48.46 -19.08 17.15
CA HIS A 142 49.18 -19.31 18.39
C HIS A 142 48.99 -20.67 19.03
N GLU A 143 47.79 -21.23 18.92
CA GLU A 143 47.54 -22.50 19.56
C GLU A 143 47.26 -23.68 18.64
N ASN A 144 47.38 -23.47 17.33
CA ASN A 144 47.14 -24.53 16.36
C ASN A 144 45.77 -25.19 16.54
N VAL A 145 44.71 -24.38 16.46
CA VAL A 145 43.35 -24.86 16.57
C VAL A 145 42.58 -24.22 15.43
N VAL A 146 41.47 -24.83 15.02
CA VAL A 146 40.66 -24.25 13.96
C VAL A 146 39.59 -23.46 14.69
N VAL A 147 39.49 -22.16 14.38
CA VAL A 147 38.50 -21.31 15.03
C VAL A 147 37.33 -21.02 14.10
N VAL A 148 36.12 -21.35 14.55
CA VAL A 148 34.91 -21.13 13.78
C VAL A 148 34.00 -20.17 14.56
N THR A 149 33.66 -19.03 13.96
CA THR A 149 32.78 -18.06 14.62
C THR A 149 31.45 -18.17 13.87
N ILE A 150 30.37 -18.41 14.60
CA ILE A 150 29.07 -18.59 13.96
C ILE A 150 28.05 -17.49 14.26
N GLN A 151 27.05 -17.39 13.39
CA GLN A 151 25.98 -16.43 13.58
C GLN A 151 24.69 -17.21 13.77
N TYR A 152 23.70 -16.57 14.38
CA TYR A 152 22.42 -17.19 14.65
C TYR A 152 21.36 -16.08 14.67
N ARG A 153 20.13 -16.42 14.33
CA ARG A 153 19.06 -15.42 14.31
C ARG A 153 18.93 -14.75 15.67
N LEU A 154 18.72 -13.44 15.64
CA LEU A 154 18.60 -12.64 16.86
C LEU A 154 17.22 -12.00 17.05
N GLY A 155 16.96 -11.56 18.28
CA GLY A 155 15.70 -10.89 18.61
C GLY A 155 14.42 -11.58 18.19
N ILE A 156 13.51 -10.82 17.59
CA ILE A 156 12.23 -11.35 17.14
C ILE A 156 12.44 -12.53 16.18
N TRP A 157 13.33 -12.33 15.20
CA TRP A 157 13.62 -13.37 14.22
C TRP A 157 14.12 -14.65 14.88
N GLY A 158 15.00 -14.51 15.86
CA GLY A 158 15.54 -15.69 16.52
C GLY A 158 14.81 -16.24 17.72
N PHE A 159 13.97 -15.44 18.37
CA PHE A 159 13.31 -15.94 19.55
C PHE A 159 11.82 -15.68 19.75
N PHE A 160 11.13 -15.22 18.71
CA PHE A 160 9.70 -14.99 18.87
C PHE A 160 9.00 -16.32 19.16
N SER A 161 8.24 -16.35 20.25
CA SER A 161 7.52 -17.54 20.67
C SER A 161 6.08 -17.26 21.10
N THR A 162 5.17 -18.15 20.71
CA THR A 162 3.77 -18.02 21.09
C THR A 162 3.51 -19.03 22.19
N GLY A 163 4.54 -19.75 22.57
CA GLY A 163 4.39 -20.74 23.62
C GLY A 163 3.70 -22.02 23.17
N ASP A 164 3.54 -22.21 21.87
CA ASP A 164 2.91 -23.42 21.38
C ASP A 164 3.48 -23.88 20.04
N GLU A 165 2.85 -24.87 19.43
CA GLU A 165 3.38 -25.42 18.19
C GLU A 165 3.44 -24.51 16.96
N HIS A 166 2.71 -23.40 16.99
CA HIS A 166 2.72 -22.49 15.85
C HIS A 166 4.01 -21.66 15.76
N SER A 167 4.68 -21.50 16.90
CA SER A 167 5.95 -20.80 16.97
C SER A 167 6.61 -21.14 18.31
N ARG A 168 7.18 -22.33 18.39
CA ARG A 168 7.83 -22.80 19.61
C ARG A 168 8.87 -21.86 20.17
N GLY A 169 9.68 -21.27 19.29
CA GLY A 169 10.72 -20.36 19.74
C GLY A 169 12.10 -20.96 19.64
N ASN A 170 13.09 -20.26 20.19
CA ASN A 170 14.48 -20.72 20.20
C ASN A 170 15.10 -20.96 18.82
N TRP A 171 14.63 -20.24 17.81
CA TRP A 171 15.14 -20.39 16.46
C TRP A 171 16.66 -20.16 16.41
N GLY A 172 17.14 -19.19 17.20
CA GLY A 172 18.56 -18.89 17.23
C GLY A 172 19.40 -20.02 17.80
N HIS A 173 18.84 -20.76 18.74
CA HIS A 173 19.57 -21.87 19.33
C HIS A 173 19.60 -23.03 18.32
N LEU A 174 18.50 -23.21 17.59
CA LEU A 174 18.45 -24.26 16.59
C LEU A 174 19.45 -23.93 15.49
N ASP A 175 19.70 -22.65 15.26
CA ASP A 175 20.68 -22.23 14.26
C ASP A 175 22.09 -22.61 14.77
N GLN A 176 22.31 -22.42 16.07
CA GLN A 176 23.59 -22.77 16.67
C GLN A 176 23.78 -24.28 16.51
N VAL A 177 22.72 -25.06 16.73
CA VAL A 177 22.81 -26.51 16.57
C VAL A 177 23.09 -26.87 15.11
N ALA A 178 22.48 -26.14 14.17
CA ALA A 178 22.68 -26.40 12.75
C ALA A 178 24.14 -26.12 12.37
N ALA A 179 24.70 -25.04 12.90
CA ALA A 179 26.10 -24.71 12.61
C ALA A 179 27.03 -25.80 13.13
N LEU A 180 26.71 -26.38 14.29
CA LEU A 180 27.52 -27.46 14.86
C LEU A 180 27.43 -28.72 14.00
N ARG A 181 26.23 -29.00 13.48
CA ARG A 181 26.05 -30.16 12.60
C ARG A 181 26.87 -29.93 11.35
N TRP A 182 26.93 -28.68 10.90
CA TRP A 182 27.70 -28.36 9.71
C TRP A 182 29.18 -28.63 9.98
N VAL A 183 29.66 -28.22 11.16
CA VAL A 183 31.05 -28.43 11.52
C VAL A 183 31.36 -29.92 11.52
N GLN A 184 30.45 -30.73 12.04
CA GLN A 184 30.65 -32.17 12.08
C GLN A 184 30.82 -32.74 10.68
N ASP A 185 29.97 -32.31 9.76
CA ASP A 185 30.02 -32.80 8.38
C ASP A 185 31.09 -32.21 7.46
N ASN A 186 31.64 -31.05 7.81
CA ASN A 186 32.60 -30.38 6.93
C ASN A 186 33.97 -29.97 7.47
N ILE A 187 34.12 -29.86 8.78
CA ILE A 187 35.37 -29.36 9.32
C ILE A 187 36.65 -30.10 8.94
N ALA A 188 36.55 -31.39 8.63
CA ALA A 188 37.72 -32.16 8.25
C ALA A 188 38.39 -31.56 7.02
N SER A 189 37.59 -30.98 6.13
CA SER A 189 38.12 -30.36 4.91
C SER A 189 38.94 -29.12 5.19
N PHE A 190 38.80 -28.56 6.39
CA PHE A 190 39.55 -27.38 6.77
C PHE A 190 40.66 -27.71 7.75
N GLY A 191 40.97 -29.00 7.84
CA GLY A 191 42.02 -29.45 8.74
C GLY A 191 41.57 -29.64 10.16
N GLY A 192 40.26 -29.65 10.39
CA GLY A 192 39.77 -29.83 11.74
C GLY A 192 39.34 -31.25 12.07
N ASN A 193 39.38 -31.57 13.35
CA ASN A 193 38.99 -32.89 13.84
C ASN A 193 37.54 -32.81 14.33
N PRO A 194 36.59 -33.39 13.57
CA PRO A 194 35.19 -33.35 14.02
C PRO A 194 34.99 -34.10 15.33
N GLY A 195 35.97 -34.93 15.69
CA GLY A 195 35.89 -35.67 16.93
C GLY A 195 36.36 -34.88 18.15
N SER A 196 36.73 -33.62 17.96
CA SER A 196 37.19 -32.78 19.06
C SER A 196 36.73 -31.34 18.88
N VAL A 197 35.45 -31.09 19.13
CA VAL A 197 34.88 -29.76 18.97
C VAL A 197 34.55 -29.13 20.31
N THR A 198 35.08 -27.93 20.54
CA THR A 198 34.83 -27.22 21.78
C THR A 198 33.95 -26.01 21.47
N ILE A 199 32.88 -25.83 22.23
CA ILE A 199 32.04 -24.67 22.02
C ILE A 199 32.33 -23.70 23.16
N PHE A 200 32.46 -22.42 22.82
CA PHE A 200 32.71 -21.42 23.84
C PHE A 200 32.04 -20.12 23.42
N GLY A 201 31.65 -19.34 24.40
CA GLY A 201 30.96 -18.09 24.11
C GLY A 201 30.90 -17.24 25.34
N GLU A 202 30.64 -15.96 25.14
CA GLU A 202 30.56 -15.01 26.24
C GLU A 202 29.19 -14.37 26.34
N SER A 203 28.74 -14.17 27.58
CA SER A 203 27.45 -13.56 27.88
C SER A 203 26.30 -14.39 27.28
N ALA A 204 25.48 -13.80 26.40
CA ALA A 204 24.39 -14.56 25.79
C ALA A 204 24.99 -15.76 25.07
N GLY A 205 26.26 -15.62 24.66
CA GLY A 205 26.93 -16.72 23.99
C GLY A 205 27.26 -17.78 25.02
N GLY A 206 27.55 -17.34 26.24
CA GLY A 206 27.86 -18.27 27.31
C GLY A 206 26.60 -19.01 27.74
N GLU A 207 25.48 -18.28 27.78
CA GLU A 207 24.20 -18.90 28.15
C GLU A 207 23.82 -19.91 27.06
N SER A 208 24.12 -19.57 25.80
CA SER A 208 23.81 -20.49 24.69
C SER A 208 24.59 -21.79 24.87
N VAL A 209 25.86 -21.67 25.21
CA VAL A 209 26.70 -22.85 25.42
C VAL A 209 26.09 -23.67 26.54
N SER A 210 25.69 -22.99 27.61
CA SER A 210 25.09 -23.64 28.77
C SER A 210 23.79 -24.37 28.40
N VAL A 211 23.02 -23.78 27.50
CA VAL A 211 21.78 -24.39 27.03
C VAL A 211 22.10 -25.61 26.16
N LEU A 212 23.10 -25.49 25.29
CA LEU A 212 23.46 -26.62 24.42
C LEU A 212 23.90 -27.82 25.27
N VAL A 213 24.62 -27.54 26.36
CA VAL A 213 25.09 -28.58 27.27
C VAL A 213 23.91 -29.35 27.88
N LEU A 214 22.76 -28.68 27.96
CA LEU A 214 21.56 -29.29 28.54
C LEU A 214 20.59 -29.83 27.51
N SER A 215 20.86 -29.59 26.22
CA SER A 215 19.94 -30.02 25.18
C SER A 215 20.23 -31.35 24.48
N PRO A 216 19.20 -32.20 24.36
CA PRO A 216 19.33 -33.50 23.70
C PRO A 216 19.70 -33.31 22.23
N LEU A 217 19.27 -32.17 21.67
CA LEU A 217 19.53 -31.87 20.27
C LEU A 217 21.00 -31.63 19.95
N ALA A 218 21.77 -31.21 20.95
CA ALA A 218 23.18 -30.91 20.74
C ALA A 218 24.13 -32.02 21.16
N LYS A 219 23.58 -33.13 21.65
CA LYS A 219 24.39 -34.25 22.09
C LYS A 219 25.28 -34.77 20.98
N ASN A 220 26.57 -34.93 21.30
CA ASN A 220 27.55 -35.44 20.36
C ASN A 220 27.96 -34.49 19.25
N LEU A 221 27.62 -33.22 19.40
CA LEU A 221 27.99 -32.22 18.41
C LEU A 221 29.17 -31.37 18.92
N PHE A 222 29.56 -31.63 20.17
CA PHE A 222 30.68 -30.94 20.79
C PHE A 222 31.24 -31.86 21.88
N HIS A 223 32.51 -31.64 22.25
CA HIS A 223 33.16 -32.51 23.23
C HIS A 223 33.67 -31.81 24.48
N ARG A 224 33.69 -30.48 24.44
CA ARG A 224 34.11 -29.66 25.59
C ARG A 224 33.29 -28.38 25.49
N ALA A 225 33.13 -27.68 26.61
CA ALA A 225 32.34 -26.45 26.59
C ALA A 225 32.92 -25.40 27.51
N ILE A 226 32.80 -24.14 27.10
CA ILE A 226 33.26 -23.02 27.90
C ILE A 226 32.20 -21.92 27.92
N SER A 227 31.73 -21.56 29.11
CA SER A 227 30.76 -20.48 29.26
C SER A 227 31.47 -19.31 29.94
N GLU A 228 31.58 -18.19 29.24
CA GLU A 228 32.23 -17.00 29.77
C GLU A 228 31.19 -15.94 30.12
N SER A 229 31.06 -15.66 31.43
CA SER A 229 30.12 -14.65 31.90
C SER A 229 28.69 -14.87 31.44
N GLY A 230 28.14 -16.04 31.73
CA GLY A 230 26.77 -16.29 31.34
C GLY A 230 26.45 -17.77 31.26
N VAL A 231 25.33 -18.16 31.87
CA VAL A 231 24.91 -19.55 31.88
C VAL A 231 23.38 -19.59 31.79
N ALA A 232 22.83 -20.79 31.71
CA ALA A 232 21.39 -21.00 31.59
C ALA A 232 20.63 -20.54 32.82
N LEU A 233 21.33 -20.29 33.93
CA LEU A 233 20.69 -19.80 35.14
C LEU A 233 20.68 -18.28 35.21
N THR A 234 21.22 -17.62 34.19
CA THR A 234 21.20 -16.14 34.13
C THR A 234 19.79 -15.84 33.63
N SER A 235 18.85 -15.83 34.58
CA SER A 235 17.41 -15.63 34.32
C SER A 235 16.92 -14.61 33.30
N VAL A 236 17.59 -13.47 33.18
CA VAL A 236 17.15 -12.45 32.22
C VAL A 236 17.13 -12.97 30.79
N LEU A 237 17.80 -14.09 30.53
CA LEU A 237 17.86 -14.66 29.19
C LEU A 237 16.94 -15.85 28.98
N VAL A 238 16.38 -16.38 30.06
CA VAL A 238 15.48 -17.53 29.94
C VAL A 238 14.06 -17.20 30.40
N LYS A 239 13.11 -17.37 29.49
CA LYS A 239 11.72 -17.07 29.80
C LYS A 239 11.01 -18.22 30.49
N LYS A 240 10.45 -17.94 31.66
CA LYS A 240 9.74 -18.96 32.41
C LYS A 240 8.27 -18.60 32.56
N GLY A 241 7.41 -19.61 32.53
CA GLY A 241 6.00 -19.37 32.67
C GLY A 241 5.32 -19.17 31.32
N ASP A 242 4.30 -18.34 31.30
CA ASP A 242 3.55 -18.07 30.07
C ASP A 242 4.20 -16.96 29.25
N VAL A 243 4.56 -17.28 28.02
CA VAL A 243 5.21 -16.31 27.14
C VAL A 243 4.21 -15.67 26.18
N LYS A 244 2.98 -16.17 26.21
CA LYS A 244 1.92 -15.67 25.34
C LYS A 244 1.73 -14.15 25.41
N PRO A 245 1.68 -13.59 26.63
CA PRO A 245 1.51 -12.14 26.76
C PRO A 245 2.54 -11.33 25.99
N LEU A 246 3.80 -11.73 26.11
CA LEU A 246 4.87 -11.03 25.40
C LEU A 246 4.65 -11.12 23.90
N ALA A 247 4.31 -12.30 23.42
CA ALA A 247 4.06 -12.51 22.00
C ALA A 247 2.96 -11.58 21.50
N GLU A 248 1.89 -11.46 22.28
CA GLU A 248 0.77 -10.60 21.90
C GLU A 248 1.17 -9.13 21.89
N GLN A 249 2.04 -8.73 22.81
CA GLN A 249 2.49 -7.35 22.85
C GLN A 249 3.29 -7.05 21.57
N ILE A 250 4.10 -8.01 21.15
CA ILE A 250 4.90 -7.84 19.92
C ILE A 250 3.97 -7.78 18.72
N ALA A 251 3.03 -8.73 18.64
CA ALA A 251 2.09 -8.76 17.53
C ALA A 251 1.33 -7.44 17.44
N ILE A 252 0.85 -6.95 18.58
CA ILE A 252 0.12 -5.70 18.62
C ILE A 252 0.98 -4.50 18.19
N THR A 253 2.20 -4.42 18.69
CA THR A 253 3.07 -3.31 18.32
C THR A 253 3.35 -3.33 16.82
N ALA A 254 3.36 -4.52 16.24
CA ALA A 254 3.62 -4.69 14.82
C ALA A 254 2.37 -4.44 13.97
N GLY A 255 1.23 -4.29 14.61
CA GLY A 255 -0.01 -4.04 13.89
C GLY A 255 -0.77 -5.30 13.51
N CYS A 256 -0.51 -6.38 14.25
CA CYS A 256 -1.16 -7.65 14.00
C CYS A 256 -2.30 -7.98 14.95
N LYS A 257 -3.18 -8.86 14.49
CA LYS A 257 -4.30 -9.30 15.32
C LYS A 257 -3.76 -10.39 16.24
N THR A 258 -4.42 -10.57 17.38
CA THR A 258 -4.00 -11.57 18.36
C THR A 258 -5.08 -12.63 18.57
N THR A 259 -5.93 -12.80 17.56
CA THR A 259 -7.03 -13.77 17.63
C THR A 259 -6.56 -15.15 18.09
N THR A 260 -5.53 -15.66 17.42
CA THR A 260 -4.96 -16.97 17.77
C THR A 260 -3.46 -16.90 17.54
N SER A 261 -2.75 -17.93 17.99
CA SER A 261 -1.30 -17.99 17.81
C SER A 261 -0.97 -18.09 16.32
N ALA A 262 -1.68 -18.97 15.62
CA ALA A 262 -1.44 -19.17 14.19
C ALA A 262 -1.65 -17.85 13.44
N VAL A 263 -2.66 -17.09 13.83
CA VAL A 263 -2.93 -15.80 13.20
C VAL A 263 -1.79 -14.84 13.46
N MET A 264 -1.33 -14.77 14.70
CA MET A 264 -0.22 -13.87 15.04
C MET A 264 1.04 -14.20 14.23
N VAL A 265 1.39 -15.47 14.15
CA VAL A 265 2.58 -15.91 13.43
C VAL A 265 2.46 -15.64 11.93
N HIS A 266 1.30 -15.96 11.36
CA HIS A 266 1.07 -15.75 9.94
C HIS A 266 1.26 -14.27 9.59
N CYS A 267 0.63 -13.39 10.37
CA CYS A 267 0.73 -11.95 10.15
C CYS A 267 2.20 -11.48 10.24
N LEU A 268 2.87 -11.88 11.30
CA LEU A 268 4.27 -11.48 11.50
C LEU A 268 5.18 -11.95 10.37
N ARG A 269 4.86 -13.09 9.76
CA ARG A 269 5.66 -13.58 8.66
C ARG A 269 5.48 -12.72 7.41
N GLN A 270 4.37 -12.00 7.32
CA GLN A 270 4.13 -11.15 6.16
C GLN A 270 4.76 -9.77 6.30
N LYS A 271 5.22 -9.44 7.51
CA LYS A 271 5.84 -8.14 7.72
C LYS A 271 7.21 -8.12 7.06
N THR A 272 7.63 -6.94 6.63
CA THR A 272 8.94 -6.78 6.00
C THR A 272 9.99 -6.69 7.09
N GLU A 273 11.25 -6.88 6.70
CA GLU A 273 12.34 -6.78 7.66
C GLU A 273 12.28 -5.43 8.36
N GLU A 274 12.09 -4.37 7.59
CA GLU A 274 12.04 -3.03 8.15
C GLU A 274 10.92 -2.90 9.18
N GLU A 275 9.74 -3.45 8.87
CA GLU A 275 8.62 -3.40 9.79
C GLU A 275 8.94 -4.06 11.13
N LEU A 276 9.57 -5.24 11.09
CA LEU A 276 9.92 -5.93 12.33
C LEU A 276 11.03 -5.21 13.09
N LEU A 277 11.88 -4.48 12.37
CA LEU A 277 12.96 -3.72 12.99
C LEU A 277 12.35 -2.53 13.72
N GLU A 278 11.35 -1.91 13.10
CA GLU A 278 10.67 -0.78 13.73
C GLU A 278 9.97 -1.28 14.98
N THR A 279 9.35 -2.46 14.89
CA THR A 279 8.67 -3.06 16.03
C THR A 279 9.69 -3.26 17.15
N THR A 280 10.89 -3.72 16.78
CA THR A 280 11.96 -3.95 17.74
C THR A 280 12.33 -2.64 18.44
N LEU A 281 12.51 -1.58 17.65
CA LEU A 281 12.87 -0.29 18.20
C LEU A 281 11.77 0.25 19.11
N LYS A 282 10.52 0.07 18.70
CA LYS A 282 9.39 0.52 19.51
C LYS A 282 9.36 -0.20 20.85
N MET A 283 9.74 -1.47 20.84
CA MET A 283 9.75 -2.29 22.06
C MET A 283 10.81 -1.84 23.08
N LYS A 284 11.80 -1.10 22.62
CA LYS A 284 12.89 -0.60 23.47
C LYS A 284 13.56 -1.73 24.26
N PHE A 285 13.94 -2.80 23.57
CA PHE A 285 14.60 -3.92 24.25
C PHE A 285 15.98 -3.50 24.73
N LEU A 286 16.55 -4.25 25.66
CA LEU A 286 17.89 -3.95 26.14
C LEU A 286 18.05 -2.60 26.84
N SER A 287 16.95 -2.05 27.32
CA SER A 287 16.96 -0.79 28.05
C SER A 287 16.19 -0.97 29.34
N LEU A 288 16.61 -0.28 30.40
CA LEU A 288 15.91 -0.39 31.67
C LEU A 288 14.71 0.54 31.67
N ASP A 289 13.51 -0.03 31.72
CA ASP A 289 12.29 0.77 31.75
C ASP A 289 12.10 1.35 33.16
N LEU A 290 12.16 2.68 33.26
CA LEU A 290 12.02 3.37 34.54
C LEU A 290 10.59 3.80 34.85
N GLN A 291 9.65 3.42 33.99
CA GLN A 291 8.27 3.81 34.17
C GLN A 291 7.33 2.61 34.25
N GLY A 292 6.45 2.62 35.26
CA GLY A 292 5.51 1.53 35.42
C GLY A 292 5.93 0.42 36.36
N ASP A 293 5.28 -0.73 36.22
CA ASP A 293 5.55 -1.90 37.05
C ASP A 293 6.71 -2.67 36.44
N PRO A 294 7.87 -2.67 37.11
CA PRO A 294 9.07 -3.38 36.63
C PRO A 294 8.86 -4.86 36.33
N ARG A 295 7.79 -5.44 36.88
CA ARG A 295 7.50 -6.85 36.64
C ARG A 295 6.91 -7.09 35.26
N GLU A 296 6.64 -6.01 34.53
CA GLU A 296 6.09 -6.14 33.18
C GLU A 296 7.13 -5.72 32.16
N SER A 297 8.32 -5.38 32.63
CA SER A 297 9.41 -4.95 31.76
C SER A 297 10.01 -6.14 31.03
N GLN A 298 10.19 -6.00 29.73
CA GLN A 298 10.75 -7.06 28.90
C GLN A 298 11.94 -6.52 28.10
N PRO A 299 13.14 -6.54 28.68
CA PRO A 299 14.35 -6.05 28.02
C PRO A 299 14.89 -6.90 26.88
N LEU A 300 14.66 -8.21 26.92
CA LEU A 300 15.18 -9.07 25.85
C LEU A 300 14.18 -10.14 25.43
N LEU A 301 14.39 -10.69 24.25
CA LEU A 301 13.57 -11.78 23.73
C LEU A 301 14.54 -12.95 23.77
N GLY A 302 14.30 -13.92 24.64
CA GLY A 302 15.23 -15.02 24.74
C GLY A 302 14.75 -16.45 24.70
N THR A 303 15.55 -17.30 25.33
CA THR A 303 15.32 -18.73 25.42
C THR A 303 14.02 -19.08 26.12
N VAL A 304 13.31 -20.06 25.59
CA VAL A 304 12.06 -20.51 26.20
C VAL A 304 12.11 -22.04 26.31
N ILE A 305 11.21 -22.60 27.11
CA ILE A 305 11.15 -24.05 27.25
C ILE A 305 10.15 -24.51 26.18
N ASP A 306 10.68 -24.90 25.03
CA ASP A 306 9.87 -25.31 23.88
C ASP A 306 9.49 -26.78 23.75
N GLY A 307 10.23 -27.66 24.41
CA GLY A 307 9.92 -29.07 24.32
C GLY A 307 10.73 -29.78 23.24
N MET A 308 11.57 -29.02 22.56
CA MET A 308 12.42 -29.56 21.50
C MET A 308 13.86 -29.40 21.95
N LEU A 309 14.30 -28.16 22.06
CA LEU A 309 15.66 -27.85 22.50
C LEU A 309 15.75 -28.14 23.99
N LEU A 310 14.78 -27.62 24.74
CA LEU A 310 14.72 -27.81 26.19
C LEU A 310 13.39 -28.46 26.58
N LEU A 311 13.46 -29.53 27.35
CA LEU A 311 12.26 -30.24 27.78
C LEU A 311 11.76 -29.74 29.14
N LYS A 312 12.65 -29.10 29.89
CA LYS A 312 12.30 -28.57 31.21
C LYS A 312 13.14 -27.34 31.47
N THR A 313 12.86 -26.65 32.57
CA THR A 313 13.63 -25.46 32.91
C THR A 313 15.07 -25.88 33.21
N PRO A 314 16.02 -24.98 32.99
CA PRO A 314 17.43 -25.31 33.26
C PRO A 314 17.63 -25.77 34.70
N GLU A 315 16.88 -25.15 35.63
CA GLU A 315 16.98 -25.54 37.03
C GLU A 315 16.61 -27.01 37.23
N GLU A 316 15.54 -27.44 36.57
CA GLU A 316 15.10 -28.82 36.69
C GLU A 316 16.02 -29.79 35.95
N LEU A 317 16.63 -29.32 34.85
CA LEU A 317 17.51 -30.15 34.04
C LEU A 317 18.88 -30.43 34.61
N GLN A 318 19.44 -29.47 35.35
CA GLN A 318 20.77 -29.66 35.90
C GLN A 318 20.80 -30.67 37.04
N ALA A 319 19.63 -31.22 37.37
CA ALA A 319 19.50 -32.22 38.42
C ALA A 319 19.68 -33.61 37.79
N GLU A 320 19.51 -33.68 36.48
CA GLU A 320 19.65 -34.92 35.72
C GLU A 320 21.01 -35.59 35.89
N ARG A 321 21.00 -36.90 36.12
CA ARG A 321 22.23 -37.66 36.29
C ARG A 321 22.32 -38.82 35.29
N ASN A 322 21.60 -38.71 34.18
CA ASN A 322 21.62 -39.75 33.16
C ASN A 322 21.87 -39.19 31.76
N PHE A 323 22.18 -37.90 31.68
CA PHE A 323 22.42 -37.28 30.39
C PHE A 323 23.90 -37.20 30.03
N HIS A 324 24.16 -37.14 28.73
CA HIS A 324 25.52 -37.05 28.20
C HIS A 324 26.27 -35.88 28.85
N THR A 325 27.54 -36.12 29.19
CA THR A 325 28.34 -35.09 29.84
C THR A 325 29.62 -34.78 29.06
N VAL A 326 30.21 -33.63 29.36
CA VAL A 326 31.45 -33.20 28.72
C VAL A 326 32.20 -32.29 29.67
N PRO A 327 33.53 -32.16 29.47
CA PRO A 327 34.30 -31.27 30.34
C PRO A 327 33.69 -29.88 30.15
N TYR A 328 33.58 -29.10 31.22
CA TYR A 328 32.95 -27.78 31.13
C TYR A 328 33.72 -26.73 31.94
N MET A 329 34.12 -25.65 31.29
CA MET A 329 34.81 -24.57 31.97
C MET A 329 33.82 -23.42 32.11
N VAL A 330 33.65 -22.94 33.34
CA VAL A 330 32.72 -21.86 33.63
C VAL A 330 33.42 -20.74 34.38
N GLY A 331 33.37 -19.52 33.85
CA GLY A 331 34.02 -18.42 34.53
C GLY A 331 33.28 -17.09 34.52
N ILE A 332 33.72 -16.18 35.39
CA ILE A 332 33.13 -14.85 35.50
C ILE A 332 34.22 -13.79 35.62
N ASN A 333 33.84 -12.54 35.43
CA ASN A 333 34.77 -11.43 35.56
C ASN A 333 34.51 -10.80 36.92
N LYS A 334 35.54 -10.15 37.47
CA LYS A 334 35.44 -9.52 38.79
C LYS A 334 34.25 -8.56 38.94
N GLN A 335 34.02 -7.71 37.95
CA GLN A 335 32.93 -6.75 38.00
C GLN A 335 32.04 -6.83 36.75
N GLU A 336 31.25 -7.89 36.67
CA GLU A 336 30.37 -8.12 35.52
C GLU A 336 29.42 -6.96 35.23
N PHE A 337 29.07 -6.19 36.26
CA PHE A 337 28.14 -5.07 36.10
C PHE A 337 28.83 -3.74 36.40
N GLY A 338 30.14 -3.70 36.18
CA GLY A 338 30.90 -2.50 36.47
C GLY A 338 30.74 -1.27 35.59
N TRP A 339 30.46 -1.44 34.31
CA TRP A 339 30.31 -0.29 33.43
C TRP A 339 29.54 -0.58 32.15
N LEU A 340 30.08 -1.50 31.35
CA LEU A 340 29.49 -1.88 30.07
C LEU A 340 27.99 -2.10 30.04
N ILE A 341 27.51 -3.11 30.77
CA ILE A 341 26.09 -3.43 30.79
C ILE A 341 25.21 -2.27 31.25
N PRO A 342 25.50 -1.69 32.43
CA PRO A 342 24.64 -0.56 32.84
C PRO A 342 24.70 0.62 31.87
N MET A 343 25.81 0.77 31.17
CA MET A 343 25.94 1.86 30.20
C MET A 343 25.01 1.55 29.01
N LEU A 344 25.10 0.34 28.51
CA LEU A 344 24.29 -0.09 27.39
C LEU A 344 22.79 -0.10 27.71
N MET A 345 22.44 -0.34 28.97
CA MET A 345 21.03 -0.37 29.32
C MET A 345 20.49 0.95 29.87
N SER A 346 21.34 1.97 29.90
CA SER A 346 20.95 3.28 30.39
C SER A 346 20.50 3.29 31.85
N TYR A 347 21.33 2.75 32.74
CA TYR A 347 21.00 2.75 34.17
C TYR A 347 21.20 4.18 34.68
N PRO A 348 20.25 4.67 35.50
CA PRO A 348 20.29 6.02 36.07
C PRO A 348 21.31 6.19 37.20
N LEU A 349 22.59 6.05 36.88
CA LEU A 349 23.63 6.17 37.91
C LEU A 349 24.60 7.31 37.63
N SER A 350 24.09 8.43 37.12
CA SER A 350 24.93 9.57 36.81
C SER A 350 25.66 10.19 37.99
N GLU A 351 25.07 10.13 39.18
CA GLU A 351 25.70 10.72 40.36
C GLU A 351 26.78 9.87 41.02
N GLY A 352 27.02 8.68 40.50
CA GLY A 352 28.05 7.82 41.04
C GLY A 352 27.84 7.28 42.44
N GLN A 353 27.44 8.12 43.38
CA GLN A 353 27.20 7.67 44.75
C GLN A 353 25.80 7.10 44.88
N LEU A 354 25.51 6.49 46.02
CA LEU A 354 24.20 5.89 46.21
C LEU A 354 23.90 5.58 47.69
N ASP A 355 22.71 6.00 48.13
CA ASP A 355 22.27 5.76 49.50
C ASP A 355 21.37 4.53 49.42
N GLN A 356 21.20 3.83 50.53
CA GLN A 356 20.39 2.62 50.51
C GLN A 356 18.93 2.79 50.06
N LYS A 357 18.34 3.95 50.31
CA LYS A 357 16.96 4.16 49.89
C LYS A 357 16.90 4.18 48.36
N THR A 358 17.83 4.88 47.74
CA THR A 358 17.88 4.97 46.29
C THR A 358 18.19 3.60 45.71
N ALA A 359 19.11 2.89 46.35
CA ALA A 359 19.51 1.55 45.92
C ALA A 359 18.30 0.62 45.86
N MET A 360 17.47 0.64 46.91
CA MET A 360 16.29 -0.23 46.94
C MET A 360 15.35 0.07 45.78
N SER A 361 15.21 1.36 45.45
CA SER A 361 14.33 1.75 44.35
C SER A 361 14.87 1.19 43.04
N LEU A 362 16.16 1.38 42.81
CA LEU A 362 16.79 0.90 41.58
C LEU A 362 16.72 -0.62 41.50
N LEU A 363 16.91 -1.29 42.63
CA LEU A 363 16.85 -2.75 42.65
C LEU A 363 15.46 -3.23 42.24
N TRP A 364 14.44 -2.48 42.61
CA TRP A 364 13.07 -2.85 42.24
C TRP A 364 12.93 -2.63 40.73
N LYS A 365 13.42 -1.49 40.24
CA LYS A 365 13.34 -1.22 38.80
C LYS A 365 14.12 -2.28 38.04
N SER A 366 15.14 -2.85 38.68
CA SER A 366 15.98 -3.88 38.08
C SER A 366 15.35 -5.27 38.09
N TYR A 367 14.07 -5.36 38.43
CA TYR A 367 13.37 -6.64 38.49
C TYR A 367 13.57 -7.55 37.28
N PRO A 368 13.44 -7.02 36.05
CA PRO A 368 13.64 -7.88 34.89
C PRO A 368 15.02 -8.53 34.81
N LEU A 369 16.01 -7.88 35.42
CA LEU A 369 17.38 -8.38 35.42
C LEU A 369 17.71 -9.33 36.57
N VAL A 370 17.28 -8.98 37.78
CA VAL A 370 17.55 -9.80 38.97
C VAL A 370 16.37 -10.58 39.53
N CYS A 371 15.16 -10.17 39.15
N CYS A 371 15.09 -10.10 39.34
CA CYS A 371 13.95 -10.84 39.59
CA CYS A 371 13.93 -10.91 39.73
C CYS A 371 13.85 -11.03 41.11
C CYS A 371 13.84 -10.85 41.25
N ILE A 372 14.01 -9.94 41.85
CA ILE A 372 13.92 -9.98 43.31
C ILE A 372 12.61 -9.34 43.78
N ALA A 373 11.74 -10.15 44.38
CA ALA A 373 10.45 -9.68 44.88
C ALA A 373 10.66 -8.45 45.77
N LYS A 374 9.81 -7.44 45.59
CA LYS A 374 9.90 -6.21 46.35
C LYS A 374 10.04 -6.43 47.85
N GLU A 375 9.35 -7.45 48.34
CA GLU A 375 9.38 -7.79 49.76
C GLU A 375 10.76 -8.22 50.23
N LEU A 376 11.56 -8.74 49.30
CA LEU A 376 12.91 -9.21 49.62
C LEU A 376 14.00 -8.17 49.40
N ILE A 377 13.67 -7.09 48.71
CA ILE A 377 14.63 -6.05 48.41
C ILE A 377 15.33 -5.43 49.63
N PRO A 378 14.58 -5.14 50.70
CA PRO A 378 15.21 -4.55 51.89
C PRO A 378 16.33 -5.45 52.43
N GLU A 379 16.02 -6.75 52.52
CA GLU A 379 16.95 -7.74 53.02
C GLU A 379 18.21 -7.81 52.14
N ALA A 380 18.00 -7.90 50.84
CA ALA A 380 19.12 -7.98 49.89
C ALA A 380 20.00 -6.75 49.97
N THR A 381 19.38 -5.58 49.89
CA THR A 381 20.12 -4.33 49.94
C THR A 381 20.91 -4.18 51.24
N GLU A 382 20.29 -4.57 52.35
CA GLU A 382 20.96 -4.48 53.65
C GLU A 382 22.20 -5.37 53.66
N LYS A 383 22.02 -6.61 53.20
CA LYS A 383 23.12 -7.58 53.15
C LYS A 383 24.35 -7.04 52.44
N TYR A 384 24.16 -6.40 51.30
CA TYR A 384 25.27 -5.87 50.52
C TYR A 384 25.74 -4.46 50.85
N LEU A 385 24.80 -3.56 51.12
CA LEU A 385 25.16 -2.17 51.40
C LEU A 385 25.31 -1.79 52.88
N GLY A 386 24.82 -2.63 53.77
CA GLY A 386 24.92 -2.34 55.19
C GLY A 386 26.29 -1.84 55.62
N GLY A 387 27.22 -2.77 55.79
CA GLY A 387 28.59 -2.44 56.20
C GLY A 387 29.02 -0.99 56.15
N THR A 388 29.80 -0.63 55.13
CA THR A 388 30.32 0.73 54.97
C THR A 388 29.25 1.81 54.87
N ASP A 389 29.71 3.06 54.86
CA ASP A 389 28.82 4.22 54.77
C ASP A 389 29.13 5.05 53.52
N ASP A 390 30.32 4.85 52.96
CA ASP A 390 30.74 5.57 51.77
C ASP A 390 29.72 5.36 50.65
N THR A 391 28.97 6.42 50.32
CA THR A 391 27.95 6.33 49.28
C THR A 391 28.52 5.90 47.94
N VAL A 392 29.80 6.14 47.73
CA VAL A 392 30.44 5.74 46.48
C VAL A 392 30.65 4.23 46.56
N LYS A 393 30.94 3.74 47.76
CA LYS A 393 31.15 2.31 47.99
C LYS A 393 29.83 1.57 47.87
N LYS A 394 28.80 2.07 48.56
CA LYS A 394 27.48 1.45 48.51
C LYS A 394 27.08 1.24 47.05
N LYS A 395 27.43 2.20 46.21
CA LYS A 395 27.11 2.11 44.80
C LYS A 395 27.89 0.97 44.16
N ASP A 396 29.16 0.84 44.53
CA ASP A 396 30.01 -0.23 44.01
C ASP A 396 29.48 -1.56 44.52
N LEU A 397 29.17 -1.63 45.80
CA LEU A 397 28.64 -2.84 46.40
C LEU A 397 27.28 -3.15 45.79
N PHE A 398 26.61 -2.12 45.29
CA PHE A 398 25.31 -2.29 44.66
C PHE A 398 25.50 -2.97 43.30
N LEU A 399 26.57 -2.59 42.60
CA LEU A 399 26.85 -3.18 41.30
C LEU A 399 27.29 -4.64 41.50
N ASP A 400 27.87 -4.94 42.67
CA ASP A 400 28.31 -6.29 42.99
C ASP A 400 27.09 -7.18 43.21
N LEU A 401 26.08 -6.61 43.85
CA LEU A 401 24.85 -7.34 44.14
C LEU A 401 24.22 -7.83 42.83
N ILE A 402 24.08 -6.91 41.87
CA ILE A 402 23.49 -7.24 40.58
C ILE A 402 24.35 -8.26 39.84
N ALA A 403 25.65 -8.03 39.79
CA ALA A 403 26.56 -8.95 39.11
C ALA A 403 26.45 -10.34 39.73
N ASP A 404 26.35 -10.40 41.06
CA ASP A 404 26.24 -11.67 41.74
C ASP A 404 24.95 -12.42 41.39
N VAL A 405 23.84 -11.71 41.29
CA VAL A 405 22.57 -12.38 40.97
C VAL A 405 22.47 -12.80 39.51
N MET A 406 23.01 -11.99 38.61
CA MET A 406 22.96 -12.29 37.18
C MET A 406 24.02 -13.28 36.69
N PHE A 407 25.23 -13.17 37.22
CA PHE A 407 26.33 -14.03 36.78
C PHE A 407 27.02 -14.89 37.83
N GLY A 408 27.55 -14.23 38.86
CA GLY A 408 28.27 -14.93 39.92
C GLY A 408 27.64 -16.19 40.50
N VAL A 409 26.49 -16.04 41.12
CA VAL A 409 25.78 -17.15 41.74
C VAL A 409 25.32 -18.19 40.72
N PRO A 410 24.66 -17.76 39.63
CA PRO A 410 24.21 -18.73 38.63
C PRO A 410 25.37 -19.59 38.12
N SER A 411 26.51 -18.96 37.86
CA SER A 411 27.68 -19.68 37.37
C SER A 411 28.18 -20.74 38.34
N VAL A 412 28.33 -20.38 39.61
CA VAL A 412 28.80 -21.35 40.58
C VAL A 412 27.82 -22.50 40.76
N ILE A 413 26.53 -22.19 40.76
CA ILE A 413 25.52 -23.26 40.91
C ILE A 413 25.60 -24.22 39.72
N VAL A 414 25.69 -23.68 38.52
CA VAL A 414 25.80 -24.51 37.33
C VAL A 414 27.05 -25.38 37.41
N ALA A 415 28.16 -24.78 37.84
CA ALA A 415 29.42 -25.51 37.96
C ALA A 415 29.31 -26.65 38.98
N ARG A 416 28.69 -26.37 40.12
CA ARG A 416 28.53 -27.39 41.17
C ARG A 416 27.68 -28.57 40.71
N ASN A 417 26.60 -28.27 39.98
CA ASN A 417 25.74 -29.34 39.49
C ASN A 417 26.46 -30.17 38.45
N HIS A 418 27.25 -29.51 37.60
CA HIS A 418 28.01 -30.20 36.57
C HIS A 418 29.03 -31.12 37.25
N ARG A 419 29.72 -30.57 38.24
CA ARG A 419 30.71 -31.33 38.98
C ARG A 419 30.02 -32.57 39.55
N ASP A 420 28.89 -32.37 40.21
CA ASP A 420 28.18 -33.50 40.80
C ASP A 420 27.63 -34.50 39.80
N ALA A 421 27.56 -34.09 38.53
CA ALA A 421 27.07 -34.97 37.48
C ALA A 421 28.19 -35.91 37.02
N GLY A 422 29.42 -35.64 37.47
CA GLY A 422 30.52 -36.51 37.12
C GLY A 422 31.61 -36.09 36.14
N ALA A 423 31.33 -35.15 35.25
CA ALA A 423 32.36 -34.74 34.29
C ALA A 423 33.30 -33.67 34.83
N PRO A 424 34.46 -33.48 34.18
CA PRO A 424 35.46 -32.49 34.59
C PRO A 424 34.90 -31.08 34.54
N THR A 425 35.12 -30.32 35.62
CA THR A 425 34.64 -28.95 35.73
C THR A 425 35.76 -28.01 36.19
N TYR A 426 35.84 -26.84 35.56
CA TYR A 426 36.85 -25.85 35.90
C TYR A 426 36.18 -24.48 36.00
N MET A 427 36.66 -23.65 36.92
CA MET A 427 36.11 -22.31 37.09
C MET A 427 37.22 -21.27 37.17
N TYR A 428 36.91 -20.05 36.76
CA TYR A 428 37.87 -18.96 36.84
C TYR A 428 37.14 -17.66 37.17
N GLU A 429 37.92 -16.68 37.62
CA GLU A 429 37.42 -15.35 37.91
C GLU A 429 38.45 -14.44 37.29
N PHE A 430 38.03 -13.67 36.28
CA PHE A 430 38.92 -12.78 35.54
C PHE A 430 38.94 -11.37 36.14
N GLN A 431 40.14 -10.87 36.42
CA GLN A 431 40.30 -9.53 36.98
C GLN A 431 41.45 -8.79 36.30
N TYR A 432 41.11 -7.97 35.31
CA TYR A 432 42.11 -7.20 34.59
C TYR A 432 41.44 -6.10 33.80
N ARG A 433 42.16 -5.00 33.59
CA ARG A 433 41.60 -3.91 32.81
C ARG A 433 42.35 -3.81 31.49
N PRO A 434 41.69 -4.22 30.39
CA PRO A 434 42.31 -4.17 29.06
C PRO A 434 42.59 -2.73 28.64
N SER A 435 43.70 -2.53 27.93
CA SER A 435 44.05 -1.21 27.44
C SER A 435 43.09 -0.89 26.31
N PHE A 436 42.41 -1.93 25.83
CA PHE A 436 41.46 -1.79 24.73
C PHE A 436 40.10 -1.28 25.19
N SER A 437 40.00 -0.97 26.48
CA SER A 437 38.75 -0.46 27.05
C SER A 437 38.32 0.83 26.36
N SER A 438 37.04 1.14 26.46
CA SER A 438 36.50 2.36 25.88
C SER A 438 37.09 3.56 26.63
N ASP A 439 37.31 4.66 25.93
CA ASP A 439 37.85 5.87 26.55
C ASP A 439 36.86 6.44 27.57
N MET A 440 35.58 6.15 27.36
CA MET A 440 34.54 6.64 28.27
C MET A 440 34.49 5.81 29.55
N LYS A 441 35.25 4.72 29.57
CA LYS A 441 35.28 3.84 30.73
C LYS A 441 36.34 4.32 31.72
N PRO A 442 35.93 4.65 32.95
CA PRO A 442 36.87 5.12 33.98
C PRO A 442 37.94 4.06 34.30
N LYS A 443 39.18 4.51 34.44
CA LYS A 443 40.30 3.63 34.72
C LYS A 443 40.15 2.75 35.96
N THR A 444 39.23 3.09 36.85
CA THR A 444 39.04 2.29 38.06
C THR A 444 38.23 1.02 37.85
N VAL A 445 37.60 0.88 36.69
CA VAL A 445 36.81 -0.32 36.42
C VAL A 445 37.74 -1.45 35.99
N ILE A 446 37.73 -2.54 36.76
CA ILE A 446 38.60 -3.68 36.48
C ILE A 446 37.80 -4.97 36.38
N GLY A 447 38.00 -5.70 35.29
CA GLY A 447 37.27 -6.94 35.11
C GLY A 447 35.80 -6.70 34.81
N ASP A 448 35.54 -5.73 33.93
CA ASP A 448 34.17 -5.43 33.54
C ASP A 448 33.71 -6.54 32.59
N HIS A 449 32.41 -6.57 32.33
CA HIS A 449 31.83 -7.56 31.45
C HIS A 449 32.55 -7.53 30.10
N GLY A 450 32.97 -8.69 29.61
CA GLY A 450 33.66 -8.76 28.33
C GLY A 450 35.16 -8.48 28.30
N ASP A 451 35.76 -8.11 29.43
CA ASP A 451 37.20 -7.80 29.45
C ASP A 451 38.12 -8.97 29.10
N GLU A 452 37.66 -10.19 29.35
CA GLU A 452 38.46 -11.37 29.06
C GLU A 452 38.58 -11.67 27.57
N LEU A 453 37.60 -11.20 26.79
CA LEU A 453 37.58 -11.43 25.34
C LEU A 453 38.88 -11.04 24.65
N PHE A 454 39.45 -9.90 25.05
CA PHE A 454 40.69 -9.43 24.45
C PHE A 454 41.85 -10.39 24.64
N SER A 455 41.86 -11.10 25.76
CA SER A 455 42.92 -12.07 26.03
C SER A 455 42.66 -13.35 25.26
N VAL A 456 41.43 -13.85 25.36
CA VAL A 456 41.03 -15.09 24.70
C VAL A 456 41.23 -15.06 23.19
N PHE A 457 40.91 -13.94 22.55
CA PHE A 457 41.08 -13.83 21.10
C PHE A 457 42.37 -13.14 20.69
N GLY A 458 43.30 -13.03 21.63
CA GLY A 458 44.59 -12.44 21.32
C GLY A 458 44.63 -11.06 20.67
N ALA A 459 43.88 -10.12 21.23
CA ALA A 459 43.88 -8.76 20.70
C ALA A 459 45.30 -8.16 20.76
N PRO A 460 46.08 -8.48 21.80
CA PRO A 460 47.45 -7.95 21.90
C PRO A 460 48.36 -8.35 20.74
N PHE A 461 47.90 -9.28 19.92
CA PHE A 461 48.69 -9.73 18.77
C PHE A 461 48.16 -9.22 17.44
N LEU A 462 46.98 -8.60 17.48
CA LEU A 462 46.37 -8.07 16.28
C LEU A 462 46.37 -6.55 16.32
N LYS A 463 46.21 -6.00 17.52
CA LYS A 463 46.20 -4.55 17.68
C LYS A 463 47.63 -4.07 17.90
N GLU A 464 47.84 -2.76 17.80
CA GLU A 464 49.16 -2.19 17.93
C GLU A 464 49.63 -1.81 19.35
N GLY A 465 50.89 -2.13 19.62
CA GLY A 465 51.53 -1.83 20.89
C GLY A 465 50.92 -2.10 22.25
N ALA A 466 50.16 -3.18 22.40
CA ALA A 466 49.58 -3.50 23.70
C ALA A 466 50.73 -3.60 24.69
N SER A 467 50.45 -3.46 25.98
CA SER A 467 51.51 -3.53 26.98
C SER A 467 52.09 -4.94 27.04
N GLU A 468 53.32 -5.04 27.53
CA GLU A 468 54.01 -6.31 27.67
C GLU A 468 53.23 -7.21 28.63
N GLU A 469 52.66 -6.61 29.67
CA GLU A 469 51.88 -7.35 30.66
C GLU A 469 50.62 -7.95 30.03
N GLU A 470 50.02 -7.20 29.10
CA GLU A 470 48.78 -7.63 28.43
C GLU A 470 49.06 -8.76 27.44
N ILE A 471 50.24 -8.72 26.82
CA ILE A 471 50.66 -9.73 25.87
C ILE A 471 50.89 -11.04 26.60
N ARG A 472 51.52 -10.95 27.77
CA ARG A 472 51.80 -12.13 28.58
C ARG A 472 50.50 -12.78 29.04
N LEU A 473 49.54 -11.95 29.41
CA LEU A 473 48.25 -12.45 29.87
C LEU A 473 47.52 -13.20 28.76
N SER A 474 47.49 -12.62 27.57
CA SER A 474 46.80 -13.24 26.45
C SER A 474 47.41 -14.58 26.06
N LYS A 475 48.74 -14.64 26.02
CA LYS A 475 49.43 -15.89 25.69
C LYS A 475 49.01 -16.97 26.66
N MET A 476 49.01 -16.66 27.95
CA MET A 476 48.63 -17.62 28.97
C MET A 476 47.15 -18.08 28.84
N VAL A 477 46.26 -17.12 28.62
CA VAL A 477 44.83 -17.45 28.47
C VAL A 477 44.56 -18.32 27.24
N MET A 478 45.10 -17.94 26.10
CA MET A 478 44.88 -18.73 24.88
C MET A 478 45.39 -20.15 25.10
N LYS A 479 46.53 -20.26 25.80
CA LYS A 479 47.14 -21.55 26.12
C LYS A 479 46.18 -22.42 26.93
N PHE A 480 45.65 -21.83 28.00
CA PHE A 480 44.70 -22.54 28.87
C PHE A 480 43.48 -22.97 28.05
N TRP A 481 42.90 -22.04 27.30
CA TRP A 481 41.72 -22.35 26.48
C TRP A 481 41.97 -23.47 25.48
N ALA A 482 43.08 -23.38 24.74
CA ALA A 482 43.42 -24.39 23.73
C ALA A 482 43.77 -25.71 24.39
N ASN A 483 44.45 -25.65 25.55
CA ASN A 483 44.78 -26.89 26.25
C ASN A 483 43.46 -27.56 26.61
N PHE A 484 42.51 -26.76 27.09
CA PHE A 484 41.19 -27.29 27.45
C PHE A 484 40.54 -27.91 26.23
N ALA A 485 40.64 -27.22 25.08
CA ALA A 485 40.05 -27.74 23.86
C ALA A 485 40.69 -29.08 23.50
N ARG A 486 42.01 -29.17 23.66
CA ARG A 486 42.71 -30.40 23.34
C ARG A 486 42.42 -31.57 24.30
N ASN A 487 42.48 -31.31 25.62
CA ASN A 487 42.31 -32.38 26.60
C ASN A 487 41.18 -32.32 27.62
N GLY A 488 40.36 -31.27 27.60
CA GLY A 488 39.30 -31.19 28.59
C GLY A 488 39.90 -30.85 29.95
N ASN A 489 41.15 -30.39 29.92
CA ASN A 489 41.89 -30.00 31.11
C ASN A 489 42.76 -28.86 30.60
N PRO A 490 42.69 -27.69 31.24
CA PRO A 490 43.47 -26.52 30.82
C PRO A 490 44.96 -26.54 31.15
N ASN A 491 45.37 -27.40 32.08
CA ASN A 491 46.77 -27.43 32.51
C ASN A 491 47.80 -27.82 31.45
N GLY A 492 49.03 -27.33 31.65
CA GLY A 492 50.10 -27.62 30.73
C GLY A 492 51.41 -27.04 31.22
N GLU A 493 52.51 -27.49 30.62
CA GLU A 493 53.82 -26.99 31.00
C GLU A 493 53.94 -25.49 30.77
N GLY A 494 54.48 -24.78 31.75
CA GLY A 494 54.66 -23.35 31.62
C GLY A 494 53.46 -22.51 32.03
N LEU A 495 52.45 -23.15 32.61
CA LEU A 495 51.25 -22.45 33.04
C LEU A 495 50.99 -22.64 34.53
N PRO A 496 50.44 -21.62 35.19
CA PRO A 496 50.14 -21.76 36.62
C PRO A 496 49.22 -22.96 36.78
N HIS A 497 49.19 -23.57 37.96
CA HIS A 497 48.32 -24.71 38.18
C HIS A 497 46.87 -24.28 38.32
N TRP A 498 45.99 -24.94 37.56
CA TRP A 498 44.56 -24.64 37.60
C TRP A 498 43.91 -25.90 38.16
N PRO A 499 43.49 -25.86 39.43
CA PRO A 499 42.86 -27.03 40.04
C PRO A 499 41.48 -27.30 39.47
N GLU A 500 41.09 -28.57 39.47
CA GLU A 500 39.78 -28.94 38.97
C GLU A 500 38.76 -28.46 40.01
N TYR A 501 37.59 -28.07 39.55
CA TYR A 501 36.55 -27.61 40.45
C TYR A 501 35.85 -28.83 41.03
N ASN A 502 36.40 -29.36 42.11
CA ASN A 502 35.86 -30.54 42.76
C ASN A 502 35.23 -30.14 44.10
N GLN A 503 35.19 -31.07 45.05
CA GLN A 503 34.59 -30.76 46.34
C GLN A 503 35.31 -29.63 47.07
N LYS A 504 36.59 -29.42 46.77
CA LYS A 504 37.35 -28.34 47.39
C LYS A 504 37.00 -27.02 46.70
N GLU A 505 36.32 -27.12 45.56
CA GLU A 505 35.91 -25.96 44.78
C GLU A 505 37.04 -25.00 44.45
N GLY A 506 38.14 -25.56 43.96
CA GLY A 506 39.26 -24.72 43.57
C GLY A 506 38.94 -24.05 42.25
N TYR A 507 39.48 -22.87 42.03
CA TYR A 507 39.27 -22.13 40.79
C TYR A 507 40.49 -21.27 40.54
N LEU A 508 40.62 -20.74 39.32
CA LEU A 508 41.77 -19.91 39.01
C LEU A 508 41.42 -18.43 38.94
N GLN A 509 42.16 -17.61 39.68
CA GLN A 509 41.97 -16.16 39.64
C GLN A 509 42.92 -15.72 38.55
N ILE A 510 42.37 -15.24 37.43
CA ILE A 510 43.17 -14.84 36.29
C ILE A 510 43.33 -13.32 36.21
N GLY A 511 44.57 -12.87 36.08
CA GLY A 511 44.82 -11.44 35.98
C GLY A 511 46.32 -11.15 35.91
N ALA A 512 46.70 -9.93 36.30
CA ALA A 512 48.11 -9.54 36.29
C ALA A 512 48.83 -10.61 37.10
N ASN A 513 48.24 -10.98 38.23
CA ASN A 513 48.79 -12.02 39.08
C ASN A 513 47.78 -13.15 38.98
N THR A 514 48.22 -14.32 38.51
CA THR A 514 47.32 -15.44 38.38
C THR A 514 47.71 -16.56 39.34
N GLN A 515 46.72 -17.06 40.09
CA GLN A 515 46.95 -18.15 41.04
C GLN A 515 45.64 -18.79 41.45
N ALA A 516 45.72 -20.02 41.95
CA ALA A 516 44.53 -20.74 42.37
C ALA A 516 43.99 -20.22 43.70
N ALA A 517 42.70 -20.46 43.93
CA ALA A 517 42.02 -20.05 45.16
C ALA A 517 40.88 -21.05 45.30
N GLN A 518 40.09 -20.94 46.37
CA GLN A 518 39.00 -21.88 46.59
C GLN A 518 37.67 -21.22 46.99
N LYS A 519 36.57 -21.94 46.74
CA LYS A 519 35.23 -21.51 47.10
C LYS A 519 34.76 -20.18 46.52
N LEU A 520 34.82 -20.05 45.21
CA LEU A 520 34.37 -18.83 44.53
C LEU A 520 32.89 -18.56 44.85
N LYS A 521 32.57 -17.35 45.29
CA LYS A 521 31.20 -16.93 45.62
C LYS A 521 30.42 -17.83 46.55
N ASP A 522 31.12 -18.63 47.35
CA ASP A 522 30.45 -19.55 48.27
C ASP A 522 29.46 -18.85 49.21
N LYS A 523 29.92 -17.78 49.86
CA LYS A 523 29.07 -17.02 50.79
C LYS A 523 27.83 -16.48 50.09
N GLU A 524 28.03 -15.93 48.90
CA GLU A 524 26.94 -15.36 48.13
C GLU A 524 25.92 -16.40 47.69
N VAL A 525 26.40 -17.55 47.21
CA VAL A 525 25.47 -18.59 46.79
C VAL A 525 24.56 -18.98 47.95
N ALA A 526 25.13 -19.14 49.14
CA ALA A 526 24.35 -19.50 50.32
C ALA A 526 23.28 -18.42 50.61
N PHE A 527 23.70 -17.17 50.66
CA PHE A 527 22.77 -16.07 50.93
C PHE A 527 21.60 -16.02 49.94
N TRP A 528 21.90 -16.01 48.65
CA TRP A 528 20.85 -15.93 47.64
C TRP A 528 19.96 -17.16 47.57
N THR A 529 20.55 -18.35 47.71
CA THR A 529 19.78 -19.57 47.66
C THR A 529 18.78 -19.61 48.81
N ASN A 530 19.19 -19.17 49.99
CA ASN A 530 18.28 -19.16 51.14
C ASN A 530 17.27 -18.02 51.02
N LEU A 531 17.70 -16.89 50.49
CA LEU A 531 16.80 -15.75 50.34
C LEU A 531 15.66 -16.06 49.39
N PHE A 532 15.95 -16.77 48.31
CA PHE A 532 14.95 -17.12 47.31
C PHE A 532 14.12 -18.36 47.67
N ALA A 533 14.66 -19.19 48.56
CA ALA A 533 13.98 -20.42 48.96
C ALA A 533 12.88 -20.20 50.00
N LYS A 534 12.92 -19.07 50.67
CA LYS A 534 11.92 -18.75 51.71
C LYS A 534 10.54 -19.34 51.41
N SER B 4 -17.90 -35.59 -34.12
CA SER B 4 -17.59 -35.24 -32.73
C SER B 4 -16.12 -34.82 -32.60
N PRO B 5 -15.86 -33.75 -31.85
CA PRO B 5 -14.49 -33.27 -31.66
C PRO B 5 -13.57 -34.35 -31.07
N PRO B 6 -12.26 -34.24 -31.33
CA PRO B 6 -11.28 -35.20 -30.83
C PRO B 6 -11.02 -35.06 -29.33
N VAL B 7 -11.00 -36.19 -28.64
CA VAL B 7 -10.75 -36.24 -27.19
C VAL B 7 -9.60 -37.22 -26.98
N VAL B 8 -8.53 -36.75 -26.35
CA VAL B 8 -7.37 -37.58 -26.11
C VAL B 8 -7.06 -37.77 -24.63
N ASP B 9 -6.68 -38.99 -24.28
CA ASP B 9 -6.31 -39.30 -22.91
C ASP B 9 -4.82 -39.10 -22.70
N THR B 10 -4.45 -38.12 -21.88
CA THR B 10 -3.06 -37.87 -21.60
C THR B 10 -2.78 -38.38 -20.20
N VAL B 11 -1.51 -38.38 -19.79
CA VAL B 11 -1.16 -38.86 -18.47
C VAL B 11 -1.94 -38.15 -17.37
N HIS B 12 -2.03 -36.83 -17.47
CA HIS B 12 -2.71 -36.04 -16.45
C HIS B 12 -4.22 -35.86 -16.63
N GLY B 13 -4.78 -36.39 -17.71
CA GLY B 13 -6.22 -36.26 -17.92
C GLY B 13 -6.60 -36.13 -19.39
N LYS B 14 -7.91 -36.16 -19.66
CA LYS B 14 -8.42 -36.05 -21.01
C LYS B 14 -8.43 -34.62 -21.52
N VAL B 15 -8.18 -34.44 -22.81
CA VAL B 15 -8.19 -33.11 -23.40
C VAL B 15 -9.06 -33.14 -24.65
N LEU B 16 -9.84 -32.09 -24.85
CA LEU B 16 -10.72 -31.96 -25.99
C LEU B 16 -10.15 -30.95 -26.97
N GLY B 17 -10.00 -31.35 -28.23
CA GLY B 17 -9.46 -30.45 -29.22
C GLY B 17 -10.48 -30.16 -30.30
N LYS B 18 -10.01 -29.80 -31.49
CA LYS B 18 -10.91 -29.50 -32.60
C LYS B 18 -10.32 -29.96 -33.93
N PHE B 19 -11.20 -30.34 -34.85
CA PHE B 19 -10.80 -30.77 -36.18
C PHE B 19 -10.79 -29.58 -37.14
N VAL B 20 -9.75 -29.50 -37.96
CA VAL B 20 -9.65 -28.43 -38.94
C VAL B 20 -9.16 -29.06 -40.24
N SER B 21 -9.91 -28.86 -41.32
CA SER B 21 -9.54 -29.42 -42.61
C SER B 21 -8.76 -28.44 -43.46
N LEU B 22 -7.79 -28.97 -44.20
CA LEU B 22 -6.97 -28.15 -45.08
C LEU B 22 -7.21 -28.59 -46.52
N GLU B 23 -7.39 -27.62 -47.41
CA GLU B 23 -7.61 -27.92 -48.83
C GLU B 23 -6.57 -28.91 -49.34
N GLY B 24 -7.03 -29.98 -49.96
CA GLY B 24 -6.13 -30.98 -50.51
C GLY B 24 -5.91 -32.22 -49.65
N PHE B 25 -6.42 -32.20 -48.43
CA PHE B 25 -6.23 -33.35 -47.54
C PHE B 25 -7.53 -33.83 -46.93
N ALA B 26 -7.86 -35.08 -47.19
CA ALA B 26 -9.09 -35.69 -46.70
C ALA B 26 -9.16 -35.79 -45.18
N GLN B 27 -8.09 -36.29 -44.56
CA GLN B 27 -8.05 -36.45 -43.12
C GLN B 27 -7.91 -35.11 -42.39
N PRO B 28 -8.91 -34.74 -41.58
CA PRO B 28 -8.87 -33.48 -40.83
C PRO B 28 -7.73 -33.49 -39.80
N VAL B 29 -7.13 -32.34 -39.57
CA VAL B 29 -6.04 -32.23 -38.61
C VAL B 29 -6.63 -31.96 -37.22
N ALA B 30 -6.22 -32.74 -36.22
CA ALA B 30 -6.71 -32.53 -34.87
C ALA B 30 -5.80 -31.51 -34.20
N ILE B 31 -6.40 -30.43 -33.71
CA ILE B 31 -5.66 -29.37 -33.07
C ILE B 31 -6.03 -29.22 -31.60
N PHE B 32 -5.00 -29.09 -30.76
CA PHE B 32 -5.18 -28.95 -29.33
C PHE B 32 -4.39 -27.72 -28.88
N LEU B 33 -5.11 -26.73 -28.37
CA LEU B 33 -4.48 -25.48 -27.94
C LEU B 33 -4.45 -25.30 -26.42
N GLY B 34 -3.32 -24.80 -25.93
CA GLY B 34 -3.19 -24.53 -24.50
C GLY B 34 -3.13 -25.71 -23.56
N ILE B 35 -2.36 -26.75 -23.90
CA ILE B 35 -2.21 -27.89 -23.00
C ILE B 35 -1.09 -27.55 -22.02
N PRO B 36 -1.36 -27.58 -20.72
CA PRO B 36 -0.33 -27.26 -19.73
C PRO B 36 0.71 -28.38 -19.61
N PHE B 37 1.99 -28.03 -19.70
CA PHE B 37 3.04 -29.06 -19.55
C PHE B 37 3.80 -28.94 -18.23
N ALA B 38 3.43 -27.94 -17.44
CA ALA B 38 4.06 -27.71 -16.15
C ALA B 38 3.10 -26.94 -15.26
N LYS B 39 3.45 -26.85 -13.98
CA LYS B 39 2.64 -26.10 -13.02
C LYS B 39 2.90 -24.61 -13.25
N PRO B 40 1.86 -23.78 -13.20
CA PRO B 40 2.03 -22.34 -13.41
C PRO B 40 3.11 -21.82 -12.45
N PRO B 41 4.19 -21.24 -12.99
CA PRO B 41 5.30 -20.71 -12.18
C PRO B 41 4.98 -19.38 -11.48
N LEU B 42 3.98 -19.42 -10.61
CA LEU B 42 3.53 -18.25 -9.86
C LEU B 42 4.03 -18.27 -8.42
N GLY B 43 3.99 -17.10 -7.78
CA GLY B 43 4.43 -16.99 -6.40
C GLY B 43 5.84 -17.47 -6.14
N PRO B 44 6.02 -18.41 -5.20
CA PRO B 44 7.33 -18.95 -4.86
C PRO B 44 7.98 -19.74 -5.99
N LEU B 45 7.19 -20.13 -6.98
CA LEU B 45 7.71 -20.88 -8.13
C LEU B 45 8.43 -20.00 -9.14
N ARG B 46 8.36 -18.68 -8.95
CA ARG B 46 9.03 -17.77 -9.85
C ARG B 46 10.54 -17.95 -9.59
N PHE B 47 11.32 -17.94 -10.66
CA PHE B 47 12.76 -18.14 -10.57
C PHE B 47 13.16 -19.51 -10.02
N THR B 48 12.39 -20.55 -10.36
CA THR B 48 12.70 -21.92 -9.93
C THR B 48 12.39 -22.85 -11.10
N PRO B 49 12.95 -24.07 -11.08
CA PRO B 49 12.71 -25.02 -12.17
C PRO B 49 11.23 -25.35 -12.27
N PRO B 50 10.75 -25.67 -13.48
CA PRO B 50 9.33 -26.00 -13.64
C PRO B 50 8.98 -27.31 -12.97
N GLN B 51 7.78 -27.40 -12.39
CA GLN B 51 7.33 -28.62 -11.73
C GLN B 51 6.24 -29.23 -12.61
N PRO B 52 5.93 -30.53 -12.42
CA PRO B 52 4.90 -31.19 -13.21
C PRO B 52 3.53 -30.54 -13.04
N ALA B 53 2.71 -30.61 -14.07
CA ALA B 53 1.37 -30.06 -14.02
C ALA B 53 0.50 -31.00 -13.18
N GLU B 54 -0.43 -30.43 -12.42
CA GLU B 54 -1.33 -31.21 -11.58
C GLU B 54 -2.36 -31.90 -12.46
N PRO B 55 -2.72 -33.16 -12.15
CA PRO B 55 -3.72 -33.87 -12.95
C PRO B 55 -5.11 -33.26 -12.79
N TRP B 56 -5.99 -33.50 -13.76
CA TRP B 56 -7.34 -32.96 -13.70
C TRP B 56 -8.39 -34.03 -13.95
N SER B 57 -9.59 -33.78 -13.45
CA SER B 57 -10.70 -34.70 -13.61
C SER B 57 -11.52 -34.28 -14.82
N PHE B 58 -12.31 -35.19 -15.37
CA PHE B 58 -13.14 -34.87 -16.51
C PHE B 58 -12.32 -34.47 -17.75
N VAL B 59 -12.90 -33.65 -18.61
CA VAL B 59 -12.23 -33.25 -19.84
C VAL B 59 -11.83 -31.79 -19.91
N LYS B 60 -10.54 -31.53 -20.15
CA LYS B 60 -10.06 -30.17 -20.26
C LYS B 60 -10.27 -29.69 -21.70
N ASN B 61 -10.87 -28.51 -21.84
CA ASN B 61 -11.14 -27.91 -23.14
C ASN B 61 -9.84 -27.29 -23.62
N ALA B 62 -9.31 -27.80 -24.74
CA ALA B 62 -8.07 -27.27 -25.30
C ALA B 62 -8.37 -26.66 -26.67
N THR B 63 -9.26 -25.67 -26.71
CA THR B 63 -9.62 -25.06 -27.98
C THR B 63 -9.41 -23.55 -28.04
N SER B 64 -8.81 -22.98 -27.01
CA SER B 64 -8.52 -21.56 -27.02
C SER B 64 -7.02 -21.35 -26.86
N TYR B 65 -6.48 -20.33 -27.52
CA TYR B 65 -5.06 -20.04 -27.43
C TYR B 65 -4.67 -19.61 -26.02
N PRO B 66 -3.52 -20.11 -25.55
CA PRO B 66 -3.07 -19.76 -24.21
C PRO B 66 -2.45 -18.36 -24.20
N PRO B 67 -2.24 -17.79 -23.00
CA PRO B 67 -1.64 -16.46 -22.93
C PRO B 67 -0.17 -16.62 -23.34
N MET B 68 0.49 -15.52 -23.66
CA MET B 68 1.90 -15.59 -24.00
C MET B 68 2.59 -15.10 -22.73
N CYS B 69 3.77 -15.63 -22.45
CA CYS B 69 4.48 -15.22 -21.24
C CYS B 69 4.64 -13.70 -21.19
N THR B 70 4.67 -13.16 -19.98
CA THR B 70 4.80 -11.72 -19.79
C THR B 70 5.98 -11.15 -20.57
N GLN B 71 5.71 -10.08 -21.30
CA GLN B 71 6.71 -9.43 -22.14
C GLN B 71 6.16 -8.07 -22.56
N ASP B 72 7.00 -7.24 -23.16
CA ASP B 72 6.55 -5.95 -23.66
C ASP B 72 5.37 -6.28 -24.60
N PRO B 73 4.17 -5.80 -24.28
CA PRO B 73 2.99 -6.08 -25.11
C PRO B 73 3.06 -5.58 -26.54
N LYS B 74 3.59 -4.38 -26.74
CA LYS B 74 3.67 -3.82 -28.08
C LYS B 74 4.69 -4.54 -28.93
N ALA B 75 5.87 -4.75 -28.35
CA ALA B 75 6.94 -5.44 -29.05
C ALA B 75 6.51 -6.86 -29.39
N GLY B 76 5.89 -7.53 -28.43
CA GLY B 76 5.43 -8.89 -28.63
C GLY B 76 4.38 -9.03 -29.73
N GLN B 77 3.42 -8.11 -29.77
CA GLN B 77 2.39 -8.17 -30.80
C GLN B 77 2.98 -7.85 -32.17
N LEU B 78 3.94 -6.92 -32.21
CA LEU B 78 4.57 -6.56 -33.48
C LEU B 78 5.32 -7.76 -34.07
N LEU B 79 6.15 -8.41 -33.26
CA LEU B 79 6.90 -9.57 -33.75
C LEU B 79 5.94 -10.65 -34.23
N SER B 80 4.88 -10.88 -33.46
CA SER B 80 3.90 -11.89 -33.82
C SER B 80 3.28 -11.61 -35.21
N GLU B 81 2.91 -10.36 -35.44
CA GLU B 81 2.30 -9.98 -36.72
C GLU B 81 3.30 -10.13 -37.87
N LEU B 82 4.58 -9.87 -37.59
CA LEU B 82 5.62 -9.99 -38.61
C LEU B 82 5.99 -11.43 -38.95
N PHE B 83 5.89 -12.33 -37.98
CA PHE B 83 6.25 -13.73 -38.18
C PHE B 83 5.12 -14.73 -38.39
N THR B 84 3.89 -14.38 -38.02
CA THR B 84 2.82 -15.34 -38.17
C THR B 84 2.57 -15.80 -39.59
N ASN B 85 2.25 -17.08 -39.74
CA ASN B 85 1.98 -17.68 -41.04
C ASN B 85 0.48 -17.80 -41.30
N ARG B 86 -0.33 -17.39 -40.33
CA ARG B 86 -1.79 -17.46 -40.49
C ARG B 86 -2.33 -16.19 -41.18
N LYS B 87 -3.53 -16.32 -41.76
CA LYS B 87 -4.16 -15.22 -42.47
C LYS B 87 -4.26 -13.96 -41.63
N GLU B 88 -4.71 -14.09 -40.39
CA GLU B 88 -4.84 -12.95 -39.50
C GLU B 88 -4.14 -13.21 -38.17
N ASN B 89 -3.35 -12.26 -37.71
CA ASN B 89 -2.66 -12.42 -36.44
C ASN B 89 -3.69 -12.36 -35.33
N ILE B 90 -3.60 -13.29 -34.39
CA ILE B 90 -4.53 -13.32 -33.27
C ILE B 90 -3.93 -12.61 -32.07
N PRO B 91 -4.66 -11.63 -31.50
CA PRO B 91 -4.12 -10.92 -30.34
C PRO B 91 -4.03 -11.89 -29.17
N LEU B 92 -2.97 -11.77 -28.39
CA LEU B 92 -2.79 -12.67 -27.26
C LEU B 92 -2.70 -11.89 -25.95
N LYS B 93 -3.09 -12.53 -24.85
CA LYS B 93 -3.04 -11.90 -23.53
C LYS B 93 -1.70 -12.23 -22.85
N LEU B 94 -1.28 -11.37 -21.94
CA LEU B 94 -0.03 -11.56 -21.21
C LEU B 94 -0.33 -12.29 -19.91
N SER B 95 0.59 -13.15 -19.47
CA SER B 95 0.41 -13.85 -18.21
C SER B 95 1.64 -14.62 -17.79
N GLU B 96 1.85 -14.69 -16.48
CA GLU B 96 2.97 -15.44 -15.94
C GLU B 96 2.61 -16.92 -16.06
N ASP B 97 1.31 -17.20 -16.17
CA ASP B 97 0.79 -18.55 -16.35
C ASP B 97 0.84 -18.77 -17.86
N CYS B 98 1.98 -19.25 -18.35
CA CYS B 98 2.18 -19.41 -19.77
C CYS B 98 2.88 -20.70 -20.20
N LEU B 99 3.05 -21.64 -19.30
CA LEU B 99 3.72 -22.87 -19.69
C LEU B 99 2.76 -23.83 -20.38
N TYR B 100 2.47 -23.53 -21.64
CA TYR B 100 1.57 -24.34 -22.45
C TYR B 100 2.17 -24.69 -23.81
N LEU B 101 1.57 -25.68 -24.46
CA LEU B 101 2.01 -26.08 -25.79
C LEU B 101 0.80 -26.39 -26.64
N ASN B 102 0.93 -26.19 -27.95
CA ASN B 102 -0.16 -26.45 -28.89
C ASN B 102 0.26 -27.64 -29.75
N ILE B 103 -0.70 -28.47 -30.11
CA ILE B 103 -0.43 -29.66 -30.90
C ILE B 103 -1.27 -29.75 -32.17
N TYR B 104 -0.60 -30.05 -33.27
CA TYR B 104 -1.27 -30.22 -34.56
C TYR B 104 -0.90 -31.62 -35.05
N THR B 105 -1.86 -32.53 -35.01
CA THR B 105 -1.62 -33.89 -35.46
C THR B 105 -2.55 -34.29 -36.61
N PRO B 106 -1.96 -34.72 -37.73
CA PRO B 106 -2.72 -35.14 -38.92
C PRO B 106 -3.09 -36.60 -38.86
N ALA B 107 -2.68 -37.27 -37.78
CA ALA B 107 -2.96 -38.69 -37.62
C ALA B 107 -4.43 -38.96 -37.34
N ASP B 108 -4.92 -40.10 -37.83
CA ASP B 108 -6.29 -40.50 -37.56
C ASP B 108 -6.24 -41.13 -36.17
N LEU B 109 -6.71 -40.39 -35.18
CA LEU B 109 -6.66 -40.86 -33.80
C LEU B 109 -7.46 -42.12 -33.47
N THR B 110 -8.23 -42.63 -34.42
CA THR B 110 -9.01 -43.84 -34.17
C THR B 110 -8.19 -45.08 -34.53
N LYS B 111 -6.93 -44.86 -34.88
CA LYS B 111 -6.02 -45.93 -35.24
C LYS B 111 -4.68 -45.62 -34.59
N LYS B 112 -3.80 -46.61 -34.51
CA LYS B 112 -2.49 -46.38 -33.91
C LYS B 112 -1.58 -45.72 -34.93
N ASN B 113 -0.83 -44.72 -34.50
CA ASN B 113 0.10 -44.01 -35.37
C ASN B 113 1.37 -43.72 -34.61
N ARG B 114 2.48 -43.62 -35.32
CA ARG B 114 3.77 -43.31 -34.73
C ARG B 114 4.49 -42.38 -35.70
N LEU B 115 3.89 -41.22 -35.92
CA LEU B 115 4.45 -40.25 -36.83
C LEU B 115 5.60 -39.47 -36.22
N PRO B 116 6.48 -38.92 -37.06
CA PRO B 116 7.60 -38.16 -36.52
C PRO B 116 7.04 -36.91 -35.82
N VAL B 117 7.75 -36.44 -34.79
CA VAL B 117 7.30 -35.27 -34.04
C VAL B 117 8.27 -34.12 -34.21
N MET B 118 7.74 -32.95 -34.57
CA MET B 118 8.55 -31.76 -34.73
C MET B 118 8.11 -30.73 -33.68
N VAL B 119 9.02 -30.43 -32.76
CA VAL B 119 8.76 -29.50 -31.67
C VAL B 119 9.43 -28.16 -31.94
N TRP B 120 8.60 -27.14 -32.16
CA TRP B 120 9.07 -25.80 -32.48
C TRP B 120 9.29 -24.91 -31.26
N ILE B 121 10.44 -24.24 -31.25
CA ILE B 121 10.79 -23.32 -30.18
C ILE B 121 10.93 -21.95 -30.84
N HIS B 122 10.01 -21.05 -30.49
CA HIS B 122 9.99 -19.71 -31.08
C HIS B 122 11.12 -18.79 -30.65
N GLY B 123 11.41 -17.82 -31.53
CA GLY B 123 12.44 -16.85 -31.26
C GLY B 123 11.85 -15.59 -30.66
N GLY B 124 12.69 -14.57 -30.50
CA GLY B 124 12.24 -13.32 -29.91
C GLY B 124 13.23 -12.85 -28.86
N GLY B 125 14.50 -13.15 -29.09
CA GLY B 125 15.57 -12.73 -28.18
C GLY B 125 15.45 -13.18 -26.74
N LEU B 126 14.64 -14.21 -26.49
CA LEU B 126 14.42 -14.72 -25.13
C LEU B 126 13.68 -13.67 -24.29
N MET B 127 13.18 -12.62 -24.95
CA MET B 127 12.48 -11.53 -24.26
C MET B 127 11.00 -11.47 -24.67
N VAL B 128 10.71 -11.85 -25.91
CA VAL B 128 9.33 -11.84 -26.41
C VAL B 128 9.06 -13.06 -27.27
N GLY B 129 7.83 -13.17 -27.75
CA GLY B 129 7.47 -14.29 -28.61
C GLY B 129 6.34 -15.11 -28.02
N ALA B 130 5.78 -16.00 -28.84
CA ALA B 130 4.70 -16.86 -28.40
C ALA B 130 4.57 -18.04 -29.35
N ALA B 131 4.09 -19.16 -28.83
CA ALA B 131 3.91 -20.36 -29.64
C ALA B 131 2.75 -20.20 -30.62
N SER B 132 1.68 -19.56 -30.16
CA SER B 132 0.47 -19.38 -30.97
C SER B 132 0.65 -18.60 -32.26
N THR B 133 1.75 -17.86 -32.34
CA THR B 133 2.05 -17.09 -33.54
C THR B 133 2.20 -18.04 -34.73
N TYR B 134 2.62 -19.27 -34.45
CA TYR B 134 2.86 -20.27 -35.49
C TYR B 134 1.80 -21.34 -35.61
N ASP B 135 1.13 -21.36 -36.76
CA ASP B 135 0.10 -22.32 -37.05
C ASP B 135 0.74 -23.55 -37.69
N GLY B 136 0.62 -24.70 -37.02
CA GLY B 136 1.24 -25.91 -37.55
C GLY B 136 0.38 -26.71 -38.51
N LEU B 137 -0.81 -26.20 -38.81
CA LEU B 137 -1.75 -26.88 -39.70
C LEU B 137 -1.19 -27.35 -41.05
N ALA B 138 -0.58 -26.45 -41.80
CA ALA B 138 -0.05 -26.80 -43.10
C ALA B 138 1.10 -27.80 -43.08
N LEU B 139 2.07 -27.59 -42.20
CA LEU B 139 3.21 -28.51 -42.11
C LEU B 139 2.75 -29.90 -41.71
N ALA B 140 1.90 -29.97 -40.69
CA ALA B 140 1.39 -31.26 -40.24
C ALA B 140 0.68 -32.03 -41.36
N ALA B 141 -0.20 -31.36 -42.09
CA ALA B 141 -0.95 -31.98 -43.18
C ALA B 141 -0.11 -32.35 -44.39
N HIS B 142 0.69 -31.41 -44.87
CA HIS B 142 1.54 -31.64 -46.04
C HIS B 142 2.60 -32.70 -45.87
N GLU B 143 3.23 -32.77 -44.69
CA GLU B 143 4.30 -33.74 -44.48
C GLU B 143 3.97 -34.88 -43.53
N ASN B 144 2.72 -34.93 -43.07
CA ASN B 144 2.30 -35.98 -42.17
C ASN B 144 3.19 -36.14 -40.93
N VAL B 145 3.41 -35.03 -40.23
CA VAL B 145 4.19 -35.04 -39.02
C VAL B 145 3.37 -34.35 -37.93
N VAL B 146 3.60 -34.74 -36.67
CA VAL B 146 2.92 -34.10 -35.55
C VAL B 146 3.71 -32.86 -35.22
N VAL B 147 3.06 -31.69 -35.23
CA VAL B 147 3.74 -30.45 -34.92
C VAL B 147 3.34 -29.95 -33.53
N VAL B 148 4.34 -29.62 -32.72
CA VAL B 148 4.14 -29.14 -31.35
C VAL B 148 4.82 -27.79 -31.16
N THR B 149 4.06 -26.76 -30.79
CA THR B 149 4.64 -25.45 -30.54
C THR B 149 4.64 -25.26 -29.04
N ILE B 150 5.79 -24.89 -28.48
CA ILE B 150 5.89 -24.72 -27.03
C ILE B 150 6.20 -23.30 -26.57
N GLN B 151 5.90 -23.03 -25.31
CA GLN B 151 6.20 -21.73 -24.75
C GLN B 151 7.16 -21.93 -23.58
N TYR B 152 7.85 -20.88 -23.17
CA TYR B 152 8.80 -20.96 -22.09
C TYR B 152 8.94 -19.57 -21.50
N ARG B 153 9.25 -19.49 -20.21
CA ARG B 153 9.41 -18.19 -19.57
C ARG B 153 10.40 -17.30 -20.29
N LEU B 154 10.06 -16.03 -20.40
CA LEU B 154 10.86 -15.03 -21.09
C LEU B 154 11.33 -13.90 -20.18
N GLY B 155 12.31 -13.14 -20.66
CA GLY B 155 12.85 -12.02 -19.93
C GLY B 155 13.24 -12.31 -18.50
N ILE B 156 12.93 -11.38 -17.60
CA ILE B 156 13.26 -11.54 -16.20
C ILE B 156 12.75 -12.88 -15.66
N TRP B 157 11.49 -13.21 -15.94
CA TRP B 157 10.90 -14.45 -15.46
C TRP B 157 11.62 -15.72 -15.93
N GLY B 158 12.14 -15.69 -17.16
CA GLY B 158 12.79 -16.87 -17.66
C GLY B 158 14.31 -16.90 -17.54
N PHE B 159 14.94 -15.75 -17.34
CA PHE B 159 16.40 -15.73 -17.29
C PHE B 159 17.10 -14.91 -16.21
N PHE B 160 16.36 -14.47 -15.20
CA PHE B 160 17.01 -13.72 -14.12
C PHE B 160 18.03 -14.61 -13.42
N SER B 161 19.27 -14.14 -13.31
CA SER B 161 20.32 -14.91 -12.68
C SER B 161 21.18 -14.08 -11.72
N THR B 162 21.44 -14.62 -10.54
CA THR B 162 22.30 -13.95 -9.59
C THR B 162 23.71 -14.52 -9.73
N GLY B 163 23.85 -15.50 -10.61
CA GLY B 163 25.16 -16.11 -10.84
C GLY B 163 25.53 -17.14 -9.78
N ASP B 164 24.57 -17.49 -8.92
CA ASP B 164 24.84 -18.48 -7.89
C ASP B 164 23.61 -19.34 -7.60
N GLU B 165 23.70 -20.17 -6.56
CA GLU B 165 22.61 -21.08 -6.24
C GLU B 165 21.26 -20.49 -5.86
N HIS B 166 21.22 -19.22 -5.49
CA HIS B 166 19.95 -18.62 -5.10
C HIS B 166 19.05 -18.32 -6.29
N SER B 167 19.65 -18.23 -7.48
CA SER B 167 18.92 -18.01 -8.74
C SER B 167 19.89 -18.30 -9.87
N ARG B 168 20.09 -19.59 -10.12
CA ARG B 168 21.01 -20.04 -11.15
C ARG B 168 20.75 -19.43 -12.52
N GLY B 169 19.47 -19.36 -12.89
CA GLY B 169 19.10 -18.80 -14.17
C GLY B 169 18.62 -19.88 -15.14
N ASN B 170 18.43 -19.49 -16.39
CA ASN B 170 17.98 -20.40 -17.45
C ASN B 170 16.65 -21.09 -17.21
N TRP B 171 15.74 -20.43 -16.49
CA TRP B 171 14.43 -21.04 -16.22
C TRP B 171 13.70 -21.33 -17.54
N GLY B 172 13.87 -20.44 -18.51
CA GLY B 172 13.25 -20.61 -19.82
C GLY B 172 13.71 -21.88 -20.53
N HIS B 173 14.99 -22.23 -20.39
CA HIS B 173 15.51 -23.43 -21.02
C HIS B 173 15.02 -24.65 -20.27
N LEU B 174 14.91 -24.54 -18.95
CA LEU B 174 14.42 -25.66 -18.16
C LEU B 174 12.96 -25.92 -18.53
N ASP B 175 12.25 -24.88 -18.94
CA ASP B 175 10.85 -25.04 -19.35
C ASP B 175 10.82 -25.79 -20.69
N GLN B 176 11.79 -25.51 -21.57
CA GLN B 176 11.84 -26.18 -22.87
C GLN B 176 12.09 -27.67 -22.62
N VAL B 177 12.97 -27.98 -21.67
CA VAL B 177 13.27 -29.36 -21.32
C VAL B 177 12.00 -30.03 -20.78
N ALA B 178 11.27 -29.31 -19.93
CA ALA B 178 10.04 -29.84 -19.34
C ALA B 178 9.00 -30.14 -20.41
N ALA B 179 8.93 -29.29 -21.44
CA ALA B 179 7.99 -29.53 -22.52
C ALA B 179 8.39 -30.78 -23.29
N LEU B 180 9.70 -30.96 -23.52
CA LEU B 180 10.17 -32.14 -24.24
C LEU B 180 9.90 -33.39 -23.43
N ARG B 181 9.98 -33.29 -22.12
CA ARG B 181 9.71 -34.44 -21.25
C ARG B 181 8.23 -34.79 -21.36
N TRP B 182 7.39 -33.75 -21.44
CA TRP B 182 5.95 -33.97 -21.56
C TRP B 182 5.70 -34.70 -22.89
N VAL B 183 6.37 -34.26 -23.95
CA VAL B 183 6.21 -34.88 -25.27
C VAL B 183 6.56 -36.36 -25.22
N GLN B 184 7.65 -36.70 -24.56
CA GLN B 184 8.06 -38.09 -24.42
C GLN B 184 6.97 -38.93 -23.76
N ASP B 185 6.43 -38.43 -22.65
CA ASP B 185 5.40 -39.14 -21.91
C ASP B 185 3.98 -39.13 -22.46
N ASN B 186 3.67 -38.21 -23.38
CA ASN B 186 2.30 -38.11 -23.88
C ASN B 186 2.05 -38.11 -25.39
N ILE B 187 3.06 -37.77 -26.18
CA ILE B 187 2.85 -37.66 -27.63
C ILE B 187 2.30 -38.88 -28.35
N ALA B 188 2.49 -40.07 -27.79
CA ALA B 188 1.98 -41.28 -28.44
C ALA B 188 0.46 -41.24 -28.49
N SER B 189 -0.14 -40.57 -27.50
CA SER B 189 -1.60 -40.45 -27.43
C SER B 189 -2.12 -39.57 -28.57
N PHE B 190 -1.23 -38.79 -29.19
CA PHE B 190 -1.61 -37.91 -30.29
C PHE B 190 -1.16 -38.43 -31.65
N GLY B 191 -0.79 -39.71 -31.72
CA GLY B 191 -0.36 -40.28 -32.97
C GLY B 191 1.11 -40.03 -33.27
N GLY B 192 1.84 -39.57 -32.27
CA GLY B 192 3.25 -39.29 -32.47
C GLY B 192 4.18 -40.35 -31.91
N ASN B 193 5.39 -40.39 -32.44
CA ASN B 193 6.40 -41.34 -32.02
C ASN B 193 7.39 -40.67 -31.08
N PRO B 194 7.35 -40.99 -29.78
CA PRO B 194 8.27 -40.38 -28.82
C PRO B 194 9.73 -40.74 -29.13
N GLY B 195 9.92 -41.79 -29.93
CA GLY B 195 11.26 -42.21 -30.30
C GLY B 195 11.81 -41.46 -31.51
N SER B 196 11.04 -40.51 -32.04
CA SER B 196 11.48 -39.72 -33.18
C SER B 196 11.04 -38.27 -33.03
N VAL B 197 11.73 -37.54 -32.15
CA VAL B 197 11.42 -36.14 -31.88
C VAL B 197 12.49 -35.22 -32.44
N THR B 198 12.06 -34.27 -33.25
CA THR B 198 12.97 -33.29 -33.83
C THR B 198 12.68 -31.95 -33.17
N ILE B 199 13.72 -31.25 -32.76
CA ILE B 199 13.49 -29.93 -32.18
C ILE B 199 14.03 -28.91 -33.17
N PHE B 200 13.24 -27.89 -33.44
CA PHE B 200 13.68 -26.85 -34.35
C PHE B 200 13.19 -25.50 -33.86
N GLY B 201 13.98 -24.47 -34.13
CA GLY B 201 13.65 -23.13 -33.70
C GLY B 201 14.44 -22.11 -34.49
N GLU B 202 13.99 -20.87 -34.45
CA GLU B 202 14.64 -19.79 -35.19
C GLU B 202 15.07 -18.67 -34.23
N SER B 203 16.21 -18.07 -34.54
CA SER B 203 16.78 -16.99 -33.73
C SER B 203 17.02 -17.48 -32.30
N ALA B 204 16.47 -16.82 -31.29
CA ALA B 204 16.67 -17.27 -29.92
C ALA B 204 16.17 -18.71 -29.79
N GLY B 205 15.31 -19.11 -30.72
CA GLY B 205 14.79 -20.47 -30.71
C GLY B 205 15.86 -21.41 -31.24
N GLY B 206 16.64 -20.91 -32.19
CA GLY B 206 17.73 -21.69 -32.76
C GLY B 206 18.81 -21.81 -31.71
N GLU B 207 19.02 -20.73 -30.95
CA GLU B 207 20.04 -20.74 -29.90
C GLU B 207 19.62 -21.76 -28.85
N SER B 208 18.33 -21.81 -28.55
CA SER B 208 17.81 -22.75 -27.58
C SER B 208 18.07 -24.19 -28.02
N VAL B 209 17.81 -24.48 -29.29
CA VAL B 209 18.07 -25.82 -29.83
C VAL B 209 19.57 -26.11 -29.63
N SER B 210 20.41 -25.15 -29.98
CA SER B 210 21.86 -25.32 -29.84
C SER B 210 22.26 -25.61 -28.38
N VAL B 211 21.65 -24.89 -27.45
CA VAL B 211 21.93 -25.08 -26.02
C VAL B 211 21.50 -26.48 -25.55
N LEU B 212 20.31 -26.92 -25.95
CA LEU B 212 19.80 -28.24 -25.54
C LEU B 212 20.72 -29.34 -26.09
N VAL B 213 21.29 -29.11 -27.27
CA VAL B 213 22.21 -30.08 -27.88
C VAL B 213 23.42 -30.24 -26.96
N LEU B 214 23.80 -29.16 -26.28
CA LEU B 214 24.93 -29.15 -25.38
C LEU B 214 24.59 -29.46 -23.93
N SER B 215 23.32 -29.71 -23.65
CA SER B 215 22.92 -29.98 -22.26
C SER B 215 22.63 -31.43 -21.89
N PRO B 216 23.20 -31.90 -20.77
CA PRO B 216 22.98 -33.27 -20.34
C PRO B 216 21.54 -33.51 -19.88
N LEU B 217 20.82 -32.42 -19.58
CA LEU B 217 19.43 -32.51 -19.13
C LEU B 217 18.46 -32.88 -20.25
N ALA B 218 18.89 -32.67 -21.50
CA ALA B 218 18.04 -32.98 -22.66
C ALA B 218 18.44 -34.28 -23.34
N LYS B 219 19.31 -35.03 -22.67
CA LYS B 219 19.85 -36.30 -23.17
C LYS B 219 18.98 -37.17 -24.07
N ASN B 220 17.87 -37.69 -23.54
CA ASN B 220 17.02 -38.56 -24.35
C ASN B 220 15.69 -37.94 -24.76
N LEU B 221 15.67 -36.63 -24.91
CA LEU B 221 14.45 -35.92 -25.24
C LEU B 221 14.25 -35.57 -26.71
N PHE B 222 15.27 -35.79 -27.54
CA PHE B 222 15.16 -35.52 -28.97
C PHE B 222 16.15 -36.35 -29.79
N HIS B 223 15.88 -36.50 -31.07
CA HIS B 223 16.70 -37.34 -31.94
C HIS B 223 17.22 -36.66 -33.20
N ARG B 224 16.83 -35.41 -33.40
CA ARG B 224 17.26 -34.59 -34.53
C ARG B 224 17.09 -33.14 -34.08
N ALA B 225 17.95 -32.26 -34.58
CA ALA B 225 17.88 -30.85 -34.22
C ALA B 225 18.09 -29.96 -35.44
N ILE B 226 17.39 -28.82 -35.43
CA ILE B 226 17.50 -27.84 -36.50
C ILE B 226 17.57 -26.44 -35.88
N SER B 227 18.66 -25.73 -36.15
CA SER B 227 18.80 -24.37 -35.65
C SER B 227 18.76 -23.45 -36.85
N GLU B 228 17.75 -22.58 -36.90
CA GLU B 228 17.57 -21.64 -38.00
C GLU B 228 17.97 -20.25 -37.52
N SER B 229 19.06 -19.72 -38.08
CA SER B 229 19.57 -18.40 -37.74
C SER B 229 19.75 -18.14 -36.24
N GLY B 230 20.60 -18.95 -35.61
CA GLY B 230 20.85 -18.79 -34.20
C GLY B 230 21.44 -20.03 -33.57
N VAL B 231 22.57 -19.87 -32.88
CA VAL B 231 23.22 -20.98 -32.21
C VAL B 231 23.81 -20.49 -30.88
N ALA B 232 24.35 -21.42 -30.10
CA ALA B 232 24.89 -21.09 -28.78
C ALA B 232 26.11 -20.17 -28.84
N LEU B 233 26.64 -19.95 -30.04
CA LEU B 233 27.77 -19.04 -30.19
C LEU B 233 27.33 -17.64 -30.62
N THR B 234 26.01 -17.42 -30.70
CA THR B 234 25.49 -16.09 -31.04
C THR B 234 25.60 -15.37 -29.68
N SER B 235 26.74 -14.71 -29.48
CA SER B 235 27.08 -14.03 -28.23
C SER B 235 26.05 -13.13 -27.55
N VAL B 236 25.24 -12.40 -28.30
CA VAL B 236 24.27 -11.53 -27.68
C VAL B 236 23.26 -12.29 -26.80
N LEU B 237 23.08 -13.58 -27.07
CA LEU B 237 22.13 -14.40 -26.30
C LEU B 237 22.76 -15.20 -25.16
N VAL B 238 24.08 -15.16 -25.05
CA VAL B 238 24.79 -15.89 -24.00
C VAL B 238 25.64 -14.96 -23.13
N LYS B 239 25.38 -14.98 -21.82
CA LYS B 239 26.11 -14.14 -20.90
C LYS B 239 27.32 -14.88 -20.34
N LYS B 240 28.50 -14.33 -20.59
CA LYS B 240 29.74 -14.92 -20.11
C LYS B 240 30.33 -14.04 -19.01
N GLY B 241 31.04 -14.66 -18.07
CA GLY B 241 31.63 -13.90 -17.00
C GLY B 241 30.67 -13.69 -15.84
N ASP B 242 30.92 -12.64 -15.07
CA ASP B 242 30.09 -12.33 -13.91
C ASP B 242 28.77 -11.70 -14.32
N VAL B 243 27.67 -12.35 -13.95
CA VAL B 243 26.35 -11.85 -14.28
C VAL B 243 25.76 -11.05 -13.12
N LYS B 244 26.53 -10.94 -12.04
CA LYS B 244 26.12 -10.21 -10.83
C LYS B 244 25.70 -8.76 -11.07
N PRO B 245 26.50 -7.99 -11.82
CA PRO B 245 26.18 -6.59 -12.11
C PRO B 245 24.79 -6.37 -12.71
N LEU B 246 24.41 -7.22 -13.68
CA LEU B 246 23.11 -7.08 -14.31
C LEU B 246 21.99 -7.41 -13.33
N ALA B 247 22.18 -8.46 -12.52
CA ALA B 247 21.17 -8.84 -11.55
C ALA B 247 20.95 -7.67 -10.58
N GLU B 248 22.04 -7.02 -10.18
CA GLU B 248 21.93 -5.89 -9.27
C GLU B 248 21.23 -4.69 -9.89
N GLN B 249 21.49 -4.45 -11.16
CA GLN B 249 20.85 -3.33 -11.86
C GLN B 249 19.34 -3.57 -11.93
N ILE B 250 18.95 -4.82 -12.20
CA ILE B 250 17.54 -5.19 -12.29
C ILE B 250 16.86 -5.04 -10.92
N ALA B 251 17.54 -5.49 -9.87
CA ALA B 251 16.98 -5.41 -8.52
C ALA B 251 16.79 -3.95 -8.11
N ILE B 252 17.80 -3.12 -8.34
CA ILE B 252 17.73 -1.71 -8.00
C ILE B 252 16.59 -1.03 -8.77
N THR B 253 16.49 -1.35 -10.07
CA THR B 253 15.45 -0.77 -10.90
C THR B 253 14.06 -1.17 -10.41
N ALA B 254 13.96 -2.37 -9.83
CA ALA B 254 12.68 -2.85 -9.31
C ALA B 254 12.44 -2.32 -7.91
N GLY B 255 13.46 -1.68 -7.34
CA GLY B 255 13.33 -1.13 -5.99
C GLY B 255 13.76 -2.07 -4.89
N CYS B 256 14.60 -3.04 -5.24
CA CYS B 256 15.08 -4.02 -4.27
C CYS B 256 16.49 -3.73 -3.77
N LYS B 257 16.78 -4.17 -2.55
CA LYS B 257 18.10 -3.99 -1.97
C LYS B 257 19.00 -5.05 -2.60
N THR B 258 20.30 -4.80 -2.59
CA THR B 258 21.26 -5.73 -3.17
C THR B 258 22.20 -6.34 -2.13
N THR B 259 21.77 -6.34 -0.88
CA THR B 259 22.58 -6.87 0.23
C THR B 259 23.21 -8.23 -0.07
N THR B 260 22.40 -9.19 -0.49
CA THR B 260 22.88 -10.53 -0.84
C THR B 260 22.05 -11.04 -2.01
N SER B 261 22.48 -12.16 -2.59
CA SER B 261 21.75 -12.76 -3.71
C SER B 261 20.38 -13.25 -3.26
N ALA B 262 20.35 -13.90 -2.11
CA ALA B 262 19.11 -14.42 -1.56
C ALA B 262 18.13 -13.28 -1.28
N VAL B 263 18.64 -12.15 -0.84
CA VAL B 263 17.78 -11.00 -0.55
C VAL B 263 17.16 -10.48 -1.85
N MET B 264 17.99 -10.29 -2.88
CA MET B 264 17.50 -9.80 -4.16
C MET B 264 16.41 -10.69 -4.73
N VAL B 265 16.65 -11.99 -4.75
CA VAL B 265 15.68 -12.94 -5.30
C VAL B 265 14.40 -12.98 -4.48
N HIS B 266 14.52 -12.96 -3.15
CA HIS B 266 13.33 -12.98 -2.30
C HIS B 266 12.47 -11.74 -2.56
N CYS B 267 13.14 -10.59 -2.70
CA CYS B 267 12.46 -9.32 -2.95
C CYS B 267 11.77 -9.33 -4.33
N LEU B 268 12.51 -9.73 -5.36
CA LEU B 268 11.95 -9.79 -6.70
C LEU B 268 10.76 -10.75 -6.76
N ARG B 269 10.79 -11.79 -5.94
CA ARG B 269 9.69 -12.75 -5.91
C ARG B 269 8.41 -12.15 -5.33
N GLN B 270 8.55 -11.07 -4.58
CA GLN B 270 7.39 -10.43 -3.98
C GLN B 270 6.75 -9.41 -4.92
N LYS B 271 7.50 -9.00 -5.95
CA LYS B 271 7.01 -8.03 -6.92
C LYS B 271 5.85 -8.60 -7.74
N THR B 272 4.90 -7.75 -8.12
CA THR B 272 3.77 -8.20 -8.92
C THR B 272 4.20 -8.32 -10.38
N GLU B 273 3.37 -8.98 -11.19
CA GLU B 273 3.68 -9.11 -12.60
C GLU B 273 3.86 -7.73 -13.21
N GLU B 274 2.93 -6.83 -12.90
CA GLU B 274 3.00 -5.46 -13.44
C GLU B 274 4.29 -4.75 -13.04
N GLU B 275 4.75 -4.95 -11.81
CA GLU B 275 5.97 -4.31 -11.35
C GLU B 275 7.21 -4.82 -12.08
N LEU B 276 7.25 -6.13 -12.35
CA LEU B 276 8.38 -6.69 -13.08
C LEU B 276 8.31 -6.26 -14.55
N LEU B 277 7.09 -6.06 -15.05
CA LEU B 277 6.92 -5.59 -16.43
C LEU B 277 7.37 -4.14 -16.52
N GLU B 278 7.09 -3.36 -15.48
CA GLU B 278 7.50 -1.96 -15.48
C GLU B 278 9.03 -1.87 -15.40
N THR B 279 9.64 -2.80 -14.68
CA THR B 279 11.09 -2.84 -14.56
C THR B 279 11.65 -3.17 -15.94
N THR B 280 11.02 -4.12 -16.63
CA THR B 280 11.45 -4.52 -17.96
C THR B 280 11.46 -3.30 -18.90
N LEU B 281 10.39 -2.51 -18.86
CA LEU B 281 10.29 -1.33 -19.71
C LEU B 281 11.36 -0.29 -19.39
N LYS B 282 11.59 -0.04 -18.09
CA LYS B 282 12.60 0.94 -17.70
C LYS B 282 13.99 0.51 -18.15
N MET B 283 14.22 -0.80 -18.19
CA MET B 283 15.51 -1.37 -18.60
C MET B 283 15.80 -1.17 -20.09
N LYS B 284 14.74 -1.03 -20.89
CA LYS B 284 14.87 -0.81 -22.34
C LYS B 284 15.54 -1.97 -23.08
N PHE B 285 15.23 -3.20 -22.70
CA PHE B 285 15.83 -4.37 -23.34
C PHE B 285 15.50 -4.42 -24.83
N LEU B 286 16.36 -5.00 -25.65
CA LEU B 286 16.11 -5.12 -27.08
C LEU B 286 16.15 -3.83 -27.89
N SER B 287 16.78 -2.80 -27.32
CA SER B 287 16.94 -1.52 -27.99
C SER B 287 18.42 -1.19 -27.92
N LEU B 288 18.97 -0.60 -28.97
CA LEU B 288 20.38 -0.26 -28.95
C LEU B 288 20.62 1.03 -28.18
N ASP B 289 21.27 0.92 -27.03
CA ASP B 289 21.57 2.09 -26.20
C ASP B 289 22.72 2.90 -26.82
N LEU B 290 22.38 4.08 -27.34
CA LEU B 290 23.36 4.95 -27.99
C LEU B 290 23.98 5.92 -26.99
N GLN B 291 23.81 5.62 -25.71
CA GLN B 291 24.31 6.50 -24.67
C GLN B 291 25.25 5.79 -23.70
N GLY B 292 26.31 6.48 -23.28
CA GLY B 292 27.26 5.89 -22.35
C GLY B 292 28.22 4.89 -22.95
N ASP B 293 28.80 4.04 -22.10
CA ASP B 293 29.75 3.03 -22.53
C ASP B 293 29.01 1.82 -23.11
N PRO B 294 29.23 1.53 -24.40
CA PRO B 294 28.58 0.40 -25.08
C PRO B 294 28.79 -0.92 -24.36
N ARG B 295 29.94 -1.06 -23.72
CA ARG B 295 30.29 -2.27 -23.01
C ARG B 295 29.42 -2.59 -21.79
N GLU B 296 28.67 -1.60 -21.30
CA GLU B 296 27.82 -1.84 -20.15
C GLU B 296 26.33 -1.98 -20.47
N SER B 297 25.98 -1.96 -21.75
CA SER B 297 24.58 -2.11 -22.14
C SER B 297 24.21 -3.59 -22.23
N GLN B 298 22.98 -3.90 -21.86
CA GLN B 298 22.47 -5.26 -21.87
C GLN B 298 21.11 -5.29 -22.55
N PRO B 299 21.08 -5.44 -23.89
CA PRO B 299 19.82 -5.49 -24.62
C PRO B 299 18.94 -6.71 -24.37
N LEU B 300 19.51 -7.76 -23.78
CA LEU B 300 18.74 -8.97 -23.53
C LEU B 300 19.16 -9.69 -22.26
N LEU B 301 18.23 -10.45 -21.69
CA LEU B 301 18.53 -11.27 -20.53
C LEU B 301 18.52 -12.64 -21.17
N GLY B 302 19.60 -13.39 -21.03
CA GLY B 302 19.62 -14.68 -21.67
C GLY B 302 20.28 -15.83 -20.93
N THR B 303 20.80 -16.76 -21.73
CA THR B 303 21.47 -17.95 -21.25
C THR B 303 22.73 -17.62 -20.47
N VAL B 304 22.95 -18.36 -19.39
CA VAL B 304 24.15 -18.20 -18.57
C VAL B 304 24.67 -19.61 -18.30
N ILE B 305 25.92 -19.71 -17.83
CA ILE B 305 26.49 -21.01 -17.51
C ILE B 305 26.08 -21.24 -16.04
N ASP B 306 24.94 -21.89 -15.84
CA ASP B 306 24.38 -22.13 -14.52
C ASP B 306 24.91 -23.32 -13.73
N GLY B 307 25.41 -24.34 -14.41
CA GLY B 307 25.95 -25.49 -13.71
C GLY B 307 24.98 -26.67 -13.70
N MET B 308 23.75 -26.44 -14.15
CA MET B 308 22.74 -27.49 -14.20
C MET B 308 22.43 -27.80 -15.68
N LEU B 309 21.98 -26.79 -16.40
CA LEU B 309 21.67 -26.94 -17.82
C LEU B 309 22.98 -26.99 -18.59
N LEU B 310 23.83 -26.00 -18.36
CA LEU B 310 25.15 -25.91 -19.00
C LEU B 310 26.22 -25.89 -17.92
N LEU B 311 27.16 -26.83 -18.00
CA LEU B 311 28.23 -26.96 -17.03
C LEU B 311 29.45 -26.12 -17.37
N LYS B 312 29.59 -25.78 -18.65
CA LYS B 312 30.72 -24.98 -19.09
C LYS B 312 30.23 -24.11 -20.24
N THR B 313 31.10 -23.21 -20.71
CA THR B 313 30.73 -22.35 -21.83
C THR B 313 30.54 -23.22 -23.07
N PRO B 314 29.70 -22.78 -24.02
CA PRO B 314 29.50 -23.56 -25.24
C PRO B 314 30.80 -23.89 -25.96
N GLU B 315 31.74 -22.94 -25.97
CA GLU B 315 33.01 -23.15 -26.64
C GLU B 315 33.79 -24.32 -26.02
N GLU B 316 33.78 -24.41 -24.69
CA GLU B 316 34.47 -25.48 -24.00
C GLU B 316 33.78 -26.83 -24.20
N LEU B 317 32.46 -26.83 -24.18
CA LEU B 317 31.71 -28.06 -24.37
C LEU B 317 31.96 -28.63 -25.77
N GLN B 318 32.19 -27.74 -26.73
CA GLN B 318 32.44 -28.16 -28.10
C GLN B 318 33.83 -28.76 -28.23
N ALA B 319 34.79 -28.22 -27.49
CA ALA B 319 36.16 -28.71 -27.51
C ALA B 319 36.22 -30.12 -26.93
N GLU B 320 35.51 -30.34 -25.83
CA GLU B 320 35.49 -31.65 -25.20
C GLU B 320 34.51 -32.55 -25.93
N ARG B 321 34.01 -32.05 -27.05
CA ARG B 321 33.04 -32.79 -27.87
C ARG B 321 32.11 -33.58 -26.98
N ASN B 322 31.61 -32.90 -25.95
CA ASN B 322 30.69 -33.49 -25.02
C ASN B 322 29.33 -32.85 -25.26
N PHE B 323 28.50 -33.54 -26.05
CA PHE B 323 27.17 -33.07 -26.39
C PHE B 323 26.42 -34.11 -27.23
N HIS B 324 25.11 -33.94 -27.36
CA HIS B 324 24.28 -34.88 -28.11
C HIS B 324 24.65 -34.91 -29.59
N THR B 325 25.19 -36.05 -30.02
CA THR B 325 25.62 -36.19 -31.41
C THR B 325 24.50 -36.70 -32.32
N VAL B 326 23.34 -36.06 -32.23
CA VAL B 326 22.21 -36.42 -33.06
C VAL B 326 22.33 -35.64 -34.37
N PRO B 327 21.61 -36.05 -35.43
CA PRO B 327 21.69 -35.31 -36.69
C PRO B 327 21.35 -33.84 -36.40
N TYR B 328 22.10 -32.92 -36.99
CA TYR B 328 21.91 -31.49 -36.74
C TYR B 328 22.00 -30.64 -38.01
N MET B 329 20.92 -29.89 -38.28
CA MET B 329 20.86 -29.00 -39.44
C MET B 329 20.99 -27.57 -38.91
N VAL B 330 22.00 -26.87 -39.37
CA VAL B 330 22.25 -25.49 -38.96
C VAL B 330 22.20 -24.59 -40.19
N GLY B 331 21.38 -23.54 -40.14
CA GLY B 331 21.28 -22.66 -41.29
C GLY B 331 21.18 -21.18 -40.98
N ILE B 332 21.41 -20.37 -42.01
CA ILE B 332 21.33 -18.92 -41.88
C ILE B 332 20.67 -18.33 -43.13
N ASN B 333 20.29 -17.06 -43.04
CA ASN B 333 19.68 -16.38 -44.17
C ASN B 333 20.70 -15.43 -44.79
N LYS B 334 20.53 -15.14 -46.07
CA LYS B 334 21.45 -14.27 -46.81
C LYS B 334 21.72 -12.91 -46.16
N GLN B 335 20.68 -12.25 -45.66
CA GLN B 335 20.84 -10.93 -45.02
C GLN B 335 20.24 -10.89 -43.61
N GLU B 336 20.83 -11.64 -42.68
CA GLU B 336 20.35 -11.70 -41.30
C GLU B 336 20.10 -10.34 -40.63
N PHE B 337 20.90 -9.35 -40.97
CA PHE B 337 20.75 -8.02 -40.38
C PHE B 337 20.26 -7.03 -41.43
N GLY B 338 19.51 -7.53 -42.40
CA GLY B 338 19.02 -6.70 -43.48
C GLY B 338 17.92 -5.68 -43.16
N TRP B 339 17.05 -5.97 -42.20
CA TRP B 339 15.98 -5.04 -41.88
C TRP B 339 15.26 -5.29 -40.57
N LEU B 340 14.73 -6.51 -40.42
CA LEU B 340 13.98 -6.89 -39.23
C LEU B 340 14.64 -6.57 -37.89
N ILE B 341 15.82 -7.11 -37.67
CA ILE B 341 16.53 -6.88 -36.40
C ILE B 341 16.85 -5.40 -36.17
N PRO B 342 17.48 -4.73 -37.14
CA PRO B 342 17.78 -3.30 -36.91
C PRO B 342 16.52 -2.44 -36.69
N MET B 343 15.42 -2.82 -37.31
CA MET B 343 14.17 -2.08 -37.14
C MET B 343 13.71 -2.28 -35.69
N LEU B 344 13.67 -3.53 -35.26
CA LEU B 344 13.24 -3.86 -33.92
C LEU B 344 14.15 -3.27 -32.83
N MET B 345 15.42 -3.09 -33.13
CA MET B 345 16.32 -2.54 -32.12
C MET B 345 16.54 -1.03 -32.21
N SER B 346 15.79 -0.37 -33.08
CA SER B 346 15.92 1.07 -33.26
C SER B 346 17.36 1.41 -33.62
N TYR B 347 17.94 0.60 -34.49
CA TYR B 347 19.31 0.80 -34.92
C TYR B 347 19.39 2.17 -35.60
N PRO B 348 20.45 2.96 -35.29
CA PRO B 348 20.65 4.28 -35.86
C PRO B 348 21.33 4.30 -37.23
N LEU B 349 20.66 3.74 -38.22
CA LEU B 349 21.17 3.70 -39.58
C LEU B 349 19.97 4.11 -40.42
N SER B 350 20.09 5.19 -41.18
CA SER B 350 18.96 5.67 -41.97
C SER B 350 19.30 6.38 -43.29
N GLU B 351 20.58 6.48 -43.64
CA GLU B 351 20.95 7.17 -44.86
C GLU B 351 20.98 6.34 -46.15
N GLY B 352 21.77 5.28 -46.17
CA GLY B 352 21.87 4.49 -47.37
C GLY B 352 23.31 4.54 -47.81
N GLN B 353 23.96 5.67 -47.54
CA GLN B 353 25.37 5.83 -47.85
C GLN B 353 26.05 5.90 -46.49
N LEU B 354 27.15 5.16 -46.34
CA LEU B 354 27.85 5.13 -45.07
C LEU B 354 29.36 5.27 -45.25
N ASP B 355 29.95 6.24 -44.55
CA ASP B 355 31.39 6.45 -44.60
C ASP B 355 32.00 5.57 -43.52
N GLN B 356 33.27 5.20 -43.67
CA GLN B 356 33.90 4.34 -42.68
C GLN B 356 33.97 4.97 -41.30
N LYS B 357 34.20 6.27 -41.24
CA LYS B 357 34.29 6.94 -39.95
C LYS B 357 32.99 6.69 -39.17
N THR B 358 31.87 6.90 -39.84
CA THR B 358 30.57 6.69 -39.23
C THR B 358 30.38 5.21 -38.87
N ALA B 359 30.84 4.33 -39.76
CA ALA B 359 30.72 2.89 -39.54
C ALA B 359 31.42 2.46 -38.25
N MET B 360 32.63 2.96 -38.04
CA MET B 360 33.39 2.60 -36.84
C MET B 360 32.64 3.03 -35.59
N SER B 361 32.04 4.22 -35.62
CA SER B 361 31.29 4.73 -34.48
C SER B 361 30.09 3.82 -34.23
N LEU B 362 29.40 3.44 -35.30
CA LEU B 362 28.25 2.57 -35.18
C LEU B 362 28.66 1.19 -34.67
N LEU B 363 29.78 0.69 -35.15
CA LEU B 363 30.25 -0.63 -34.74
C LEU B 363 30.58 -0.65 -33.24
N TRP B 364 31.11 0.45 -32.73
CA TRP B 364 31.44 0.54 -31.31
C TRP B 364 30.14 0.51 -30.49
N LYS B 365 29.14 1.28 -30.92
CA LYS B 365 27.85 1.31 -30.24
C LYS B 365 27.16 -0.06 -30.29
N SER B 366 27.53 -0.86 -31.29
CA SER B 366 26.93 -2.18 -31.46
C SER B 366 27.65 -3.24 -30.62
N TYR B 367 28.57 -2.82 -29.76
CA TYR B 367 29.33 -3.75 -28.93
C TYR B 367 28.50 -4.89 -28.35
N PRO B 368 27.34 -4.57 -27.73
CA PRO B 368 26.55 -5.66 -27.16
C PRO B 368 26.16 -6.73 -28.18
N LEU B 369 26.04 -6.35 -29.44
CA LEU B 369 25.67 -7.29 -30.50
C LEU B 369 26.85 -8.05 -31.11
N VAL B 370 28.00 -7.38 -31.26
CA VAL B 370 29.15 -8.00 -31.87
C VAL B 370 30.40 -8.18 -31.01
N CYS B 371 30.46 -7.44 -29.89
N CYS B 371 30.49 -7.30 -29.72
CA CYS B 371 31.58 -7.54 -28.96
CA CYS B 371 31.64 -7.63 -28.93
C CYS B 371 32.95 -7.39 -29.61
C CYS B 371 32.94 -7.34 -29.65
N ILE B 372 33.14 -6.31 -30.36
CA ILE B 372 34.42 -6.05 -31.01
C ILE B 372 35.15 -4.94 -30.26
N ALA B 373 36.24 -5.29 -29.57
CA ALA B 373 37.02 -4.32 -28.81
C ALA B 373 37.25 -3.08 -29.67
N LYS B 374 37.27 -1.92 -29.03
CA LYS B 374 37.46 -0.67 -29.76
C LYS B 374 38.75 -0.62 -30.56
N GLU B 375 39.80 -1.28 -30.06
CA GLU B 375 41.08 -1.31 -30.74
C GLU B 375 41.03 -2.13 -32.03
N LEU B 376 40.02 -2.99 -32.15
CA LEU B 376 39.87 -3.84 -33.32
C LEU B 376 38.86 -3.33 -34.34
N ILE B 377 38.12 -2.28 -34.00
CA ILE B 377 37.13 -1.72 -34.91
C ILE B 377 37.71 -1.33 -36.27
N PRO B 378 38.82 -0.58 -36.29
CA PRO B 378 39.39 -0.18 -37.59
C PRO B 378 39.63 -1.35 -38.55
N GLU B 379 40.32 -2.39 -38.08
CA GLU B 379 40.60 -3.56 -38.90
C GLU B 379 39.31 -4.17 -39.45
N ALA B 380 38.39 -4.46 -38.55
CA ALA B 380 37.12 -5.06 -38.92
C ALA B 380 36.42 -4.22 -39.99
N THR B 381 36.39 -2.92 -39.79
CA THR B 381 35.73 -2.02 -40.73
C THR B 381 36.43 -1.93 -42.09
N GLU B 382 37.75 -1.76 -42.08
CA GLU B 382 38.51 -1.67 -43.32
C GLU B 382 38.37 -2.97 -44.10
N LYS B 383 38.39 -4.08 -43.37
CA LYS B 383 38.26 -5.40 -43.97
C LYS B 383 36.97 -5.55 -44.78
N TYR B 384 35.85 -5.09 -44.23
CA TYR B 384 34.58 -5.20 -44.93
C TYR B 384 34.24 -4.05 -45.88
N LEU B 385 34.56 -2.83 -45.49
CA LEU B 385 34.24 -1.66 -46.31
C LEU B 385 35.40 -1.07 -47.12
N GLY B 386 36.62 -1.38 -46.74
CA GLY B 386 37.78 -0.83 -47.43
C GLY B 386 38.00 -1.15 -48.89
N GLY B 387 37.18 -2.03 -49.46
CA GLY B 387 37.37 -2.40 -50.85
C GLY B 387 36.54 -1.65 -51.89
N THR B 388 35.98 -0.51 -51.48
CA THR B 388 35.17 0.29 -52.40
C THR B 388 34.82 1.62 -51.74
N ASP B 389 34.76 2.69 -52.52
CA ASP B 389 34.41 3.98 -51.93
C ASP B 389 32.94 4.31 -52.18
N ASP B 390 32.19 3.32 -52.65
CA ASP B 390 30.77 3.52 -52.89
C ASP B 390 30.07 3.49 -51.54
N THR B 391 29.81 4.68 -50.99
CA THR B 391 29.18 4.79 -49.69
C THR B 391 27.92 3.95 -49.56
N VAL B 392 27.25 3.70 -50.67
CA VAL B 392 26.04 2.88 -50.65
C VAL B 392 26.42 1.41 -50.48
N LYS B 393 27.51 1.01 -51.14
CA LYS B 393 27.98 -0.36 -51.04
C LYS B 393 28.61 -0.61 -49.67
N LYS B 394 29.21 0.43 -49.10
CA LYS B 394 29.82 0.32 -47.77
C LYS B 394 28.71 0.02 -46.75
N LYS B 395 27.57 0.67 -46.94
CA LYS B 395 26.44 0.48 -46.06
C LYS B 395 25.94 -0.97 -46.06
N ASP B 396 25.80 -1.56 -47.24
CA ASP B 396 25.34 -2.95 -47.32
C ASP B 396 26.40 -3.91 -46.79
N LEU B 397 27.68 -3.59 -46.99
CA LEU B 397 28.75 -4.44 -46.51
C LEU B 397 28.84 -4.35 -44.99
N PHE B 398 28.37 -3.23 -44.44
CA PHE B 398 28.37 -3.02 -43.00
C PHE B 398 27.33 -3.94 -42.38
N LEU B 399 26.19 -4.08 -43.06
CA LEU B 399 25.13 -4.94 -42.56
C LEU B 399 25.58 -6.39 -42.64
N ASP B 400 26.41 -6.70 -43.64
CA ASP B 400 26.93 -8.06 -43.81
C ASP B 400 27.86 -8.39 -42.65
N LEU B 401 28.65 -7.39 -42.27
CA LEU B 401 29.61 -7.54 -41.18
C LEU B 401 28.89 -7.90 -39.88
N ILE B 402 27.83 -7.16 -39.53
CA ILE B 402 27.08 -7.47 -38.32
C ILE B 402 26.47 -8.88 -38.42
N ALA B 403 25.90 -9.19 -39.58
CA ALA B 403 25.29 -10.49 -39.81
C ALA B 403 26.27 -11.65 -39.68
N ASP B 404 27.49 -11.46 -40.19
CA ASP B 404 28.50 -12.50 -40.11
C ASP B 404 28.94 -12.78 -38.68
N VAL B 405 29.10 -11.72 -37.90
CA VAL B 405 29.52 -11.85 -36.51
C VAL B 405 28.44 -12.47 -35.64
N MET B 406 27.20 -12.06 -35.85
CA MET B 406 26.09 -12.57 -35.04
C MET B 406 25.59 -13.96 -35.39
N PHE B 407 25.45 -14.25 -36.69
CA PHE B 407 24.94 -15.54 -37.11
C PHE B 407 25.80 -16.40 -38.03
N GLY B 408 26.29 -15.81 -39.11
CA GLY B 408 27.09 -16.55 -40.08
C GLY B 408 28.28 -17.33 -39.55
N VAL B 409 29.21 -16.62 -38.92
CA VAL B 409 30.40 -17.26 -38.39
C VAL B 409 30.07 -18.22 -37.25
N PRO B 410 29.27 -17.77 -36.27
CA PRO B 410 28.94 -18.68 -35.16
C PRO B 410 28.28 -19.97 -35.64
N SER B 411 27.45 -19.87 -36.68
CA SER B 411 26.75 -21.03 -37.20
C SER B 411 27.69 -22.06 -37.83
N VAL B 412 28.64 -21.59 -38.63
CA VAL B 412 29.59 -22.49 -39.28
C VAL B 412 30.51 -23.14 -38.24
N ILE B 413 30.92 -22.37 -37.24
CA ILE B 413 31.79 -22.91 -36.18
C ILE B 413 31.07 -24.02 -35.43
N VAL B 414 29.79 -23.81 -35.12
CA VAL B 414 29.00 -24.82 -34.42
C VAL B 414 28.85 -26.07 -35.29
N ALA B 415 28.54 -25.87 -36.57
CA ALA B 415 28.38 -27.01 -37.47
C ALA B 415 29.68 -27.80 -37.62
N ARG B 416 30.81 -27.11 -37.78
CA ARG B 416 32.10 -27.79 -37.90
C ARG B 416 32.42 -28.65 -36.69
N ASN B 417 32.18 -28.11 -35.50
CA ASN B 417 32.45 -28.86 -34.28
C ASN B 417 31.52 -30.05 -34.13
N HIS B 418 30.27 -29.90 -34.60
CA HIS B 418 29.31 -30.99 -34.50
C HIS B 418 29.76 -32.09 -35.47
N ARG B 419 30.15 -31.68 -36.66
CA ARG B 419 30.64 -32.60 -37.69
C ARG B 419 31.86 -33.34 -37.13
N ASP B 420 32.79 -32.59 -36.53
CA ASP B 420 34.00 -33.18 -35.99
C ASP B 420 33.78 -34.16 -34.84
N ALA B 421 32.58 -34.13 -34.25
CA ALA B 421 32.27 -35.06 -33.17
C ALA B 421 31.74 -36.37 -33.75
N GLY B 422 31.66 -36.43 -35.07
CA GLY B 422 31.19 -37.64 -35.73
C GLY B 422 29.69 -37.71 -35.96
N ALA B 423 28.98 -36.62 -35.67
CA ALA B 423 27.52 -36.61 -35.84
C ALA B 423 27.11 -36.06 -37.22
N PRO B 424 26.06 -36.65 -37.82
CA PRO B 424 25.60 -36.18 -39.13
C PRO B 424 25.27 -34.69 -39.04
N THR B 425 25.79 -33.89 -39.97
CA THR B 425 25.57 -32.46 -39.95
C THR B 425 25.15 -31.94 -41.33
N TYR B 426 24.32 -30.90 -41.35
CA TYR B 426 23.84 -30.29 -42.59
C TYR B 426 23.74 -28.78 -42.42
N MET B 427 24.00 -28.03 -43.49
CA MET B 427 23.90 -26.58 -43.44
C MET B 427 23.17 -26.05 -44.66
N TYR B 428 22.60 -24.85 -44.53
CA TYR B 428 21.92 -24.21 -45.65
C TYR B 428 22.03 -22.70 -45.50
N GLU B 429 21.81 -22.00 -46.62
CA GLU B 429 21.80 -20.55 -46.62
C GLU B 429 20.52 -20.20 -47.39
N PHE B 430 19.59 -19.53 -46.73
CA PHE B 430 18.32 -19.18 -47.35
C PHE B 430 18.35 -17.78 -47.95
N GLN B 431 17.90 -17.68 -49.20
CA GLN B 431 17.89 -16.42 -49.90
C GLN B 431 16.63 -16.29 -50.76
N TYR B 432 15.62 -15.63 -50.20
CA TYR B 432 14.36 -15.43 -50.89
C TYR B 432 13.59 -14.33 -50.17
N ARG B 433 12.78 -13.57 -50.91
CA ARG B 433 11.98 -12.53 -50.30
C ARG B 433 10.53 -12.93 -50.37
N PRO B 434 9.96 -13.36 -49.25
CA PRO B 434 8.56 -13.78 -49.24
C PRO B 434 7.61 -12.61 -49.50
N SER B 435 6.50 -12.90 -50.18
CA SER B 435 5.50 -11.89 -50.48
C SER B 435 4.79 -11.46 -49.19
N PHE B 436 4.99 -12.23 -48.13
CA PHE B 436 4.35 -11.96 -46.85
C PHE B 436 5.18 -10.97 -46.03
N SER B 437 6.26 -10.47 -46.62
CA SER B 437 7.13 -9.50 -45.97
C SER B 437 6.31 -8.27 -45.58
N SER B 438 6.81 -7.52 -44.61
CA SER B 438 6.12 -6.32 -44.17
C SER B 438 6.19 -5.25 -45.27
N ASP B 439 5.12 -4.47 -45.41
CA ASP B 439 5.08 -3.41 -46.41
C ASP B 439 6.12 -2.34 -46.11
N MET B 440 6.56 -2.27 -44.85
CA MET B 440 7.55 -1.28 -44.46
C MET B 440 8.98 -1.69 -44.78
N LYS B 441 9.14 -2.92 -45.26
CA LYS B 441 10.46 -3.42 -45.62
C LYS B 441 10.72 -3.22 -47.11
N PRO B 442 11.83 -2.55 -47.46
CA PRO B 442 12.15 -2.32 -48.88
C PRO B 442 12.29 -3.62 -49.67
N LYS B 443 11.94 -3.56 -50.95
CA LYS B 443 12.00 -4.72 -51.82
C LYS B 443 13.39 -5.31 -52.05
N THR B 444 14.43 -4.51 -51.83
CA THR B 444 15.80 -4.98 -52.04
C THR B 444 16.33 -5.97 -51.00
N VAL B 445 15.63 -6.09 -49.87
CA VAL B 445 16.07 -7.02 -48.83
C VAL B 445 15.64 -8.45 -49.14
N ILE B 446 16.61 -9.32 -49.38
CA ILE B 446 16.31 -10.71 -49.69
C ILE B 446 16.97 -11.64 -48.66
N GLY B 447 16.17 -12.53 -48.09
CA GLY B 447 16.68 -13.44 -47.08
C GLY B 447 16.96 -12.70 -45.78
N ASP B 448 16.02 -11.86 -45.37
CA ASP B 448 16.16 -11.12 -44.11
C ASP B 448 15.92 -12.11 -42.98
N HIS B 449 16.24 -11.70 -41.76
CA HIS B 449 16.05 -12.55 -40.59
C HIS B 449 14.59 -12.99 -40.54
N GLY B 450 14.37 -14.30 -40.38
CA GLY B 450 13.03 -14.84 -40.30
C GLY B 450 12.29 -15.15 -41.60
N ASP B 451 12.89 -14.81 -42.74
CA ASP B 451 12.21 -15.06 -44.02
C ASP B 451 11.93 -16.53 -44.33
N GLU B 452 12.76 -17.44 -43.82
CA GLU B 452 12.55 -18.85 -44.10
C GLU B 452 11.33 -19.42 -43.39
N LEU B 453 10.86 -18.73 -42.35
CA LEU B 453 9.71 -19.16 -41.56
C LEU B 453 8.44 -19.36 -42.38
N PHE B 454 8.21 -18.49 -43.35
CA PHE B 454 7.00 -18.61 -44.18
C PHE B 454 7.03 -19.87 -45.05
N SER B 455 8.22 -20.32 -45.41
CA SER B 455 8.35 -21.54 -46.21
C SER B 455 8.20 -22.76 -45.29
N VAL B 456 8.96 -22.77 -44.20
CA VAL B 456 8.95 -23.86 -43.24
C VAL B 456 7.54 -24.16 -42.71
N PHE B 457 6.79 -23.10 -42.36
CA PHE B 457 5.44 -23.29 -41.85
C PHE B 457 4.33 -23.22 -42.89
N GLY B 458 4.71 -23.35 -44.15
CA GLY B 458 3.73 -23.35 -45.23
C GLY B 458 2.76 -22.18 -45.30
N ALA B 459 3.26 -20.97 -45.09
CA ALA B 459 2.42 -19.79 -45.14
C ALA B 459 1.65 -19.69 -46.47
N PRO B 460 2.29 -20.09 -47.59
CA PRO B 460 1.58 -20.00 -48.87
C PRO B 460 0.24 -20.76 -48.91
N PHE B 461 0.07 -21.72 -48.01
CA PHE B 461 -1.16 -22.49 -47.98
C PHE B 461 -2.20 -22.00 -46.97
N LEU B 462 -1.83 -20.97 -46.20
CA LEU B 462 -2.74 -20.41 -45.20
C LEU B 462 -3.05 -18.95 -45.51
N LYS B 463 -2.05 -18.22 -46.03
CA LYS B 463 -2.23 -16.82 -46.38
C LYS B 463 -2.46 -16.74 -47.89
N GLU B 464 -2.87 -15.57 -48.38
CA GLU B 464 -3.14 -15.41 -49.81
C GLU B 464 -2.07 -14.62 -50.55
N GLY B 465 -2.08 -14.73 -51.87
CA GLY B 465 -1.15 -13.98 -52.69
C GLY B 465 0.22 -14.56 -53.03
N ALA B 466 0.44 -15.84 -52.76
CA ALA B 466 1.73 -16.45 -53.06
C ALA B 466 1.83 -16.89 -54.52
N SER B 467 2.98 -16.61 -55.14
CA SER B 467 3.20 -17.01 -56.54
C SER B 467 3.43 -18.51 -56.59
N GLU B 468 3.38 -19.07 -57.79
CA GLU B 468 3.61 -20.50 -57.97
C GLU B 468 5.00 -20.83 -57.45
N GLU B 469 5.95 -19.94 -57.72
CA GLU B 469 7.33 -20.12 -57.28
C GLU B 469 7.41 -20.22 -55.75
N GLU B 470 6.79 -19.28 -55.05
CA GLU B 470 6.82 -19.28 -53.58
C GLU B 470 6.12 -20.52 -53.02
N ILE B 471 5.04 -20.94 -53.67
CA ILE B 471 4.31 -22.12 -53.25
C ILE B 471 5.20 -23.35 -53.36
N ARG B 472 5.89 -23.50 -54.48
CA ARG B 472 6.76 -24.65 -54.69
C ARG B 472 7.93 -24.64 -53.71
N LEU B 473 8.44 -23.45 -53.39
CA LEU B 473 9.56 -23.31 -52.46
C LEU B 473 9.15 -23.83 -51.09
N SER B 474 7.94 -23.48 -50.66
CA SER B 474 7.45 -23.93 -49.36
C SER B 474 7.31 -25.46 -49.36
N LYS B 475 6.71 -26.02 -50.40
CA LYS B 475 6.54 -27.47 -50.47
C LYS B 475 7.90 -28.18 -50.35
N MET B 476 8.90 -27.65 -51.05
CA MET B 476 10.24 -28.23 -51.02
C MET B 476 10.87 -28.11 -49.63
N VAL B 477 10.77 -26.93 -49.03
CA VAL B 477 11.35 -26.71 -47.70
C VAL B 477 10.70 -27.62 -46.66
N MET B 478 9.37 -27.71 -46.68
CA MET B 478 8.70 -28.56 -45.71
C MET B 478 9.09 -30.02 -45.90
N LYS B 479 9.19 -30.45 -47.15
CA LYS B 479 9.57 -31.84 -47.42
C LYS B 479 11.00 -32.10 -46.90
N PHE B 480 11.91 -31.16 -47.12
CA PHE B 480 13.30 -31.31 -46.64
C PHE B 480 13.32 -31.44 -45.11
N TRP B 481 12.65 -30.50 -44.43
CA TRP B 481 12.60 -30.50 -42.98
C TRP B 481 11.98 -31.78 -42.41
N ALA B 482 10.88 -32.22 -43.01
CA ALA B 482 10.20 -33.42 -42.55
C ALA B 482 10.98 -34.69 -42.90
N ASN B 483 11.72 -34.68 -44.02
CA ASN B 483 12.53 -35.85 -44.37
C ASN B 483 13.59 -35.95 -43.29
N PHE B 484 14.10 -34.80 -42.89
CA PHE B 484 15.12 -34.74 -41.85
C PHE B 484 14.55 -35.28 -40.54
N ALA B 485 13.31 -34.88 -40.24
CA ALA B 485 12.67 -35.32 -39.01
C ALA B 485 12.51 -36.84 -38.96
N ARG B 486 12.19 -37.47 -40.08
CA ARG B 486 12.06 -38.91 -40.00
C ARG B 486 13.31 -39.72 -40.25
N ASN B 487 14.27 -39.16 -40.99
CA ASN B 487 15.49 -39.91 -41.31
C ASN B 487 16.83 -39.35 -40.85
N GLY B 488 16.85 -38.11 -40.38
CA GLY B 488 18.10 -37.52 -39.94
C GLY B 488 18.93 -37.17 -41.16
N ASN B 489 18.25 -37.16 -42.32
CA ASN B 489 18.84 -36.84 -43.61
C ASN B 489 17.68 -36.17 -44.36
N PRO B 490 17.88 -34.96 -44.89
CA PRO B 490 16.80 -34.27 -45.61
C PRO B 490 16.48 -34.80 -47.01
N ASN B 491 17.46 -35.44 -47.64
CA ASN B 491 17.27 -35.94 -49.00
C ASN B 491 16.08 -36.85 -49.26
N GLY B 492 15.52 -36.71 -50.45
CA GLY B 492 14.38 -37.52 -50.82
C GLY B 492 14.12 -37.44 -52.31
N GLU B 493 13.31 -38.36 -52.82
CA GLU B 493 12.99 -38.38 -54.24
C GLU B 493 12.30 -37.08 -54.65
N GLY B 494 12.68 -36.55 -55.80
CA GLY B 494 12.07 -35.32 -56.29
C GLY B 494 12.59 -34.03 -55.67
N LEU B 495 13.65 -34.12 -54.88
CA LEU B 495 14.24 -32.94 -54.24
C LEU B 495 15.69 -32.77 -54.65
N PRO B 496 16.17 -31.51 -54.71
CA PRO B 496 17.56 -31.23 -55.08
C PRO B 496 18.46 -31.94 -54.09
N HIS B 497 19.62 -32.39 -54.54
CA HIS B 497 20.51 -33.09 -53.62
C HIS B 497 21.11 -32.13 -52.62
N TRP B 498 21.04 -32.53 -51.35
CA TRP B 498 21.59 -31.74 -50.26
C TRP B 498 22.76 -32.54 -49.67
N PRO B 499 23.99 -32.12 -49.97
CA PRO B 499 25.15 -32.84 -49.45
C PRO B 499 25.32 -32.67 -47.94
N GLU B 500 25.88 -33.69 -47.30
CA GLU B 500 26.13 -33.62 -45.87
C GLU B 500 27.27 -32.64 -45.65
N TYR B 501 27.28 -31.96 -44.52
CA TYR B 501 28.33 -31.00 -44.22
C TYR B 501 29.51 -31.78 -43.64
N ASN B 502 30.39 -32.25 -44.52
CA ASN B 502 31.57 -33.00 -44.08
C ASN B 502 32.81 -32.17 -44.30
N GLN B 503 33.96 -32.83 -44.48
CA GLN B 503 35.20 -32.09 -44.70
C GLN B 503 35.17 -31.22 -45.95
N LYS B 504 34.30 -31.54 -46.90
CA LYS B 504 34.18 -30.74 -48.12
C LYS B 504 33.29 -29.52 -47.85
N GLU B 505 32.64 -29.53 -46.69
CA GLU B 505 31.77 -28.45 -46.28
C GLU B 505 30.67 -28.07 -47.26
N GLY B 506 29.98 -29.08 -47.77
CA GLY B 506 28.89 -28.81 -48.70
C GLY B 506 27.67 -28.34 -47.94
N TYR B 507 26.88 -27.49 -48.57
CA TYR B 507 25.67 -26.97 -47.96
C TYR B 507 24.67 -26.65 -49.07
N LEU B 508 23.42 -26.43 -48.69
CA LEU B 508 22.40 -26.13 -49.69
C LEU B 508 22.06 -24.64 -49.72
N GLN B 509 22.01 -24.08 -50.94
CA GLN B 509 21.64 -22.68 -51.12
C GLN B 509 20.16 -22.80 -51.48
N ILE B 510 19.29 -22.40 -50.55
CA ILE B 510 17.85 -22.49 -50.75
C ILE B 510 17.24 -21.17 -51.21
N GLY B 511 16.45 -21.24 -52.28
CA GLY B 511 15.81 -20.06 -52.81
C GLY B 511 15.05 -20.41 -54.09
N ALA B 512 14.86 -19.44 -54.97
CA ALA B 512 14.16 -19.70 -56.23
C ALA B 512 14.95 -20.78 -56.96
N ASN B 513 16.27 -20.61 -56.95
CA ASN B 513 17.17 -21.55 -57.59
C ASN B 513 17.96 -22.25 -56.49
N THR B 514 17.50 -23.43 -56.10
CA THR B 514 18.12 -24.22 -55.04
C THR B 514 19.22 -25.14 -55.58
N GLN B 515 20.42 -25.04 -55.01
CA GLN B 515 21.54 -25.85 -55.45
C GLN B 515 22.62 -25.98 -54.39
N ALA B 516 23.37 -27.07 -54.44
CA ALA B 516 24.43 -27.31 -53.49
C ALA B 516 25.65 -26.43 -53.80
N ALA B 517 26.46 -26.20 -52.77
CA ALA B 517 27.67 -25.40 -52.88
C ALA B 517 28.58 -25.89 -51.76
N GLN B 518 29.73 -25.24 -51.59
CA GLN B 518 30.67 -25.66 -50.56
C GLN B 518 31.39 -24.48 -49.90
N LYS B 519 31.86 -24.68 -48.68
CA LYS B 519 32.61 -23.68 -47.91
C LYS B 519 31.90 -22.40 -47.49
N LEU B 520 30.69 -22.54 -46.95
CA LEU B 520 29.93 -21.40 -46.49
C LEU B 520 30.72 -20.57 -45.47
N LYS B 521 30.85 -19.26 -45.76
CA LYS B 521 31.56 -18.32 -44.88
C LYS B 521 32.98 -18.69 -44.48
N ASP B 522 33.66 -19.50 -45.29
CA ASP B 522 35.02 -19.92 -44.95
C ASP B 522 35.99 -18.79 -44.66
N LYS B 523 36.09 -17.84 -45.57
CA LYS B 523 37.00 -16.72 -45.39
C LYS B 523 36.60 -15.85 -44.20
N GLU B 524 35.30 -15.74 -43.95
CA GLU B 524 34.80 -14.94 -42.84
C GLU B 524 35.17 -15.57 -41.50
N VAL B 525 35.00 -16.89 -41.40
CA VAL B 525 35.34 -17.57 -40.15
C VAL B 525 36.82 -17.38 -39.87
N ALA B 526 37.65 -17.51 -40.91
CA ALA B 526 39.09 -17.35 -40.76
C ALA B 526 39.40 -15.94 -40.25
N PHE B 527 38.90 -14.93 -40.95
CA PHE B 527 39.12 -13.55 -40.54
C PHE B 527 38.72 -13.25 -39.10
N TRP B 528 37.47 -13.55 -38.76
CA TRP B 528 36.96 -13.30 -37.41
C TRP B 528 37.61 -14.10 -36.29
N THR B 529 37.88 -15.37 -36.54
CA THR B 529 38.52 -16.20 -35.53
C THR B 529 39.87 -15.60 -35.21
N ASN B 530 40.56 -15.12 -36.24
CA ASN B 530 41.87 -14.52 -36.07
C ASN B 530 41.77 -13.16 -35.37
N LEU B 531 40.78 -12.36 -35.74
CA LEU B 531 40.61 -11.04 -35.14
C LEU B 531 40.25 -11.13 -33.65
N PHE B 532 39.31 -12.01 -33.32
CA PHE B 532 38.89 -12.20 -31.93
C PHE B 532 39.96 -12.86 -31.07
N ALA B 533 40.99 -13.39 -31.72
CA ALA B 533 42.07 -14.05 -30.99
C ALA B 533 43.07 -13.04 -30.46
N LYS B 534 43.14 -11.88 -31.11
CA LYS B 534 44.05 -10.82 -30.72
C LYS B 534 43.74 -10.30 -29.32
N SER C 4 -9.32 -32.54 39.81
CA SER C 4 -8.57 -31.69 38.91
C SER C 4 -9.10 -31.78 37.48
N PRO C 5 -8.78 -30.77 36.64
CA PRO C 5 -9.21 -30.72 35.25
C PRO C 5 -8.86 -31.97 34.45
N PRO C 6 -9.73 -32.36 33.50
CA PRO C 6 -9.53 -33.54 32.66
C PRO C 6 -8.37 -33.35 31.68
N VAL C 7 -7.45 -34.32 31.67
CA VAL C 7 -6.31 -34.27 30.75
C VAL C 7 -6.28 -35.54 29.93
N VAL C 8 -6.35 -35.39 28.61
CA VAL C 8 -6.36 -36.53 27.70
C VAL C 8 -5.21 -36.48 26.70
N ASP C 9 -4.70 -37.66 26.35
CA ASP C 9 -3.62 -37.78 25.38
C ASP C 9 -4.20 -38.06 24.01
N THR C 10 -3.80 -37.26 23.03
CA THR C 10 -4.25 -37.45 21.66
C THR C 10 -3.00 -37.78 20.85
N VAL C 11 -3.18 -38.21 19.60
CA VAL C 11 -2.04 -38.55 18.77
C VAL C 11 -1.04 -37.38 18.68
N HIS C 12 -1.56 -36.16 18.64
CA HIS C 12 -0.70 -34.99 18.51
C HIS C 12 -0.29 -34.32 19.83
N GLY C 13 -0.76 -34.84 20.95
CA GLY C 13 -0.40 -34.26 22.23
C GLY C 13 -1.49 -34.25 23.28
N LYS C 14 -1.15 -33.79 24.47
CA LYS C 14 -2.09 -33.74 25.59
C LYS C 14 -3.00 -32.52 25.52
N VAL C 15 -4.24 -32.69 25.96
CA VAL C 15 -5.21 -31.60 25.97
C VAL C 15 -5.88 -31.52 27.33
N LEU C 16 -6.04 -30.30 27.82
CA LEU C 16 -6.66 -30.04 29.12
C LEU C 16 -8.09 -29.52 28.91
N GLY C 17 -9.05 -30.18 29.53
CA GLY C 17 -10.44 -29.75 29.41
C GLY C 17 -10.99 -29.19 30.71
N LYS C 18 -12.30 -29.28 30.88
CA LYS C 18 -12.94 -28.79 32.10
C LYS C 18 -14.15 -29.64 32.43
N PHE C 19 -14.44 -29.77 33.71
CA PHE C 19 -15.58 -30.55 34.18
C PHE C 19 -16.80 -29.69 34.35
N VAL C 20 -17.93 -30.16 33.85
CA VAL C 20 -19.18 -29.44 33.96
C VAL C 20 -20.26 -30.46 34.29
N SER C 21 -20.95 -30.24 35.40
CA SER C 21 -22.00 -31.15 35.82
C SER C 21 -23.38 -30.62 35.47
N LEU C 22 -24.29 -31.55 35.15
CA LEU C 22 -25.66 -31.21 34.82
C LEU C 22 -26.51 -31.93 35.85
N GLU C 23 -27.29 -31.18 36.64
CA GLU C 23 -28.11 -31.80 37.67
C GLU C 23 -28.95 -32.95 37.12
N GLY C 24 -28.99 -34.04 37.89
CA GLY C 24 -29.73 -35.22 37.48
C GLY C 24 -28.73 -36.29 37.09
N PHE C 25 -27.46 -35.91 37.06
CA PHE C 25 -26.38 -36.82 36.70
C PHE C 25 -25.17 -36.56 37.60
N ALA C 26 -24.68 -37.61 38.26
CA ALA C 26 -23.54 -37.50 39.16
C ALA C 26 -22.20 -37.36 38.43
N GLN C 27 -22.04 -38.13 37.36
CA GLN C 27 -20.79 -38.10 36.58
C GLN C 27 -20.68 -36.80 35.79
N PRO C 28 -19.72 -35.94 36.15
CA PRO C 28 -19.53 -34.67 35.42
C PRO C 28 -19.12 -34.93 33.98
N VAL C 29 -19.48 -34.02 33.09
CA VAL C 29 -19.13 -34.16 31.68
C VAL C 29 -17.81 -33.44 31.39
N ALA C 30 -16.89 -34.14 30.73
CA ALA C 30 -15.60 -33.54 30.37
C ALA C 30 -15.78 -32.78 29.07
N ILE C 31 -15.47 -31.49 29.10
CA ILE C 31 -15.62 -30.65 27.92
C ILE C 31 -14.28 -30.12 27.41
N PHE C 32 -14.08 -30.26 26.10
CA PHE C 32 -12.84 -29.80 25.46
C PHE C 32 -13.22 -28.87 24.33
N LEU C 33 -12.75 -27.63 24.42
CA LEU C 33 -13.06 -26.62 23.41
C LEU C 33 -11.87 -26.22 22.55
N GLY C 34 -12.10 -26.17 21.23
CA GLY C 34 -11.06 -25.75 20.32
C GLY C 34 -9.88 -26.68 20.10
N ILE C 35 -10.14 -27.94 19.80
CA ILE C 35 -9.07 -28.88 19.51
C ILE C 35 -8.84 -28.80 18.01
N PRO C 36 -7.59 -28.53 17.58
CA PRO C 36 -7.31 -28.43 16.14
C PRO C 36 -7.30 -29.81 15.49
N PHE C 37 -7.99 -29.96 14.36
CA PHE C 37 -7.98 -31.24 13.66
C PHE C 37 -7.27 -31.15 12.32
N ALA C 38 -6.74 -29.96 12.03
CA ALA C 38 -6.02 -29.73 10.79
C ALA C 38 -5.10 -28.55 10.96
N LYS C 39 -4.21 -28.35 9.99
CA LYS C 39 -3.29 -27.22 10.04
C LYS C 39 -4.07 -25.99 9.57
N PRO C 40 -3.90 -24.85 10.25
CA PRO C 40 -4.60 -23.62 9.86
C PRO C 40 -4.44 -23.35 8.37
N PRO C 41 -5.56 -23.30 7.63
CA PRO C 41 -5.60 -23.06 6.18
C PRO C 41 -5.25 -21.63 5.76
N LEU C 42 -4.09 -21.17 6.22
CA LEU C 42 -3.63 -19.82 5.91
C LEU C 42 -2.64 -19.75 4.76
N GLY C 43 -2.50 -18.56 4.18
CA GLY C 43 -1.57 -18.34 3.09
C GLY C 43 -1.77 -19.25 1.88
N PRO C 44 -0.72 -20.01 1.52
CA PRO C 44 -0.78 -20.93 0.38
C PRO C 44 -1.77 -22.06 0.58
N LEU C 45 -2.19 -22.27 1.82
CA LEU C 45 -3.14 -23.34 2.11
C LEU C 45 -4.60 -22.93 1.85
N ARG C 46 -4.81 -21.67 1.49
CA ARG C 46 -6.16 -21.24 1.18
C ARG C 46 -6.50 -21.90 -0.15
N PHE C 47 -7.71 -22.45 -0.25
CA PHE C 47 -8.19 -23.14 -1.45
C PHE C 47 -7.45 -24.43 -1.72
N THR C 48 -7.03 -25.13 -0.68
CA THR C 48 -6.36 -26.41 -0.84
C THR C 48 -6.89 -27.35 0.22
N PRO C 49 -6.79 -28.66 0.00
CA PRO C 49 -7.30 -29.60 1.02
C PRO C 49 -6.61 -29.43 2.37
N PRO C 50 -7.32 -29.80 3.46
CA PRO C 50 -6.79 -29.69 4.82
C PRO C 50 -5.63 -30.64 5.07
N GLN C 51 -4.57 -30.12 5.70
CA GLN C 51 -3.41 -30.93 6.02
C GLN C 51 -3.44 -31.25 7.51
N PRO C 52 -2.84 -32.37 7.91
CA PRO C 52 -2.85 -32.74 9.33
C PRO C 52 -2.27 -31.66 10.26
N ALA C 53 -2.80 -31.58 11.47
CA ALA C 53 -2.34 -30.62 12.45
C ALA C 53 -0.97 -31.02 12.96
N GLU C 54 -0.12 -30.03 13.25
CA GLU C 54 1.22 -30.30 13.77
C GLU C 54 1.15 -30.65 15.26
N PRO C 55 1.95 -31.63 15.71
CA PRO C 55 1.96 -32.03 17.12
C PRO C 55 2.50 -30.96 18.04
N TRP C 56 2.07 -30.98 19.30
CA TRP C 56 2.51 -29.99 20.27
C TRP C 56 3.10 -30.65 21.50
N SER C 57 3.94 -29.90 22.21
CA SER C 57 4.58 -30.39 23.41
C SER C 57 3.75 -29.96 24.61
N PHE C 58 3.97 -30.62 25.74
CA PHE C 58 3.26 -30.27 26.95
C PHE C 58 1.74 -30.44 26.83
N VAL C 59 0.98 -29.64 27.56
CA VAL C 59 -0.48 -29.74 27.52
C VAL C 59 -1.15 -28.54 26.88
N LYS C 60 -1.96 -28.79 25.86
CA LYS C 60 -2.68 -27.72 25.17
C LYS C 60 -3.97 -27.43 25.95
N ASN C 61 -4.19 -26.17 26.26
CA ASN C 61 -5.38 -25.75 27.00
C ASN C 61 -6.59 -25.65 26.09
N ALA C 62 -7.52 -26.59 26.21
CA ALA C 62 -8.72 -26.59 25.38
C ALA C 62 -9.89 -26.13 26.23
N THR C 63 -9.83 -24.88 26.69
CA THR C 63 -10.90 -24.35 27.53
C THR C 63 -11.55 -23.07 27.02
N SER C 64 -11.21 -22.65 25.80
CA SER C 64 -11.80 -21.45 25.25
C SER C 64 -12.39 -21.74 23.86
N TYR C 65 -13.51 -21.10 23.57
CA TYR C 65 -14.19 -21.29 22.29
C TYR C 65 -13.31 -20.82 21.14
N PRO C 66 -13.20 -21.64 20.09
CA PRO C 66 -12.38 -21.26 18.95
C PRO C 66 -13.11 -20.22 18.10
N PRO C 67 -12.38 -19.51 17.24
CA PRO C 67 -13.10 -18.54 16.41
C PRO C 67 -13.95 -19.29 15.40
N MET C 68 -14.91 -18.60 14.77
CA MET C 68 -15.73 -19.25 13.76
C MET C 68 -15.13 -18.84 12.42
N CYS C 69 -15.24 -19.69 11.42
CA CYS C 69 -14.66 -19.38 10.11
C CYS C 69 -15.19 -18.05 9.57
N THR C 70 -14.32 -17.30 8.90
CA THR C 70 -14.69 -16.02 8.33
C THR C 70 -16.04 -16.09 7.63
N GLN C 71 -16.88 -15.10 7.88
CA GLN C 71 -18.23 -15.03 7.32
C GLN C 71 -18.81 -13.66 7.68
N ASP C 72 -19.96 -13.32 7.10
CA ASP C 72 -20.65 -12.06 7.40
C ASP C 72 -20.85 -12.10 8.92
N PRO C 73 -20.20 -11.21 9.67
CA PRO C 73 -20.38 -11.24 11.12
C PRO C 73 -21.78 -10.97 11.66
N LYS C 74 -22.52 -10.07 11.03
CA LYS C 74 -23.88 -9.78 11.51
C LYS C 74 -24.79 -10.97 11.26
N ALA C 75 -24.68 -11.56 10.09
CA ALA C 75 -25.50 -12.71 9.73
C ALA C 75 -25.14 -13.91 10.60
N GLY C 76 -23.85 -14.09 10.83
CA GLY C 76 -23.40 -15.20 11.65
C GLY C 76 -23.86 -15.10 13.10
N GLN C 77 -23.78 -13.90 13.67
CA GLN C 77 -24.21 -13.74 15.06
C GLN C 77 -25.71 -13.92 15.18
N LEU C 78 -26.46 -13.43 14.20
CA LEU C 78 -27.92 -13.56 14.23
C LEU C 78 -28.33 -15.02 14.17
N LEU C 79 -27.74 -15.78 13.26
CA LEU C 79 -28.09 -17.19 13.15
C LEU C 79 -27.73 -17.95 14.42
N SER C 80 -26.57 -17.62 14.98
CA SER C 80 -26.12 -18.27 16.21
C SER C 80 -27.10 -18.06 17.35
N GLU C 81 -27.58 -16.82 17.49
CA GLU C 81 -28.54 -16.51 18.56
C GLU C 81 -29.88 -17.21 18.34
N LEU C 82 -30.27 -17.37 17.08
CA LEU C 82 -31.53 -18.02 16.73
C LEU C 82 -31.53 -19.54 16.89
N PHE C 83 -30.35 -20.15 16.75
CA PHE C 83 -30.22 -21.61 16.85
C PHE C 83 -29.54 -22.15 18.10
N THR C 84 -28.92 -21.29 18.90
CA THR C 84 -28.23 -21.79 20.08
C THR C 84 -29.17 -22.43 21.09
N ASN C 85 -28.70 -23.51 21.71
CA ASN C 85 -29.47 -24.25 22.71
C ASN C 85 -29.03 -23.89 24.13
N ARG C 86 -28.08 -22.96 24.26
CA ARG C 86 -27.61 -22.57 25.59
C ARG C 86 -28.33 -21.30 26.10
N LYS C 87 -28.24 -21.05 27.40
CA LYS C 87 -28.88 -19.89 28.03
C LYS C 87 -28.47 -18.54 27.41
N GLU C 88 -27.18 -18.38 27.14
CA GLU C 88 -26.59 -17.16 26.56
C GLU C 88 -25.90 -17.46 25.25
N ASN C 89 -26.12 -16.63 24.25
CA ASN C 89 -25.44 -16.86 23.00
C ASN C 89 -24.00 -16.39 23.25
N ILE C 90 -23.02 -17.14 22.74
CA ILE C 90 -21.64 -16.77 22.95
C ILE C 90 -21.08 -16.06 21.74
N PRO C 91 -20.67 -14.80 21.91
CA PRO C 91 -20.12 -14.02 20.78
C PRO C 91 -18.81 -14.69 20.38
N LEU C 92 -18.61 -14.89 19.08
CA LEU C 92 -17.39 -15.51 18.60
C LEU C 92 -16.57 -14.58 17.73
N LYS C 93 -15.27 -14.84 17.65
CA LYS C 93 -14.38 -14.04 16.82
C LYS C 93 -14.33 -14.74 15.46
N LEU C 94 -14.02 -13.98 14.41
CA LEU C 94 -13.90 -14.54 13.07
C LEU C 94 -12.43 -14.83 12.81
N SER C 95 -12.16 -15.83 11.99
CA SER C 95 -10.79 -16.17 11.66
C SER C 95 -10.72 -17.24 10.57
N GLU C 96 -9.65 -17.19 9.79
CA GLU C 96 -9.44 -18.19 8.74
C GLU C 96 -8.89 -19.41 9.46
N ASP C 97 -8.38 -19.20 10.67
CA ASP C 97 -7.84 -20.28 11.50
C ASP C 97 -9.06 -20.74 12.30
N CYS C 98 -9.83 -21.65 11.70
CA CYS C 98 -11.06 -22.12 12.32
C CYS C 98 -11.30 -23.62 12.26
N LEU C 99 -10.31 -24.40 11.85
CA LEU C 99 -10.52 -25.83 11.78
C LEU C 99 -10.36 -26.49 13.14
N TYR C 100 -11.38 -26.31 13.98
CA TYR C 100 -11.40 -26.86 15.34
C TYR C 100 -12.69 -27.63 15.56
N LEU C 101 -12.70 -28.42 16.63
CA LEU C 101 -13.88 -29.18 17.02
C LEU C 101 -13.94 -29.17 18.55
N ASN C 102 -15.14 -29.31 19.09
CA ASN C 102 -15.34 -29.31 20.54
C ASN C 102 -15.86 -30.71 20.91
N ILE C 103 -15.50 -31.17 22.09
CA ILE C 103 -15.92 -32.49 22.53
C ILE C 103 -16.62 -32.48 23.87
N TYR C 104 -17.74 -33.19 23.94
CA TYR C 104 -18.50 -33.31 25.18
C TYR C 104 -18.59 -34.80 25.45
N THR C 105 -17.86 -35.27 26.46
CA THR C 105 -17.87 -36.69 26.80
C THR C 105 -18.33 -36.92 28.24
N PRO C 106 -19.39 -37.73 28.40
CA PRO C 106 -19.95 -38.05 29.72
C PRO C 106 -19.20 -39.21 30.38
N ALA C 107 -18.37 -39.88 29.59
CA ALA C 107 -17.61 -41.02 30.07
C ALA C 107 -16.65 -40.66 31.19
N ASP C 108 -16.40 -41.63 32.07
CA ASP C 108 -15.47 -41.44 33.16
C ASP C 108 -14.12 -41.84 32.57
N LEU C 109 -13.29 -40.84 32.29
CA LEU C 109 -11.99 -41.07 31.67
C LEU C 109 -10.97 -41.86 32.50
N THR C 110 -11.30 -42.19 33.74
CA THR C 110 -10.40 -42.96 34.59
C THR C 110 -10.59 -44.44 34.30
N LYS C 111 -11.63 -44.75 33.53
CA LYS C 111 -11.94 -46.13 33.16
C LYS C 111 -11.99 -46.22 31.64
N LYS C 112 -12.14 -47.43 31.12
CA LYS C 112 -12.19 -47.61 29.67
C LYS C 112 -13.63 -47.60 29.17
N ASN C 113 -13.93 -46.69 28.26
CA ASN C 113 -15.28 -46.59 27.71
C ASN C 113 -15.23 -46.57 26.19
N ARG C 114 -16.30 -47.05 25.57
CA ARG C 114 -16.43 -47.07 24.12
C ARG C 114 -17.86 -46.68 23.78
N LEU C 115 -18.24 -45.49 24.22
CA LEU C 115 -19.58 -44.97 23.99
C LEU C 115 -19.73 -44.56 22.53
N PRO C 116 -20.96 -44.65 21.99
CA PRO C 116 -21.17 -44.25 20.60
C PRO C 116 -20.84 -42.76 20.44
N VAL C 117 -20.44 -42.37 19.24
CA VAL C 117 -20.05 -40.99 18.98
C VAL C 117 -20.99 -40.31 17.99
N MET C 118 -21.39 -39.08 18.33
CA MET C 118 -22.27 -38.31 17.47
C MET C 118 -21.55 -37.04 17.05
N VAL C 119 -21.28 -36.92 15.76
CA VAL C 119 -20.58 -35.76 15.22
C VAL C 119 -21.56 -34.83 14.52
N TRP C 120 -21.65 -33.62 15.04
CA TRP C 120 -22.57 -32.61 14.51
C TRP C 120 -21.94 -31.69 13.47
N ILE C 121 -22.64 -31.51 12.35
CA ILE C 121 -22.21 -30.62 11.29
C ILE C 121 -23.26 -29.51 11.22
N HIS C 122 -22.88 -28.32 11.67
CA HIS C 122 -23.80 -27.18 11.70
C HIS C 122 -24.23 -26.69 10.32
N GLY C 123 -25.40 -26.04 10.29
CA GLY C 123 -25.92 -25.50 9.06
C GLY C 123 -25.60 -24.04 8.90
N GLY C 124 -26.13 -23.42 7.85
CA GLY C 124 -25.86 -22.02 7.60
C GLY C 124 -25.63 -21.73 6.12
N GLY C 125 -26.21 -22.57 5.26
CA GLY C 125 -26.09 -22.40 3.82
C GLY C 125 -24.67 -22.48 3.29
N LEU C 126 -23.77 -23.04 4.10
CA LEU C 126 -22.35 -23.19 3.75
C LEU C 126 -21.69 -21.83 3.68
N MET C 127 -22.37 -20.82 4.24
CA MET C 127 -21.87 -19.45 4.23
C MET C 127 -21.61 -18.89 5.62
N VAL C 128 -22.39 -19.32 6.60
CA VAL C 128 -22.25 -18.86 7.97
C VAL C 128 -22.41 -20.04 8.91
N GLY C 129 -22.27 -19.79 10.21
CA GLY C 129 -22.41 -20.86 11.18
C GLY C 129 -21.17 -21.11 12.00
N ALA C 130 -21.31 -21.89 13.07
CA ALA C 130 -20.20 -22.23 13.96
C ALA C 130 -20.57 -23.42 14.82
N ALA C 131 -19.55 -24.13 15.31
CA ALA C 131 -19.78 -25.29 16.14
C ALA C 131 -20.15 -24.90 17.57
N SER C 132 -19.51 -23.85 18.08
CA SER C 132 -19.73 -23.39 19.45
C SER C 132 -21.16 -22.99 19.75
N THR C 133 -21.95 -22.75 18.70
CA THR C 133 -23.35 -22.39 18.84
C THR C 133 -24.10 -23.53 19.51
N TYR C 134 -23.65 -24.74 19.26
CA TYR C 134 -24.28 -25.93 19.80
C TYR C 134 -23.53 -26.55 20.97
N ASP C 135 -24.19 -26.57 22.12
CA ASP C 135 -23.63 -27.13 23.33
C ASP C 135 -24.04 -28.59 23.45
N GLY C 136 -23.07 -29.49 23.51
CA GLY C 136 -23.37 -30.90 23.60
C GLY C 136 -23.59 -31.47 24.99
N LEU C 137 -23.49 -30.63 26.01
CA LEU C 137 -23.64 -31.05 27.41
C LEU C 137 -24.87 -31.89 27.73
N ALA C 138 -26.05 -31.40 27.37
CA ALA C 138 -27.29 -32.11 27.66
C ALA C 138 -27.41 -33.46 26.96
N LEU C 139 -27.18 -33.48 25.65
CA LEU C 139 -27.29 -34.71 24.88
C LEU C 139 -26.30 -35.76 25.39
N ALA C 140 -25.07 -35.34 25.64
CA ALA C 140 -24.02 -36.24 26.12
C ALA C 140 -24.42 -36.89 27.44
N ALA C 141 -24.71 -36.05 28.44
CA ALA C 141 -25.09 -36.50 29.77
C ALA C 141 -26.41 -37.29 29.80
N HIS C 142 -27.40 -36.80 29.06
CA HIS C 142 -28.70 -37.46 29.05
C HIS C 142 -28.73 -38.82 28.37
N GLU C 143 -28.04 -38.94 27.24
CA GLU C 143 -28.05 -40.20 26.51
C GLU C 143 -26.73 -40.99 26.54
N ASN C 144 -25.78 -40.51 27.32
CA ASN C 144 -24.50 -41.18 27.44
C ASN C 144 -23.81 -41.43 26.09
N VAL C 145 -23.68 -40.37 25.30
CA VAL C 145 -23.00 -40.46 24.02
C VAL C 145 -21.95 -39.37 23.99
N VAL C 146 -20.88 -39.57 23.23
CA VAL C 146 -19.84 -38.55 23.13
C VAL C 146 -20.28 -37.65 21.98
N VAL C 147 -20.41 -36.37 22.26
CA VAL C 147 -20.84 -35.43 21.24
C VAL C 147 -19.69 -34.57 20.76
N VAL C 148 -19.52 -34.53 19.44
CA VAL C 148 -18.45 -33.76 18.83
C VAL C 148 -19.01 -32.74 17.84
N THR C 149 -18.71 -31.46 18.04
CA THR C 149 -19.19 -30.43 17.12
C THR C 149 -17.99 -29.93 16.32
N ILE C 150 -18.10 -30.00 15.00
CA ILE C 150 -16.99 -29.60 14.13
C ILE C 150 -17.25 -28.33 13.33
N GLN C 151 -16.16 -27.70 12.90
CA GLN C 151 -16.26 -26.52 12.05
C GLN C 151 -15.58 -26.87 10.74
N TYR C 152 -15.87 -26.09 9.71
CA TYR C 152 -15.32 -26.32 8.39
C TYR C 152 -15.35 -25.01 7.63
N ARG C 153 -14.42 -24.82 6.68
CA ARG C 153 -14.38 -23.58 5.91
C ARG C 153 -15.71 -23.26 5.24
N LEU C 154 -16.05 -21.99 5.27
CA LEU C 154 -17.32 -21.50 4.72
C LEU C 154 -17.13 -20.47 3.61
N GLY C 155 -18.19 -20.27 2.84
CA GLY C 155 -18.18 -19.30 1.76
C GLY C 155 -17.04 -19.40 0.77
N ILE C 156 -16.44 -18.27 0.44
CA ILE C 156 -15.34 -18.25 -0.51
C ILE C 156 -14.23 -19.20 -0.08
N TRP C 157 -13.83 -19.09 1.18
CA TRP C 157 -12.77 -19.92 1.75
C TRP C 157 -13.06 -21.41 1.67
N GLY C 158 -14.32 -21.78 1.84
CA GLY C 158 -14.66 -23.18 1.81
C GLY C 158 -15.17 -23.75 0.50
N PHE C 159 -15.63 -22.90 -0.40
CA PHE C 159 -16.20 -23.44 -1.63
C PHE C 159 -15.83 -22.78 -2.95
N PHE C 160 -14.86 -21.86 -2.95
CA PHE C 160 -14.47 -21.24 -4.22
C PHE C 160 -14.01 -22.34 -5.17
N SER C 161 -14.55 -22.32 -6.39
CA SER C 161 -14.22 -23.31 -7.40
C SER C 161 -14.10 -22.68 -8.78
N THR C 162 -13.04 -23.03 -9.51
CA THR C 162 -12.83 -22.52 -10.86
C THR C 162 -13.34 -23.56 -11.85
N GLY C 163 -13.80 -24.68 -11.31
CA GLY C 163 -14.31 -25.75 -12.16
C GLY C 163 -13.21 -26.67 -12.66
N ASP C 164 -11.96 -26.39 -12.29
CA ASP C 164 -10.86 -27.23 -12.74
C ASP C 164 -9.84 -27.54 -11.65
N GLU C 165 -8.72 -28.13 -12.05
CA GLU C 165 -7.68 -28.53 -11.10
C GLU C 165 -6.99 -27.45 -10.27
N HIS C 166 -7.10 -26.19 -10.68
CA HIS C 166 -6.45 -25.13 -9.92
C HIS C 166 -7.21 -24.75 -8.64
N SER C 167 -8.47 -25.15 -8.58
CA SER C 167 -9.33 -24.92 -7.41
C SER C 167 -10.59 -25.74 -7.60
N ARG C 168 -10.48 -27.04 -7.35
CA ARG C 168 -11.59 -27.95 -7.51
C ARG C 168 -12.84 -27.53 -6.75
N GLY C 169 -12.63 -27.13 -5.50
CA GLY C 169 -13.75 -26.71 -4.66
C GLY C 169 -13.99 -27.70 -3.54
N ASN C 170 -15.13 -27.56 -2.86
CA ASN C 170 -15.50 -28.43 -1.75
C ASN C 170 -14.52 -28.50 -0.60
N TRP C 171 -13.72 -27.45 -0.43
CA TRP C 171 -12.74 -27.41 0.66
C TRP C 171 -13.43 -27.65 2.01
N GLY C 172 -14.63 -27.09 2.17
CA GLY C 172 -15.37 -27.26 3.41
C GLY C 172 -15.75 -28.70 3.67
N HIS C 173 -16.09 -29.43 2.61
CA HIS C 173 -16.45 -30.84 2.78
C HIS C 173 -15.19 -31.66 3.07
N LEU C 174 -14.08 -31.27 2.46
CA LEU C 174 -12.83 -31.99 2.73
C LEU C 174 -12.49 -31.81 4.22
N ASP C 175 -12.81 -30.66 4.79
CA ASP C 175 -12.56 -30.40 6.20
C ASP C 175 -13.42 -31.32 7.06
N GLN C 176 -14.67 -31.51 6.64
CA GLN C 176 -15.58 -32.38 7.38
C GLN C 176 -15.01 -33.80 7.37
N VAL C 177 -14.46 -34.21 6.23
CA VAL C 177 -13.84 -35.53 6.13
C VAL C 177 -12.64 -35.60 7.06
N ALA C 178 -11.82 -34.55 7.06
CA ALA C 178 -10.64 -34.49 7.91
C ALA C 178 -11.00 -34.57 9.39
N ALA C 179 -12.12 -33.94 9.77
CA ALA C 179 -12.54 -33.98 11.17
C ALA C 179 -12.96 -35.41 11.53
N LEU C 180 -13.57 -36.11 10.59
CA LEU C 180 -14.00 -37.49 10.84
C LEU C 180 -12.80 -38.42 10.95
N ARG C 181 -11.76 -38.14 10.17
CA ARG C 181 -10.56 -38.97 10.24
C ARG C 181 -9.94 -38.76 11.62
N TRP C 182 -9.93 -37.51 12.08
CA TRP C 182 -9.37 -37.19 13.39
C TRP C 182 -10.14 -37.95 14.47
N VAL C 183 -11.46 -37.99 14.34
CA VAL C 183 -12.29 -38.69 15.30
C VAL C 183 -11.93 -40.18 15.35
N GLN C 184 -11.77 -40.78 14.17
CA GLN C 184 -11.41 -42.19 14.13
C GLN C 184 -10.08 -42.46 14.84
N ASP C 185 -9.12 -41.56 14.64
CA ASP C 185 -7.80 -41.73 15.26
C ASP C 185 -7.66 -41.30 16.71
N ASN C 186 -8.58 -40.46 17.21
CA ASN C 186 -8.45 -39.95 18.56
C ASN C 186 -9.60 -40.10 19.55
N ILE C 187 -10.82 -40.25 19.05
CA ILE C 187 -11.97 -40.33 19.94
C ILE C 187 -11.91 -41.37 21.06
N ALA C 188 -11.21 -42.48 20.83
CA ALA C 188 -11.11 -43.51 21.86
C ALA C 188 -10.53 -42.94 23.15
N SER C 189 -9.62 -41.97 23.03
CA SER C 189 -9.01 -41.36 24.20
C SER C 189 -10.01 -40.55 25.01
N PHE C 190 -11.15 -40.24 24.40
CA PHE C 190 -12.18 -39.47 25.09
C PHE C 190 -13.36 -40.36 25.47
N GLY C 191 -13.10 -41.66 25.55
CA GLY C 191 -14.15 -42.60 25.92
C GLY C 191 -15.12 -42.94 24.81
N GLY C 192 -14.79 -42.56 23.58
CA GLY C 192 -15.67 -42.86 22.46
C GLY C 192 -15.25 -44.09 21.68
N ASN C 193 -16.18 -44.65 20.92
CA ASN C 193 -15.93 -45.84 20.12
C ASN C 193 -15.79 -45.47 18.64
N PRO C 194 -14.55 -45.44 18.11
CA PRO C 194 -14.33 -45.09 16.71
C PRO C 194 -15.05 -46.05 15.75
N GLY C 195 -15.55 -47.15 16.30
CA GLY C 195 -16.27 -48.13 15.50
C GLY C 195 -17.77 -47.85 15.45
N SER C 196 -18.19 -46.77 16.08
CA SER C 196 -19.61 -46.40 16.10
C SER C 196 -19.76 -44.88 16.04
N VAL C 197 -19.61 -44.33 14.85
CA VAL C 197 -19.72 -42.88 14.67
C VAL C 197 -20.95 -42.50 13.85
N THR C 198 -21.77 -41.62 14.41
CA THR C 198 -22.98 -41.15 13.73
C THR C 198 -22.78 -39.71 13.32
N ILE C 199 -22.95 -39.40 12.04
CA ILE C 199 -22.82 -38.02 11.63
C ILE C 199 -24.24 -37.47 11.49
N PHE C 200 -24.45 -36.26 12.00
CA PHE C 200 -25.76 -35.64 11.88
C PHE C 200 -25.62 -34.14 11.76
N GLY C 201 -26.59 -33.52 11.10
CA GLY C 201 -26.56 -32.09 10.91
C GLY C 201 -27.86 -31.62 10.30
N GLU C 202 -28.09 -30.32 10.31
CA GLU C 202 -29.32 -29.81 9.72
C GLU C 202 -29.07 -28.71 8.71
N SER C 203 -29.97 -28.62 7.73
CA SER C 203 -29.89 -27.63 6.66
C SER C 203 -28.61 -27.91 5.86
N ALA C 204 -27.69 -26.94 5.75
CA ALA C 204 -26.46 -27.19 5.00
C ALA C 204 -25.69 -28.33 5.66
N GLY C 205 -25.88 -28.50 6.96
CA GLY C 205 -25.20 -29.58 7.67
C GLY C 205 -25.83 -30.90 7.30
N GLY C 206 -27.12 -30.86 7.00
CA GLY C 206 -27.84 -32.07 6.62
C GLY C 206 -27.42 -32.44 5.21
N GLU C 207 -27.25 -31.42 4.38
CA GLU C 207 -26.82 -31.60 2.99
C GLU C 207 -25.40 -32.19 3.00
N SER C 208 -24.58 -31.73 3.94
CA SER C 208 -23.21 -32.23 4.05
C SER C 208 -23.21 -33.71 4.39
N VAL C 209 -24.05 -34.10 5.36
CA VAL C 209 -24.14 -35.51 5.74
C VAL C 209 -24.52 -36.34 4.51
N SER C 210 -25.50 -35.84 3.76
CA SER C 210 -25.98 -36.52 2.56
C SER C 210 -24.85 -36.67 1.53
N VAL C 211 -24.04 -35.62 1.40
CA VAL C 211 -22.90 -35.64 0.48
C VAL C 211 -21.85 -36.67 0.90
N LEU C 212 -21.57 -36.74 2.19
CA LEU C 212 -20.60 -37.68 2.72
C LEU C 212 -21.06 -39.12 2.52
N VAL C 213 -22.37 -39.34 2.59
CA VAL C 213 -22.95 -40.65 2.35
C VAL C 213 -22.68 -41.07 0.91
N LEU C 214 -22.57 -40.08 0.03
CA LEU C 214 -22.34 -40.31 -1.40
C LEU C 214 -20.87 -40.23 -1.79
N SER C 215 -19.99 -39.87 -0.87
CA SER C 215 -18.58 -39.73 -1.19
C SER C 215 -17.67 -40.90 -0.79
N PRO C 216 -16.82 -41.34 -1.72
CA PRO C 216 -15.90 -42.46 -1.46
C PRO C 216 -14.88 -42.07 -0.40
N LEU C 217 -14.56 -40.79 -0.33
CA LEU C 217 -13.57 -40.29 0.63
C LEU C 217 -13.93 -40.53 2.09
N ALA C 218 -15.19 -40.86 2.37
CA ALA C 218 -15.61 -41.08 3.75
C ALA C 218 -16.19 -42.47 4.00
N LYS C 219 -15.94 -43.39 3.07
CA LYS C 219 -16.46 -44.76 3.15
C LYS C 219 -16.37 -45.51 4.47
N ASN C 220 -15.29 -45.31 5.22
CA ASN C 220 -15.15 -46.00 6.50
C ASN C 220 -14.98 -45.02 7.65
N LEU C 221 -15.60 -43.85 7.54
CA LEU C 221 -15.48 -42.82 8.57
C LEU C 221 -16.70 -42.65 9.48
N PHE C 222 -17.79 -43.34 9.16
CA PHE C 222 -19.00 -43.26 9.97
C PHE C 222 -19.89 -44.49 9.73
N HIS C 223 -20.78 -44.78 10.68
CA HIS C 223 -21.62 -45.97 10.59
C HIS C 223 -23.13 -45.72 10.64
N ARG C 224 -23.52 -44.47 10.86
CA ARG C 224 -24.93 -44.06 10.90
C ARG C 224 -24.98 -42.61 10.45
N ALA C 225 -26.08 -42.22 9.82
CA ALA C 225 -26.22 -40.84 9.34
C ALA C 225 -27.63 -40.28 9.56
N ILE C 226 -27.68 -38.98 9.89
CA ILE C 226 -28.95 -38.29 10.10
C ILE C 226 -28.91 -36.95 9.37
N SER C 227 -29.85 -36.74 8.45
CA SER C 227 -29.93 -35.48 7.74
C SER C 227 -31.21 -34.78 8.20
N GLU C 228 -31.05 -33.64 8.86
CA GLU C 228 -32.17 -32.87 9.37
C GLU C 228 -32.45 -31.67 8.46
N SER C 229 -33.58 -31.72 7.74
CA SER C 229 -33.96 -30.63 6.86
C SER C 229 -32.88 -30.19 5.85
N GLY C 230 -32.45 -31.13 5.02
CA GLY C 230 -31.44 -30.82 4.03
C GLY C 230 -30.71 -32.05 3.52
N VAL C 231 -30.66 -32.20 2.20
CA VAL C 231 -29.99 -33.34 1.58
C VAL C 231 -29.25 -32.90 0.32
N ALA C 232 -28.54 -33.83 -0.30
CA ALA C 232 -27.77 -33.53 -1.51
C ALA C 232 -28.65 -33.12 -2.67
N LEU C 233 -29.94 -33.39 -2.57
CA LEU C 233 -30.87 -33.02 -3.63
C LEU C 233 -31.49 -31.65 -3.39
N THR C 234 -31.08 -30.99 -2.30
CA THR C 234 -31.56 -29.64 -2.02
C THR C 234 -30.69 -28.79 -2.95
N SER C 235 -31.16 -28.67 -4.19
CA SER C 235 -30.47 -27.98 -5.28
C SER C 235 -29.75 -26.66 -5.01
N VAL C 236 -30.33 -25.77 -4.22
CA VAL C 236 -29.68 -24.49 -3.96
C VAL C 236 -28.27 -24.62 -3.37
N LEU C 237 -27.98 -25.77 -2.74
CA LEU C 237 -26.68 -26.00 -2.12
C LEU C 237 -25.70 -26.74 -3.04
N VAL C 238 -26.20 -27.26 -4.15
CA VAL C 238 -25.34 -27.98 -5.08
C VAL C 238 -25.33 -27.30 -6.45
N LYS C 239 -24.14 -26.97 -6.92
CA LYS C 239 -24.00 -26.31 -8.21
C LYS C 239 -23.82 -27.33 -9.33
N LYS C 240 -24.60 -27.16 -10.40
CA LYS C 240 -24.55 -28.06 -11.55
C LYS C 240 -24.05 -27.29 -12.76
N GLY C 241 -23.46 -27.99 -13.72
CA GLY C 241 -22.96 -27.34 -14.90
C GLY C 241 -21.67 -26.56 -14.72
N ASP C 242 -21.49 -25.54 -15.56
CA ASP C 242 -20.31 -24.70 -15.52
C ASP C 242 -20.33 -23.70 -14.36
N VAL C 243 -19.34 -23.83 -13.47
CA VAL C 243 -19.23 -22.95 -12.32
C VAL C 243 -18.27 -21.80 -12.58
N LYS C 244 -17.69 -21.77 -13.78
CA LYS C 244 -16.73 -20.74 -14.15
C LYS C 244 -17.23 -19.29 -14.04
N PRO C 245 -18.46 -19.02 -14.51
CA PRO C 245 -19.01 -17.65 -14.43
C PRO C 245 -19.03 -17.10 -13.01
N LEU C 246 -19.42 -17.93 -12.05
CA LEU C 246 -19.47 -17.51 -10.65
C LEU C 246 -18.05 -17.23 -10.15
N ALA C 247 -17.10 -18.07 -10.56
CA ALA C 247 -15.71 -17.88 -10.13
C ALA C 247 -15.21 -16.53 -10.64
N GLU C 248 -15.49 -16.23 -11.90
CA GLU C 248 -15.05 -14.97 -12.47
C GLU C 248 -15.67 -13.75 -11.82
N GLN C 249 -16.96 -13.85 -11.48
CA GLN C 249 -17.66 -12.75 -10.83
C GLN C 249 -17.02 -12.44 -9.47
N ILE C 250 -16.64 -13.49 -8.75
CA ILE C 250 -16.01 -13.31 -7.45
C ILE C 250 -14.64 -12.66 -7.61
N ALA C 251 -13.87 -13.16 -8.57
CA ALA C 251 -12.52 -12.62 -8.82
C ALA C 251 -12.58 -11.15 -9.20
N ILE C 252 -13.47 -10.81 -10.12
CA ILE C 252 -13.65 -9.43 -10.56
C ILE C 252 -14.01 -8.55 -9.37
N THR C 253 -14.97 -9.00 -8.56
CA THR C 253 -15.39 -8.22 -7.40
C THR C 253 -14.22 -8.00 -6.44
N ALA C 254 -13.34 -8.99 -6.34
CA ALA C 254 -12.19 -8.87 -5.45
C ALA C 254 -11.09 -8.03 -6.09
N GLY C 255 -11.30 -7.64 -7.34
CA GLY C 255 -10.32 -6.84 -8.04
C GLY C 255 -9.23 -7.68 -8.70
N CYS C 256 -9.57 -8.91 -9.05
CA CYS C 256 -8.64 -9.83 -9.67
C CYS C 256 -8.87 -9.99 -11.16
N LYS C 257 -7.80 -10.29 -11.89
CA LYS C 257 -7.91 -10.51 -13.32
C LYS C 257 -8.43 -11.93 -13.52
N THR C 258 -9.02 -12.19 -14.68
CA THR C 258 -9.59 -13.51 -14.96
C THR C 258 -8.94 -14.17 -16.17
N THR C 259 -7.69 -13.81 -16.43
CA THR C 259 -6.94 -14.34 -17.57
C THR C 259 -7.01 -15.86 -17.65
N THR C 260 -6.76 -16.53 -16.53
CA THR C 260 -6.81 -17.98 -16.47
C THR C 260 -7.26 -18.37 -15.06
N SER C 261 -7.55 -19.65 -14.87
CA SER C 261 -7.96 -20.17 -13.57
C SER C 261 -6.83 -20.03 -12.57
N ALA C 262 -5.62 -20.43 -12.98
CA ALA C 262 -4.46 -20.34 -12.11
C ALA C 262 -4.24 -18.90 -11.69
N VAL C 263 -4.41 -17.97 -12.62
CA VAL C 263 -4.24 -16.55 -12.31
C VAL C 263 -5.25 -16.10 -11.26
N MET C 264 -6.52 -16.48 -11.43
CA MET C 264 -7.55 -16.10 -10.47
C MET C 264 -7.25 -16.60 -9.07
N VAL C 265 -7.00 -17.89 -8.94
CA VAL C 265 -6.71 -18.48 -7.64
C VAL C 265 -5.49 -17.82 -6.99
N HIS C 266 -4.43 -17.61 -7.78
CA HIS C 266 -3.23 -16.98 -7.24
C HIS C 266 -3.52 -15.59 -6.68
N CYS C 267 -4.29 -14.80 -7.42
CA CYS C 267 -4.65 -13.45 -6.99
C CYS C 267 -5.49 -13.53 -5.72
N LEU C 268 -6.46 -14.43 -5.70
CA LEU C 268 -7.33 -14.56 -4.52
C LEU C 268 -6.55 -15.05 -3.29
N ARG C 269 -5.50 -15.83 -3.50
CA ARG C 269 -4.71 -16.30 -2.36
C ARG C 269 -3.90 -15.16 -1.77
N GLN C 270 -3.74 -14.09 -2.53
CA GLN C 270 -2.98 -12.92 -2.08
C GLN C 270 -3.84 -11.94 -1.29
N LYS C 271 -5.15 -11.99 -1.48
CA LYS C 271 -6.06 -11.09 -0.78
C LYS C 271 -6.05 -11.32 0.72
N THR C 272 -6.24 -10.26 1.49
CA THR C 272 -6.27 -10.37 2.95
C THR C 272 -7.62 -10.95 3.35
N GLU C 273 -7.72 -11.45 4.57
CA GLU C 273 -8.98 -12.00 5.05
C GLU C 273 -10.05 -10.92 4.95
N GLU C 274 -9.69 -9.71 5.33
CA GLU C 274 -10.61 -8.57 5.28
C GLU C 274 -11.07 -8.31 3.84
N GLU C 275 -10.13 -8.35 2.90
CA GLU C 275 -10.46 -8.12 1.49
C GLU C 275 -11.48 -9.16 0.98
N LEU C 276 -11.33 -10.41 1.39
CA LEU C 276 -12.26 -11.44 0.94
C LEU C 276 -13.61 -11.31 1.68
N LEU C 277 -13.57 -10.79 2.89
CA LEU C 277 -14.82 -10.59 3.64
C LEU C 277 -15.61 -9.47 2.95
N GLU C 278 -14.92 -8.42 2.52
CA GLU C 278 -15.58 -7.31 1.84
C GLU C 278 -16.16 -7.79 0.50
N THR C 279 -15.47 -8.73 -0.14
CA THR C 279 -15.93 -9.27 -1.41
C THR C 279 -17.22 -10.03 -1.12
N THR C 280 -17.21 -10.78 -0.03
CA THR C 280 -18.37 -11.57 0.39
C THR C 280 -19.58 -10.67 0.58
N LEU C 281 -19.38 -9.56 1.28
CA LEU C 281 -20.46 -8.61 1.53
C LEU C 281 -20.98 -7.95 0.26
N LYS C 282 -20.08 -7.64 -0.68
CA LYS C 282 -20.49 -7.02 -1.93
C LYS C 282 -21.31 -7.97 -2.78
N MET C 283 -21.07 -9.28 -2.65
CA MET C 283 -21.79 -10.29 -3.42
C MET C 283 -23.23 -10.48 -2.91
N LYS C 284 -23.47 -10.02 -1.68
CA LYS C 284 -24.78 -10.12 -1.04
C LYS C 284 -25.33 -11.56 -1.14
N PHE C 285 -24.61 -12.51 -0.56
CA PHE C 285 -25.04 -13.91 -0.60
C PHE C 285 -26.21 -14.15 0.34
N LEU C 286 -26.84 -15.31 0.21
CA LEU C 286 -27.94 -15.66 1.11
C LEU C 286 -29.01 -14.57 1.17
N SER C 287 -29.31 -13.99 0.02
CA SER C 287 -30.30 -12.93 -0.04
C SER C 287 -30.97 -12.94 -1.41
N LEU C 288 -32.30 -13.00 -1.42
CA LEU C 288 -33.02 -13.05 -2.68
C LEU C 288 -32.87 -11.75 -3.47
N ASP C 289 -32.25 -11.85 -4.64
CA ASP C 289 -32.02 -10.72 -5.52
C ASP C 289 -33.28 -10.44 -6.34
N LEU C 290 -33.85 -9.26 -6.17
CA LEU C 290 -35.07 -8.89 -6.89
C LEU C 290 -34.82 -8.11 -8.19
N GLN C 291 -33.56 -7.92 -8.54
CA GLN C 291 -33.21 -7.18 -9.74
C GLN C 291 -32.58 -8.08 -10.81
N GLY C 292 -32.91 -7.79 -12.07
CA GLY C 292 -32.35 -8.55 -13.18
C GLY C 292 -32.97 -9.92 -13.42
N ASP C 293 -32.18 -10.78 -14.07
CA ASP C 293 -32.61 -12.13 -14.38
C ASP C 293 -32.38 -13.05 -13.18
N PRO C 294 -33.44 -13.70 -12.69
CA PRO C 294 -33.39 -14.61 -11.53
C PRO C 294 -32.44 -15.78 -11.75
N ARG C 295 -32.26 -16.17 -13.01
CA ARG C 295 -31.38 -17.30 -13.33
C ARG C 295 -29.91 -16.97 -13.15
N GLU C 296 -29.59 -15.70 -12.95
CA GLU C 296 -28.20 -15.29 -12.79
C GLU C 296 -27.81 -14.99 -11.34
N SER C 297 -28.77 -14.98 -10.43
CA SER C 297 -28.46 -14.70 -9.05
C SER C 297 -27.82 -15.92 -8.39
N GLN C 298 -26.88 -15.66 -7.47
CA GLN C 298 -26.17 -16.72 -6.77
C GLN C 298 -26.20 -16.41 -5.26
N PRO C 299 -27.16 -17.00 -4.53
CA PRO C 299 -27.27 -16.75 -3.10
C PRO C 299 -26.26 -17.51 -2.24
N LEU C 300 -25.67 -18.55 -2.81
CA LEU C 300 -24.72 -19.38 -2.07
C LEU C 300 -23.53 -19.86 -2.90
N LEU C 301 -22.44 -20.16 -2.21
CA LEU C 301 -21.25 -20.73 -2.83
C LEU C 301 -21.26 -22.10 -2.17
N GLY C 302 -21.51 -23.15 -2.93
CA GLY C 302 -21.57 -24.46 -2.30
C GLY C 302 -20.88 -25.63 -2.97
N THR C 303 -21.48 -26.80 -2.75
CA THR C 303 -20.97 -28.06 -3.27
C THR C 303 -20.93 -28.09 -4.80
N VAL C 304 -19.88 -28.69 -5.34
CA VAL C 304 -19.74 -28.83 -6.79
C VAL C 304 -19.28 -30.25 -7.06
N ILE C 305 -19.34 -30.67 -8.32
CA ILE C 305 -18.89 -32.01 -8.70
C ILE C 305 -17.41 -31.80 -9.04
N ASP C 306 -16.55 -32.04 -8.06
CA ASP C 306 -15.10 -31.82 -8.18
C ASP C 306 -14.22 -32.94 -8.73
N GLY C 307 -14.68 -34.18 -8.61
CA GLY C 307 -13.88 -35.29 -9.09
C GLY C 307 -13.12 -35.97 -7.97
N MET C 308 -13.10 -35.33 -6.80
CA MET C 308 -12.42 -35.88 -5.63
C MET C 308 -13.47 -36.32 -4.61
N LEU C 309 -14.27 -35.35 -4.14
CA LEU C 309 -15.33 -35.64 -3.18
C LEU C 309 -16.49 -36.33 -3.88
N LEU C 310 -16.98 -35.71 -4.95
CA LEU C 310 -18.08 -36.26 -5.74
C LEU C 310 -17.58 -36.47 -7.16
N LEU C 311 -17.72 -37.68 -7.68
CA LEU C 311 -17.26 -37.98 -9.02
C LEU C 311 -18.33 -37.65 -10.05
N LYS C 312 -19.56 -37.48 -9.58
CA LYS C 312 -20.69 -37.13 -10.42
C LYS C 312 -21.84 -36.57 -9.57
N THR C 313 -22.90 -36.15 -10.23
CA THR C 313 -24.05 -35.58 -9.53
C THR C 313 -24.70 -36.57 -8.57
N PRO C 314 -25.32 -36.07 -7.49
CA PRO C 314 -25.97 -36.95 -6.52
C PRO C 314 -26.98 -37.88 -7.19
N GLU C 315 -27.69 -37.34 -8.18
CA GLU C 315 -28.68 -38.12 -8.91
C GLU C 315 -28.06 -39.30 -9.64
N GLU C 316 -26.89 -39.10 -10.23
CA GLU C 316 -26.21 -40.17 -10.94
C GLU C 316 -25.76 -41.23 -9.94
N LEU C 317 -25.14 -40.77 -8.86
CA LEU C 317 -24.65 -41.66 -7.81
C LEU C 317 -25.78 -42.49 -7.21
N GLN C 318 -26.92 -41.86 -6.98
CA GLN C 318 -28.07 -42.56 -6.42
C GLN C 318 -28.54 -43.69 -7.33
N ALA C 319 -28.73 -43.37 -8.60
CA ALA C 319 -29.18 -44.36 -9.57
C ALA C 319 -28.13 -45.46 -9.69
N GLU C 320 -26.87 -45.07 -9.53
CA GLU C 320 -25.73 -45.96 -9.62
C GLU C 320 -25.62 -46.84 -8.37
N ARG C 321 -26.40 -46.53 -7.34
CA ARG C 321 -26.37 -47.27 -6.09
C ARG C 321 -24.96 -47.26 -5.53
N ASN C 322 -24.17 -46.27 -5.95
CA ASN C 322 -22.80 -46.13 -5.50
C ASN C 322 -22.67 -45.22 -4.28
N PHE C 323 -22.99 -45.77 -3.12
CA PHE C 323 -22.92 -45.07 -1.84
C PHE C 323 -23.03 -46.13 -0.77
N HIS C 324 -22.37 -45.95 0.37
CA HIS C 324 -22.45 -46.99 1.40
C HIS C 324 -23.76 -47.01 2.16
N THR C 325 -24.25 -48.21 2.34
CA THR C 325 -25.52 -48.50 2.98
C THR C 325 -25.55 -48.46 4.52
N VAL C 326 -25.25 -47.31 5.11
CA VAL C 326 -25.31 -47.21 6.56
C VAL C 326 -26.74 -46.80 6.92
N PRO C 327 -27.17 -47.06 8.16
CA PRO C 327 -28.54 -46.67 8.54
C PRO C 327 -28.62 -45.17 8.32
N TYR C 328 -29.73 -44.69 7.76
CA TYR C 328 -29.87 -43.27 7.47
C TYR C 328 -31.24 -42.73 7.90
N MET C 329 -31.21 -41.70 8.75
CA MET C 329 -32.43 -41.06 9.21
C MET C 329 -32.54 -39.74 8.47
N VAL C 330 -33.63 -39.55 7.73
CA VAL C 330 -33.85 -38.32 6.96
C VAL C 330 -35.16 -37.67 7.39
N GLY C 331 -35.09 -36.43 7.87
CA GLY C 331 -36.30 -35.77 8.31
C GLY C 331 -36.47 -34.34 7.85
N ILE C 332 -37.70 -33.85 7.98
CA ILE C 332 -38.05 -32.49 7.60
C ILE C 332 -38.99 -31.93 8.65
N ASN C 333 -39.18 -30.62 8.61
CA ASN C 333 -40.09 -29.96 9.53
C ASN C 333 -41.36 -29.60 8.78
N LYS C 334 -42.46 -29.52 9.52
CA LYS C 334 -43.76 -29.21 8.92
C LYS C 334 -43.76 -27.98 8.00
N GLN C 335 -43.12 -26.90 8.44
CA GLN C 335 -43.06 -25.66 7.66
C GLN C 335 -41.63 -25.14 7.46
N GLU C 336 -40.86 -25.85 6.66
CA GLU C 336 -39.46 -25.48 6.40
C GLU C 336 -39.25 -24.06 5.90
N PHE C 337 -40.24 -23.51 5.20
CA PHE C 337 -40.13 -22.15 4.67
C PHE C 337 -41.15 -21.23 5.35
N GLY C 338 -41.50 -21.58 6.58
CA GLY C 338 -42.50 -20.83 7.34
C GLY C 338 -42.15 -19.45 7.86
N TRP C 339 -40.88 -19.17 8.15
CA TRP C 339 -40.53 -17.85 8.66
C TRP C 339 -39.04 -17.54 8.64
N LEU C 340 -38.25 -18.35 9.32
CA LEU C 340 -36.81 -18.14 9.42
C LEU C 340 -36.08 -17.88 8.10
N ILE C 341 -36.18 -18.80 7.15
CA ILE C 341 -35.48 -18.64 5.88
C ILE C 341 -35.95 -17.40 5.10
N PRO C 342 -37.27 -17.23 4.95
CA PRO C 342 -37.76 -16.06 4.22
C PRO C 342 -37.32 -14.76 4.91
N MET C 343 -37.25 -14.80 6.24
CA MET C 343 -36.84 -13.64 7.03
C MET C 343 -35.36 -13.35 6.79
N LEU C 344 -34.55 -14.38 6.87
CA LEU C 344 -33.12 -14.23 6.68
C LEU C 344 -32.78 -13.76 5.26
N MET C 345 -33.47 -14.31 4.26
CA MET C 345 -33.20 -13.95 2.87
C MET C 345 -33.91 -12.70 2.38
N SER C 346 -34.57 -11.99 3.29
CA SER C 346 -35.28 -10.76 2.94
C SER C 346 -36.35 -10.98 1.86
N TYR C 347 -37.16 -12.01 2.02
CA TYR C 347 -38.24 -12.30 1.06
C TYR C 347 -39.31 -11.21 1.17
N PRO C 348 -39.86 -10.78 0.02
CA PRO C 348 -40.90 -9.75 -0.02
C PRO C 348 -42.27 -10.32 0.32
N LEU C 349 -42.72 -10.18 1.57
CA LEU C 349 -44.02 -10.71 1.98
C LEU C 349 -44.67 -9.92 3.12
N SER C 350 -44.62 -8.60 3.02
CA SER C 350 -45.18 -7.73 4.05
C SER C 350 -46.69 -7.87 4.27
N GLU C 351 -47.46 -7.89 3.19
CA GLU C 351 -48.91 -7.96 3.27
C GLU C 351 -49.53 -9.24 3.83
N GLY C 352 -48.84 -10.37 3.72
CA GLY C 352 -49.39 -11.61 4.25
C GLY C 352 -50.39 -12.30 3.34
N GLN C 353 -50.93 -11.56 2.38
CA GLN C 353 -51.89 -12.12 1.43
C GLN C 353 -51.14 -12.32 0.11
N LEU C 354 -51.79 -12.96 -0.86
CA LEU C 354 -51.12 -13.20 -2.14
C LEU C 354 -52.02 -13.74 -3.24
N ASP C 355 -52.09 -13.00 -4.33
CA ASP C 355 -52.90 -13.42 -5.48
C ASP C 355 -51.98 -14.29 -6.33
N GLN C 356 -52.57 -15.16 -7.15
CA GLN C 356 -51.76 -16.04 -7.98
C GLN C 356 -50.82 -15.33 -8.94
N LYS C 357 -51.19 -14.13 -9.35
CA LYS C 357 -50.33 -13.36 -10.27
C LYS C 357 -49.04 -12.96 -9.56
N THR C 358 -49.16 -12.44 -8.35
CA THR C 358 -48.01 -12.02 -7.56
C THR C 358 -47.18 -13.25 -7.23
N ALA C 359 -47.87 -14.35 -6.95
CA ALA C 359 -47.24 -15.62 -6.61
C ALA C 359 -46.30 -16.09 -7.71
N MET C 360 -46.78 -16.06 -8.95
CA MET C 360 -45.98 -16.49 -10.09
C MET C 360 -44.72 -15.63 -10.24
N SER C 361 -44.85 -14.34 -9.94
CA SER C 361 -43.71 -13.44 -10.04
C SER C 361 -42.66 -13.75 -9.00
N LEU C 362 -43.11 -14.01 -7.77
CA LEU C 362 -42.20 -14.35 -6.69
C LEU C 362 -41.51 -15.68 -6.95
N LEU C 363 -42.26 -16.64 -7.50
CA LEU C 363 -41.71 -17.96 -7.78
C LEU C 363 -40.61 -17.87 -8.84
N TRP C 364 -40.77 -16.95 -9.78
CA TRP C 364 -39.76 -16.76 -10.82
C TRP C 364 -38.53 -16.15 -10.16
N LYS C 365 -38.74 -15.17 -9.28
CA LYS C 365 -37.65 -14.53 -8.58
C LYS C 365 -36.92 -15.50 -7.66
N SER C 366 -37.63 -16.54 -7.23
CA SER C 366 -37.07 -17.57 -6.35
C SER C 366 -36.32 -18.65 -7.14
N TYR C 367 -36.08 -18.41 -8.42
CA TYR C 367 -35.40 -19.38 -9.26
C TYR C 367 -34.13 -19.98 -8.64
N PRO C 368 -33.28 -19.16 -7.99
CA PRO C 368 -32.09 -19.78 -7.41
C PRO C 368 -32.39 -20.79 -6.31
N LEU C 369 -33.56 -20.67 -5.68
CA LEU C 369 -33.94 -21.58 -4.60
C LEU C 369 -34.73 -22.81 -5.06
N VAL C 370 -35.59 -22.63 -6.06
CA VAL C 370 -36.42 -23.75 -6.55
C VAL C 370 -36.13 -24.21 -7.97
N CYS C 371 -35.43 -23.40 -8.75
N CYS C 371 -35.61 -23.22 -9.07
CA CYS C 371 -35.06 -23.73 -10.13
CA CYS C 371 -35.01 -23.75 -10.26
C CYS C 371 -36.22 -24.22 -11.00
C CYS C 371 -36.10 -24.11 -11.28
N ILE C 372 -37.31 -23.46 -11.04
CA ILE C 372 -38.47 -23.81 -11.85
C ILE C 372 -38.50 -22.91 -13.08
N ALA C 373 -38.40 -23.52 -14.26
CA ALA C 373 -38.41 -22.78 -15.52
C ALA C 373 -39.64 -21.88 -15.55
N LYS C 374 -39.49 -20.69 -16.13
CA LYS C 374 -40.58 -19.73 -16.19
C LYS C 374 -41.85 -20.29 -16.86
N GLU C 375 -41.66 -21.11 -17.88
CA GLU C 375 -42.79 -21.70 -18.60
C GLU C 375 -43.54 -22.75 -17.78
N LEU C 376 -42.98 -23.13 -16.63
CA LEU C 376 -43.62 -24.12 -15.78
C LEU C 376 -44.23 -23.49 -14.53
N ILE C 377 -43.92 -22.22 -14.31
CA ILE C 377 -44.42 -21.49 -13.15
C ILE C 377 -45.94 -21.56 -13.00
N PRO C 378 -46.70 -21.26 -14.06
CA PRO C 378 -48.16 -21.32 -13.95
C PRO C 378 -48.68 -22.67 -13.46
N GLU C 379 -48.15 -23.76 -14.01
CA GLU C 379 -48.58 -25.11 -13.61
C GLU C 379 -48.33 -25.33 -12.12
N ALA C 380 -47.10 -25.06 -11.69
CA ALA C 380 -46.73 -25.24 -10.30
C ALA C 380 -47.57 -24.38 -9.38
N THR C 381 -47.77 -23.12 -9.77
CA THR C 381 -48.56 -22.20 -8.96
C THR C 381 -50.02 -22.63 -8.89
N GLU C 382 -50.59 -22.98 -10.04
CA GLU C 382 -51.98 -23.41 -10.12
C GLU C 382 -52.20 -24.67 -9.28
N LYS C 383 -51.19 -25.53 -9.26
CA LYS C 383 -51.25 -26.77 -8.49
C LYS C 383 -51.41 -26.54 -6.99
N TYR C 384 -50.65 -25.58 -6.45
CA TYR C 384 -50.70 -25.29 -5.03
C TYR C 384 -51.74 -24.24 -4.59
N LEU C 385 -51.92 -23.19 -5.38
CA LEU C 385 -52.84 -22.13 -4.99
C LEU C 385 -54.22 -22.16 -5.65
N GLY C 386 -54.34 -22.83 -6.79
CA GLY C 386 -55.61 -22.88 -7.49
C GLY C 386 -56.73 -23.62 -6.79
N GLY C 387 -56.46 -24.20 -5.63
CA GLY C 387 -57.48 -24.93 -4.92
C GLY C 387 -58.47 -24.10 -4.13
N THR C 388 -58.08 -22.88 -3.78
CA THR C 388 -58.96 -22.00 -3.01
C THR C 388 -58.63 -20.53 -3.23
N ASP C 389 -59.44 -19.66 -2.65
CA ASP C 389 -59.23 -18.23 -2.74
C ASP C 389 -58.66 -17.79 -1.40
N ASP C 390 -58.96 -16.58 -0.98
CA ASP C 390 -58.44 -16.09 0.29
C ASP C 390 -56.93 -15.99 0.16
N THR C 391 -56.48 -14.92 -0.49
CA THR C 391 -55.07 -14.66 -0.74
C THR C 391 -54.16 -14.87 0.47
N VAL C 392 -54.73 -14.90 1.67
CA VAL C 392 -53.90 -15.12 2.86
C VAL C 392 -53.56 -16.61 2.93
N LYS C 393 -54.48 -17.44 2.47
CA LYS C 393 -54.28 -18.88 2.47
C LYS C 393 -53.36 -19.27 1.31
N LYS C 394 -53.54 -18.59 0.18
CA LYS C 394 -52.72 -18.87 -1.00
C LYS C 394 -51.26 -18.63 -0.69
N LYS C 395 -50.96 -17.61 0.11
CA LYS C 395 -49.59 -17.30 0.46
C LYS C 395 -49.04 -18.42 1.34
N ASP C 396 -49.92 -19.05 2.10
CA ASP C 396 -49.51 -20.15 2.98
C ASP C 396 -49.18 -21.37 2.12
N LEU C 397 -49.97 -21.59 1.08
CA LEU C 397 -49.74 -22.70 0.18
C LEU C 397 -48.49 -22.41 -0.65
N PHE C 398 -48.22 -21.12 -0.83
CA PHE C 398 -47.05 -20.69 -1.58
C PHE C 398 -45.79 -21.08 -0.80
N LEU C 399 -45.83 -20.92 0.52
CA LEU C 399 -44.70 -21.27 1.36
C LEU C 399 -44.51 -22.79 1.40
N ASP C 400 -45.63 -23.52 1.31
CA ASP C 400 -45.57 -24.98 1.28
C ASP C 400 -44.92 -25.43 -0.02
N LEU C 401 -45.23 -24.72 -1.10
CA LEU C 401 -44.67 -25.04 -2.41
C LEU C 401 -43.14 -24.92 -2.36
N ILE C 402 -42.62 -23.80 -1.87
CA ILE C 402 -41.18 -23.60 -1.76
C ILE C 402 -40.55 -24.68 -0.88
N ALA C 403 -41.17 -24.94 0.28
CA ALA C 403 -40.67 -25.93 1.21
C ALA C 403 -40.59 -27.32 0.59
N ASP C 404 -41.61 -27.68 -0.19
CA ASP C 404 -41.65 -29.00 -0.82
C ASP C 404 -40.53 -29.17 -1.85
N VAL C 405 -40.28 -28.12 -2.62
CA VAL C 405 -39.25 -28.17 -3.66
C VAL C 405 -37.83 -28.19 -3.07
N MET C 406 -37.62 -27.41 -2.01
CA MET C 406 -36.31 -27.33 -1.37
C MET C 406 -36.00 -28.43 -0.38
N PHE C 407 -37.01 -28.88 0.37
CA PHE C 407 -36.77 -29.90 1.39
C PHE C 407 -37.59 -31.17 1.34
N GLY C 408 -38.91 -31.04 1.34
CA GLY C 408 -39.78 -32.20 1.34
C GLY C 408 -39.53 -33.25 0.26
N VAL C 409 -39.65 -32.85 -1.01
CA VAL C 409 -39.46 -33.78 -2.10
C VAL C 409 -38.03 -34.33 -2.18
N PRO C 410 -37.02 -33.46 -2.08
CA PRO C 410 -35.64 -33.95 -2.13
C PRO C 410 -35.37 -35.00 -1.05
N SER C 411 -35.86 -34.75 0.16
CA SER C 411 -35.67 -35.68 1.26
C SER C 411 -36.31 -37.04 1.05
N VAL C 412 -37.56 -37.07 0.58
CA VAL C 412 -38.22 -38.35 0.35
C VAL C 412 -37.53 -39.10 -0.80
N ILE C 413 -37.11 -38.37 -1.83
CA ILE C 413 -36.42 -38.99 -2.96
C ILE C 413 -35.11 -39.63 -2.50
N VAL C 414 -34.36 -38.94 -1.65
CA VAL C 414 -33.10 -39.49 -1.15
C VAL C 414 -33.38 -40.69 -0.25
N ALA C 415 -34.44 -40.59 0.55
CA ALA C 415 -34.81 -41.67 1.45
C ALA C 415 -35.19 -42.93 0.68
N ARG C 416 -35.98 -42.76 -0.38
CA ARG C 416 -36.41 -43.88 -1.21
C ARG C 416 -35.23 -44.59 -1.87
N ASN C 417 -34.29 -43.79 -2.40
CA ASN C 417 -33.11 -44.34 -3.05
C ASN C 417 -32.23 -45.10 -2.06
N HIS C 418 -32.07 -44.55 -0.87
CA HIS C 418 -31.25 -45.20 0.15
C HIS C 418 -31.91 -46.52 0.54
N ARG C 419 -33.23 -46.48 0.71
CA ARG C 419 -34.01 -47.66 1.06
C ARG C 419 -33.87 -48.74 -0.01
N ASP C 420 -34.03 -48.35 -1.27
CA ASP C 420 -33.94 -49.29 -2.37
C ASP C 420 -32.54 -49.86 -2.58
N ALA C 421 -31.57 -49.33 -1.85
CA ALA C 421 -30.20 -49.81 -1.94
C ALA C 421 -30.02 -50.91 -0.90
N GLY C 422 -31.07 -51.14 -0.12
CA GLY C 422 -31.02 -52.17 0.91
C GLY C 422 -30.54 -51.66 2.26
N ALA C 423 -30.34 -50.36 2.39
CA ALA C 423 -29.87 -49.81 3.65
C ALA C 423 -31.04 -49.42 4.56
N PRO C 424 -30.88 -49.58 5.87
CA PRO C 424 -31.96 -49.23 6.79
C PRO C 424 -32.21 -47.73 6.66
N THR C 425 -33.47 -47.35 6.52
CA THR C 425 -33.84 -45.95 6.36
C THR C 425 -35.01 -45.60 7.27
N TYR C 426 -34.99 -44.38 7.78
CA TYR C 426 -36.03 -43.87 8.67
C TYR C 426 -36.34 -42.43 8.31
N MET C 427 -37.60 -42.03 8.46
CA MET C 427 -38.01 -40.66 8.15
C MET C 427 -38.92 -40.09 9.22
N TYR C 428 -38.85 -38.77 9.40
CA TYR C 428 -39.71 -38.11 10.38
C TYR C 428 -40.14 -36.75 9.85
N GLU C 429 -41.22 -36.22 10.41
CA GLU C 429 -41.71 -34.90 10.06
C GLU C 429 -41.93 -34.23 11.41
N PHE C 430 -41.12 -33.23 11.70
CA PHE C 430 -41.19 -32.51 12.97
C PHE C 430 -42.22 -31.39 12.89
N GLN C 431 -43.21 -31.43 13.78
CA GLN C 431 -44.26 -30.41 13.82
C GLN C 431 -44.46 -29.92 15.25
N TYR C 432 -43.70 -28.90 15.64
CA TYR C 432 -43.80 -28.33 16.97
C TYR C 432 -43.20 -26.93 16.95
N ARG C 433 -43.72 -26.06 17.80
CA ARG C 433 -43.19 -24.71 17.87
C ARG C 433 -42.52 -24.51 19.22
N PRO C 434 -41.17 -24.46 19.24
CA PRO C 434 -40.46 -24.26 20.50
C PRO C 434 -40.67 -22.87 21.06
N SER C 435 -40.74 -22.76 22.39
CA SER C 435 -40.92 -21.49 23.04
C SER C 435 -39.65 -20.66 22.89
N PHE C 436 -38.57 -21.34 22.51
CA PHE C 436 -37.28 -20.69 22.33
C PHE C 436 -37.19 -19.98 20.97
N SER C 437 -38.25 -20.07 20.18
CA SER C 437 -38.29 -19.40 18.88
C SER C 437 -38.16 -17.90 19.07
N SER C 438 -37.90 -17.18 17.99
CA SER C 438 -37.77 -15.72 18.06
C SER C 438 -39.11 -15.09 18.44
N ASP C 439 -39.06 -14.02 19.21
CA ASP C 439 -40.27 -13.32 19.61
C ASP C 439 -40.97 -12.67 18.43
N MET C 440 -40.22 -12.43 17.35
CA MET C 440 -40.78 -11.81 16.15
C MET C 440 -41.46 -12.84 15.26
N LYS C 441 -41.42 -14.09 15.68
CA LYS C 441 -42.01 -15.20 14.93
C LYS C 441 -43.45 -15.45 15.38
N PRO C 442 -44.41 -15.37 14.44
CA PRO C 442 -45.83 -15.59 14.73
C PRO C 442 -46.11 -16.91 15.42
N LYS C 443 -47.06 -16.91 16.35
CA LYS C 443 -47.41 -18.12 17.08
C LYS C 443 -47.99 -19.16 16.13
N THR C 444 -48.42 -18.72 14.95
CA THR C 444 -49.01 -19.63 13.98
C THR C 444 -48.01 -20.45 13.17
N VAL C 445 -46.73 -20.10 13.26
CA VAL C 445 -45.71 -20.86 12.53
C VAL C 445 -45.32 -22.05 13.40
N ILE C 446 -45.56 -23.26 12.90
CA ILE C 446 -45.24 -24.46 13.65
C ILE C 446 -44.36 -25.39 12.84
N GLY C 447 -43.23 -25.78 13.41
CA GLY C 447 -42.32 -26.66 12.70
C GLY C 447 -41.56 -25.87 11.65
N ASP C 448 -41.06 -24.70 12.04
CA ASP C 448 -40.30 -23.87 11.14
C ASP C 448 -38.92 -24.50 10.99
N HIS C 449 -38.18 -24.07 9.98
CA HIS C 449 -36.84 -24.58 9.74
C HIS C 449 -36.02 -24.40 11.02
N GLY C 450 -35.38 -25.47 11.47
CA GLY C 450 -34.55 -25.40 12.67
C GLY C 450 -35.24 -25.64 14.01
N ASP C 451 -36.56 -25.74 14.03
CA ASP C 451 -37.28 -25.94 15.28
C ASP C 451 -36.93 -27.23 16.03
N GLU C 452 -36.54 -28.27 15.30
CA GLU C 452 -36.19 -29.54 15.95
C GLU C 452 -34.88 -29.48 16.74
N LEU C 453 -34.01 -28.53 16.42
CA LEU C 453 -32.72 -28.42 17.09
C LEU C 453 -32.80 -28.30 18.61
N PHE C 454 -33.74 -27.50 19.10
CA PHE C 454 -33.89 -27.32 20.54
C PHE C 454 -34.21 -28.63 21.25
N SER C 455 -34.90 -29.54 20.58
CA SER C 455 -35.23 -30.82 21.17
C SER C 455 -34.04 -31.77 21.07
N VAL C 456 -33.40 -31.77 19.91
CA VAL C 456 -32.24 -32.64 19.68
C VAL C 456 -31.10 -32.32 20.63
N PHE C 457 -30.82 -31.04 20.83
CA PHE C 457 -29.72 -30.65 21.71
C PHE C 457 -30.10 -30.36 23.15
N GLY C 458 -31.29 -30.78 23.55
CA GLY C 458 -31.73 -30.58 24.92
C GLY C 458 -31.72 -29.17 25.47
N ALA C 459 -32.13 -28.21 24.66
CA ALA C 459 -32.17 -26.83 25.11
C ALA C 459 -32.98 -26.69 26.41
N PRO C 460 -34.09 -27.45 26.53
CA PRO C 460 -34.89 -27.35 27.76
C PRO C 460 -34.11 -27.62 29.05
N PHE C 461 -32.95 -28.25 28.94
CA PHE C 461 -32.16 -28.55 30.13
C PHE C 461 -30.99 -27.60 30.32
N LEU C 462 -30.82 -26.68 29.39
CA LEU C 462 -29.74 -25.70 29.48
C LEU C 462 -30.34 -24.31 29.55
N LYS C 463 -31.45 -24.11 28.84
CA LYS C 463 -32.12 -22.83 28.84
C LYS C 463 -33.12 -22.78 29.97
N GLU C 464 -33.43 -21.56 30.39
CA GLU C 464 -34.38 -21.32 31.47
C GLU C 464 -35.78 -21.11 30.86
N GLY C 465 -36.81 -21.57 31.56
CA GLY C 465 -38.17 -21.37 31.08
C GLY C 465 -38.80 -22.23 30.00
N ALA C 466 -38.41 -23.50 29.90
CA ALA C 466 -39.02 -24.35 28.90
C ALA C 466 -40.34 -24.82 29.50
N SER C 467 -41.28 -25.23 28.64
CA SER C 467 -42.56 -25.71 29.13
C SER C 467 -42.34 -27.17 29.48
N GLU C 468 -43.20 -27.72 30.34
CA GLU C 468 -43.07 -29.11 30.74
C GLU C 468 -43.24 -30.00 29.51
N GLU C 469 -44.05 -29.54 28.55
CA GLU C 469 -44.28 -30.30 27.34
C GLU C 469 -43.03 -30.32 26.46
N GLU C 470 -42.27 -29.23 26.47
CA GLU C 470 -41.04 -29.14 25.67
C GLU C 470 -39.97 -30.06 26.24
N ILE C 471 -39.98 -30.19 27.57
CA ILE C 471 -39.01 -31.04 28.26
C ILE C 471 -39.19 -32.51 27.92
N ARG C 472 -40.43 -33.00 27.89
CA ARG C 472 -40.66 -34.39 27.56
C ARG C 472 -40.38 -34.63 26.07
N LEU C 473 -40.67 -33.62 25.25
CA LEU C 473 -40.43 -33.75 23.83
C LEU C 473 -38.93 -33.92 23.58
N SER C 474 -38.11 -33.13 24.27
CA SER C 474 -36.66 -33.21 24.12
C SER C 474 -36.08 -34.54 24.61
N LYS C 475 -36.59 -35.02 25.74
CA LYS C 475 -36.12 -36.29 26.29
C LYS C 475 -36.39 -37.39 25.28
N MET C 476 -37.57 -37.39 24.69
CA MET C 476 -37.95 -38.40 23.71
C MET C 476 -37.08 -38.29 22.44
N VAL C 477 -36.91 -37.08 21.93
CA VAL C 477 -36.11 -36.87 20.73
C VAL C 477 -34.66 -37.29 20.92
N MET C 478 -34.04 -36.90 22.04
CA MET C 478 -32.65 -37.28 22.30
C MET C 478 -32.53 -38.80 22.38
N LYS C 479 -33.53 -39.45 22.99
CA LYS C 479 -33.56 -40.91 23.12
C LYS C 479 -33.59 -41.58 21.76
N PHE C 480 -34.42 -41.07 20.87
CA PHE C 480 -34.52 -41.61 19.52
C PHE C 480 -33.18 -41.45 18.80
N TRP C 481 -32.65 -40.24 18.81
CA TRP C 481 -31.37 -39.96 18.16
C TRP C 481 -30.24 -40.82 18.73
N ALA C 482 -30.14 -40.88 20.06
CA ALA C 482 -29.08 -41.68 20.69
C ALA C 482 -29.25 -43.17 20.45
N ASN C 483 -30.51 -43.64 20.40
CA ASN C 483 -30.77 -45.05 20.15
C ASN C 483 -30.31 -45.36 18.73
N PHE C 484 -30.57 -44.43 17.82
CA PHE C 484 -30.20 -44.60 16.43
C PHE C 484 -28.69 -44.70 16.31
N ALA C 485 -27.99 -43.85 17.08
CA ALA C 485 -26.55 -43.84 17.06
C ALA C 485 -25.96 -45.18 17.51
N ARG C 486 -26.52 -45.77 18.57
CA ARG C 486 -25.97 -47.04 19.01
C ARG C 486 -26.48 -48.29 18.29
N ASN C 487 -27.69 -48.26 17.75
CA ASN C 487 -28.22 -49.44 17.07
C ASN C 487 -28.59 -49.26 15.61
N GLY C 488 -28.59 -48.03 15.11
CA GLY C 488 -28.97 -47.82 13.72
C GLY C 488 -30.48 -48.04 13.59
N ASN C 489 -31.15 -48.00 14.73
CA ASN C 489 -32.60 -48.17 14.85
C ASN C 489 -32.98 -47.24 16.01
N PRO C 490 -33.86 -46.26 15.77
CA PRO C 490 -34.26 -45.33 16.85
C PRO C 490 -35.15 -45.90 17.95
N ASN C 491 -35.81 -47.01 17.67
CA ASN C 491 -36.72 -47.60 18.64
C ASN C 491 -36.14 -48.02 19.98
N GLY C 492 -36.99 -47.98 21.01
CA GLY C 492 -36.56 -48.35 22.34
C GLY C 492 -37.72 -48.46 23.30
N GLU C 493 -37.42 -48.92 24.51
CA GLU C 493 -38.43 -49.10 25.54
C GLU C 493 -38.92 -47.73 26.01
N GLY C 494 -40.23 -47.57 26.12
CA GLY C 494 -40.80 -46.32 26.58
C GLY C 494 -40.92 -45.26 25.50
N LEU C 495 -40.70 -45.64 24.25
CA LEU C 495 -40.80 -44.70 23.15
C LEU C 495 -41.83 -45.16 22.14
N PRO C 496 -42.55 -44.22 21.50
CA PRO C 496 -43.54 -44.65 20.51
C PRO C 496 -42.84 -45.39 19.37
N HIS C 497 -43.54 -46.34 18.78
CA HIS C 497 -42.97 -47.12 17.68
C HIS C 497 -42.68 -46.29 16.44
N TRP C 498 -41.44 -46.34 15.99
CA TRP C 498 -41.01 -45.61 14.80
C TRP C 498 -40.82 -46.66 13.71
N PRO C 499 -41.72 -46.70 12.72
CA PRO C 499 -41.60 -47.68 11.65
C PRO C 499 -40.44 -47.42 10.70
N GLU C 500 -39.86 -48.50 10.18
CA GLU C 500 -38.75 -48.38 9.24
C GLU C 500 -39.36 -47.86 7.94
N TYR C 501 -38.62 -46.99 7.25
CA TYR C 501 -39.12 -46.45 6.00
C TYR C 501 -38.89 -47.48 4.90
N ASN C 502 -39.84 -48.40 4.76
CA ASN C 502 -39.73 -49.45 3.74
C ASN C 502 -40.69 -49.16 2.59
N GLN C 503 -41.19 -50.21 1.93
CA GLN C 503 -42.11 -50.03 0.82
C GLN C 503 -43.44 -49.43 1.29
N LYS C 504 -43.71 -49.55 2.59
CA LYS C 504 -44.95 -48.99 3.15
C LYS C 504 -44.71 -47.51 3.45
N GLU C 505 -43.45 -47.08 3.32
CA GLU C 505 -43.05 -45.70 3.55
C GLU C 505 -43.54 -45.11 4.86
N GLY C 506 -43.40 -45.86 5.93
CA GLY C 506 -43.82 -45.38 7.23
C GLY C 506 -42.82 -44.34 7.72
N TYR C 507 -43.30 -43.40 8.52
CA TYR C 507 -42.44 -42.35 9.08
C TYR C 507 -43.05 -41.88 10.39
N LEU C 508 -42.27 -41.15 11.19
CA LEU C 508 -42.76 -40.68 12.47
C LEU C 508 -43.10 -39.19 12.51
N GLN C 509 -44.33 -38.87 12.88
CA GLN C 509 -44.75 -37.48 13.01
C GLN C 509 -44.38 -37.12 14.44
N ILE C 510 -43.40 -36.24 14.59
CA ILE C 510 -42.94 -35.84 15.92
C ILE C 510 -43.52 -34.50 16.36
N GLY C 511 -44.02 -34.46 17.59
CA GLY C 511 -44.59 -33.22 18.11
C GLY C 511 -45.30 -33.44 19.43
N ALA C 512 -46.24 -32.55 19.77
CA ALA C 512 -47.00 -32.68 21.01
C ALA C 512 -47.49 -34.13 21.10
N ASN C 513 -48.07 -34.60 20.01
CA ASN C 513 -48.54 -35.98 19.90
C ASN C 513 -47.64 -36.63 18.85
N THR C 514 -46.93 -37.67 19.24
CA THR C 514 -46.04 -38.37 18.32
C THR C 514 -46.60 -39.74 17.96
N GLN C 515 -46.78 -39.98 16.67
CA GLN C 515 -47.31 -41.24 16.20
C GLN C 515 -46.83 -41.52 14.78
N ALA C 516 -46.84 -42.79 14.40
CA ALA C 516 -46.42 -43.19 13.06
C ALA C 516 -47.46 -42.87 12.01
N ALA C 517 -47.01 -42.74 10.77
CA ALA C 517 -47.88 -42.46 9.63
C ALA C 517 -47.21 -43.09 8.41
N GLN C 518 -47.82 -42.94 7.24
CA GLN C 518 -47.24 -43.51 6.02
C GLN C 518 -47.34 -42.56 4.83
N LYS C 519 -46.49 -42.82 3.83
CA LYS C 519 -46.43 -42.04 2.60
C LYS C 519 -46.23 -40.54 2.73
N LEU C 520 -45.07 -40.14 3.24
CA LEU C 520 -44.73 -38.74 3.41
C LEU C 520 -44.50 -38.08 2.05
N LYS C 521 -45.21 -36.98 1.78
CA LYS C 521 -45.07 -36.23 0.53
C LYS C 521 -45.22 -37.07 -0.74
N ASP C 522 -45.95 -38.18 -0.64
CA ASP C 522 -46.14 -39.07 -1.79
C ASP C 522 -46.61 -38.35 -3.05
N LYS C 523 -47.73 -37.62 -2.95
CA LYS C 523 -48.28 -36.90 -4.09
C LYS C 523 -47.40 -35.76 -4.57
N GLU C 524 -46.77 -35.06 -3.61
CA GLU C 524 -45.89 -33.96 -3.96
C GLU C 524 -44.72 -34.46 -4.82
N VAL C 525 -44.11 -35.56 -4.41
CA VAL C 525 -42.99 -36.12 -5.16
C VAL C 525 -43.40 -36.47 -6.60
N ALA C 526 -44.55 -37.12 -6.75
CA ALA C 526 -45.04 -37.50 -8.07
C ALA C 526 -45.24 -36.27 -8.96
N PHE C 527 -45.86 -35.24 -8.41
CA PHE C 527 -46.11 -34.01 -9.16
C PHE C 527 -44.83 -33.33 -9.66
N TRP C 528 -43.88 -33.13 -8.74
CA TRP C 528 -42.63 -32.47 -9.07
C TRP C 528 -41.72 -33.27 -9.98
N THR C 529 -41.63 -34.57 -9.75
CA THR C 529 -40.80 -35.42 -10.57
C THR C 529 -41.25 -35.29 -12.03
N ASN C 530 -42.57 -35.28 -12.23
CA ASN C 530 -43.12 -35.15 -13.57
C ASN C 530 -42.95 -33.75 -14.15
N LEU C 531 -43.19 -32.72 -13.35
CA LEU C 531 -43.04 -31.35 -13.81
C LEU C 531 -41.61 -31.06 -14.23
N PHE C 532 -40.66 -31.52 -13.41
CA PHE C 532 -39.24 -31.32 -13.69
C PHE C 532 -38.77 -32.20 -14.84
N ALA C 533 -39.57 -33.21 -15.17
CA ALA C 533 -39.21 -34.14 -16.24
C ALA C 533 -39.37 -33.48 -17.60
N LYS C 534 -40.28 -32.52 -17.70
CA LYS C 534 -40.51 -31.81 -18.95
C LYS C 534 -39.24 -31.15 -19.46
N SER D 3 36.37 41.59 -5.77
CA SER D 3 35.65 40.87 -6.82
C SER D 3 34.95 39.64 -6.25
N SER D 4 34.06 39.88 -5.28
CA SER D 4 33.32 38.80 -4.65
C SER D 4 32.13 38.41 -5.54
N PRO D 5 31.50 37.26 -5.25
CA PRO D 5 30.36 36.80 -6.05
C PRO D 5 29.24 37.84 -6.19
N PRO D 6 28.56 37.86 -7.33
CA PRO D 6 27.48 38.83 -7.53
C PRO D 6 26.22 38.48 -6.74
N VAL D 7 25.63 39.50 -6.13
CA VAL D 7 24.40 39.34 -5.35
C VAL D 7 23.40 40.34 -5.88
N VAL D 8 22.22 39.85 -6.26
CA VAL D 8 21.19 40.70 -6.81
C VAL D 8 19.92 40.62 -5.99
N ASP D 9 19.27 41.77 -5.80
CA ASP D 9 18.04 41.83 -5.03
C ASP D 9 16.87 41.75 -6.01
N THR D 10 16.07 40.71 -5.88
CA THR D 10 14.91 40.55 -6.76
C THR D 10 13.66 40.83 -5.93
N VAL D 11 12.51 40.85 -6.58
CA VAL D 11 11.27 41.11 -5.87
C VAL D 11 11.08 40.16 -4.67
N HIS D 12 11.34 38.87 -4.90
CA HIS D 12 11.16 37.87 -3.86
C HIS D 12 12.32 37.66 -2.90
N GLY D 13 13.44 38.32 -3.14
CA GLY D 13 14.59 38.17 -2.27
C GLY D 13 15.91 38.25 -3.00
N LYS D 14 17.00 38.18 -2.25
CA LYS D 14 18.35 38.26 -2.82
C LYS D 14 18.84 36.91 -3.37
N VAL D 15 19.55 36.97 -4.49
CA VAL D 15 20.09 35.75 -5.08
C VAL D 15 21.60 35.90 -5.33
N LEU D 16 22.34 34.87 -4.98
CA LEU D 16 23.79 34.86 -5.14
C LEU D 16 24.14 34.04 -6.38
N GLY D 17 24.99 34.60 -7.22
CA GLY D 17 25.41 33.91 -8.44
C GLY D 17 26.91 33.78 -8.48
N LYS D 18 27.46 33.70 -9.69
CA LYS D 18 28.90 33.57 -9.85
C LYS D 18 29.39 34.23 -11.14
N PHE D 19 30.61 34.75 -11.10
CA PHE D 19 31.22 35.37 -12.27
C PHE D 19 31.99 34.30 -13.03
N VAL D 20 31.87 34.35 -14.35
CA VAL D 20 32.56 33.41 -15.22
C VAL D 20 33.12 34.19 -16.39
N SER D 21 34.40 33.97 -16.68
CA SER D 21 35.03 34.69 -17.78
C SER D 21 35.17 33.79 -18.99
N LEU D 22 34.84 34.34 -20.15
CA LEU D 22 34.97 33.59 -21.40
C LEU D 22 36.32 33.98 -21.95
N GLU D 23 37.23 33.01 -22.01
CA GLU D 23 38.58 33.24 -22.49
C GLU D 23 38.66 34.18 -23.69
N GLY D 24 39.15 35.39 -23.46
CA GLY D 24 39.26 36.36 -24.53
C GLY D 24 38.50 37.64 -24.26
N PHE D 25 37.59 37.60 -23.28
CA PHE D 25 36.80 38.78 -22.95
C PHE D 25 37.15 39.39 -21.60
N ALA D 26 37.13 40.72 -21.55
CA ALA D 26 37.45 41.48 -20.36
C ALA D 26 36.40 41.34 -19.26
N GLN D 27 35.19 41.81 -19.56
CA GLN D 27 34.09 41.75 -18.60
C GLN D 27 33.57 40.32 -18.39
N PRO D 28 33.62 39.83 -17.14
CA PRO D 28 33.14 38.48 -16.85
C PRO D 28 31.61 38.47 -16.85
N VAL D 29 31.01 37.31 -17.05
CA VAL D 29 29.56 37.21 -17.06
C VAL D 29 29.03 36.73 -15.72
N ALA D 30 27.97 37.39 -15.23
CA ALA D 30 27.36 36.99 -13.97
C ALA D 30 26.33 35.93 -14.32
N ILE D 31 26.49 34.75 -13.75
CA ILE D 31 25.60 33.64 -14.02
C ILE D 31 24.78 33.26 -12.79
N PHE D 32 23.48 33.08 -12.99
CA PHE D 32 22.60 32.71 -11.89
C PHE D 32 21.84 31.48 -12.33
N LEU D 33 22.01 30.38 -11.61
CA LEU D 33 21.36 29.13 -11.96
C LEU D 33 20.24 28.74 -10.99
N GLY D 34 19.14 28.26 -11.55
CA GLY D 34 18.03 27.82 -10.73
C GLY D 34 17.25 28.86 -9.94
N ILE D 35 16.88 29.97 -10.56
CA ILE D 35 16.09 30.96 -9.86
C ILE D 35 14.64 30.52 -10.05
N PRO D 36 13.87 30.36 -8.96
CA PRO D 36 12.47 29.94 -9.10
C PRO D 36 11.59 31.09 -9.57
N PHE D 37 10.76 30.86 -10.58
CA PHE D 37 9.87 31.91 -11.06
C PHE D 37 8.41 31.62 -10.73
N ALA D 38 8.18 30.49 -10.07
CA ALA D 38 6.84 30.10 -9.66
C ALA D 38 6.95 29.18 -8.44
N LYS D 39 5.81 28.87 -7.85
CA LYS D 39 5.74 27.99 -6.71
C LYS D 39 5.79 26.58 -7.29
N PRO D 40 6.52 25.66 -6.65
CA PRO D 40 6.62 24.27 -7.12
C PRO D 40 5.22 23.67 -7.30
N PRO D 41 4.87 23.24 -8.52
CA PRO D 41 3.56 22.65 -8.83
C PRO D 41 3.37 21.22 -8.33
N LEU D 42 3.49 21.04 -7.02
CA LEU D 42 3.36 19.74 -6.37
C LEU D 42 1.98 19.57 -5.74
N GLY D 43 1.60 18.33 -5.48
CA GLY D 43 0.33 18.05 -4.85
C GLY D 43 -0.89 18.59 -5.59
N PRO D 44 -1.70 19.43 -4.92
CA PRO D 44 -2.89 20.01 -5.56
C PRO D 44 -2.58 20.98 -6.70
N LEU D 45 -1.32 21.40 -6.80
CA LEU D 45 -0.93 22.33 -7.85
C LEU D 45 -0.69 21.64 -9.19
N ARG D 46 -0.68 20.32 -9.20
CA ARG D 46 -0.48 19.60 -10.45
C ARG D 46 -1.71 19.87 -11.31
N PHE D 47 -1.50 20.08 -12.60
CA PHE D 47 -2.59 20.37 -13.54
C PHE D 47 -3.34 21.66 -13.20
N THR D 48 -2.62 22.68 -12.73
CA THR D 48 -3.22 23.98 -12.43
C THR D 48 -2.25 25.06 -12.89
N PRO D 49 -2.74 26.29 -13.09
CA PRO D 49 -1.86 27.37 -13.52
C PRO D 49 -0.73 27.59 -12.51
N PRO D 50 0.42 28.08 -12.95
CA PRO D 50 1.49 28.29 -11.98
C PRO D 50 1.18 29.48 -11.07
N GLN D 51 1.56 29.39 -9.80
CA GLN D 51 1.32 30.48 -8.87
C GLN D 51 2.67 31.16 -8.61
N PRO D 52 2.65 32.39 -8.08
CA PRO D 52 3.89 33.13 -7.80
C PRO D 52 4.75 32.40 -6.77
N ALA D 53 6.06 32.56 -6.88
CA ALA D 53 6.97 31.92 -5.94
C ALA D 53 6.91 32.65 -4.61
N GLU D 54 7.02 31.91 -3.51
CA GLU D 54 6.99 32.54 -2.19
C GLU D 54 8.31 33.26 -1.95
N PRO D 55 8.26 34.45 -1.31
CA PRO D 55 9.47 35.22 -1.04
C PRO D 55 10.36 34.52 -0.02
N TRP D 56 11.66 34.83 -0.05
CA TRP D 56 12.60 34.21 0.88
C TRP D 56 13.45 35.23 1.62
N SER D 57 13.97 34.82 2.77
CA SER D 57 14.81 35.68 3.59
C SER D 57 16.27 35.39 3.25
N PHE D 58 17.17 36.26 3.69
CA PHE D 58 18.58 36.06 3.44
C PHE D 58 18.92 35.97 1.96
N VAL D 59 19.97 35.24 1.62
CA VAL D 59 20.41 35.11 0.24
C VAL D 59 20.25 33.71 -0.31
N LYS D 60 19.54 33.59 -1.42
CA LYS D 60 19.35 32.29 -2.05
C LYS D 60 20.56 31.99 -2.92
N ASN D 61 21.15 30.82 -2.76
CA ASN D 61 22.31 30.42 -3.54
C ASN D 61 21.86 29.93 -4.91
N ALA D 62 22.29 30.62 -5.96
CA ALA D 62 21.90 30.24 -7.33
C ALA D 62 23.12 29.87 -8.15
N THR D 63 23.80 28.80 -7.74
CA THR D 63 24.98 28.36 -8.46
C THR D 63 24.98 26.88 -8.79
N SER D 64 23.82 26.25 -8.72
CA SER D 64 23.71 24.84 -9.05
C SER D 64 22.58 24.67 -10.04
N TYR D 65 22.76 23.78 -11.01
CA TYR D 65 21.74 23.56 -12.02
C TYR D 65 20.49 22.96 -11.38
N PRO D 66 19.31 23.48 -11.74
CA PRO D 66 18.08 22.95 -11.18
C PRO D 66 17.75 21.63 -11.86
N PRO D 67 16.84 20.85 -11.27
CA PRO D 67 16.51 19.59 -11.92
C PRO D 67 15.70 19.92 -13.17
N MET D 68 15.56 18.96 -14.08
CA MET D 68 14.75 19.19 -15.26
C MET D 68 13.38 18.58 -14.95
N CYS D 69 12.34 19.07 -15.62
CA CYS D 69 10.99 18.54 -15.37
C CYS D 69 10.92 17.05 -15.66
N THR D 70 10.12 16.33 -14.87
CA THR D 70 9.97 14.89 -15.03
C THR D 70 9.76 14.52 -16.51
N GLN D 71 10.51 13.53 -16.96
CA GLN D 71 10.45 13.07 -18.35
C GLN D 71 11.22 11.76 -18.46
N ASP D 72 11.09 11.09 -19.59
CA ASP D 72 11.83 9.85 -19.83
C ASP D 72 13.29 10.26 -19.59
N PRO D 73 13.93 9.71 -18.56
CA PRO D 73 15.33 10.08 -18.27
C PRO D 73 16.34 9.72 -19.34
N LYS D 74 16.14 8.60 -20.03
CA LYS D 74 17.07 8.18 -21.07
C LYS D 74 16.90 9.09 -22.28
N ALA D 75 15.66 9.28 -22.69
CA ALA D 75 15.35 10.13 -23.82
C ALA D 75 15.87 11.54 -23.57
N GLY D 76 15.58 12.04 -22.37
CA GLY D 76 16.02 13.37 -21.99
C GLY D 76 17.53 13.55 -21.97
N GLN D 77 18.27 12.61 -21.41
CA GLN D 77 19.72 12.78 -21.38
C GLN D 77 20.30 12.70 -22.78
N LEU D 78 19.75 11.82 -23.61
CA LEU D 78 20.23 11.68 -24.98
C LEU D 78 20.06 13.00 -25.74
N LEU D 79 18.89 13.60 -25.65
CA LEU D 79 18.65 14.87 -26.34
C LEU D 79 19.59 15.95 -25.85
N SER D 80 19.79 16.00 -24.53
CA SER D 80 20.66 17.01 -23.95
C SER D 80 22.10 16.87 -24.47
N GLU D 81 22.57 15.63 -24.59
CA GLU D 81 23.92 15.37 -25.09
C GLU D 81 24.04 15.83 -26.54
N LEU D 82 23.00 15.58 -27.32
CA LEU D 82 22.98 15.93 -28.73
C LEU D 82 22.83 17.42 -29.04
N PHE D 83 22.18 18.17 -28.16
CA PHE D 83 21.94 19.60 -28.38
C PHE D 83 22.79 20.57 -27.57
N THR D 84 23.41 20.12 -26.50
CA THR D 84 24.19 21.04 -25.68
C THR D 84 25.35 21.69 -26.41
N ASN D 85 25.58 22.96 -26.12
CA ASN D 85 26.65 23.72 -26.75
C ASN D 85 27.92 23.74 -25.88
N ARG D 86 27.85 23.15 -24.69
CA ARG D 86 29.00 23.15 -23.81
C ARG D 86 29.90 21.93 -24.05
N LYS D 87 31.17 22.05 -23.66
CA LYS D 87 32.15 20.99 -23.87
C LYS D 87 31.71 19.65 -23.30
N GLU D 88 31.21 19.65 -22.08
CA GLU D 88 30.77 18.42 -21.43
C GLU D 88 29.29 18.49 -21.07
N ASN D 89 28.52 17.46 -21.41
CA ASN D 89 27.11 17.49 -21.06
C ASN D 89 27.01 17.29 -19.55
N ILE D 90 26.14 18.07 -18.93
CA ILE D 90 25.95 18.01 -17.49
C ILE D 90 24.78 17.11 -17.13
N PRO D 91 25.02 16.11 -16.27
CA PRO D 91 23.95 15.19 -15.87
C PRO D 91 22.91 15.98 -15.07
N LEU D 92 21.64 15.73 -15.34
CA LEU D 92 20.58 16.45 -14.63
C LEU D 92 19.65 15.52 -13.88
N LYS D 93 19.11 16.01 -12.77
CA LYS D 93 18.17 15.25 -11.97
C LYS D 93 16.76 15.52 -12.47
N LEU D 94 15.82 14.62 -12.16
CA LEU D 94 14.43 14.78 -12.56
C LEU D 94 13.62 15.24 -11.36
N SER D 95 12.59 16.05 -11.62
CA SER D 95 11.72 16.51 -10.54
C SER D 95 10.51 17.29 -11.05
N GLU D 96 9.42 17.23 -10.30
CA GLU D 96 8.22 17.98 -10.64
C GLU D 96 8.48 19.42 -10.19
N ASP D 97 9.44 19.58 -9.28
CA ASP D 97 9.84 20.91 -8.80
C ASP D 97 10.87 21.34 -9.82
N CYS D 98 10.40 21.94 -10.92
CA CYS D 98 11.29 22.34 -12.01
C CYS D 98 11.04 23.70 -12.64
N LEU D 99 10.22 24.54 -12.01
CA LEU D 99 9.94 25.85 -12.59
C LEU D 99 11.02 26.84 -12.21
N TYR D 100 12.14 26.73 -12.90
CA TYR D 100 13.31 27.57 -12.69
C TYR D 100 13.81 28.14 -13.99
N LEU D 101 14.61 29.19 -13.89
CA LEU D 101 15.23 29.80 -15.06
C LEU D 101 16.68 30.11 -14.70
N ASN D 102 17.53 30.16 -15.71
CA ASN D 102 18.94 30.47 -15.53
C ASN D 102 19.22 31.78 -16.25
N ILE D 103 20.03 32.64 -15.63
CA ILE D 103 20.34 33.93 -16.22
C ILE D 103 21.84 34.14 -16.47
N TYR D 104 22.16 34.70 -17.63
CA TYR D 104 23.54 34.99 -18.03
C TYR D 104 23.58 36.46 -18.42
N THR D 105 24.15 37.31 -17.56
CA THR D 105 24.21 38.73 -17.87
C THR D 105 25.63 39.28 -17.93
N PRO D 106 25.97 39.98 -19.02
CA PRO D 106 27.28 40.57 -19.23
C PRO D 106 27.30 42.02 -18.72
N ALA D 107 26.23 42.42 -18.08
CA ALA D 107 26.14 43.79 -17.58
C ALA D 107 26.97 44.01 -16.33
N ASP D 108 27.42 45.25 -16.14
CA ASP D 108 28.17 45.59 -14.94
C ASP D 108 27.09 45.91 -13.93
N LEU D 109 26.83 44.98 -13.02
CA LEU D 109 25.79 45.14 -12.03
C LEU D 109 26.01 46.24 -11.01
N THR D 110 27.21 46.84 -11.01
CA THR D 110 27.52 47.92 -10.08
C THR D 110 26.93 49.22 -10.62
N LYS D 111 26.60 49.20 -11.90
CA LYS D 111 26.00 50.35 -12.58
C LYS D 111 24.63 49.91 -13.06
N LYS D 112 23.86 50.82 -13.63
CA LYS D 112 22.55 50.45 -14.15
C LYS D 112 22.66 50.25 -15.65
N ASN D 113 22.19 49.10 -16.12
CA ASN D 113 22.23 48.81 -17.54
C ASN D 113 20.83 48.50 -18.04
N ARG D 114 20.63 48.64 -19.35
CA ARG D 114 19.34 48.42 -19.97
C ARG D 114 19.60 47.62 -21.24
N LEU D 115 20.16 46.43 -21.08
CA LEU D 115 20.51 45.58 -22.22
C LEU D 115 19.35 44.76 -22.77
N PRO D 116 19.37 44.46 -24.07
CA PRO D 116 18.27 43.66 -24.62
C PRO D 116 18.30 42.30 -23.95
N VAL D 117 17.12 41.71 -23.76
CA VAL D 117 16.99 40.41 -23.13
C VAL D 117 16.52 39.36 -24.12
N MET D 118 17.17 38.20 -24.11
CA MET D 118 16.79 37.11 -25.00
C MET D 118 16.40 35.92 -24.12
N VAL D 119 15.12 35.55 -24.19
CA VAL D 119 14.58 34.44 -23.41
C VAL D 119 14.45 33.20 -24.29
N TRP D 120 15.20 32.15 -23.94
CA TRP D 120 15.22 30.90 -24.69
C TRP D 120 14.24 29.85 -24.19
N ILE D 121 13.46 29.29 -25.11
CA ILE D 121 12.51 28.23 -24.78
C ILE D 121 12.96 26.97 -25.51
N HIS D 122 13.42 25.98 -24.75
CA HIS D 122 13.94 24.73 -25.33
C HIS D 122 12.91 23.83 -25.99
N GLY D 123 13.40 23.01 -26.92
CA GLY D 123 12.56 22.05 -27.62
C GLY D 123 12.60 20.69 -26.94
N GLY D 124 11.98 19.70 -27.57
CA GLY D 124 11.92 18.36 -27.01
C GLY D 124 10.50 17.83 -27.11
N GLY D 125 9.76 18.34 -28.09
CA GLY D 125 8.39 17.91 -28.32
C GLY D 125 7.41 18.06 -27.17
N LEU D 126 7.70 19.03 -26.29
CA LEU D 126 6.86 19.29 -25.13
C LEU D 126 6.85 18.08 -24.20
N MET D 127 7.75 17.13 -24.46
CA MET D 127 7.84 15.89 -23.67
C MET D 127 9.16 15.73 -22.92
N VAL D 128 10.25 16.26 -23.48
CA VAL D 128 11.56 16.18 -22.85
C VAL D 128 12.29 17.50 -23.02
N GLY D 129 13.51 17.58 -22.46
CA GLY D 129 14.30 18.79 -22.58
C GLY D 129 14.58 19.47 -21.26
N ALA D 130 15.47 20.45 -21.29
CA ALA D 130 15.85 21.21 -20.10
C ALA D 130 16.53 22.49 -20.52
N ALA D 131 16.46 23.50 -19.66
CA ALA D 131 17.09 24.78 -19.94
C ALA D 131 18.61 24.70 -19.77
N SER D 132 19.06 23.92 -18.78
CA SER D 132 20.48 23.79 -18.46
C SER D 132 21.34 23.20 -19.58
N THR D 133 20.68 22.59 -20.55
CA THR D 133 21.35 22.01 -21.71
C THR D 133 22.04 23.13 -22.49
N TYR D 134 21.47 24.33 -22.41
CA TYR D 134 22.00 25.48 -23.17
C TYR D 134 22.75 26.49 -22.31
N ASP D 135 24.02 26.72 -22.66
CA ASP D 135 24.87 27.66 -21.93
C ASP D 135 24.80 29.02 -22.62
N GLY D 136 24.35 30.04 -21.89
CA GLY D 136 24.23 31.36 -22.49
C GLY D 136 25.46 32.24 -22.40
N LEU D 137 26.54 31.72 -21.82
CA LEU D 137 27.78 32.48 -21.66
C LEU D 137 28.30 33.17 -22.92
N ALA D 138 28.50 32.40 -23.98
CA ALA D 138 29.05 32.91 -25.23
C ALA D 138 28.16 33.95 -25.92
N LEU D 139 26.87 33.67 -26.01
CA LEU D 139 25.96 34.60 -26.65
C LEU D 139 25.93 35.91 -25.87
N ALA D 140 25.81 35.81 -24.56
CA ALA D 140 25.75 36.98 -23.72
C ALA D 140 27.04 37.81 -23.83
N ALA D 141 28.18 37.14 -23.82
CA ALA D 141 29.48 37.84 -23.89
C ALA D 141 29.78 38.50 -25.24
N HIS D 142 29.55 37.74 -26.31
CA HIS D 142 29.81 38.25 -27.65
C HIS D 142 28.85 39.35 -28.10
N GLU D 143 27.58 39.23 -27.72
CA GLU D 143 26.60 40.20 -28.16
C GLU D 143 26.07 41.22 -27.17
N ASN D 144 26.54 41.15 -25.94
CA ASN D 144 26.12 42.09 -24.92
C ASN D 144 24.60 42.09 -24.73
N VAL D 145 24.04 40.92 -24.50
CA VAL D 145 22.61 40.77 -24.26
C VAL D 145 22.45 39.88 -23.03
N VAL D 146 21.34 40.01 -22.33
CA VAL D 146 21.08 39.18 -21.17
C VAL D 146 20.36 37.94 -21.68
N VAL D 147 20.94 36.77 -21.44
CA VAL D 147 20.32 35.53 -21.89
C VAL D 147 19.65 34.80 -20.74
N VAL D 148 18.37 34.47 -20.93
CA VAL D 148 17.60 33.76 -19.92
C VAL D 148 17.10 32.44 -20.51
N THR D 149 17.35 31.33 -19.83
CA THR D 149 16.87 30.05 -20.32
C THR D 149 15.83 29.58 -19.29
N ILE D 150 14.64 29.26 -19.77
CA ILE D 150 13.56 28.87 -18.89
C ILE D 150 13.10 27.42 -19.02
N GLN D 151 12.48 26.93 -17.96
CA GLN D 151 11.93 25.59 -17.97
C GLN D 151 10.43 25.70 -17.83
N TYR D 152 9.72 24.64 -18.19
CA TYR D 152 8.27 24.61 -18.16
C TYR D 152 7.82 23.16 -18.06
N ARG D 153 6.69 22.92 -17.38
CA ARG D 153 6.21 21.54 -17.23
C ARG D 153 6.09 20.82 -18.57
N LEU D 154 6.48 19.55 -18.57
CA LEU D 154 6.46 18.74 -19.78
C LEU D 154 5.56 17.53 -19.66
N GLY D 155 5.28 16.91 -20.81
CA GLY D 155 4.46 15.71 -20.85
C GLY D 155 3.12 15.80 -20.15
N ILE D 156 2.79 14.74 -19.41
CA ILE D 156 1.54 14.68 -18.65
C ILE D 156 1.41 15.88 -17.72
N TRP D 157 2.49 16.19 -17.00
CA TRP D 157 2.50 17.30 -16.05
C TRP D 157 2.22 18.66 -16.69
N GLY D 158 2.74 18.87 -17.89
CA GLY D 158 2.54 20.15 -18.54
C GLY D 158 1.41 20.24 -19.55
N PHE D 159 0.90 19.11 -20.01
CA PHE D 159 -0.13 19.18 -21.02
C PHE D 159 -1.35 18.27 -20.91
N PHE D 160 -1.51 17.60 -19.77
CA PHE D 160 -2.68 16.75 -19.61
C PHE D 160 -3.91 17.63 -19.72
N SER D 161 -4.86 17.23 -20.56
CA SER D 161 -6.09 17.99 -20.78
C SER D 161 -7.33 17.10 -20.90
N THR D 162 -8.40 17.48 -20.23
CA THR D 162 -9.66 16.74 -20.30
C THR D 162 -10.59 17.46 -21.28
N GLY D 163 -10.11 18.55 -21.85
CA GLY D 163 -10.94 19.30 -22.79
C GLY D 163 -11.99 20.15 -22.12
N ASP D 164 -11.89 20.32 -20.80
CA ASP D 164 -12.84 21.14 -20.07
C ASP D 164 -12.22 21.85 -18.86
N GLU D 165 -13.06 22.46 -18.03
CA GLU D 165 -12.57 23.22 -16.90
C GLU D 165 -11.84 22.47 -15.80
N HIS D 166 -12.06 21.16 -15.68
CA HIS D 166 -11.37 20.40 -14.64
C HIS D 166 -9.88 20.25 -14.94
N SER D 167 -9.52 20.37 -16.21
CA SER D 167 -8.12 20.30 -16.63
C SER D 167 -8.02 20.82 -18.05
N ARG D 168 -8.03 22.15 -18.16
CA ARG D 168 -7.97 22.82 -19.46
C ARG D 168 -6.77 22.42 -20.30
N GLY D 169 -5.60 22.38 -19.67
CA GLY D 169 -4.38 22.02 -20.37
C GLY D 169 -3.42 23.18 -20.53
N ASN D 170 -2.40 22.98 -21.36
CA ASN D 170 -1.39 23.99 -21.63
C ASN D 170 -0.66 24.53 -20.39
N TRP D 171 -0.57 23.72 -19.35
CA TRP D 171 0.11 24.15 -18.13
C TRP D 171 1.55 24.60 -18.44
N GLY D 172 2.18 23.94 -19.41
CA GLY D 172 3.56 24.28 -19.76
C GLY D 172 3.66 25.64 -20.44
N HIS D 173 2.66 25.99 -21.23
CA HIS D 173 2.68 27.28 -21.91
C HIS D 173 2.40 28.38 -20.87
N LEU D 174 1.60 28.05 -19.86
CA LEU D 174 1.29 28.99 -18.80
C LEU D 174 2.54 29.26 -17.97
N ASP D 175 3.42 28.26 -17.86
CA ASP D 175 4.67 28.43 -17.13
C ASP D 175 5.58 29.35 -17.94
N GLN D 176 5.56 29.21 -19.26
CA GLN D 176 6.37 30.07 -20.12
C GLN D 176 5.92 31.53 -19.92
N VAL D 177 4.60 31.74 -19.83
CA VAL D 177 4.07 33.07 -19.61
C VAL D 177 4.51 33.56 -18.23
N ALA D 178 4.41 32.70 -17.22
CA ALA D 178 4.82 33.08 -15.88
C ALA D 178 6.31 33.46 -15.87
N ALA D 179 7.13 32.73 -16.60
CA ALA D 179 8.56 33.06 -16.64
C ALA D 179 8.75 34.43 -17.26
N LEU D 180 8.01 34.73 -18.32
CA LEU D 180 8.11 36.02 -18.98
C LEU D 180 7.62 37.15 -18.09
N ARG D 181 6.63 36.86 -17.23
CA ARG D 181 6.12 37.87 -16.31
C ARG D 181 7.21 38.13 -15.28
N TRP D 182 7.89 37.07 -14.86
CA TRP D 182 8.96 37.21 -13.90
C TRP D 182 10.05 38.09 -14.51
N VAL D 183 10.37 37.85 -15.79
CA VAL D 183 11.40 38.64 -16.46
C VAL D 183 11.01 40.12 -16.46
N GLN D 184 9.74 40.40 -16.75
CA GLN D 184 9.26 41.78 -16.80
C GLN D 184 9.45 42.43 -15.41
N ASP D 185 9.14 41.68 -14.36
CA ASP D 185 9.22 42.19 -13.00
C ASP D 185 10.61 42.23 -12.35
N ASN D 186 11.55 41.43 -12.85
CA ASN D 186 12.88 41.36 -12.22
C ASN D 186 14.13 41.59 -13.06
N ILE D 187 14.02 41.44 -14.38
CA ILE D 187 15.20 41.56 -15.22
C ILE D 187 16.01 42.84 -15.11
N ALA D 188 15.36 43.95 -14.75
CA ALA D 188 16.09 45.20 -14.60
C ALA D 188 17.23 45.05 -13.56
N SER D 189 17.00 44.23 -12.54
CA SER D 189 18.01 44.00 -11.50
C SER D 189 19.23 43.27 -12.04
N PHE D 190 19.08 42.60 -13.18
CA PHE D 190 20.20 41.87 -13.78
C PHE D 190 20.77 42.64 -14.96
N GLY D 191 20.46 43.93 -15.03
CA GLY D 191 20.97 44.77 -16.10
C GLY D 191 20.22 44.68 -17.42
N GLY D 192 19.05 44.05 -17.40
CA GLY D 192 18.27 43.92 -18.62
C GLY D 192 17.15 44.94 -18.74
N ASN D 193 16.74 45.20 -19.98
CA ASN D 193 15.65 46.14 -20.28
C ASN D 193 14.34 45.38 -20.44
N PRO D 194 13.43 45.48 -19.45
CA PRO D 194 12.15 44.77 -19.59
C PRO D 194 11.36 45.30 -20.79
N GLY D 195 11.77 46.45 -21.30
CA GLY D 195 11.12 47.05 -22.45
C GLY D 195 11.63 46.49 -23.77
N SER D 196 12.57 45.54 -23.72
CA SER D 196 13.10 44.95 -24.94
C SER D 196 13.44 43.48 -24.73
N VAL D 197 12.40 42.64 -24.72
CA VAL D 197 12.55 41.22 -24.52
C VAL D 197 12.28 40.45 -25.81
N THR D 198 13.22 39.59 -26.20
CA THR D 198 13.07 38.79 -27.40
C THR D 198 12.90 37.34 -26.97
N ILE D 199 11.86 36.67 -27.46
CA ILE D 199 11.70 35.27 -27.11
C ILE D 199 12.14 34.46 -28.32
N PHE D 200 12.89 33.39 -28.08
CA PHE D 200 13.32 32.54 -29.18
C PHE D 200 13.34 31.11 -28.69
N GLY D 201 13.11 30.18 -29.60
CA GLY D 201 13.09 28.79 -29.22
C GLY D 201 13.14 27.93 -30.46
N GLU D 202 13.47 26.66 -30.28
CA GLU D 202 13.59 25.75 -31.40
C GLU D 202 12.68 24.54 -31.23
N SER D 203 12.13 24.09 -32.37
CA SER D 203 11.23 22.95 -32.42
C SER D 203 10.01 23.23 -31.54
N ALA D 204 9.75 22.41 -30.51
CA ALA D 204 8.60 22.66 -29.64
C ALA D 204 8.77 24.03 -28.99
N GLY D 205 10.02 24.48 -28.87
CA GLY D 205 10.29 25.79 -28.30
C GLY D 205 9.91 26.85 -29.32
N GLY D 206 10.08 26.52 -30.60
CA GLY D 206 9.71 27.45 -31.66
C GLY D 206 8.19 27.49 -31.75
N GLU D 207 7.56 26.34 -31.57
CA GLU D 207 6.11 26.25 -31.59
C GLU D 207 5.57 27.09 -30.41
N SER D 208 6.23 26.98 -29.26
CA SER D 208 5.83 27.74 -28.07
C SER D 208 5.86 29.25 -28.34
N VAL D 209 6.96 29.73 -28.93
CA VAL D 209 7.09 31.14 -29.26
C VAL D 209 5.91 31.55 -30.17
N SER D 210 5.59 30.71 -31.14
CA SER D 210 4.50 30.97 -32.09
C SER D 210 3.15 31.06 -31.37
N VAL D 211 2.93 30.16 -30.41
CA VAL D 211 1.70 30.14 -29.63
C VAL D 211 1.62 31.41 -28.79
N LEU D 212 2.74 31.81 -28.19
CA LEU D 212 2.75 33.03 -27.37
C LEU D 212 2.43 34.26 -28.22
N VAL D 213 2.89 34.26 -29.46
CA VAL D 213 2.62 35.36 -30.38
C VAL D 213 1.09 35.44 -30.62
N LEU D 214 0.41 34.30 -30.57
CA LEU D 214 -1.02 34.25 -30.80
C LEU D 214 -1.89 34.28 -29.54
N SER D 215 -1.27 34.40 -28.37
CA SER D 215 -2.01 34.40 -27.12
C SER D 215 -2.16 35.77 -26.46
N PRO D 216 -3.38 36.09 -26.02
CA PRO D 216 -3.63 37.38 -25.35
C PRO D 216 -2.92 37.46 -24.00
N LEU D 217 -2.63 36.30 -23.42
CA LEU D 217 -1.96 36.27 -22.12
C LEU D 217 -0.52 36.79 -22.19
N ALA D 218 0.08 36.75 -23.37
CA ALA D 218 1.46 37.19 -23.50
C ALA D 218 1.66 38.63 -23.94
N LYS D 219 0.57 39.40 -23.96
CA LYS D 219 0.67 40.80 -24.37
C LYS D 219 1.58 41.54 -23.39
N ASN D 220 2.45 42.38 -23.93
CA ASN D 220 3.37 43.16 -23.11
C ASN D 220 4.50 42.34 -22.51
N LEU D 221 4.62 41.08 -22.89
CA LEU D 221 5.68 40.23 -22.32
C LEU D 221 6.93 40.09 -23.19
N PHE D 222 6.83 40.47 -24.46
CA PHE D 222 7.97 40.40 -25.36
C PHE D 222 7.80 41.40 -26.50
N HIS D 223 8.91 41.75 -27.16
CA HIS D 223 8.89 42.75 -28.23
C HIS D 223 9.46 42.29 -29.56
N ARG D 224 9.98 41.07 -29.58
CA ARG D 224 10.53 40.43 -30.79
C ARG D 224 10.36 38.94 -30.57
N ALA D 225 10.28 38.18 -31.65
CA ALA D 225 10.12 36.74 -31.55
C ALA D 225 10.90 36.03 -32.64
N ILE D 226 11.42 34.84 -32.30
CA ILE D 226 12.15 34.03 -33.25
C ILE D 226 11.72 32.59 -33.10
N SER D 227 11.20 32.00 -34.16
CA SER D 227 10.79 30.60 -34.13
C SER D 227 11.77 29.85 -35.02
N GLU D 228 12.49 28.90 -34.42
CA GLU D 228 13.46 28.08 -35.14
C GLU D 228 12.92 26.67 -35.31
N SER D 229 12.65 26.29 -36.56
CA SER D 229 12.14 24.96 -36.89
C SER D 229 10.93 24.52 -36.08
N GLY D 230 9.87 25.32 -36.10
CA GLY D 230 8.67 24.98 -35.37
C GLY D 230 7.75 26.17 -35.19
N VAL D 231 6.48 25.99 -35.54
CA VAL D 231 5.50 27.06 -35.41
C VAL D 231 4.18 26.45 -34.98
N ALA D 232 3.19 27.30 -34.72
CA ALA D 232 1.87 26.85 -34.27
C ALA D 232 1.12 26.05 -35.33
N LEU D 233 1.64 26.04 -36.56
CA LEU D 233 1.01 25.27 -37.62
C LEU D 233 1.65 23.87 -37.75
N THR D 234 2.68 23.61 -36.94
CA THR D 234 3.32 22.29 -36.94
C THR D 234 2.29 21.44 -36.21
N SER D 235 1.39 20.83 -36.97
CA SER D 235 0.28 20.04 -36.46
C SER D 235 0.51 18.95 -35.41
N VAL D 236 1.67 18.31 -35.39
CA VAL D 236 1.90 17.26 -34.41
C VAL D 236 1.90 17.80 -32.97
N LEU D 237 2.24 19.07 -32.81
CA LEU D 237 2.30 19.69 -31.49
C LEU D 237 0.98 20.31 -31.02
N VAL D 238 0.05 20.53 -31.94
CA VAL D 238 -1.23 21.14 -31.60
C VAL D 238 -2.39 20.14 -31.75
N LYS D 239 -3.09 19.89 -30.66
CA LYS D 239 -4.20 18.96 -30.66
C LYS D 239 -5.51 19.68 -31.00
N LYS D 240 -6.23 19.15 -31.98
CA LYS D 240 -7.51 19.73 -32.38
C LYS D 240 -8.62 18.69 -32.27
N GLY D 241 -9.86 19.16 -32.16
CA GLY D 241 -10.97 18.23 -32.04
C GLY D 241 -11.16 17.81 -30.60
N ASP D 242 -11.63 16.58 -30.40
CA ASP D 242 -11.87 16.07 -29.05
C ASP D 242 -10.60 15.52 -28.41
N VAL D 243 -10.21 16.07 -27.28
CA VAL D 243 -9.00 15.60 -26.60
C VAL D 243 -9.34 14.67 -25.45
N LYS D 244 -10.63 14.43 -25.23
CA LYS D 244 -11.07 13.55 -24.15
C LYS D 244 -10.56 12.12 -24.28
N PRO D 245 -10.64 11.54 -25.50
CA PRO D 245 -10.17 10.16 -25.71
C PRO D 245 -8.72 9.93 -25.28
N LEU D 246 -7.86 10.91 -25.51
CA LEU D 246 -6.45 10.80 -25.13
C LEU D 246 -6.37 10.86 -23.60
N ALA D 247 -7.14 11.76 -23.00
CA ALA D 247 -7.14 11.91 -21.55
C ALA D 247 -7.55 10.60 -20.90
N GLU D 248 -8.54 9.93 -21.49
CA GLU D 248 -9.02 8.66 -20.97
C GLU D 248 -7.98 7.57 -21.09
N GLN D 249 -7.28 7.55 -22.22
CA GLN D 249 -6.24 6.56 -22.45
C GLN D 249 -5.17 6.69 -21.36
N ILE D 250 -4.79 7.93 -21.06
CA ILE D 250 -3.79 8.18 -20.02
C ILE D 250 -4.30 7.75 -18.65
N ALA D 251 -5.54 8.14 -18.33
CA ALA D 251 -6.13 7.77 -17.04
C ALA D 251 -6.17 6.26 -16.87
N ILE D 252 -6.60 5.55 -17.90
CA ILE D 252 -6.68 4.10 -17.85
C ILE D 252 -5.29 3.47 -17.72
N THR D 253 -4.31 4.00 -18.43
CA THR D 253 -2.96 3.47 -18.33
C THR D 253 -2.43 3.63 -16.91
N ALA D 254 -2.75 4.77 -16.27
CA ALA D 254 -2.31 5.04 -14.92
C ALA D 254 -3.13 4.27 -13.88
N GLY D 255 -4.18 3.59 -14.33
CA GLY D 255 -5.01 2.83 -13.42
C GLY D 255 -6.14 3.63 -12.78
N CYS D 256 -6.58 4.68 -13.46
CA CYS D 256 -7.65 5.53 -12.97
C CYS D 256 -9.00 5.27 -13.62
N LYS D 257 -10.07 5.56 -12.90
CA LYS D 257 -11.41 5.40 -13.46
C LYS D 257 -11.64 6.60 -14.36
N THR D 258 -12.52 6.44 -15.35
CA THR D 258 -12.83 7.52 -16.29
C THR D 258 -14.29 8.00 -16.20
N THR D 259 -14.92 7.75 -15.06
CA THR D 259 -16.31 8.14 -14.83
C THR D 259 -16.63 9.57 -15.30
N THR D 260 -15.82 10.53 -14.86
CA THR D 260 -16.00 11.93 -15.25
C THR D 260 -14.63 12.57 -15.31
N SER D 261 -14.57 13.77 -15.87
CA SER D 261 -13.31 14.52 -16.00
C SER D 261 -12.72 14.83 -14.64
N ALA D 262 -13.56 15.34 -13.73
CA ALA D 262 -13.10 15.68 -12.39
C ALA D 262 -12.55 14.43 -11.69
N VAL D 263 -13.18 13.29 -11.95
CA VAL D 263 -12.73 12.03 -11.36
C VAL D 263 -11.34 11.65 -11.87
N MET D 264 -11.13 11.74 -13.19
CA MET D 264 -9.83 11.43 -13.78
C MET D 264 -8.73 12.32 -13.23
N VAL D 265 -8.98 13.63 -13.22
CA VAL D 265 -8.00 14.59 -12.74
C VAL D 265 -7.67 14.39 -11.26
N HIS D 266 -8.69 14.15 -10.45
CA HIS D 266 -8.50 13.93 -9.02
C HIS D 266 -7.62 12.70 -8.77
N CYS D 267 -7.91 11.62 -9.50
CA CYS D 267 -7.15 10.39 -9.38
C CYS D 267 -5.71 10.62 -9.81
N LEU D 268 -5.52 11.26 -10.96
CA LEU D 268 -4.18 11.52 -11.46
C LEU D 268 -3.37 12.42 -10.52
N ARG D 269 -4.04 13.33 -9.82
CA ARG D 269 -3.34 14.20 -8.89
C ARG D 269 -2.86 13.43 -7.67
N GLN D 270 -3.41 12.24 -7.46
CA GLN D 270 -3.04 11.42 -6.31
C GLN D 270 -1.89 10.46 -6.61
N LYS D 271 -1.56 10.31 -7.89
CA LYS D 271 -0.47 9.42 -8.30
C LYS D 271 0.88 10.05 -7.95
N THR D 272 1.85 9.23 -7.61
CA THR D 272 3.19 9.71 -7.30
C THR D 272 3.88 10.09 -8.60
N GLU D 273 4.98 10.83 -8.50
CA GLU D 273 5.73 11.23 -9.68
C GLU D 273 6.17 9.98 -10.44
N GLU D 274 6.64 8.99 -9.70
CA GLU D 274 7.10 7.74 -10.30
C GLU D 274 5.97 7.02 -11.03
N GLU D 275 4.77 7.06 -10.47
CA GLU D 275 3.62 6.41 -11.11
C GLU D 275 3.28 7.07 -12.45
N LEU D 276 3.36 8.39 -12.51
CA LEU D 276 3.05 9.10 -13.75
C LEU D 276 4.19 8.91 -14.77
N LEU D 277 5.40 8.74 -14.27
CA LEU D 277 6.54 8.53 -15.17
C LEU D 277 6.41 7.16 -15.82
N GLU D 278 5.99 6.16 -15.03
CA GLU D 278 5.79 4.80 -15.55
C GLU D 278 4.65 4.83 -16.56
N THR D 279 3.66 5.69 -16.33
CA THR D 279 2.54 5.82 -17.25
C THR D 279 3.09 6.40 -18.56
N THR D 280 3.97 7.38 -18.43
CA THR D 280 4.59 8.03 -19.59
C THR D 280 5.34 6.99 -20.41
N LEU D 281 6.12 6.15 -19.73
CA LEU D 281 6.89 5.11 -20.41
C LEU D 281 5.97 4.09 -21.11
N LYS D 282 4.89 3.70 -20.44
CA LYS D 282 3.95 2.75 -21.04
C LYS D 282 3.28 3.30 -22.29
N MET D 283 3.04 4.61 -22.31
CA MET D 283 2.39 5.26 -23.46
C MET D 283 3.28 5.28 -24.69
N LYS D 284 4.59 5.20 -24.47
CA LYS D 284 5.57 5.21 -25.55
C LYS D 284 5.46 6.44 -26.47
N PHE D 285 5.50 7.62 -25.87
CA PHE D 285 5.42 8.86 -26.65
C PHE D 285 6.70 9.09 -27.44
N LEU D 286 6.64 9.92 -28.48
CA LEU D 286 7.83 10.23 -29.26
C LEU D 286 8.42 9.04 -30.01
N SER D 287 7.57 8.10 -30.40
CA SER D 287 8.02 6.91 -31.12
C SER D 287 7.01 6.56 -32.19
N LEU D 288 7.50 6.13 -33.35
CA LEU D 288 6.61 5.75 -34.42
C LEU D 288 5.98 4.40 -34.11
N ASP D 289 4.66 4.42 -33.90
CA ASP D 289 3.93 3.20 -33.61
C ASP D 289 3.68 2.49 -34.94
N LEU D 290 4.26 1.31 -35.09
CA LEU D 290 4.12 0.57 -36.34
C LEU D 290 3.01 -0.48 -36.32
N GLN D 291 2.19 -0.45 -35.28
CA GLN D 291 1.12 -1.44 -35.19
C GLN D 291 -0.27 -0.81 -35.12
N GLY D 292 -1.28 -1.44 -35.74
CA GLY D 292 -2.63 -0.90 -35.72
C GLY D 292 -2.91 0.29 -36.62
N ASP D 293 -4.02 0.96 -36.34
CA ASP D 293 -4.43 2.13 -37.09
C ASP D 293 -3.63 3.37 -36.69
N PRO D 294 -2.91 3.96 -37.66
CA PRO D 294 -2.09 5.15 -37.44
C PRO D 294 -2.86 6.34 -36.88
N ARG D 295 -4.14 6.43 -37.24
CA ARG D 295 -4.98 7.53 -36.79
C ARG D 295 -5.24 7.52 -35.29
N GLU D 296 -4.89 6.43 -34.62
CA GLU D 296 -5.10 6.34 -33.18
C GLU D 296 -3.80 6.59 -32.39
N SER D 297 -2.72 6.82 -33.11
CA SER D 297 -1.43 7.06 -32.50
C SER D 297 -1.34 8.45 -31.85
N GLN D 298 -0.69 8.52 -30.70
CA GLN D 298 -0.50 9.78 -29.98
C GLN D 298 0.98 9.84 -29.58
N PRO D 299 1.84 10.36 -30.47
CA PRO D 299 3.27 10.45 -30.16
C PRO D 299 3.61 11.43 -29.05
N LEU D 300 2.72 12.39 -28.76
CA LEU D 300 2.97 13.35 -27.70
C LEU D 300 1.74 14.03 -27.15
N LEU D 301 1.92 14.70 -26.02
CA LEU D 301 0.86 15.47 -25.38
C LEU D 301 1.28 16.90 -25.66
N GLY D 302 0.40 17.68 -26.27
CA GLY D 302 0.78 19.04 -26.58
C GLY D 302 -0.25 20.12 -26.35
N THR D 303 -0.10 21.18 -27.12
CA THR D 303 -0.97 22.35 -27.04
C THR D 303 -2.42 22.05 -27.42
N VAL D 304 -3.37 22.61 -26.67
CA VAL D 304 -4.79 22.45 -26.96
C VAL D 304 -5.42 23.83 -27.00
N ILE D 305 -6.65 23.93 -27.49
CA ILE D 305 -7.35 25.21 -27.53
C ILE D 305 -8.15 25.20 -26.22
N ASP D 306 -7.54 25.79 -25.17
CA ASP D 306 -8.12 25.83 -23.84
C ASP D 306 -9.11 26.95 -23.52
N GLY D 307 -9.00 28.07 -24.20
CA GLY D 307 -9.89 29.18 -23.93
C GLY D 307 -9.28 30.24 -23.02
N MET D 308 -8.05 29.99 -22.58
CA MET D 308 -7.32 30.93 -21.72
C MET D 308 -6.09 31.41 -22.50
N LEU D 309 -5.21 30.47 -22.82
CA LEU D 309 -4.01 30.77 -23.59
C LEU D 309 -4.39 30.99 -25.05
N LEU D 310 -5.10 30.02 -25.63
CA LEU D 310 -5.56 30.10 -27.01
C LEU D 310 -7.09 30.08 -27.02
N LEU D 311 -7.70 31.08 -27.66
CA LEU D 311 -9.16 31.17 -27.71
C LEU D 311 -9.74 30.46 -28.93
N LYS D 312 -8.91 30.28 -29.95
CA LYS D 312 -9.34 29.63 -31.19
C LYS D 312 -8.11 28.92 -31.76
N THR D 313 -8.30 28.15 -32.82
CA THR D 313 -7.19 27.46 -33.45
C THR D 313 -6.24 28.47 -34.06
N PRO D 314 -4.96 28.12 -34.18
CA PRO D 314 -4.02 29.07 -34.77
C PRO D 314 -4.47 29.58 -36.15
N GLU D 315 -5.05 28.68 -36.94
CA GLU D 315 -5.52 29.04 -38.28
C GLU D 315 -6.53 30.19 -38.21
N GLU D 316 -7.52 30.05 -37.32
CA GLU D 316 -8.54 31.07 -37.17
C GLU D 316 -7.96 32.37 -36.61
N LEU D 317 -6.98 32.25 -35.72
CA LEU D 317 -6.36 33.44 -35.14
C LEU D 317 -5.57 34.22 -36.17
N GLN D 318 -5.02 33.52 -37.16
CA GLN D 318 -4.25 34.17 -38.21
C GLN D 318 -5.19 34.89 -39.16
N ALA D 319 -6.28 34.22 -39.53
CA ALA D 319 -7.27 34.78 -40.44
C ALA D 319 -7.87 36.03 -39.80
N GLU D 320 -7.93 35.99 -38.47
CA GLU D 320 -8.47 37.08 -37.68
C GLU D 320 -7.42 38.19 -37.54
N ARG D 321 -6.16 37.83 -37.76
CA ARG D 321 -5.05 38.76 -37.62
C ARG D 321 -5.16 39.34 -36.23
N ASN D 322 -5.54 38.45 -35.32
CA ASN D 322 -5.68 38.77 -33.92
C ASN D 322 -4.47 38.18 -33.18
N PHE D 323 -3.35 38.90 -33.25
CA PHE D 323 -2.13 38.45 -32.59
C PHE D 323 -1.10 39.56 -32.47
N HIS D 324 -0.10 39.35 -31.63
CA HIS D 324 0.96 40.32 -31.39
C HIS D 324 1.80 40.55 -32.63
N THR D 325 1.73 41.77 -33.14
CA THR D 325 2.44 42.14 -34.36
C THR D 325 3.86 42.67 -34.13
N VAL D 326 4.66 41.89 -33.41
CA VAL D 326 6.04 42.28 -33.13
C VAL D 326 6.93 41.73 -34.25
N PRO D 327 8.15 42.27 -34.41
CA PRO D 327 9.03 41.75 -35.46
C PRO D 327 9.16 40.25 -35.19
N TYR D 328 9.07 39.43 -36.24
CA TYR D 328 9.09 37.98 -36.08
C TYR D 328 10.02 37.31 -37.09
N MET D 329 10.98 36.55 -36.59
CA MET D 329 11.91 35.84 -37.45
C MET D 329 11.52 34.37 -37.42
N VAL D 330 11.27 33.80 -38.60
CA VAL D 330 10.87 32.40 -38.70
C VAL D 330 11.82 31.67 -39.65
N GLY D 331 12.42 30.58 -39.18
CA GLY D 331 13.35 29.86 -40.04
C GLY D 331 13.27 28.36 -39.94
N ILE D 332 13.88 27.69 -40.92
CA ILE D 332 13.90 26.24 -40.96
C ILE D 332 15.29 25.78 -41.41
N ASN D 333 15.57 24.50 -41.21
CA ASN D 333 16.85 23.96 -41.62
C ASN D 333 16.61 23.17 -42.91
N LYS D 334 17.66 23.05 -43.71
CA LYS D 334 17.58 22.35 -45.00
C LYS D 334 16.95 20.95 -44.94
N GLN D 335 17.34 20.15 -43.94
CA GLN D 335 16.82 18.79 -43.80
C GLN D 335 16.29 18.53 -42.39
N GLU D 336 15.16 19.13 -42.08
CA GLU D 336 14.55 18.99 -40.77
C GLU D 336 14.32 17.54 -40.33
N PHE D 337 14.07 16.66 -41.29
CA PHE D 337 13.82 15.25 -40.99
C PHE D 337 14.95 14.41 -41.55
N GLY D 338 16.13 15.01 -41.63
CA GLY D 338 17.29 14.34 -42.18
C GLY D 338 17.87 13.17 -41.41
N TRP D 339 17.95 13.25 -40.08
CA TRP D 339 18.53 12.17 -39.30
C TRP D 339 18.07 12.11 -37.84
N LEU D 340 18.26 13.20 -37.12
CA LEU D 340 17.90 13.27 -35.70
C LEU D 340 16.51 12.80 -35.32
N ILE D 341 15.49 13.45 -35.85
CA ILE D 341 14.12 13.07 -35.49
C ILE D 341 13.80 11.61 -35.81
N PRO D 342 13.99 11.18 -37.07
CA PRO D 342 13.68 9.76 -37.35
C PRO D 342 14.49 8.79 -36.48
N MET D 343 15.69 9.18 -36.09
CA MET D 343 16.53 8.33 -35.25
C MET D 343 15.89 8.27 -33.87
N LEU D 344 15.50 9.42 -33.35
CA LEU D 344 14.87 9.49 -32.05
C LEU D 344 13.52 8.77 -32.03
N MET D 345 12.76 8.84 -33.11
CA MET D 345 11.45 8.18 -33.15
C MET D 345 11.46 6.73 -33.65
N SER D 346 12.66 6.18 -33.79
CA SER D 346 12.82 4.80 -34.25
C SER D 346 12.13 4.51 -35.58
N TYR D 347 12.37 5.36 -36.58
CA TYR D 347 11.79 5.13 -37.91
C TYR D 347 12.47 3.93 -38.54
N PRO D 348 11.69 3.06 -39.20
CA PRO D 348 12.18 1.85 -39.87
C PRO D 348 12.94 2.15 -41.15
N LEU D 349 14.08 2.84 -41.06
CA LEU D 349 14.85 3.20 -42.26
C LEU D 349 16.22 2.54 -42.33
N SER D 350 16.36 1.40 -41.68
CA SER D 350 17.60 0.64 -41.64
C SER D 350 18.33 0.48 -42.97
N GLU D 351 17.61 0.17 -44.04
CA GLU D 351 18.25 -0.02 -45.35
C GLU D 351 18.56 1.27 -46.08
N GLY D 352 18.22 2.41 -45.46
CA GLY D 352 18.50 3.70 -46.07
C GLY D 352 18.07 3.85 -47.52
N GLN D 353 16.97 3.19 -47.90
CA GLN D 353 16.45 3.28 -49.26
C GLN D 353 14.98 2.89 -49.26
N LEU D 354 14.22 3.44 -50.21
CA LEU D 354 12.80 3.16 -50.28
C LEU D 354 12.24 3.23 -51.71
N ASP D 355 11.22 2.42 -51.96
CA ASP D 355 10.52 2.40 -53.23
C ASP D 355 9.17 3.02 -52.84
N GLN D 356 8.48 3.62 -53.81
CA GLN D 356 7.21 4.26 -53.51
C GLN D 356 6.22 3.45 -52.69
N LYS D 357 6.09 2.16 -52.99
CA LYS D 357 5.15 1.32 -52.25
C LYS D 357 5.49 1.31 -50.77
N THR D 358 6.78 1.26 -50.45
CA THR D 358 7.23 1.27 -49.07
C THR D 358 7.02 2.66 -48.49
N ALA D 359 7.29 3.67 -49.31
CA ALA D 359 7.13 5.06 -48.89
C ALA D 359 5.69 5.36 -48.51
N MET D 360 4.75 4.86 -49.32
CA MET D 360 3.34 5.09 -49.03
C MET D 360 2.95 4.45 -47.71
N SER D 361 3.47 3.25 -47.46
CA SER D 361 3.16 2.54 -46.22
C SER D 361 3.69 3.33 -45.02
N LEU D 362 4.92 3.80 -45.13
CA LEU D 362 5.52 4.57 -44.04
C LEU D 362 4.86 5.93 -43.87
N LEU D 363 4.40 6.53 -44.97
CA LEU D 363 3.73 7.82 -44.90
C LEU D 363 2.41 7.66 -44.16
N TRP D 364 1.77 6.52 -44.35
CA TRP D 364 0.50 6.25 -43.67
C TRP D 364 0.80 6.08 -42.18
N LYS D 365 1.86 5.34 -41.88
CA LYS D 365 2.26 5.12 -40.49
C LYS D 365 2.61 6.45 -39.82
N SER D 366 3.06 7.41 -40.63
CA SER D 366 3.43 8.72 -40.11
C SER D 366 2.24 9.67 -39.95
N TYR D 367 1.03 9.14 -40.03
CA TYR D 367 -0.17 9.96 -39.90
C TYR D 367 -0.13 10.97 -38.74
N PRO D 368 0.26 10.52 -37.54
CA PRO D 368 0.31 11.48 -36.42
C PRO D 368 1.25 12.67 -36.65
N LEU D 369 2.24 12.51 -37.52
CA LEU D 369 3.18 13.59 -37.80
C LEU D 369 2.79 14.49 -38.97
N VAL D 370 2.25 13.91 -40.02
CA VAL D 370 1.88 14.67 -41.22
C VAL D 370 0.39 14.77 -41.50
N CYS D 371 -0.40 13.93 -40.82
N CYS D 371 -0.51 13.58 -40.87
CA CYS D 371 -1.85 13.93 -40.98
CA CYS D 371 -1.93 13.85 -40.95
C CYS D 371 -2.31 13.92 -42.44
C CYS D 371 -2.37 13.68 -42.40
N ILE D 372 -1.83 12.95 -43.22
CA ILE D 372 -2.21 12.84 -44.62
C ILE D 372 -3.17 11.66 -44.78
N ALA D 373 -4.39 11.95 -45.21
CA ALA D 373 -5.42 10.94 -45.42
C ALA D 373 -4.89 9.86 -46.35
N LYS D 374 -5.21 8.62 -46.04
CA LYS D 374 -4.73 7.49 -46.85
C LYS D 374 -5.06 7.65 -48.33
N GLU D 375 -6.19 8.29 -48.62
CA GLU D 375 -6.60 8.50 -50.00
C GLU D 375 -5.71 9.50 -50.72
N LEU D 376 -5.09 10.40 -49.95
CA LEU D 376 -4.22 11.42 -50.52
C LEU D 376 -2.75 10.96 -50.59
N ILE D 377 -2.42 9.91 -49.85
CA ILE D 377 -1.05 9.40 -49.82
C ILE D 377 -0.43 9.09 -51.19
N PRO D 378 -1.15 8.37 -52.05
CA PRO D 378 -0.61 8.04 -53.38
C PRO D 378 -0.21 9.31 -54.13
N GLU D 379 -1.09 10.30 -54.11
CA GLU D 379 -0.86 11.58 -54.79
C GLU D 379 0.35 12.30 -54.19
N ALA D 380 0.42 12.32 -52.86
CA ALA D 380 1.52 12.99 -52.17
C ALA D 380 2.87 12.34 -52.45
N THR D 381 2.93 11.03 -52.33
CA THR D 381 4.15 10.28 -52.58
C THR D 381 4.58 10.42 -54.03
N GLU D 382 3.61 10.33 -54.93
CA GLU D 382 3.88 10.45 -56.35
C GLU D 382 4.54 11.80 -56.63
N LYS D 383 3.98 12.86 -56.05
CA LYS D 383 4.51 14.21 -56.24
C LYS D 383 5.97 14.36 -55.86
N TYR D 384 6.37 13.79 -54.72
CA TYR D 384 7.76 13.90 -54.27
C TYR D 384 8.73 12.85 -54.78
N LEU D 385 8.31 11.59 -54.78
CA LEU D 385 9.17 10.50 -55.21
C LEU D 385 8.91 10.08 -56.66
N GLY D 386 7.64 10.14 -57.05
CA GLY D 386 7.27 9.77 -58.41
C GLY D 386 8.21 10.32 -59.46
N GLY D 387 8.94 11.37 -59.08
CA GLY D 387 9.87 11.99 -60.01
C GLY D 387 10.89 11.01 -60.58
N THR D 388 11.98 10.79 -59.86
CA THR D 388 13.03 9.88 -60.31
C THR D 388 12.87 8.48 -59.72
N ASP D 389 13.95 7.70 -59.70
CA ASP D 389 13.88 6.35 -59.16
C ASP D 389 15.11 5.80 -58.43
N ASP D 390 16.09 6.66 -58.16
CA ASP D 390 17.27 6.21 -57.43
C ASP D 390 16.74 5.86 -56.04
N THR D 391 16.40 4.58 -55.84
CA THR D 391 15.85 4.08 -54.59
C THR D 391 16.34 4.81 -53.34
N VAL D 392 17.61 5.22 -53.33
CA VAL D 392 18.18 5.94 -52.20
C VAL D 392 17.68 7.39 -52.20
N LYS D 393 17.57 7.96 -53.40
CA LYS D 393 17.08 9.33 -53.53
C LYS D 393 15.64 9.39 -53.05
N LYS D 394 14.86 8.36 -53.38
CA LYS D 394 13.47 8.28 -52.95
C LYS D 394 13.39 8.42 -51.44
N LYS D 395 14.37 7.82 -50.75
CA LYS D 395 14.40 7.89 -49.29
C LYS D 395 14.63 9.34 -48.87
N ASP D 396 15.52 10.02 -49.59
CA ASP D 396 15.84 11.42 -49.32
C ASP D 396 14.64 12.34 -49.57
N LEU D 397 13.94 12.10 -50.69
CA LEU D 397 12.77 12.90 -51.05
C LEU D 397 11.63 12.60 -50.09
N PHE D 398 11.60 11.38 -49.57
CA PHE D 398 10.59 10.98 -48.62
C PHE D 398 10.79 11.80 -47.35
N LEU D 399 12.06 12.01 -46.98
CA LEU D 399 12.37 12.78 -45.79
C LEU D 399 12.09 14.26 -46.02
N ASP D 400 12.27 14.72 -47.26
CA ASP D 400 11.99 16.12 -47.59
C ASP D 400 10.49 16.37 -47.52
N LEU D 401 9.72 15.38 -47.97
CA LEU D 401 8.27 15.47 -47.96
C LEU D 401 7.78 15.64 -46.52
N ILE D 402 8.23 14.77 -45.62
CA ILE D 402 7.82 14.89 -44.22
C ILE D 402 8.25 16.23 -43.62
N ALA D 403 9.48 16.65 -43.91
CA ALA D 403 10.00 17.92 -43.39
C ALA D 403 9.16 19.11 -43.87
N ASP D 404 8.76 19.06 -45.13
CA ASP D 404 7.96 20.14 -45.71
C ASP D 404 6.60 20.25 -45.02
N VAL D 405 5.96 19.11 -44.76
CA VAL D 405 4.65 19.12 -44.11
C VAL D 405 4.73 19.56 -42.65
N MET D 406 5.74 19.09 -41.92
CA MET D 406 5.90 19.43 -40.51
C MET D 406 6.48 20.81 -40.23
N PHE D 407 7.47 21.22 -41.01
CA PHE D 407 8.14 22.49 -40.76
C PHE D 407 8.15 23.54 -41.88
N GLY D 408 8.59 23.15 -43.07
CA GLY D 408 8.69 24.08 -44.17
C GLY D 408 7.42 24.84 -44.53
N VAL D 409 6.38 24.10 -44.88
CA VAL D 409 5.13 24.73 -45.27
C VAL D 409 4.50 25.49 -44.12
N PRO D 410 4.39 24.88 -42.92
CA PRO D 410 3.78 25.63 -41.82
C PRO D 410 4.54 26.93 -41.52
N SER D 411 5.86 26.89 -41.59
CA SER D 411 6.66 28.08 -41.30
C SER D 411 6.41 29.22 -42.28
N VAL D 412 6.32 28.90 -43.56
CA VAL D 412 6.09 29.93 -44.57
C VAL D 412 4.68 30.50 -44.46
N ILE D 413 3.71 29.65 -44.14
CA ILE D 413 2.34 30.13 -44.01
C ILE D 413 2.24 31.08 -42.83
N VAL D 414 2.89 30.74 -41.72
CA VAL D 414 2.87 31.61 -40.54
C VAL D 414 3.55 32.93 -40.86
N ALA D 415 4.68 32.87 -41.57
CA ALA D 415 5.41 34.07 -41.93
C ALA D 415 4.57 34.98 -42.83
N ARG D 416 3.91 34.38 -43.83
CA ARG D 416 3.09 35.15 -44.77
C ARG D 416 1.95 35.86 -44.04
N ASN D 417 1.29 35.14 -43.15
CA ASN D 417 0.19 35.71 -42.39
C ASN D 417 0.67 36.85 -41.48
N HIS D 418 1.84 36.67 -40.85
CA HIS D 418 2.40 37.69 -39.97
C HIS D 418 2.70 38.95 -40.79
N ARG D 419 3.37 38.74 -41.92
CA ARG D 419 3.71 39.83 -42.82
C ARG D 419 2.44 40.57 -43.25
N ASP D 420 1.42 39.80 -43.65
CA ASP D 420 0.16 40.39 -44.10
C ASP D 420 -0.60 41.13 -43.02
N ALA D 421 -0.22 40.95 -41.76
CA ALA D 421 -0.86 41.65 -40.66
C ALA D 421 -0.17 42.99 -40.47
N GLY D 422 0.86 43.23 -41.28
CA GLY D 422 1.60 44.47 -41.22
C GLY D 422 2.80 44.52 -40.28
N ALA D 423 3.23 43.37 -39.79
CA ALA D 423 4.37 43.32 -38.87
C ALA D 423 5.66 42.93 -39.59
N PRO D 424 6.81 43.49 -39.15
CA PRO D 424 8.09 43.17 -39.78
C PRO D 424 8.34 41.67 -39.66
N THR D 425 8.66 41.03 -40.78
CA THR D 425 8.89 39.59 -40.79
C THR D 425 10.19 39.22 -41.52
N TYR D 426 10.85 38.15 -41.04
CA TYR D 426 12.10 37.67 -41.63
C TYR D 426 12.13 36.15 -41.64
N MET D 427 12.70 35.56 -42.70
CA MET D 427 12.81 34.11 -42.79
C MET D 427 14.22 33.69 -43.19
N TYR D 428 14.61 32.48 -42.80
CA TYR D 428 15.92 31.97 -43.15
C TYR D 428 15.82 30.46 -43.34
N GLU D 429 16.80 29.92 -44.07
CA GLU D 429 16.91 28.48 -44.28
C GLU D 429 18.36 28.20 -43.95
N PHE D 430 18.58 27.38 -42.92
CA PHE D 430 19.91 27.03 -42.45
C PHE D 430 20.42 25.75 -43.12
N GLN D 431 21.62 25.81 -43.69
CA GLN D 431 22.19 24.64 -44.36
C GLN D 431 23.67 24.53 -44.04
N TYR D 432 24.00 23.72 -43.04
CA TYR D 432 25.37 23.52 -42.63
C TYR D 432 25.44 22.28 -41.76
N ARG D 433 26.58 21.61 -41.74
CA ARG D 433 26.72 20.43 -40.89
C ARG D 433 27.75 20.77 -39.82
N PRO D 434 27.30 20.97 -38.59
CA PRO D 434 28.23 21.28 -37.50
C PRO D 434 29.16 20.12 -37.21
N SER D 435 30.40 20.43 -36.82
CA SER D 435 31.37 19.40 -36.50
C SER D 435 30.97 18.75 -35.18
N PHE D 436 30.07 19.41 -34.46
CA PHE D 436 29.61 18.92 -33.17
C PHE D 436 28.51 17.86 -33.31
N SER D 437 28.20 17.51 -34.55
CA SER D 437 27.18 16.49 -34.83
C SER D 437 27.57 15.17 -34.17
N SER D 438 26.58 14.33 -33.91
CA SER D 438 26.83 13.02 -33.31
C SER D 438 27.71 12.21 -34.27
N ASP D 439 28.55 11.33 -33.71
CA ASP D 439 29.44 10.51 -34.52
C ASP D 439 28.66 9.51 -35.36
N MET D 440 27.46 9.16 -34.90
CA MET D 440 26.62 8.21 -35.61
C MET D 440 25.93 8.89 -36.79
N LYS D 441 26.03 10.20 -36.85
CA LYS D 441 25.40 10.97 -37.92
C LYS D 441 26.26 10.97 -39.17
N PRO D 442 25.73 10.41 -40.27
CA PRO D 442 26.48 10.36 -41.53
C PRO D 442 26.89 11.73 -42.04
N LYS D 443 28.06 11.75 -42.67
CA LYS D 443 28.66 12.95 -43.24
C LYS D 443 27.76 13.65 -44.25
N THR D 444 26.88 12.90 -44.90
CA THR D 444 25.99 13.45 -45.91
C THR D 444 24.77 14.23 -45.40
N VAL D 445 24.52 14.21 -44.10
CA VAL D 445 23.36 14.95 -43.57
C VAL D 445 23.78 16.39 -43.31
N ILE D 446 23.12 17.33 -43.99
CA ILE D 446 23.43 18.74 -43.84
C ILE D 446 22.19 19.52 -43.45
N GLY D 447 22.33 20.37 -42.44
CA GLY D 447 21.20 21.16 -41.99
C GLY D 447 20.10 20.33 -41.35
N ASP D 448 20.50 19.38 -40.53
CA ASP D 448 19.57 18.50 -39.84
C ASP D 448 18.86 19.31 -38.76
N HIS D 449 17.81 18.75 -38.20
CA HIS D 449 17.04 19.40 -37.15
C HIS D 449 17.98 19.73 -35.99
N GLY D 450 17.97 21.00 -35.56
CA GLY D 450 18.81 21.42 -34.45
C GLY D 450 20.22 21.87 -34.79
N ASP D 451 20.64 21.70 -36.04
CA ASP D 451 22.00 22.08 -36.41
C ASP D 451 22.32 23.55 -36.23
N GLU D 452 21.32 24.42 -36.31
CA GLU D 452 21.56 25.84 -36.16
C GLU D 452 21.87 26.24 -34.71
N LEU D 453 21.44 25.42 -33.76
CA LEU D 453 21.65 25.70 -32.34
C LEU D 453 23.11 25.91 -31.97
N PHE D 454 24.01 25.13 -32.56
CA PHE D 454 25.43 25.29 -32.26
C PHE D 454 25.95 26.66 -32.63
N SER D 455 25.44 27.23 -33.72
CA SER D 455 25.86 28.56 -34.16
C SER D 455 25.21 29.63 -33.29
N VAL D 456 23.90 29.50 -33.07
CA VAL D 456 23.16 30.46 -32.26
C VAL D 456 23.72 30.59 -30.85
N PHE D 457 24.09 29.47 -30.23
CA PHE D 457 24.61 29.50 -28.87
C PHE D 457 26.14 29.53 -28.75
N GLY D 458 26.81 29.79 -29.86
CA GLY D 458 28.27 29.88 -29.84
C GLY D 458 29.05 28.66 -29.37
N ALA D 459 28.61 27.47 -29.75
CA ALA D 459 29.30 26.25 -29.37
C ALA D 459 30.79 26.31 -29.72
N PRO D 460 31.16 26.96 -30.86
CA PRO D 460 32.57 27.04 -31.22
C PRO D 460 33.48 27.70 -30.20
N PHE D 461 32.90 28.43 -29.26
CA PHE D 461 33.71 29.10 -28.24
C PHE D 461 33.69 28.38 -26.91
N LEU D 462 32.93 27.29 -26.83
CA LEU D 462 32.81 26.49 -25.62
C LEU D 462 33.38 25.10 -25.87
N LYS D 463 32.99 24.49 -26.99
CA LYS D 463 33.51 23.17 -27.36
C LYS D 463 34.74 23.43 -28.21
N GLU D 464 35.45 22.37 -28.60
CA GLU D 464 36.64 22.56 -29.40
C GLU D 464 36.65 21.79 -30.71
N GLY D 465 37.55 22.17 -31.60
CA GLY D 465 37.66 21.51 -32.89
C GLY D 465 36.97 22.22 -34.03
N ALA D 466 36.38 23.38 -33.76
CA ALA D 466 35.68 24.13 -34.81
C ALA D 466 36.64 24.79 -35.79
N SER D 467 36.34 24.66 -37.07
CA SER D 467 37.16 25.26 -38.12
C SER D 467 36.89 26.75 -38.11
N GLU D 468 37.72 27.53 -38.80
CA GLU D 468 37.53 28.98 -38.84
C GLU D 468 36.20 29.32 -39.52
N GLU D 469 35.79 28.48 -40.47
CA GLU D 469 34.53 28.70 -41.17
C GLU D 469 33.35 28.53 -40.21
N GLU D 470 33.44 27.54 -39.34
CA GLU D 470 32.39 27.24 -38.37
C GLU D 470 32.35 28.32 -37.27
N ILE D 471 33.53 28.83 -36.92
CA ILE D 471 33.65 29.87 -35.90
C ILE D 471 32.98 31.13 -36.45
N ARG D 472 33.36 31.51 -37.66
CA ARG D 472 32.81 32.68 -38.32
C ARG D 472 31.29 32.57 -38.48
N LEU D 473 30.80 31.37 -38.82
CA LEU D 473 29.37 31.15 -38.99
C LEU D 473 28.61 31.44 -37.69
N SER D 474 29.17 31.02 -36.56
CA SER D 474 28.52 31.25 -35.27
C SER D 474 28.49 32.74 -34.94
N LYS D 475 29.63 33.42 -35.14
CA LYS D 475 29.68 34.85 -34.86
C LYS D 475 28.63 35.59 -35.67
N MET D 476 28.52 35.25 -36.95
CA MET D 476 27.56 35.88 -37.85
C MET D 476 26.12 35.66 -37.38
N VAL D 477 25.78 34.41 -37.05
CA VAL D 477 24.43 34.08 -36.60
C VAL D 477 24.11 34.77 -35.28
N MET D 478 25.01 34.70 -34.31
CA MET D 478 24.77 35.35 -33.03
C MET D 478 24.54 36.84 -33.27
N LYS D 479 25.32 37.42 -34.19
CA LYS D 479 25.19 38.84 -34.52
C LYS D 479 23.82 39.15 -35.09
N PHE D 480 23.39 38.35 -36.06
CA PHE D 480 22.07 38.51 -36.68
C PHE D 480 20.99 38.42 -35.59
N TRP D 481 21.07 37.38 -34.78
CA TRP D 481 20.10 37.17 -33.71
C TRP D 481 20.05 38.33 -32.72
N ALA D 482 21.22 38.79 -32.27
CA ALA D 482 21.30 39.89 -31.31
C ALA D 482 20.91 41.23 -31.94
N ASN D 483 21.23 41.42 -33.22
CA ASN D 483 20.84 42.66 -33.89
C ASN D 483 19.32 42.69 -33.95
N PHE D 484 18.72 41.53 -34.21
CA PHE D 484 17.27 41.43 -34.27
C PHE D 484 16.70 41.78 -32.90
N ALA D 485 17.27 41.20 -31.84
CA ALA D 485 16.82 41.49 -30.48
C ALA D 485 16.91 42.99 -30.21
N ARG D 486 18.01 43.60 -30.60
CA ARG D 486 18.20 45.02 -30.39
C ARG D 486 17.27 45.90 -31.22
N ASN D 487 17.20 45.65 -32.52
CA ASN D 487 16.42 46.49 -33.42
C ASN D 487 15.19 45.95 -34.14
N GLY D 488 14.91 44.65 -34.05
CA GLY D 488 13.76 44.11 -34.75
C GLY D 488 14.12 44.01 -36.22
N ASN D 489 15.41 44.07 -36.50
CA ASN D 489 15.98 44.01 -37.85
C ASN D 489 17.34 43.36 -37.62
N PRO D 490 17.63 42.22 -38.26
CA PRO D 490 18.91 41.52 -38.07
C PRO D 490 20.15 42.15 -38.72
N ASN D 491 19.95 43.02 -39.70
CA ASN D 491 21.06 43.63 -40.43
C ASN D 491 22.07 44.49 -39.67
N GLY D 492 23.31 44.44 -40.16
CA GLY D 492 24.39 45.21 -39.56
C GLY D 492 25.63 45.23 -40.43
N GLU D 493 26.51 46.20 -40.20
CA GLU D 493 27.73 46.31 -40.99
C GLU D 493 28.59 45.07 -40.82
N GLY D 494 29.13 44.57 -41.94
CA GLY D 494 29.97 43.39 -41.89
C GLY D 494 29.18 42.10 -42.08
N LEU D 495 27.86 42.21 -42.09
CA LEU D 495 26.99 41.05 -42.26
C LEU D 495 26.33 41.06 -43.63
N PRO D 496 26.10 39.87 -44.21
CA PRO D 496 25.46 39.82 -45.53
C PRO D 496 24.06 40.44 -45.38
N HIS D 497 23.56 41.06 -46.44
CA HIS D 497 22.25 41.68 -46.36
C HIS D 497 21.13 40.65 -46.25
N TRP D 498 20.23 40.88 -45.29
CA TRP D 498 19.11 39.96 -45.06
C TRP D 498 17.85 40.78 -45.38
N PRO D 499 17.20 40.50 -46.52
CA PRO D 499 15.99 41.24 -46.89
C PRO D 499 14.80 40.92 -46.01
N GLU D 500 13.93 41.91 -45.83
CA GLU D 500 12.74 41.67 -45.03
C GLU D 500 11.84 40.75 -45.87
N TYR D 501 11.10 39.90 -45.19
CA TYR D 501 10.20 38.98 -45.87
C TYR D 501 8.91 39.72 -46.22
N ASN D 502 8.94 40.46 -47.32
CA ASN D 502 7.78 41.21 -47.78
C ASN D 502 7.11 40.47 -48.94
N GLN D 503 6.40 41.21 -49.80
CA GLN D 503 5.72 40.57 -50.91
C GLN D 503 6.64 39.82 -51.87
N LYS D 504 7.92 40.20 -51.89
CA LYS D 504 8.89 39.53 -52.76
C LYS D 504 9.38 38.23 -52.09
N GLU D 505 9.04 38.08 -50.82
CA GLU D 505 9.41 36.91 -50.02
C GLU D 505 10.90 36.57 -50.00
N GLY D 506 11.71 37.58 -49.78
CA GLY D 506 13.14 37.38 -49.68
C GLY D 506 13.42 36.71 -48.35
N TYR D 507 14.45 35.87 -48.31
CA TYR D 507 14.82 35.19 -47.09
C TYR D 507 16.32 35.00 -47.16
N LEU D 508 16.94 34.59 -46.07
CA LEU D 508 18.38 34.42 -46.06
C LEU D 508 18.77 32.95 -46.02
N GLN D 509 19.65 32.56 -46.95
CA GLN D 509 20.16 31.20 -46.96
C GLN D 509 21.43 31.32 -46.13
N ILE D 510 21.43 30.66 -44.97
CA ILE D 510 22.56 30.69 -44.05
C ILE D 510 23.39 29.41 -44.11
N GLY D 511 24.69 29.57 -44.36
CA GLY D 511 25.56 28.41 -44.43
C GLY D 511 26.99 28.83 -44.73
N ALA D 512 27.80 27.92 -45.27
CA ALA D 512 29.18 28.25 -45.61
C ALA D 512 29.13 29.47 -46.51
N ASN D 513 28.18 29.47 -47.44
CA ASN D 513 27.96 30.60 -48.34
C ASN D 513 26.61 31.16 -47.93
N THR D 514 26.60 32.34 -47.33
CA THR D 514 25.36 32.96 -46.89
C THR D 514 24.94 34.12 -47.80
N GLN D 515 23.74 34.03 -48.36
CA GLN D 515 23.21 35.08 -49.24
C GLN D 515 21.69 35.06 -49.34
N ALA D 516 21.13 36.18 -49.79
CA ALA D 516 19.69 36.30 -49.94
C ALA D 516 19.16 35.53 -51.14
N ALA D 517 17.91 35.10 -51.02
CA ALA D 517 17.21 34.37 -52.06
C ALA D 517 15.73 34.77 -51.91
N GLN D 518 14.86 34.23 -52.77
CA GLN D 518 13.44 34.58 -52.70
C GLN D 518 12.48 33.41 -52.86
N LYS D 519 11.27 33.58 -52.30
CA LYS D 519 10.20 32.58 -52.39
C LYS D 519 10.45 31.21 -51.76
N LEU D 520 10.90 31.20 -50.52
CA LEU D 520 11.16 29.95 -49.80
C LEU D 520 9.92 29.04 -49.80
N LYS D 521 10.11 27.78 -50.21
CA LYS D 521 9.05 26.77 -50.26
C LYS D 521 7.77 27.18 -50.97
N ASP D 522 7.87 28.11 -51.91
CA ASP D 522 6.69 28.60 -52.63
C ASP D 522 5.91 27.48 -53.33
N LYS D 523 6.61 26.65 -54.10
CA LYS D 523 5.99 25.54 -54.83
C LYS D 523 5.33 24.54 -53.87
N GLU D 524 6.04 24.24 -52.78
CA GLU D 524 5.56 23.30 -51.79
C GLU D 524 4.30 23.79 -51.07
N VAL D 525 4.27 25.06 -50.71
CA VAL D 525 3.10 25.60 -50.03
C VAL D 525 1.87 25.47 -50.93
N ALA D 526 2.05 25.78 -52.21
CA ALA D 526 0.95 25.69 -53.16
C ALA D 526 0.48 24.25 -53.28
N PHE D 527 1.42 23.33 -53.46
CA PHE D 527 1.06 21.93 -53.59
C PHE D 527 0.25 21.39 -52.42
N TRP D 528 0.77 21.60 -51.21
CA TRP D 528 0.09 21.10 -50.03
C TRP D 528 -1.22 21.80 -49.71
N THR D 529 -1.24 23.12 -49.82
CA THR D 529 -2.47 23.87 -49.57
C THR D 529 -3.57 23.33 -50.48
N ASN D 530 -3.26 23.13 -51.76
CA ASN D 530 -4.26 22.63 -52.69
C ASN D 530 -4.65 21.18 -52.38
N LEU D 531 -3.67 20.37 -52.01
CA LEU D 531 -3.96 18.98 -51.71
C LEU D 531 -4.93 18.86 -50.53
N PHE D 532 -4.63 19.57 -49.45
CA PHE D 532 -5.45 19.55 -48.26
C PHE D 532 -6.78 20.26 -48.44
N ALA D 533 -6.88 21.10 -49.47
CA ALA D 533 -8.11 21.84 -49.73
C ALA D 533 -9.12 20.96 -50.44
N LYS D 534 -8.67 19.81 -50.92
CA LYS D 534 -9.54 18.86 -51.62
C LYS D 534 -10.55 18.25 -50.64
N SER E 4 -30.93 22.82 -35.12
CA SER E 4 -29.74 22.60 -34.32
C SER E 4 -30.10 22.48 -32.85
N PRO E 5 -29.22 21.86 -32.04
CA PRO E 5 -29.47 21.68 -30.60
C PRO E 5 -29.53 23.01 -29.86
N PRO E 6 -30.31 23.07 -28.77
CA PRO E 6 -30.43 24.30 -27.99
C PRO E 6 -29.14 24.60 -27.19
N VAL E 7 -28.72 25.86 -27.21
CA VAL E 7 -27.54 26.28 -26.48
C VAL E 7 -27.92 27.48 -25.62
N VAL E 8 -27.70 27.35 -24.32
CA VAL E 8 -28.04 28.41 -23.38
C VAL E 8 -26.80 28.97 -22.69
N ASP E 9 -26.81 30.28 -22.44
CA ASP E 9 -25.71 30.96 -21.77
C ASP E 9 -25.99 31.09 -20.28
N THR E 10 -25.17 30.45 -19.46
CA THR E 10 -25.34 30.53 -18.02
C THR E 10 -24.23 31.39 -17.45
N VAL E 11 -24.30 31.71 -16.16
CA VAL E 11 -23.29 32.54 -15.52
C VAL E 11 -21.89 31.98 -15.74
N HIS E 12 -21.75 30.66 -15.58
CA HIS E 12 -20.46 30.00 -15.73
C HIS E 12 -20.06 29.56 -17.15
N GLY E 13 -20.95 29.75 -18.12
CA GLY E 13 -20.62 29.36 -19.48
C GLY E 13 -21.80 28.81 -20.27
N LYS E 14 -21.57 28.54 -21.55
CA LYS E 14 -22.61 28.02 -22.42
C LYS E 14 -22.83 26.53 -22.22
N VAL E 15 -24.07 26.11 -22.38
CA VAL E 15 -24.41 24.70 -22.26
C VAL E 15 -25.26 24.30 -23.45
N LEU E 16 -25.03 23.07 -23.92
CA LEU E 16 -25.75 22.52 -25.07
C LEU E 16 -26.64 21.38 -24.59
N GLY E 17 -27.92 21.43 -24.97
CA GLY E 17 -28.85 20.39 -24.57
C GLY E 17 -29.38 19.66 -25.80
N LYS E 18 -30.60 19.15 -25.68
CA LYS E 18 -31.23 18.45 -26.79
C LYS E 18 -32.74 18.71 -26.77
N PHE E 19 -33.33 18.77 -27.96
CA PHE E 19 -34.76 18.98 -28.11
C PHE E 19 -35.46 17.63 -28.14
N VAL E 20 -36.49 17.48 -27.32
CA VAL E 20 -37.25 16.24 -27.27
C VAL E 20 -38.74 16.63 -27.33
N SER E 21 -39.47 15.97 -28.21
CA SER E 21 -40.89 16.27 -28.36
C SER E 21 -41.76 15.14 -27.82
N LEU E 22 -42.72 15.51 -27.00
CA LEU E 22 -43.63 14.56 -26.40
C LEU E 22 -44.88 14.46 -27.26
N GLU E 23 -45.40 13.25 -27.41
CA GLU E 23 -46.59 13.04 -28.21
C GLU E 23 -47.73 13.99 -27.81
N GLY E 24 -48.27 14.69 -28.80
CA GLY E 24 -49.35 15.61 -28.53
C GLY E 24 -48.93 17.04 -28.26
N PHE E 25 -47.62 17.27 -28.12
CA PHE E 25 -47.14 18.61 -27.85
C PHE E 25 -46.11 19.06 -28.88
N ALA E 26 -46.51 20.02 -29.71
CA ALA E 26 -45.68 20.56 -30.77
C ALA E 26 -44.49 21.38 -30.31
N GLN E 27 -44.57 21.96 -29.11
CA GLN E 27 -43.45 22.74 -28.61
C GLN E 27 -42.42 21.75 -28.04
N PRO E 28 -41.24 21.66 -28.67
CA PRO E 28 -40.23 20.72 -28.16
C PRO E 28 -39.68 21.13 -26.79
N VAL E 29 -39.40 20.14 -25.95
CA VAL E 29 -38.85 20.44 -24.63
C VAL E 29 -37.32 20.39 -24.74
N ALA E 30 -36.65 21.44 -24.28
CA ALA E 30 -35.20 21.47 -24.33
C ALA E 30 -34.72 20.79 -23.06
N ILE E 31 -33.95 19.72 -23.23
CA ILE E 31 -33.46 18.98 -22.07
C ILE E 31 -31.95 19.14 -21.90
N PHE E 32 -31.52 19.42 -20.67
CA PHE E 32 -30.11 19.60 -20.34
C PHE E 32 -29.81 18.65 -19.19
N LEU E 33 -28.94 17.68 -19.46
CA LEU E 33 -28.57 16.67 -18.46
C LEU E 33 -27.18 16.89 -17.87
N GLY E 34 -27.09 16.79 -16.55
CA GLY E 34 -25.80 16.93 -15.88
C GLY E 34 -25.16 18.30 -15.88
N ILE E 35 -25.89 19.33 -15.46
CA ILE E 35 -25.31 20.66 -15.38
C ILE E 35 -24.74 20.73 -13.96
N PRO E 36 -23.44 21.06 -13.83
CA PRO E 36 -22.85 21.16 -12.49
C PRO E 36 -23.28 22.44 -11.79
N PHE E 37 -23.71 22.33 -10.53
CA PHE E 37 -24.12 23.52 -9.79
C PHE E 37 -23.15 23.80 -8.64
N ALA E 38 -22.14 22.95 -8.53
CA ALA E 38 -21.13 23.11 -7.49
C ALA E 38 -19.82 22.46 -7.91
N LYS E 39 -18.76 22.79 -7.19
CA LYS E 39 -17.45 22.21 -7.46
C LYS E 39 -17.48 20.76 -6.93
N PRO E 40 -16.93 19.81 -7.70
CA PRO E 40 -16.94 18.41 -7.25
C PRO E 40 -16.36 18.30 -5.84
N PRO E 41 -17.15 17.78 -4.88
CA PRO E 41 -16.77 17.61 -3.47
C PRO E 41 -15.75 16.50 -3.24
N LEU E 42 -14.58 16.63 -3.88
CA LEU E 42 -13.52 15.63 -3.80
C LEU E 42 -12.37 16.03 -2.88
N GLY E 43 -11.61 15.03 -2.43
CA GLY E 43 -10.47 15.31 -1.56
C GLY E 43 -10.81 16.11 -0.31
N PRO E 44 -10.18 17.27 -0.12
CA PRO E 44 -10.43 18.13 1.05
C PRO E 44 -11.84 18.73 1.10
N LEU E 45 -12.57 18.64 0.00
CA LEU E 45 -13.93 19.18 -0.05
C LEU E 45 -14.97 18.22 0.52
N ARG E 46 -14.54 16.99 0.81
CA ARG E 46 -15.45 16.01 1.38
C ARG E 46 -15.75 16.48 2.81
N PHE E 47 -17.00 16.37 3.22
CA PHE E 47 -17.43 16.81 4.55
C PHE E 47 -17.29 18.33 4.73
N THR E 48 -17.47 19.08 3.65
CA THR E 48 -17.42 20.55 3.71
C THR E 48 -18.57 21.09 2.87
N PRO E 49 -18.93 22.36 3.08
CA PRO E 49 -20.03 22.96 2.32
C PRO E 49 -19.68 23.01 0.83
N PRO E 50 -20.69 22.94 -0.04
CA PRO E 50 -20.44 22.98 -1.49
C PRO E 50 -19.90 24.34 -1.89
N GLN E 51 -19.01 24.37 -2.87
CA GLN E 51 -18.45 25.63 -3.33
C GLN E 51 -18.95 25.87 -4.76
N PRO E 52 -18.94 27.14 -5.22
CA PRO E 52 -19.40 27.48 -6.56
C PRO E 52 -18.67 26.70 -7.65
N ALA E 53 -19.38 26.29 -8.69
CA ALA E 53 -18.76 25.56 -9.79
C ALA E 53 -17.80 26.50 -10.53
N GLU E 54 -16.72 25.93 -11.08
CA GLU E 54 -15.75 26.73 -11.82
C GLU E 54 -16.27 26.98 -13.24
N PRO E 55 -16.09 28.20 -13.76
CA PRO E 55 -16.55 28.53 -15.11
C PRO E 55 -15.79 27.80 -16.22
N TRP E 56 -16.49 27.51 -17.31
CA TRP E 56 -15.89 26.81 -18.43
C TRP E 56 -15.90 27.64 -19.71
N SER E 57 -14.96 27.35 -20.60
CA SER E 57 -14.86 28.05 -21.86
C SER E 57 -15.71 27.28 -22.87
N PHE E 58 -15.98 27.91 -24.01
CA PHE E 58 -16.74 27.26 -25.06
C PHE E 58 -18.11 26.72 -24.63
N VAL E 59 -18.51 25.59 -25.21
CA VAL E 59 -19.82 25.03 -24.89
C VAL E 59 -19.75 23.67 -24.21
N LYS E 60 -20.33 23.59 -23.00
CA LYS E 60 -20.35 22.33 -22.27
C LYS E 60 -21.49 21.46 -22.80
N ASN E 61 -21.15 20.24 -23.18
CA ASN E 61 -22.11 19.27 -23.72
C ASN E 61 -22.92 18.65 -22.56
N ALA E 62 -24.16 19.09 -22.38
CA ALA E 62 -24.98 18.56 -21.30
C ALA E 62 -26.01 17.58 -21.87
N THR E 63 -25.52 16.48 -22.43
CA THR E 63 -26.40 15.49 -23.04
C THR E 63 -26.29 14.07 -22.50
N SER E 64 -25.61 13.91 -21.37
CA SER E 64 -25.49 12.58 -20.79
C SER E 64 -25.87 12.62 -19.32
N TYR E 65 -26.56 11.59 -18.85
CA TYR E 65 -26.97 11.52 -17.47
C TYR E 65 -25.75 11.52 -16.56
N PRO E 66 -25.75 12.35 -15.51
CA PRO E 66 -24.62 12.41 -14.60
C PRO E 66 -24.62 11.19 -13.67
N PRO E 67 -23.49 10.90 -13.02
CA PRO E 67 -23.46 9.75 -12.12
C PRO E 67 -24.32 10.08 -10.91
N MET E 68 -24.74 9.05 -10.17
CA MET E 68 -25.52 9.30 -8.96
C MET E 68 -24.50 9.29 -7.83
N CYS E 69 -24.80 10.01 -6.75
CA CYS E 69 -23.86 10.06 -5.63
C CYS E 69 -23.58 8.67 -5.09
N THR E 70 -22.35 8.45 -4.63
CA THR E 70 -21.95 7.14 -4.10
C THR E 70 -22.99 6.61 -3.12
N GLN E 71 -23.38 5.35 -3.32
CA GLN E 71 -24.38 4.69 -2.51
C GLN E 71 -24.34 3.20 -2.84
N ASP E 72 -25.01 2.39 -2.04
CA ASP E 72 -25.11 0.95 -2.26
C ASP E 72 -25.69 0.85 -3.67
N PRO E 73 -24.90 0.36 -4.63
CA PRO E 73 -25.36 0.23 -6.02
C PRO E 73 -26.57 -0.67 -6.30
N LYS E 74 -26.73 -1.75 -5.54
CA LYS E 74 -27.87 -2.63 -5.78
C LYS E 74 -29.14 -2.00 -5.25
N ALA E 75 -29.04 -1.41 -4.06
CA ALA E 75 -30.16 -0.74 -3.43
C ALA E 75 -30.62 0.46 -4.26
N GLY E 76 -29.64 1.22 -4.75
CA GLY E 76 -29.94 2.38 -5.55
C GLY E 76 -30.55 2.02 -6.88
N GLN E 77 -30.07 0.94 -7.50
CA GLN E 77 -30.60 0.53 -8.80
C GLN E 77 -32.04 0.04 -8.62
N LEU E 78 -32.27 -0.71 -7.55
CA LEU E 78 -33.61 -1.23 -7.28
C LEU E 78 -34.63 -0.13 -7.07
N LEU E 79 -34.30 0.86 -6.25
CA LEU E 79 -35.21 1.97 -6.01
C LEU E 79 -35.49 2.74 -7.30
N SER E 80 -34.44 3.00 -8.07
CA SER E 80 -34.62 3.71 -9.33
C SER E 80 -35.62 2.97 -10.22
N GLU E 81 -35.50 1.65 -10.28
CA GLU E 81 -36.41 0.84 -11.08
C GLU E 81 -37.85 0.91 -10.55
N LEU E 82 -38.00 0.96 -9.23
CA LEU E 82 -39.32 1.01 -8.62
C LEU E 82 -40.01 2.37 -8.71
N PHE E 83 -39.21 3.43 -8.81
CA PHE E 83 -39.74 4.79 -8.87
C PHE E 83 -39.66 5.52 -10.21
N THR E 84 -38.86 5.03 -11.14
CA THR E 84 -38.74 5.73 -12.42
C THR E 84 -40.06 5.81 -13.16
N ASN E 85 -40.29 6.93 -13.83
CA ASN E 85 -41.51 7.14 -14.59
C ASN E 85 -41.26 6.91 -16.08
N ARG E 86 -40.01 6.62 -16.45
CA ARG E 86 -39.69 6.38 -17.85
C ARG E 86 -39.93 4.93 -18.26
N LYS E 87 -40.05 4.68 -19.55
CA LYS E 87 -40.30 3.33 -20.06
C LYS E 87 -39.28 2.31 -19.57
N GLU E 88 -37.99 2.64 -19.69
CA GLU E 88 -36.94 1.73 -19.24
C GLU E 88 -36.00 2.44 -18.27
N ASN E 89 -35.63 1.77 -17.19
CA ASN E 89 -34.74 2.38 -16.20
C ASN E 89 -33.37 2.61 -16.80
N ILE E 90 -32.78 3.75 -16.46
CA ILE E 90 -31.46 4.10 -16.97
C ILE E 90 -30.41 3.74 -15.94
N PRO E 91 -29.56 2.75 -16.26
CA PRO E 91 -28.50 2.32 -15.34
C PRO E 91 -27.53 3.49 -15.16
N LEU E 92 -27.19 3.81 -13.91
CA LEU E 92 -26.30 4.93 -13.64
C LEU E 92 -24.97 4.52 -13.01
N LYS E 93 -23.96 5.36 -13.20
CA LYS E 93 -22.64 5.12 -12.61
C LYS E 93 -22.62 5.79 -11.24
N LEU E 94 -21.77 5.29 -10.35
CA LEU E 94 -21.62 5.86 -9.01
C LEU E 94 -20.41 6.78 -9.02
N SER E 95 -20.48 7.86 -8.24
CA SER E 95 -19.36 8.78 -8.14
C SER E 95 -19.56 9.81 -7.05
N GLU E 96 -18.46 10.31 -6.50
CA GLU E 96 -18.51 11.35 -5.49
C GLU E 96 -18.71 12.67 -6.24
N ASP E 97 -18.40 12.65 -7.54
CA ASP E 97 -18.59 13.83 -8.39
C ASP E 97 -20.03 13.67 -8.86
N CYS E 98 -20.95 14.17 -8.05
CA CYS E 98 -22.38 14.02 -8.35
C CYS E 98 -23.25 15.26 -8.14
N LEU E 99 -22.64 16.41 -7.89
CA LEU E 99 -23.45 17.62 -7.69
C LEU E 99 -23.89 18.22 -9.01
N TYR E 100 -24.90 17.59 -9.61
CA TYR E 100 -25.45 18.02 -10.90
C TYR E 100 -26.97 18.14 -10.82
N LEU E 101 -27.55 18.81 -11.81
CA LEU E 101 -29.00 18.93 -11.90
C LEU E 101 -29.39 18.81 -13.37
N ASN E 102 -30.59 18.30 -13.62
CA ASN E 102 -31.10 18.14 -14.98
C ASN E 102 -32.26 19.13 -15.16
N ILE E 103 -32.32 19.74 -16.35
CA ILE E 103 -33.35 20.73 -16.63
C ILE E 103 -34.23 20.37 -17.83
N TYR E 104 -35.54 20.45 -17.62
CA TYR E 104 -36.53 20.18 -18.67
C TYR E 104 -37.36 21.45 -18.83
N THR E 105 -37.11 22.21 -19.89
CA THR E 105 -37.86 23.45 -20.13
C THR E 105 -38.63 23.41 -21.44
N PRO E 106 -39.95 23.68 -21.38
CA PRO E 106 -40.83 23.69 -22.55
C PRO E 106 -40.91 25.08 -23.16
N ALA E 107 -40.18 26.02 -22.58
CA ALA E 107 -40.17 27.39 -23.06
C ALA E 107 -39.48 27.54 -24.40
N ASP E 108 -39.94 28.51 -25.19
CA ASP E 108 -39.31 28.77 -26.47
C ASP E 108 -38.12 29.65 -26.13
N LEU E 109 -36.93 29.05 -26.16
CA LEU E 109 -35.71 29.77 -25.83
C LEU E 109 -35.36 30.92 -26.75
N THR E 110 -35.99 30.98 -27.92
CA THR E 110 -35.74 32.07 -28.87
C THR E 110 -36.45 33.34 -28.38
N LYS E 111 -37.40 33.16 -27.47
CA LYS E 111 -38.16 34.28 -26.90
C LYS E 111 -37.89 34.35 -25.40
N LYS E 112 -38.20 35.49 -24.80
CA LYS E 112 -38.01 35.64 -23.36
C LYS E 112 -39.21 35.04 -22.65
N ASN E 113 -38.97 34.06 -21.79
CA ASN E 113 -40.03 33.41 -21.04
C ASN E 113 -39.72 33.47 -19.56
N ARG E 114 -40.77 33.38 -18.74
CA ARG E 114 -40.62 33.41 -17.29
C ARG E 114 -41.61 32.43 -16.68
N LEU E 115 -41.48 31.17 -17.07
CA LEU E 115 -42.37 30.12 -16.60
C LEU E 115 -42.10 29.74 -15.15
N PRO E 116 -43.11 29.19 -14.46
CA PRO E 116 -42.90 28.80 -13.07
C PRO E 116 -41.89 27.66 -13.08
N VAL E 117 -41.07 27.59 -12.03
CA VAL E 117 -40.04 26.56 -11.92
C VAL E 117 -40.35 25.59 -10.79
N MET E 118 -40.28 24.30 -11.10
CA MET E 118 -40.52 23.28 -10.09
C MET E 118 -39.23 22.47 -9.90
N VAL E 119 -38.66 22.56 -8.70
CA VAL E 119 -37.42 21.87 -8.37
C VAL E 119 -37.68 20.61 -7.54
N TRP E 120 -37.39 19.46 -8.12
CA TRP E 120 -37.58 18.15 -7.49
C TRP E 120 -36.40 17.64 -6.66
N ILE E 121 -36.70 17.20 -5.44
CA ILE E 121 -35.69 16.65 -4.54
C ILE E 121 -36.08 15.20 -4.28
N HIS E 122 -35.30 14.27 -4.85
CA HIS E 122 -35.59 12.85 -4.72
C HIS E 122 -35.49 12.29 -3.31
N GLY E 123 -36.15 11.16 -3.10
CA GLY E 123 -36.13 10.49 -1.82
C GLY E 123 -35.16 9.33 -1.88
N GLY E 124 -35.10 8.56 -0.79
CA GLY E 124 -34.19 7.44 -0.71
C GLY E 124 -33.55 7.35 0.65
N GLY E 125 -34.24 7.88 1.66
CA GLY E 125 -33.73 7.86 3.02
C GLY E 125 -32.44 8.62 3.26
N LEU E 126 -32.08 9.47 2.31
CA LEU E 126 -30.85 10.26 2.37
C LEU E 126 -29.64 9.35 2.23
N MET E 127 -29.88 8.10 1.84
CA MET E 127 -28.84 7.10 1.67
C MET E 127 -28.64 6.68 0.21
N VAL E 128 -29.73 6.67 -0.56
CA VAL E 128 -29.70 6.29 -1.98
C VAL E 128 -30.55 7.26 -2.81
N GLY E 129 -30.64 6.99 -4.11
CA GLY E 129 -31.43 7.86 -4.97
C GLY E 129 -30.64 8.63 -6.00
N ALA E 130 -31.34 9.16 -7.00
CA ALA E 130 -30.71 9.92 -8.06
C ALA E 130 -31.75 10.78 -8.75
N ALA E 131 -31.30 11.86 -9.39
CA ALA E 131 -32.21 12.76 -10.07
C ALA E 131 -32.69 12.18 -11.40
N SER E 132 -31.77 11.55 -12.13
CA SER E 132 -32.06 10.96 -13.44
C SER E 132 -33.17 9.91 -13.43
N THR E 133 -33.52 9.42 -12.26
CA THR E 133 -34.58 8.44 -12.12
C THR E 133 -35.88 9.07 -12.60
N TYR E 134 -35.98 10.40 -12.40
CA TYR E 134 -37.17 11.16 -12.75
C TYR E 134 -37.09 12.00 -14.02
N ASP E 135 -37.88 11.60 -15.01
CA ASP E 135 -37.94 12.29 -16.29
C ASP E 135 -38.99 13.41 -16.20
N GLY E 136 -38.55 14.66 -16.33
CA GLY E 136 -39.48 15.77 -16.25
C GLY E 136 -40.15 16.16 -17.56
N LEU E 137 -39.99 15.34 -18.59
CA LEU E 137 -40.56 15.63 -19.91
C LEU E 137 -42.08 15.82 -19.93
N ALA E 138 -42.82 14.88 -19.36
CA ALA E 138 -44.28 14.95 -19.33
C ALA E 138 -44.81 16.14 -18.55
N LEU E 139 -44.32 16.30 -17.31
CA LEU E 139 -44.75 17.39 -16.45
C LEU E 139 -44.49 18.75 -17.11
N ALA E 140 -43.29 18.95 -17.61
CA ALA E 140 -42.90 20.20 -18.25
C ALA E 140 -43.78 20.53 -19.45
N ALA E 141 -43.99 19.55 -20.34
CA ALA E 141 -44.78 19.75 -21.54
C ALA E 141 -46.27 19.93 -21.27
N HIS E 142 -46.82 19.09 -20.40
CA HIS E 142 -48.25 19.16 -20.08
C HIS E 142 -48.68 20.39 -19.31
N GLU E 143 -47.86 20.85 -18.38
CA GLU E 143 -48.22 22.00 -17.56
C GLU E 143 -47.44 23.28 -17.83
N ASN E 144 -46.56 23.25 -18.83
CA ASN E 144 -45.77 24.41 -19.20
C ASN E 144 -45.02 25.01 -18.00
N VAL E 145 -44.22 24.16 -17.34
CA VAL E 145 -43.42 24.58 -16.21
C VAL E 145 -41.99 24.08 -16.43
N VAL E 146 -41.00 24.79 -15.91
CA VAL E 146 -39.62 24.34 -16.05
C VAL E 146 -39.39 23.36 -14.90
N VAL E 147 -39.03 22.12 -15.23
CA VAL E 147 -38.78 21.11 -14.20
C VAL E 147 -37.27 20.92 -14.02
N VAL E 148 -36.81 21.02 -12.77
CA VAL E 148 -35.41 20.84 -12.43
C VAL E 148 -35.26 19.71 -11.41
N THR E 149 -34.46 18.69 -11.74
CA THR E 149 -34.23 17.58 -10.82
C THR E 149 -32.79 17.72 -10.33
N ILE E 150 -32.60 17.78 -9.03
CA ILE E 150 -31.26 17.96 -8.47
C ILE E 150 -30.70 16.77 -7.70
N GLN E 151 -29.39 16.77 -7.53
CA GLN E 151 -28.74 15.72 -6.77
C GLN E 151 -28.05 16.37 -5.58
N TYR E 152 -27.80 15.58 -4.55
CA TYR E 152 -27.15 16.08 -3.35
C TYR E 152 -26.41 14.92 -2.70
N ARG E 153 -25.38 15.22 -1.92
CA ARG E 153 -24.60 14.16 -1.29
C ARG E 153 -25.41 13.27 -0.37
N LEU E 154 -25.19 11.97 -0.49
CA LEU E 154 -25.90 10.96 0.27
C LEU E 154 -25.03 10.22 1.28
N GLY E 155 -25.72 9.57 2.23
CA GLY E 155 -25.06 8.78 3.25
C GLY E 155 -23.92 9.45 3.99
N ILE E 156 -22.82 8.71 4.15
CA ILE E 156 -21.65 9.24 4.85
C ILE E 156 -21.17 10.54 4.21
N TRP E 157 -21.11 10.57 2.89
CA TRP E 157 -20.64 11.75 2.17
C TRP E 157 -21.51 12.97 2.40
N GLY E 158 -22.81 12.75 2.53
CA GLY E 158 -23.70 13.89 2.72
C GLY E 158 -24.12 14.19 4.14
N PHE E 159 -23.98 13.24 5.05
CA PHE E 159 -24.45 13.50 6.40
C PHE E 159 -23.56 13.10 7.58
N PHE E 160 -22.30 12.75 7.31
CA PHE E 160 -21.41 12.39 8.41
C PHE E 160 -21.28 13.61 9.32
N SER E 161 -21.47 13.39 10.62
CA SER E 161 -21.38 14.48 11.58
C SER E 161 -20.67 14.04 12.86
N THR E 162 -19.77 14.90 13.33
CA THR E 162 -19.04 14.62 14.56
C THR E 162 -19.74 15.38 15.69
N GLY E 163 -20.76 16.14 15.33
CA GLY E 163 -21.50 16.90 16.33
C GLY E 163 -20.82 18.20 16.72
N ASP E 164 -19.76 18.57 16.02
CA ASP E 164 -19.06 19.80 16.34
C ASP E 164 -18.52 20.48 15.08
N GLU E 165 -17.76 21.55 15.27
CA GLU E 165 -17.25 22.31 14.13
C GLU E 165 -16.35 21.60 13.13
N HIS E 166 -15.82 20.43 13.47
CA HIS E 166 -14.95 19.71 12.56
C HIS E 166 -15.69 18.94 11.47
N SER E 167 -16.99 18.77 11.68
CA SER E 167 -17.87 18.10 10.72
C SER E 167 -19.30 18.28 11.21
N ARG E 168 -19.83 19.50 11.03
CA ARG E 168 -21.18 19.82 11.45
C ARG E 168 -22.24 18.87 10.92
N GLY E 169 -22.16 18.55 9.63
CA GLY E 169 -23.11 17.63 9.05
C GLY E 169 -24.04 18.35 8.06
N ASN E 170 -25.07 17.63 7.62
CA ASN E 170 -26.04 18.18 6.68
C ASN E 170 -25.46 18.67 5.36
N TRP E 171 -24.36 18.05 4.92
CA TRP E 171 -23.73 18.45 3.66
C TRP E 171 -24.74 18.30 2.52
N GLY E 172 -25.56 17.26 2.60
CA GLY E 172 -26.56 17.01 1.57
C GLY E 172 -27.58 18.14 1.48
N HIS E 173 -27.99 18.67 2.63
CA HIS E 173 -28.95 19.77 2.63
C HIS E 173 -28.29 21.06 2.14
N LEU E 174 -27.01 21.22 2.44
CA LEU E 174 -26.31 22.41 1.95
C LEU E 174 -26.22 22.33 0.44
N ASP E 175 -26.10 21.11 -0.10
CA ASP E 175 -26.04 20.92 -1.54
C ASP E 175 -27.38 21.33 -2.16
N GLN E 176 -28.48 20.96 -1.49
CA GLN E 176 -29.81 21.31 -1.99
C GLN E 176 -29.95 22.84 -2.01
N VAL E 177 -29.43 23.51 -0.99
CA VAL E 177 -29.48 24.97 -0.93
C VAL E 177 -28.68 25.58 -2.06
N ALA E 178 -27.50 25.02 -2.33
CA ALA E 178 -26.65 25.53 -3.40
C ALA E 178 -27.33 25.37 -4.76
N ALA E 179 -28.06 24.26 -4.94
CA ALA E 179 -28.76 24.03 -6.20
C ALA E 179 -29.84 25.11 -6.39
N LEU E 180 -30.54 25.43 -5.31
CA LEU E 180 -31.58 26.45 -5.36
C LEU E 180 -30.96 27.81 -5.69
N ARG E 181 -29.81 28.08 -5.09
CA ARG E 181 -29.12 29.34 -5.35
C ARG E 181 -28.75 29.40 -6.82
N TRP E 182 -28.34 28.26 -7.37
CA TRP E 182 -27.96 28.19 -8.78
C TRP E 182 -29.19 28.49 -9.65
N VAL E 183 -30.33 27.89 -9.28
CA VAL E 183 -31.57 28.09 -10.01
C VAL E 183 -31.90 29.58 -10.06
N GLN E 184 -31.75 30.23 -8.91
CA GLN E 184 -32.03 31.66 -8.80
C GLN E 184 -31.14 32.50 -9.73
N ASP E 185 -29.86 32.16 -9.80
CA ASP E 185 -28.94 32.92 -10.64
C ASP E 185 -28.94 32.53 -12.11
N ASN E 186 -29.48 31.36 -12.44
CA ASN E 186 -29.42 30.89 -13.82
C ASN E 186 -30.70 30.50 -14.56
N ILE E 187 -31.74 30.14 -13.83
CA ILE E 187 -32.97 29.67 -14.48
C ILE E 187 -33.61 30.57 -15.55
N ALA E 188 -33.52 31.88 -15.38
CA ALA E 188 -34.11 32.78 -16.37
C ALA E 188 -33.61 32.50 -17.78
N SER E 189 -32.35 32.06 -17.90
CA SER E 189 -31.78 31.76 -19.21
C SER E 189 -32.43 30.53 -19.83
N PHE E 190 -33.13 29.74 -19.01
CA PHE E 190 -33.81 28.55 -19.51
C PHE E 190 -35.33 28.79 -19.59
N GLY E 191 -35.72 30.06 -19.58
CA GLY E 191 -37.13 30.41 -19.68
C GLY E 191 -37.91 30.29 -18.38
N GLY E 192 -37.19 30.23 -17.27
CA GLY E 192 -37.84 30.11 -15.98
C GLY E 192 -37.85 31.40 -15.19
N ASN E 193 -38.82 31.52 -14.30
CA ASN E 193 -38.95 32.71 -13.46
C ASN E 193 -38.30 32.48 -12.11
N PRO E 194 -37.14 33.09 -11.86
CA PRO E 194 -36.46 32.91 -10.58
C PRO E 194 -37.30 33.45 -9.43
N GLY E 195 -38.30 34.26 -9.77
CA GLY E 195 -39.17 34.82 -8.76
C GLY E 195 -40.31 33.89 -8.39
N SER E 196 -40.39 32.75 -9.07
CA SER E 196 -41.43 31.78 -8.77
C SER E 196 -40.90 30.35 -8.80
N VAL E 197 -40.27 29.93 -7.72
CA VAL E 197 -39.69 28.59 -7.62
C VAL E 197 -40.41 27.74 -6.60
N THR E 198 -40.82 26.55 -7.01
CA THR E 198 -41.50 25.61 -6.14
C THR E 198 -40.60 24.41 -5.88
N ILE E 199 -40.38 24.09 -4.61
CA ILE E 199 -39.58 22.91 -4.30
C ILE E 199 -40.53 21.80 -3.90
N PHE E 200 -40.35 20.62 -4.48
CA PHE E 200 -41.17 19.50 -4.13
C PHE E 200 -40.33 18.23 -4.06
N GLY E 201 -40.73 17.30 -3.20
CA GLY E 201 -39.97 16.07 -3.06
C GLY E 201 -40.79 15.01 -2.35
N GLU E 202 -40.36 13.76 -2.48
CA GLU E 202 -41.08 12.66 -1.85
C GLU E 202 -40.17 11.92 -0.87
N SER E 203 -40.76 11.49 0.25
CA SER E 203 -40.04 10.77 1.29
C SER E 203 -38.89 11.62 1.85
N ALA E 204 -37.64 11.13 1.78
CA ALA E 204 -36.52 11.92 2.29
C ALA E 204 -36.48 13.27 1.57
N GLY E 205 -36.99 13.28 0.34
CA GLY E 205 -37.02 14.51 -0.41
C GLY E 205 -38.09 15.43 0.17
N GLY E 206 -39.14 14.81 0.71
CA GLY E 206 -40.21 15.58 1.34
C GLY E 206 -39.70 16.15 2.65
N GLU E 207 -38.90 15.35 3.37
CA GLU E 207 -38.33 15.78 4.64
C GLU E 207 -37.34 16.92 4.35
N SER E 208 -36.61 16.81 3.23
CA SER E 208 -35.66 17.87 2.87
C SER E 208 -36.41 19.17 2.60
N VAL E 209 -37.54 19.08 1.89
CA VAL E 209 -38.35 20.26 1.63
C VAL E 209 -38.77 20.88 2.96
N SER E 210 -39.24 20.03 3.88
CA SER E 210 -39.71 20.47 5.19
C SER E 210 -38.59 21.16 5.98
N VAL E 211 -37.38 20.63 5.85
CA VAL E 211 -36.23 21.21 6.52
C VAL E 211 -35.87 22.56 5.92
N LEU E 212 -35.97 22.68 4.60
CA LEU E 212 -35.64 23.93 3.92
C LEU E 212 -36.65 25.03 4.32
N VAL E 213 -37.89 24.64 4.55
CA VAL E 213 -38.91 25.59 4.94
C VAL E 213 -38.56 26.17 6.31
N LEU E 214 -37.88 25.37 7.14
CA LEU E 214 -37.50 25.78 8.48
C LEU E 214 -36.10 26.39 8.57
N SER E 215 -35.35 26.41 7.48
CA SER E 215 -33.98 26.94 7.51
C SER E 215 -33.76 28.36 7.02
N PRO E 216 -33.02 29.16 7.80
CA PRO E 216 -32.71 30.55 7.44
C PRO E 216 -31.89 30.59 6.14
N LEU E 217 -31.11 29.54 5.90
CA LEU E 217 -30.25 29.48 4.71
C LEU E 217 -31.02 29.41 3.39
N ALA E 218 -32.26 28.90 3.43
CA ALA E 218 -33.05 28.76 2.22
C ALA E 218 -34.07 29.85 1.97
N LYS E 219 -34.17 30.84 2.85
CA LYS E 219 -35.16 31.88 2.63
C LYS E 219 -34.85 32.73 1.41
N ASN E 220 -35.89 33.05 0.66
CA ASN E 220 -35.79 33.83 -0.57
C ASN E 220 -35.31 32.97 -1.74
N LEU E 221 -35.19 31.66 -1.51
CA LEU E 221 -34.74 30.74 -2.57
C LEU E 221 -35.87 29.94 -3.20
N PHE E 222 -37.05 30.00 -2.60
CA PHE E 222 -38.22 29.32 -3.15
C PHE E 222 -39.45 30.09 -2.69
N HIS E 223 -40.59 29.85 -3.33
CA HIS E 223 -41.80 30.60 -3.00
C HIS E 223 -43.02 29.74 -2.72
N ARG E 224 -42.84 28.43 -2.88
CA ARG E 224 -43.90 27.45 -2.64
C ARG E 224 -43.18 26.14 -2.32
N ALA E 225 -43.84 25.28 -1.54
CA ALA E 225 -43.25 24.00 -1.16
C ALA E 225 -44.26 22.86 -1.15
N ILE E 226 -43.79 21.67 -1.50
CA ILE E 226 -44.63 20.49 -1.48
C ILE E 226 -43.88 19.31 -0.85
N SER E 227 -44.42 18.77 0.24
CA SER E 227 -43.80 17.61 0.88
C SER E 227 -44.72 16.43 0.65
N GLU E 228 -44.23 15.44 -0.09
CA GLU E 228 -44.99 14.25 -0.39
C GLU E 228 -44.45 13.11 0.47
N SER E 229 -45.29 12.58 1.37
CA SER E 229 -44.92 11.47 2.24
C SER E 229 -43.59 11.66 2.98
N GLY E 230 -43.45 12.77 3.68
CA GLY E 230 -42.23 13.02 4.41
C GLY E 230 -42.07 14.47 4.85
N VAL E 231 -41.83 14.68 6.15
CA VAL E 231 -41.64 16.02 6.70
C VAL E 231 -40.54 15.99 7.76
N ALA E 232 -40.17 17.16 8.27
CA ALA E 232 -39.12 17.25 9.28
C ALA E 232 -39.45 16.55 10.59
N LEU E 233 -40.68 16.08 10.75
CA LEU E 233 -41.07 15.38 11.97
C LEU E 233 -41.01 13.87 11.79
N THR E 234 -40.64 13.41 10.59
CA THR E 234 -40.48 11.98 10.35
C THR E 234 -39.15 11.71 11.04
N SER E 235 -39.23 11.36 12.33
CA SER E 235 -38.07 11.14 13.17
C SER E 235 -36.94 10.24 12.68
N VAL E 236 -37.24 9.25 11.84
CA VAL E 236 -36.19 8.36 11.37
C VAL E 236 -35.13 9.10 10.54
N LEU E 237 -35.48 10.26 10.02
CA LEU E 237 -34.58 11.05 9.18
C LEU E 237 -33.90 12.21 9.90
N VAL E 238 -34.28 12.47 11.14
CA VAL E 238 -33.70 13.56 11.91
C VAL E 238 -33.08 13.00 13.18
N LYS E 239 -31.78 13.26 13.37
CA LYS E 239 -31.07 12.76 14.53
C LYS E 239 -31.02 13.81 15.63
N LYS E 240 -31.56 13.46 16.79
CA LYS E 240 -31.57 14.35 17.93
C LYS E 240 -30.64 13.85 19.02
N GLY E 241 -30.09 14.77 19.80
CA GLY E 241 -29.18 14.38 20.86
C GLY E 241 -27.74 14.37 20.42
N ASP E 242 -26.95 13.50 21.05
CA ASP E 242 -25.53 13.39 20.74
C ASP E 242 -25.27 12.43 19.57
N VAL E 243 -24.66 12.94 18.52
CA VAL E 243 -24.35 12.14 17.33
C VAL E 243 -22.92 11.60 17.32
N LYS E 244 -22.14 11.98 18.33
CA LYS E 244 -20.75 11.55 18.45
C LYS E 244 -20.61 10.03 18.42
N PRO E 245 -21.49 9.31 19.16
CA PRO E 245 -21.42 7.84 19.19
C PRO E 245 -21.49 7.20 17.80
N LEU E 246 -22.39 7.72 16.95
CA LEU E 246 -22.53 7.19 15.60
C LEU E 246 -21.30 7.50 14.76
N ALA E 247 -20.76 8.71 14.91
CA ALA E 247 -19.57 9.11 14.18
C ALA E 247 -18.40 8.20 14.52
N GLU E 248 -18.27 7.85 15.79
CA GLU E 248 -17.19 6.98 16.24
C GLU E 248 -17.34 5.57 15.67
N GLN E 249 -18.58 5.08 15.60
CA GLN E 249 -18.83 3.75 15.07
C GLN E 249 -18.45 3.70 13.60
N ILE E 250 -18.74 4.77 12.86
CA ILE E 250 -18.41 4.86 11.45
C ILE E 250 -16.89 4.95 11.27
N ALA E 251 -16.24 5.75 12.10
CA ALA E 251 -14.79 5.92 12.04
C ALA E 251 -14.07 4.59 12.32
N ILE E 252 -14.53 3.89 13.36
CA ILE E 252 -13.93 2.61 13.73
C ILE E 252 -14.10 1.59 12.62
N THR E 253 -15.33 1.48 12.11
CA THR E 253 -15.62 0.55 11.03
C THR E 253 -14.74 0.83 9.81
N ALA E 254 -14.43 2.10 9.58
CA ALA E 254 -13.59 2.51 8.47
C ALA E 254 -12.11 2.37 8.82
N GLY E 255 -11.83 1.94 10.04
CA GLY E 255 -10.45 1.75 10.47
C GLY E 255 -9.74 3.03 10.88
N CYS E 256 -10.51 3.96 11.41
CA CYS E 256 -9.98 5.26 11.85
C CYS E 256 -9.91 5.37 13.36
N LYS E 257 -8.94 6.14 13.85
CA LYS E 257 -8.81 6.36 15.29
C LYS E 257 -9.88 7.36 15.68
N THR E 258 -10.24 7.39 16.95
CA THR E 258 -11.26 8.31 17.43
C THR E 258 -10.71 9.23 18.52
N THR E 259 -9.42 9.54 18.44
CA THR E 259 -8.76 10.39 19.41
C THR E 259 -9.49 11.73 19.58
N THR E 260 -9.80 12.39 18.47
CA THR E 260 -10.53 13.66 18.51
C THR E 260 -11.40 13.74 17.27
N SER E 261 -12.26 14.75 17.21
CA SER E 261 -13.14 14.93 16.05
C SER E 261 -12.32 15.28 14.82
N ALA E 262 -11.37 16.19 14.99
CA ALA E 262 -10.54 16.61 13.88
C ALA E 262 -9.78 15.41 13.31
N VAL E 263 -9.37 14.49 14.17
CA VAL E 263 -8.65 13.30 13.75
C VAL E 263 -9.53 12.32 12.96
N MET E 264 -10.75 12.08 13.45
CA MET E 264 -11.66 11.17 12.74
C MET E 264 -11.98 11.70 11.35
N VAL E 265 -12.30 12.98 11.27
CA VAL E 265 -12.64 13.58 9.98
C VAL E 265 -11.45 13.56 9.03
N HIS E 266 -10.27 13.94 9.52
CA HIS E 266 -9.08 13.93 8.68
C HIS E 266 -8.86 12.53 8.11
N CYS E 267 -8.97 11.52 8.96
CA CYS E 267 -8.79 10.13 8.54
C CYS E 267 -9.84 9.72 7.51
N LEU E 268 -11.10 10.08 7.78
CA LEU E 268 -12.17 9.74 6.85
C LEU E 268 -11.98 10.40 5.49
N ARG E 269 -11.38 11.58 5.48
CA ARG E 269 -11.13 12.27 4.21
C ARG E 269 -10.01 11.62 3.40
N GLN E 270 -9.17 10.82 4.05
CA GLN E 270 -8.07 10.16 3.35
C GLN E 270 -8.51 8.83 2.74
N LYS E 271 -9.67 8.34 3.16
CA LYS E 271 -10.17 7.08 2.62
C LYS E 271 -10.61 7.25 1.19
N THR E 272 -10.55 6.17 0.41
CA THR E 272 -10.96 6.22 -0.98
C THR E 272 -12.47 6.07 -1.03
N GLU E 273 -13.05 6.37 -2.19
CA GLU E 273 -14.48 6.25 -2.37
C GLU E 273 -14.88 4.81 -2.06
N GLU E 274 -14.11 3.87 -2.58
CA GLU E 274 -14.40 2.46 -2.37
C GLU E 274 -14.34 2.04 -0.90
N GLU E 275 -13.40 2.61 -0.15
CA GLU E 275 -13.26 2.28 1.26
C GLU E 275 -14.48 2.76 2.05
N LEU E 276 -14.96 3.96 1.74
CA LEU E 276 -16.13 4.50 2.43
C LEU E 276 -17.39 3.75 2.00
N LEU E 277 -17.41 3.26 0.77
CA LEU E 277 -18.57 2.49 0.32
C LEU E 277 -18.58 1.15 1.04
N GLU E 278 -17.40 0.58 1.27
CA GLU E 278 -17.31 -0.69 1.97
C GLU E 278 -17.77 -0.48 3.41
N THR E 279 -17.46 0.69 3.98
CA THR E 279 -17.86 1.01 5.34
C THR E 279 -19.39 1.09 5.37
N THR E 280 -19.97 1.70 4.33
CA THR E 280 -21.41 1.84 4.23
C THR E 280 -22.07 0.46 4.25
N LEU E 281 -21.53 -0.45 3.45
CA LEU E 281 -22.07 -1.80 3.37
C LEU E 281 -21.94 -2.54 4.70
N LYS E 282 -20.81 -2.35 5.39
CA LYS E 282 -20.61 -3.01 6.67
C LYS E 282 -21.59 -2.46 7.71
N MET E 283 -21.95 -1.19 7.57
CA MET E 283 -22.87 -0.54 8.50
C MET E 283 -24.31 -1.04 8.38
N LYS E 284 -24.63 -1.71 7.27
CA LYS E 284 -25.97 -2.27 7.04
C LYS E 284 -27.11 -1.24 7.15
N PHE E 285 -26.93 -0.06 6.59
CA PHE E 285 -27.97 0.97 6.67
C PHE E 285 -29.24 0.58 5.93
N LEU E 286 -30.36 1.21 6.26
CA LEU E 286 -31.61 0.94 5.59
C LEU E 286 -32.11 -0.50 5.75
N SER E 287 -31.75 -1.11 6.87
CA SER E 287 -32.17 -2.47 7.16
C SER E 287 -32.54 -2.57 8.62
N LEU E 288 -33.67 -3.22 8.89
CA LEU E 288 -34.13 -3.39 10.26
C LEU E 288 -33.18 -4.35 10.98
N ASP E 289 -32.46 -3.84 11.98
CA ASP E 289 -31.53 -4.66 12.75
C ASP E 289 -32.31 -5.46 13.80
N LEU E 290 -32.32 -6.78 13.63
CA LEU E 290 -33.04 -7.66 14.55
C LEU E 290 -32.16 -8.13 15.70
N GLN E 291 -30.98 -7.53 15.82
CA GLN E 291 -30.04 -7.94 16.85
C GLN E 291 -29.72 -6.86 17.88
N GLY E 292 -29.62 -7.27 19.14
CA GLY E 292 -29.30 -6.34 20.21
C GLY E 292 -30.39 -5.35 20.58
N ASP E 293 -29.99 -4.29 21.28
CA ASP E 293 -30.93 -3.25 21.71
C ASP E 293 -31.33 -2.39 20.52
N PRO E 294 -32.63 -2.39 20.17
CA PRO E 294 -33.13 -1.60 19.04
C PRO E 294 -32.89 -0.10 19.17
N ARG E 295 -32.55 0.35 20.36
CA ARG E 295 -32.30 1.78 20.57
C ARG E 295 -30.91 2.14 20.06
N GLU E 296 -30.08 1.14 19.83
CA GLU E 296 -28.72 1.38 19.33
C GLU E 296 -28.67 1.25 17.80
N SER E 297 -29.81 0.94 17.19
CA SER E 297 -29.87 0.80 15.74
C SER E 297 -29.84 2.16 15.06
N GLN E 298 -29.25 2.20 13.88
CA GLN E 298 -29.14 3.42 13.10
C GLN E 298 -29.19 3.04 11.62
N PRO E 299 -30.41 2.85 11.08
CA PRO E 299 -30.59 2.47 9.68
C PRO E 299 -30.31 3.59 8.69
N LEU E 300 -30.12 4.81 9.18
CA LEU E 300 -29.86 5.94 8.31
C LEU E 300 -28.92 6.99 8.90
N LEU E 301 -28.28 7.73 8.02
CA LEU E 301 -27.40 8.82 8.41
C LEU E 301 -28.17 10.01 7.84
N GLY E 302 -28.61 10.92 8.70
CA GLY E 302 -29.38 12.03 8.18
C GLY E 302 -29.18 13.40 8.80
N THR E 303 -30.28 14.14 8.81
CA THR E 303 -30.30 15.50 9.32
C THR E 303 -29.93 15.59 10.79
N VAL E 304 -29.13 16.60 11.12
CA VAL E 304 -28.74 16.83 12.50
C VAL E 304 -28.95 18.32 12.74
N ILE E 305 -28.96 18.71 14.00
CA ILE E 305 -29.10 20.12 14.35
C ILE E 305 -27.67 20.64 14.38
N ASP E 306 -27.22 21.16 13.23
CA ASP E 306 -25.84 21.65 13.05
C ASP E 306 -25.52 23.06 13.53
N GLY E 307 -26.53 23.94 13.55
CA GLY E 307 -26.27 25.30 13.96
C GLY E 307 -26.14 26.25 12.79
N MET E 308 -26.15 25.70 11.57
CA MET E 308 -26.05 26.50 10.35
C MET E 308 -27.35 26.37 9.56
N LEU E 309 -27.70 25.14 9.21
CA LEU E 309 -28.94 24.87 8.47
C LEU E 309 -30.13 24.94 9.42
N LEU E 310 -30.01 24.24 10.55
CA LEU E 310 -31.05 24.22 11.57
C LEU E 310 -30.43 24.70 12.88
N LEU E 311 -31.03 25.72 13.48
CA LEU E 311 -30.52 26.28 14.73
C LEU E 311 -31.05 25.54 15.95
N LYS E 312 -32.11 24.76 15.75
CA LYS E 312 -32.71 23.97 16.82
C LYS E 312 -33.58 22.89 16.20
N THR E 313 -34.12 22.01 17.03
CA THR E 313 -34.97 20.93 16.55
C THR E 313 -36.17 21.45 15.77
N PRO E 314 -36.66 20.66 14.81
CA PRO E 314 -37.82 21.10 14.01
C PRO E 314 -39.02 21.38 14.92
N GLU E 315 -39.15 20.58 15.99
CA GLU E 315 -40.24 20.75 16.93
C GLU E 315 -40.14 22.14 17.56
N GLU E 316 -38.93 22.56 17.89
CA GLU E 316 -38.68 23.87 18.49
C GLU E 316 -38.93 25.00 17.49
N LEU E 317 -38.52 24.77 16.25
CA LEU E 317 -38.68 25.77 15.19
C LEU E 317 -40.13 25.99 14.77
N GLN E 318 -40.96 24.97 14.95
CA GLN E 318 -42.36 25.10 14.58
C GLN E 318 -43.12 26.06 15.46
N ALA E 319 -42.90 25.96 16.76
CA ALA E 319 -43.55 26.83 17.72
C ALA E 319 -43.11 28.28 17.53
N GLU E 320 -41.80 28.47 17.50
CA GLU E 320 -41.21 29.79 17.34
C GLU E 320 -41.78 30.58 16.17
N ARG E 321 -42.49 29.91 15.27
CA ARG E 321 -43.08 30.58 14.11
C ARG E 321 -42.04 31.44 13.42
N ASN E 322 -40.79 31.00 13.49
CA ASN E 322 -39.68 31.72 12.88
C ASN E 322 -39.60 31.50 11.37
N PHE E 323 -39.87 30.28 10.93
CA PHE E 323 -39.82 29.94 9.52
C PHE E 323 -40.71 30.86 8.67
N HIS E 324 -40.09 31.88 8.08
CA HIS E 324 -40.79 32.84 7.24
C HIS E 324 -41.67 32.01 6.29
N THR E 325 -42.93 32.41 6.16
CA THR E 325 -43.92 31.69 5.38
C THR E 325 -43.89 31.66 3.85
N VAL E 326 -44.52 30.61 3.31
CA VAL E 326 -44.68 30.37 1.88
C VAL E 326 -45.81 29.33 1.77
N PRO E 327 -46.54 29.33 0.64
CA PRO E 327 -47.62 28.35 0.48
C PRO E 327 -47.00 26.96 0.61
N TYR E 328 -47.65 26.07 1.36
CA TYR E 328 -47.10 24.73 1.60
C TYR E 328 -48.13 23.61 1.45
N MET E 329 -47.87 22.68 0.53
CA MET E 329 -48.74 21.52 0.33
C MET E 329 -48.08 20.31 1.00
N VAL E 330 -48.82 19.66 1.90
CA VAL E 330 -48.34 18.47 2.62
C VAL E 330 -49.27 17.29 2.38
N GLY E 331 -48.73 16.18 1.91
CA GLY E 331 -49.58 15.02 1.67
C GLY E 331 -49.00 13.67 2.04
N ILE E 332 -49.87 12.68 2.11
CA ILE E 332 -49.49 11.31 2.45
C ILE E 332 -50.29 10.34 1.59
N ASN E 333 -49.88 9.08 1.59
CA ASN E 333 -50.59 8.07 0.84
C ASN E 333 -51.33 7.19 1.82
N LYS E 334 -52.36 6.50 1.34
CA LYS E 334 -53.19 5.65 2.18
C LYS E 334 -52.43 4.60 2.99
N GLN E 335 -51.51 3.88 2.36
CA GLN E 335 -50.73 2.85 3.06
C GLN E 335 -49.23 3.10 2.92
N GLU E 336 -48.72 4.12 3.60
CA GLU E 336 -47.30 4.49 3.55
C GLU E 336 -46.37 3.34 3.92
N PHE E 337 -46.84 2.39 4.73
CA PHE E 337 -46.02 1.25 5.12
C PHE E 337 -46.64 -0.05 4.60
N GLY E 338 -47.33 0.05 3.48
CA GLY E 338 -48.00 -1.11 2.91
C GLY E 338 -47.14 -2.18 2.27
N TRP E 339 -46.04 -1.81 1.62
CA TRP E 339 -45.21 -2.81 0.98
C TRP E 339 -43.77 -2.38 0.68
N LEU E 340 -43.63 -1.30 -0.08
CA LEU E 340 -42.29 -0.81 -0.46
C LEU E 340 -41.27 -0.68 0.65
N ILE E 341 -41.55 0.14 1.64
CA ILE E 341 -40.61 0.35 2.74
C ILE E 341 -40.29 -0.94 3.50
N PRO E 342 -41.31 -1.70 3.93
CA PRO E 342 -41.09 -2.95 4.65
C PRO E 342 -40.22 -3.90 3.81
N MET E 343 -40.48 -3.91 2.51
CA MET E 343 -39.74 -4.76 1.59
C MET E 343 -38.28 -4.33 1.54
N LEU E 344 -38.07 -3.04 1.32
CA LEU E 344 -36.72 -2.50 1.24
C LEU E 344 -35.94 -2.66 2.54
N MET E 345 -36.60 -2.49 3.68
CA MET E 345 -35.91 -2.61 4.96
C MET E 345 -35.82 -4.03 5.51
N SER E 346 -36.19 -5.02 4.70
CA SER E 346 -36.16 -6.41 5.14
C SER E 346 -36.97 -6.61 6.41
N TYR E 347 -38.13 -5.98 6.48
CA TYR E 347 -39.00 -6.08 7.64
C TYR E 347 -39.46 -7.54 7.79
N PRO E 348 -39.33 -8.11 8.99
CA PRO E 348 -39.72 -9.49 9.29
C PRO E 348 -41.23 -9.72 9.31
N LEU E 349 -41.83 -10.01 8.16
CA LEU E 349 -43.27 -10.24 8.08
C LEU E 349 -43.63 -11.38 7.12
N SER E 350 -42.76 -12.38 7.02
CA SER E 350 -42.98 -13.53 6.15
C SER E 350 -44.44 -13.98 6.21
N GLU E 351 -44.88 -14.34 7.40
CA GLU E 351 -46.25 -14.81 7.60
C GLU E 351 -47.27 -13.72 7.33
N GLY E 352 -48.55 -14.07 7.41
CA GLY E 352 -49.61 -13.11 7.17
C GLY E 352 -50.15 -12.52 8.45
N GLN E 353 -51.11 -13.21 9.06
CA GLN E 353 -51.74 -12.75 10.30
C GLN E 353 -50.72 -12.51 11.40
N LEU E 354 -51.09 -11.68 12.37
CA LEU E 354 -50.19 -11.33 13.46
C LEU E 354 -50.87 -11.21 14.82
N ASP E 355 -50.28 -11.81 15.84
CA ASP E 355 -50.82 -11.75 17.20
C ASP E 355 -50.21 -10.54 17.90
N GLN E 356 -50.93 -9.96 18.84
CA GLN E 356 -50.44 -8.78 19.55
C GLN E 356 -49.11 -8.98 20.25
N LYS E 357 -48.89 -10.16 20.80
CA LYS E 357 -47.64 -10.46 21.49
C LYS E 357 -46.49 -10.26 20.50
N THR E 358 -46.64 -10.80 19.30
CA THR E 358 -45.63 -10.67 18.27
C THR E 358 -45.54 -9.21 17.81
N ALA E 359 -46.69 -8.56 17.72
CA ALA E 359 -46.76 -7.17 17.29
C ALA E 359 -45.93 -6.28 18.21
N MET E 360 -46.03 -6.52 19.51
CA MET E 360 -45.29 -5.73 20.50
C MET E 360 -43.79 -5.94 20.38
N SER E 361 -43.39 -7.16 20.04
CA SER E 361 -41.98 -7.48 19.90
C SER E 361 -41.44 -6.80 18.64
N LEU E 362 -42.24 -6.85 17.57
CA LEU E 362 -41.85 -6.21 16.32
C LEU E 362 -41.79 -4.69 16.47
N LEU E 363 -42.74 -4.14 17.20
CA LEU E 363 -42.78 -2.69 17.41
C LEU E 363 -41.56 -2.20 18.18
N TRP E 364 -41.09 -3.02 19.11
CA TRP E 364 -39.90 -2.66 19.89
C TRP E 364 -38.68 -2.67 18.97
N LYS E 365 -38.56 -3.71 18.15
CA LYS E 365 -37.45 -3.81 17.21
C LYS E 365 -37.50 -2.67 16.19
N SER E 366 -38.68 -2.07 16.05
CA SER E 366 -38.86 -0.97 15.10
C SER E 366 -38.55 0.39 15.73
N TYR E 367 -37.97 0.38 16.94
CA TYR E 367 -37.63 1.61 17.63
C TYR E 367 -36.97 2.68 16.76
N PRO E 368 -35.98 2.30 15.94
CA PRO E 368 -35.36 3.34 15.10
C PRO E 368 -36.32 4.04 14.15
N LEU E 369 -37.43 3.39 13.83
CA LEU E 369 -38.41 3.98 12.92
C LEU E 369 -39.53 4.75 13.61
N VAL E 370 -40.06 4.21 14.70
CA VAL E 370 -41.16 4.83 15.41
C VAL E 370 -40.82 5.52 16.74
N CYS E 371 -39.69 5.13 17.33
N CYS E 371 -39.81 5.22 17.48
CA CYS E 371 -39.23 5.72 18.58
CA CYS E 371 -39.21 5.69 18.71
C CYS E 371 -40.21 5.60 19.75
C CYS E 371 -40.24 5.65 19.85
N ILE E 372 -40.83 4.43 19.89
CA ILE E 372 -41.77 4.23 20.98
C ILE E 372 -41.11 3.52 22.16
N ALA E 373 -41.04 4.20 23.29
CA ALA E 373 -40.44 3.63 24.50
C ALA E 373 -41.07 2.26 24.77
N LYS E 374 -40.26 1.33 25.26
CA LYS E 374 -40.74 -0.02 25.51
C LYS E 374 -41.95 -0.11 26.44
N GLU E 375 -41.99 0.72 27.48
CA GLU E 375 -43.12 0.66 28.41
C GLU E 375 -44.39 1.21 27.81
N LEU E 376 -44.28 1.80 26.62
CA LEU E 376 -45.44 2.37 25.94
C LEU E 376 -45.93 1.50 24.78
N ILE E 377 -45.19 0.44 24.46
CA ILE E 377 -45.58 -0.46 23.37
C ILE E 377 -46.95 -1.10 23.57
N PRO E 378 -47.22 -1.64 24.77
CA PRO E 378 -48.53 -2.27 25.02
C PRO E 378 -49.71 -1.35 24.71
N GLU E 379 -49.68 -0.14 25.23
CA GLU E 379 -50.74 0.84 25.01
C GLU E 379 -50.95 1.12 23.53
N ALA E 380 -49.85 1.44 22.84
CA ALA E 380 -49.91 1.74 21.42
C ALA E 380 -50.48 0.57 20.63
N THR E 381 -50.02 -0.64 20.94
CA THR E 381 -50.46 -1.84 20.25
C THR E 381 -51.94 -2.14 20.50
N GLU E 382 -52.35 -2.07 21.76
CA GLU E 382 -53.73 -2.33 22.13
C GLU E 382 -54.65 -1.31 21.44
N LYS E 383 -54.20 -0.08 21.33
CA LYS E 383 -55.00 0.97 20.69
C LYS E 383 -55.31 0.62 19.25
N TYR E 384 -54.31 0.13 18.52
CA TYR E 384 -54.50 -0.22 17.11
C TYR E 384 -55.00 -1.63 16.85
N LEU E 385 -54.55 -2.61 17.64
CA LEU E 385 -54.96 -3.99 17.40
C LEU E 385 -55.99 -4.54 18.39
N GLY E 386 -56.11 -3.91 19.55
CA GLY E 386 -57.03 -4.37 20.56
C GLY E 386 -58.51 -4.43 20.21
N GLY E 387 -58.87 -3.94 19.04
CA GLY E 387 -60.26 -3.95 18.65
C GLY E 387 -60.69 -5.06 17.70
N THR E 388 -59.86 -6.08 17.54
CA THR E 388 -60.19 -7.18 16.64
C THR E 388 -59.45 -8.46 16.99
N ASP E 389 -60.04 -9.60 16.63
CA ASP E 389 -59.45 -10.90 16.89
C ASP E 389 -58.74 -11.45 15.65
N ASP E 390 -59.21 -11.07 14.47
CA ASP E 390 -58.60 -11.54 13.25
C ASP E 390 -57.16 -11.04 13.20
N THR E 391 -56.22 -11.96 13.44
CA THR E 391 -54.80 -11.60 13.45
C THR E 391 -54.35 -11.06 12.09
N VAL E 392 -55.08 -11.39 11.03
CA VAL E 392 -54.72 -10.92 9.70
C VAL E 392 -54.93 -9.41 9.67
N LYS E 393 -56.06 -8.98 10.23
CA LYS E 393 -56.39 -7.56 10.29
C LYS E 393 -55.47 -6.85 11.27
N LYS E 394 -55.06 -7.55 12.32
CA LYS E 394 -54.15 -6.99 13.31
C LYS E 394 -52.85 -6.66 12.61
N LYS E 395 -52.57 -7.41 11.54
CA LYS E 395 -51.37 -7.21 10.75
C LYS E 395 -51.56 -5.95 9.91
N ASP E 396 -52.76 -5.79 9.37
CA ASP E 396 -53.08 -4.62 8.57
C ASP E 396 -53.01 -3.38 9.46
N LEU E 397 -53.66 -3.48 10.62
CA LEU E 397 -53.69 -2.39 11.58
C LEU E 397 -52.28 -2.08 12.08
N PHE E 398 -51.45 -3.10 12.18
CA PHE E 398 -50.09 -2.91 12.63
C PHE E 398 -49.35 -2.03 11.64
N LEU E 399 -49.58 -2.27 10.35
CA LEU E 399 -48.92 -1.48 9.31
C LEU E 399 -49.45 -0.04 9.31
N ASP E 400 -50.70 0.14 9.73
CA ASP E 400 -51.30 1.47 9.79
C ASP E 400 -50.66 2.24 10.94
N LEU E 401 -50.37 1.54 12.03
CA LEU E 401 -49.76 2.15 13.20
C LEU E 401 -48.40 2.74 12.82
N ILE E 402 -47.56 1.92 12.18
CA ILE E 402 -46.23 2.37 11.78
C ILE E 402 -46.33 3.55 10.82
N ALA E 403 -47.23 3.46 9.86
CA ALA E 403 -47.44 4.51 8.88
C ALA E 403 -47.87 5.81 9.55
N ASP E 404 -48.76 5.70 10.53
CA ASP E 404 -49.25 6.88 11.23
C ASP E 404 -48.14 7.57 12.02
N VAL E 405 -47.30 6.79 12.70
CA VAL E 405 -46.23 7.40 13.48
C VAL E 405 -45.13 7.99 12.59
N MET E 406 -44.86 7.36 11.46
CA MET E 406 -43.80 7.84 10.56
C MET E 406 -44.22 9.00 9.63
N PHE E 407 -45.39 8.89 9.03
CA PHE E 407 -45.84 9.93 8.10
C PHE E 407 -47.15 10.65 8.43
N GLY E 408 -48.19 9.89 8.72
CA GLY E 408 -49.49 10.47 9.03
C GLY E 408 -49.51 11.58 10.07
N VAL E 409 -49.19 11.24 11.30
CA VAL E 409 -49.21 12.22 12.39
C VAL E 409 -48.20 13.37 12.18
N PRO E 410 -46.94 13.04 11.85
CA PRO E 410 -45.96 14.11 11.63
C PRO E 410 -46.43 15.12 10.59
N SER E 411 -46.99 14.62 9.48
CA SER E 411 -47.47 15.49 8.41
C SER E 411 -48.60 16.44 8.83
N VAL E 412 -49.58 15.90 9.57
CA VAL E 412 -50.69 16.72 10.02
C VAL E 412 -50.20 17.76 11.01
N ILE E 413 -49.34 17.35 11.94
CA ILE E 413 -48.80 18.29 12.93
C ILE E 413 -48.07 19.42 12.21
N VAL E 414 -47.31 19.10 11.16
CA VAL E 414 -46.58 20.13 10.42
C VAL E 414 -47.55 21.06 9.70
N ALA E 415 -48.57 20.50 9.06
CA ALA E 415 -49.56 21.30 8.34
C ALA E 415 -50.27 22.27 9.30
N ARG E 416 -50.69 21.75 10.46
CA ARG E 416 -51.38 22.57 11.46
C ARG E 416 -50.48 23.72 11.90
N ASN E 417 -49.20 23.42 12.15
CA ASN E 417 -48.27 24.44 12.57
C ASN E 417 -48.06 25.49 11.49
N HIS E 418 -47.96 25.05 10.24
CA HIS E 418 -47.77 25.97 9.14
C HIS E 418 -48.99 26.87 9.05
N ARG E 419 -50.17 26.24 9.10
CA ARG E 419 -51.43 26.95 9.03
C ARG E 419 -51.50 28.03 10.13
N ASP E 420 -51.19 27.63 11.35
CA ASP E 420 -51.23 28.56 12.47
C ASP E 420 -50.16 29.63 12.41
N ALA E 421 -49.27 29.51 11.43
CA ALA E 421 -48.21 30.51 11.26
C ALA E 421 -48.70 31.57 10.28
N GLY E 422 -49.88 31.35 9.73
CA GLY E 422 -50.49 32.31 8.81
C GLY E 422 -50.35 32.09 7.32
N ALA E 423 -49.59 31.09 6.92
CA ALA E 423 -49.38 30.82 5.48
C ALA E 423 -50.40 29.86 4.89
N PRO E 424 -50.63 29.96 3.56
CA PRO E 424 -51.58 29.09 2.87
C PRO E 424 -51.09 27.65 3.05
N THR E 425 -52.00 26.77 3.45
CA THR E 425 -51.64 25.38 3.68
C THR E 425 -52.66 24.46 3.04
N TYR E 426 -52.19 23.36 2.44
CA TYR E 426 -53.06 22.38 1.80
C TYR E 426 -52.58 20.98 2.12
N MET E 427 -53.52 20.04 2.22
CA MET E 427 -53.19 18.63 2.49
C MET E 427 -53.97 17.71 1.57
N TYR E 428 -53.42 16.52 1.35
CA TYR E 428 -54.08 15.51 0.52
C TYR E 428 -53.68 14.14 1.05
N GLU E 429 -54.46 13.13 0.67
CA GLU E 429 -54.20 11.75 1.03
C GLU E 429 -54.42 11.00 -0.28
N PHE E 430 -53.36 10.43 -0.81
CA PHE E 430 -53.39 9.71 -2.08
C PHE E 430 -53.78 8.24 -1.91
N GLN E 431 -54.80 7.81 -2.63
CA GLN E 431 -55.25 6.42 -2.54
C GLN E 431 -55.49 5.84 -3.94
N TYR E 432 -54.45 5.29 -4.53
CA TYR E 432 -54.56 4.68 -5.86
C TYR E 432 -53.42 3.69 -6.08
N ARG E 433 -53.71 2.61 -6.79
CA ARG E 433 -52.68 1.61 -7.08
C ARG E 433 -52.26 1.74 -8.53
N PRO E 434 -51.06 2.28 -8.77
CA PRO E 434 -50.52 2.46 -10.12
C PRO E 434 -50.40 1.14 -10.86
N SER E 435 -50.65 1.15 -12.16
CA SER E 435 -50.51 -0.07 -12.94
C SER E 435 -49.01 -0.32 -13.09
N PHE E 436 -48.21 0.71 -12.81
CA PHE E 436 -46.76 0.61 -12.90
C PHE E 436 -46.12 0.00 -11.65
N SER E 437 -46.95 -0.48 -10.74
CA SER E 437 -46.46 -1.10 -9.51
C SER E 437 -45.64 -2.34 -9.86
N SER E 438 -44.78 -2.76 -8.93
CA SER E 438 -43.96 -3.94 -9.12
C SER E 438 -44.83 -5.19 -9.14
N ASP E 439 -44.46 -6.16 -9.96
CA ASP E 439 -45.23 -7.41 -10.05
C ASP E 439 -45.19 -8.19 -8.73
N MET E 440 -44.23 -7.88 -7.87
CA MET E 440 -44.10 -8.56 -6.59
C MET E 440 -45.00 -7.97 -5.51
N LYS E 441 -45.61 -6.83 -5.80
CA LYS E 441 -46.50 -6.14 -4.86
C LYS E 441 -47.93 -6.69 -4.98
N PRO E 442 -48.48 -7.21 -3.87
CA PRO E 442 -49.85 -7.76 -3.86
C PRO E 442 -50.87 -6.75 -4.40
N LYS E 443 -51.85 -7.26 -5.14
CA LYS E 443 -52.89 -6.40 -5.71
C LYS E 443 -53.66 -5.62 -4.66
N THR E 444 -53.72 -6.16 -3.45
CA THR E 444 -54.46 -5.51 -2.36
C THR E 444 -53.80 -4.28 -1.74
N VAL E 445 -52.59 -3.94 -2.16
CA VAL E 445 -51.91 -2.78 -1.62
C VAL E 445 -52.30 -1.57 -2.45
N ILE E 446 -52.88 -0.57 -1.80
CA ILE E 446 -53.32 0.65 -2.49
C ILE E 446 -52.80 1.89 -1.78
N GLY E 447 -52.21 2.81 -2.54
CA GLY E 447 -51.68 4.01 -1.95
C GLY E 447 -50.42 3.70 -1.14
N ASP E 448 -49.56 2.84 -1.68
CA ASP E 448 -48.32 2.49 -0.99
C ASP E 448 -47.36 3.67 -1.11
N HIS E 449 -46.29 3.64 -0.32
CA HIS E 449 -45.30 4.70 -0.36
C HIS E 449 -44.81 4.86 -1.80
N GLY E 450 -44.83 6.09 -2.30
CA GLY E 450 -44.37 6.38 -3.65
C GLY E 450 -45.37 6.27 -4.80
N ASP E 451 -46.56 5.75 -4.53
CA ASP E 451 -47.57 5.57 -5.57
C ASP E 451 -47.99 6.85 -6.30
N GLU E 452 -47.99 7.98 -5.62
CA GLU E 452 -48.40 9.23 -6.23
C GLU E 452 -47.40 9.74 -7.28
N LEU E 453 -46.14 9.33 -7.14
CA LEU E 453 -45.09 9.74 -8.05
C LEU E 453 -45.45 9.53 -9.52
N PHE E 454 -46.04 8.38 -9.82
CA PHE E 454 -46.42 8.07 -11.20
C PHE E 454 -47.41 9.06 -11.77
N SER E 455 -48.27 9.62 -10.92
CA SER E 455 -49.25 10.59 -11.39
C SER E 455 -48.58 11.96 -11.52
N VAL E 456 -47.82 12.33 -10.50
CA VAL E 456 -47.12 13.62 -10.48
C VAL E 456 -46.16 13.79 -11.65
N PHE E 457 -45.43 12.72 -11.98
CA PHE E 457 -44.48 12.81 -13.08
C PHE E 457 -44.97 12.32 -14.43
N GLY E 458 -46.28 12.12 -14.55
CA GLY E 458 -46.86 11.71 -15.82
C GLY E 458 -46.39 10.41 -16.43
N ALA E 459 -46.24 9.38 -15.60
CA ALA E 459 -45.82 8.08 -16.08
C ALA E 459 -46.76 7.56 -17.17
N PRO E 460 -48.07 7.79 -17.05
CA PRO E 460 -49.00 7.31 -18.08
C PRO E 460 -48.69 7.81 -19.48
N PHE E 461 -47.92 8.88 -19.57
CA PHE E 461 -47.58 9.44 -20.87
C PHE E 461 -46.20 9.05 -21.39
N LEU E 462 -45.45 8.30 -20.57
CA LEU E 462 -44.13 7.87 -20.97
C LEU E 462 -44.06 6.35 -20.99
N LYS E 463 -44.69 5.71 -20.00
CA LYS E 463 -44.73 4.26 -19.91
C LYS E 463 -45.97 3.78 -20.67
N GLU E 464 -46.13 2.47 -20.79
CA GLU E 464 -47.26 1.91 -21.52
C GLU E 464 -48.23 1.15 -20.61
N GLY E 465 -49.44 0.95 -21.09
CA GLY E 465 -50.42 0.19 -20.33
C GLY E 465 -51.45 0.96 -19.53
N ALA E 466 -51.20 2.25 -19.30
CA ALA E 466 -52.12 3.07 -18.53
C ALA E 466 -53.53 3.11 -19.12
N SER E 467 -54.53 2.96 -18.26
CA SER E 467 -55.92 2.99 -18.67
C SER E 467 -56.39 4.44 -18.68
N GLU E 468 -57.56 4.70 -19.26
CA GLU E 468 -58.09 6.04 -19.31
C GLU E 468 -58.19 6.67 -17.92
N GLU E 469 -58.58 5.86 -16.95
CA GLU E 469 -58.71 6.33 -15.57
C GLU E 469 -57.36 6.77 -15.00
N GLU E 470 -56.33 5.99 -15.25
CA GLU E 470 -55.00 6.32 -14.76
C GLU E 470 -54.46 7.56 -15.46
N ILE E 471 -54.80 7.69 -16.73
CA ILE E 471 -54.36 8.84 -17.51
C ILE E 471 -55.00 10.11 -16.99
N ARG E 472 -56.30 10.04 -16.69
CA ARG E 472 -57.02 11.21 -16.18
C ARG E 472 -56.49 11.63 -14.81
N LEU E 473 -56.21 10.66 -13.96
CA LEU E 473 -55.68 10.96 -12.63
C LEU E 473 -54.38 11.75 -12.74
N SER E 474 -53.46 11.30 -13.58
CA SER E 474 -52.19 11.99 -13.73
C SER E 474 -52.38 13.42 -14.24
N LYS E 475 -53.23 13.61 -15.25
CA LYS E 475 -53.49 14.94 -15.78
C LYS E 475 -53.99 15.87 -14.68
N MET E 476 -54.90 15.36 -13.85
CA MET E 476 -55.45 16.13 -12.75
C MET E 476 -54.37 16.51 -11.75
N VAL E 477 -53.62 15.51 -11.28
CA VAL E 477 -52.56 15.74 -10.31
C VAL E 477 -51.51 16.72 -10.81
N MET E 478 -51.01 16.52 -12.03
CA MET E 478 -50.02 17.45 -12.57
C MET E 478 -50.63 18.85 -12.63
N LYS E 479 -51.92 18.92 -12.95
CA LYS E 479 -52.61 20.21 -13.04
C LYS E 479 -52.67 20.88 -11.68
N PHE E 480 -53.04 20.11 -10.66
CA PHE E 480 -53.08 20.64 -9.28
C PHE E 480 -51.69 21.11 -8.87
N TRP E 481 -50.69 20.26 -9.08
CA TRP E 481 -49.32 20.61 -8.70
C TRP E 481 -48.84 21.87 -9.42
N ALA E 482 -49.03 21.93 -10.74
CA ALA E 482 -48.60 23.10 -11.50
C ALA E 482 -49.35 24.37 -11.12
N ASN E 483 -50.66 24.26 -10.86
CA ASN E 483 -51.45 25.43 -10.46
C ASN E 483 -50.88 25.93 -9.13
N PHE E 484 -50.56 25.00 -8.24
CA PHE E 484 -49.99 25.37 -6.95
C PHE E 484 -48.68 26.11 -7.18
N ALA E 485 -47.87 25.61 -8.12
CA ALA E 485 -46.59 26.25 -8.42
C ALA E 485 -46.82 27.64 -9.00
N ARG E 486 -47.88 27.78 -9.80
CA ARG E 486 -48.18 29.07 -10.41
C ARG E 486 -48.78 30.08 -9.43
N ASN E 487 -49.72 29.64 -8.61
CA ASN E 487 -50.42 30.55 -7.71
C ASN E 487 -50.38 30.29 -6.21
N GLY E 488 -49.74 29.21 -5.78
CA GLY E 488 -49.72 28.91 -4.36
C GLY E 488 -51.11 28.43 -3.95
N ASN E 489 -51.89 28.02 -4.94
CA ASN E 489 -53.25 27.53 -4.75
C ASN E 489 -53.42 26.53 -5.90
N PRO E 490 -53.72 25.26 -5.58
CA PRO E 490 -53.89 24.23 -6.62
C PRO E 490 -55.18 24.29 -7.44
N ASN E 491 -56.19 24.95 -6.91
CA ASN E 491 -57.48 25.04 -7.59
C ASN E 491 -57.46 25.67 -8.98
N GLY E 492 -58.36 25.19 -9.83
CA GLY E 492 -58.44 25.69 -11.18
C GLY E 492 -59.68 25.20 -11.91
N GLU E 493 -59.96 25.81 -13.05
CA GLU E 493 -61.11 25.46 -13.86
C GLU E 493 -61.12 23.98 -14.24
N GLY E 494 -62.25 23.32 -13.98
CA GLY E 494 -62.38 21.91 -14.34
C GLY E 494 -61.77 20.90 -13.39
N LEU E 495 -61.33 21.35 -12.23
CA LEU E 495 -60.73 20.45 -11.26
C LEU E 495 -61.56 20.38 -10.00
N PRO E 496 -61.56 19.22 -9.32
CA PRO E 496 -62.34 19.06 -8.09
C PRO E 496 -61.90 20.16 -7.13
N HIS E 497 -62.82 20.65 -6.31
CA HIS E 497 -62.46 21.71 -5.38
C HIS E 497 -61.55 21.20 -4.27
N TRP E 498 -60.42 21.88 -4.10
CA TRP E 498 -59.45 21.52 -3.06
C TRP E 498 -59.52 22.61 -2.00
N PRO E 499 -60.13 22.30 -0.84
CA PRO E 499 -60.24 23.31 0.22
C PRO E 499 -58.91 23.59 0.91
N GLU E 500 -58.73 24.81 1.38
CA GLU E 500 -57.51 25.17 2.06
C GLU E 500 -57.53 24.43 3.40
N TYR E 501 -56.35 24.16 3.94
CA TYR E 501 -56.27 23.47 5.23
C TYR E 501 -56.32 24.53 6.33
N ASN E 502 -57.53 24.90 6.73
CA ASN E 502 -57.72 25.90 7.78
C ASN E 502 -58.22 25.26 9.07
N GLN E 503 -58.94 26.03 9.88
CA GLN E 503 -59.46 25.49 11.13
C GLN E 503 -60.41 24.32 10.92
N LYS E 504 -61.00 24.22 9.73
CA LYS E 504 -61.91 23.13 9.42
C LYS E 504 -61.11 21.90 8.99
N GLU E 505 -59.82 22.10 8.76
CA GLU E 505 -58.92 21.03 8.35
C GLU E 505 -59.41 20.25 7.13
N GLY E 506 -59.77 20.97 6.08
CA GLY E 506 -60.20 20.32 4.88
C GLY E 506 -58.98 19.82 4.13
N TYR E 507 -59.12 18.69 3.46
CA TYR E 507 -58.02 18.12 2.69
C TYR E 507 -58.62 17.36 1.52
N LEU E 508 -57.81 17.15 0.48
CA LEU E 508 -58.30 16.45 -0.70
C LEU E 508 -57.94 14.98 -0.70
N GLN E 509 -58.93 14.13 -0.92
CA GLN E 509 -58.69 12.68 -1.02
C GLN E 509 -58.54 12.47 -2.52
N ILE E 510 -57.33 12.13 -2.95
CA ILE E 510 -57.03 11.92 -4.36
C ILE E 510 -57.02 10.43 -4.72
N GLY E 511 -57.71 10.09 -5.81
CA GLY E 511 -57.78 8.70 -6.26
C GLY E 511 -58.74 8.53 -7.42
N ALA E 512 -59.23 7.32 -7.64
CA ALA E 512 -60.18 7.07 -8.73
C ALA E 512 -61.29 8.11 -8.60
N ASN E 513 -61.73 8.31 -7.37
CA ASN E 513 -62.76 9.30 -7.05
C ASN E 513 -62.07 10.33 -6.18
N THR E 514 -62.01 11.57 -6.66
CA THR E 514 -61.36 12.64 -5.93
C THR E 514 -62.37 13.67 -5.41
N GLN E 515 -62.30 13.94 -4.11
CA GLN E 515 -63.20 14.90 -3.49
C GLN E 515 -62.66 15.33 -2.13
N ALA E 516 -63.08 16.51 -1.68
CA ALA E 516 -62.64 17.05 -0.40
C ALA E 516 -63.21 16.29 0.79
N ALA E 517 -62.56 16.49 1.94
CA ALA E 517 -62.99 15.87 3.19
C ALA E 517 -62.43 16.74 4.30
N GLN E 518 -62.56 16.30 5.54
CA GLN E 518 -62.08 17.09 6.65
C GLN E 518 -61.52 16.28 7.81
N LYS E 519 -60.62 16.91 8.56
CA LYS E 519 -59.98 16.31 9.73
C LYS E 519 -59.14 15.06 9.48
N LEU E 520 -58.11 15.20 8.65
CA LEU E 520 -57.23 14.09 8.34
C LEU E 520 -56.46 13.65 9.59
N LYS E 521 -56.46 12.35 9.88
CA LYS E 521 -55.76 11.77 11.04
C LYS E 521 -56.01 12.48 12.37
N ASP E 522 -57.14 13.15 12.50
CA ASP E 522 -57.43 13.88 13.73
C ASP E 522 -57.34 13.07 15.02
N LYS E 523 -58.00 11.91 15.04
CA LYS E 523 -57.98 11.06 16.23
C LYS E 523 -56.61 10.46 16.51
N GLU E 524 -55.85 10.17 15.45
CA GLU E 524 -54.51 9.60 15.62
C GLU E 524 -53.54 10.62 16.19
N VAL E 525 -53.63 11.87 15.74
CA VAL E 525 -52.75 12.91 16.24
C VAL E 525 -52.95 13.10 17.75
N ALA E 526 -54.20 13.09 18.19
CA ALA E 526 -54.50 13.25 19.60
C ALA E 526 -53.93 12.09 20.41
N PHE E 527 -54.14 10.87 19.92
CA PHE E 527 -53.65 9.69 20.61
C PHE E 527 -52.13 9.71 20.78
N TRP E 528 -51.41 9.85 19.67
CA TRP E 528 -49.96 9.85 19.71
C TRP E 528 -49.33 11.03 20.46
N THR E 529 -49.89 12.22 20.27
CA THR E 529 -49.36 13.39 20.96
C THR E 529 -49.42 13.15 22.45
N ASN E 530 -50.53 12.55 22.88
CA ASN E 530 -50.75 12.23 24.28
C ASN E 530 -49.81 11.12 24.75
N LEU E 531 -49.63 10.11 23.91
CA LEU E 531 -48.77 8.97 24.27
C LEU E 531 -47.31 9.37 24.41
N PHE E 532 -46.78 10.11 23.43
CA PHE E 532 -45.39 10.55 23.47
C PHE E 532 -45.13 11.58 24.56
N ALA E 533 -46.20 12.14 25.11
CA ALA E 533 -46.07 13.14 26.16
C ALA E 533 -45.74 12.49 27.49
N LYS E 534 -46.01 11.19 27.60
CA LYS E 534 -45.74 10.44 28.81
C LYS E 534 -44.24 10.21 29.03
N SER F 4 -24.24 25.43 39.14
CA SER F 4 -24.04 24.81 37.83
C SER F 4 -22.62 25.08 37.32
N PRO F 5 -22.12 24.22 36.42
CA PRO F 5 -20.79 24.34 35.83
C PRO F 5 -20.57 25.70 35.15
N PRO F 6 -19.32 26.17 35.11
CA PRO F 6 -18.96 27.46 34.49
C PRO F 6 -19.09 27.41 32.96
N VAL F 7 -19.71 28.43 32.39
CA VAL F 7 -19.88 28.53 30.94
C VAL F 7 -19.39 29.90 30.52
N VAL F 8 -18.41 29.94 29.62
CA VAL F 8 -17.84 31.20 29.16
C VAL F 8 -17.98 31.39 27.66
N ASP F 9 -18.25 32.64 27.26
CA ASP F 9 -18.39 32.99 25.86
C ASP F 9 -17.08 33.50 25.32
N THR F 10 -16.48 32.77 24.39
CA THR F 10 -15.22 33.22 23.79
C THR F 10 -15.58 33.72 22.39
N VAL F 11 -14.61 34.31 21.72
CA VAL F 11 -14.84 34.83 20.38
C VAL F 11 -15.37 33.77 19.41
N HIS F 12 -14.89 32.53 19.56
CA HIS F 12 -15.29 31.46 18.67
C HIS F 12 -16.47 30.62 19.15
N GLY F 13 -16.96 30.91 20.34
CA GLY F 13 -18.09 30.16 20.87
C GLY F 13 -18.02 29.95 22.36
N LYS F 14 -19.07 29.35 22.92
CA LYS F 14 -19.15 29.09 24.35
C LYS F 14 -18.40 27.83 24.75
N VAL F 15 -17.80 27.85 25.94
CA VAL F 15 -17.10 26.68 26.44
C VAL F 15 -17.56 26.39 27.86
N LEU F 16 -17.73 25.10 28.17
CA LEU F 16 -18.17 24.66 29.48
C LEU F 16 -16.98 24.10 30.27
N GLY F 17 -16.75 24.63 31.46
CA GLY F 17 -15.64 24.16 32.27
C GLY F 17 -16.15 23.45 33.50
N LYS F 18 -15.35 23.43 34.55
CA LYS F 18 -15.74 22.78 35.80
C LYS F 18 -15.25 23.58 36.99
N PHE F 19 -15.84 23.30 38.15
CA PHE F 19 -15.45 23.98 39.38
C PHE F 19 -14.67 23.02 40.26
N VAL F 20 -13.55 23.49 40.77
CA VAL F 20 -12.71 22.70 41.66
C VAL F 20 -12.32 23.59 42.83
N SER F 21 -12.59 23.11 44.04
CA SER F 21 -12.27 23.86 45.24
C SER F 21 -10.95 23.39 45.86
N LEU F 22 -10.18 24.33 46.35
CA LEU F 22 -8.91 24.01 46.99
C LEU F 22 -9.03 24.38 48.46
N GLU F 23 -8.78 23.42 49.35
CA GLU F 23 -8.88 23.66 50.78
C GLU F 23 -8.16 24.95 51.15
N GLY F 24 -8.83 25.79 51.93
CA GLY F 24 -8.25 27.05 52.36
C GLY F 24 -8.75 28.23 51.54
N PHE F 25 -9.52 27.95 50.50
CA PHE F 25 -10.06 29.02 49.65
C PHE F 25 -11.55 28.82 49.37
N ALA F 26 -12.33 29.86 49.66
CA ALA F 26 -13.78 29.84 49.48
C ALA F 26 -14.23 29.80 48.02
N GLN F 27 -13.68 30.71 47.21
CA GLN F 27 -14.04 30.79 45.80
C GLN F 27 -13.49 29.59 45.01
N PRO F 28 -14.38 28.76 44.45
CA PRO F 28 -13.94 27.60 43.68
C PRO F 28 -13.20 28.07 42.42
N VAL F 29 -12.24 27.29 41.95
CA VAL F 29 -11.49 27.68 40.75
C VAL F 29 -12.18 27.12 39.52
N ALA F 30 -12.40 27.97 38.52
CA ALA F 30 -13.03 27.55 37.27
C ALA F 30 -11.94 26.96 36.38
N ILE F 31 -12.13 25.72 35.97
CA ILE F 31 -11.14 25.05 35.14
C ILE F 31 -11.68 24.66 33.76
N PHE F 32 -10.94 25.05 32.73
CA PHE F 32 -11.31 24.75 31.35
C PHE F 32 -10.17 23.99 30.69
N LEU F 33 -10.46 22.76 30.28
CA LEU F 33 -9.45 21.91 29.67
C LEU F 33 -9.67 21.67 28.19
N GLY F 34 -8.60 21.83 27.42
CA GLY F 34 -8.66 21.57 26.00
C GLY F 34 -9.33 22.60 25.11
N ILE F 35 -9.05 23.88 25.33
CA ILE F 35 -9.63 24.92 24.49
C ILE F 35 -8.73 25.08 23.27
N PRO F 36 -9.27 24.85 22.07
CA PRO F 36 -8.45 24.99 20.86
C PRO F 36 -8.11 26.44 20.56
N PHE F 37 -6.85 26.74 20.30
CA PHE F 37 -6.47 28.11 20.00
C PHE F 37 -6.05 28.28 18.55
N ALA F 38 -6.17 27.20 17.79
CA ALA F 38 -5.81 27.21 16.38
C ALA F 38 -6.44 26.04 15.66
N LYS F 39 -6.41 26.09 14.34
CA LYS F 39 -6.94 25.02 13.52
C LYS F 39 -5.96 23.85 13.60
N PRO F 40 -6.47 22.61 13.73
CA PRO F 40 -5.59 21.44 13.80
C PRO F 40 -4.61 21.44 12.60
N PRO F 41 -3.29 21.41 12.88
CA PRO F 41 -2.27 21.41 11.82
C PRO F 41 -2.09 20.06 11.12
N LEU F 42 -3.18 19.55 10.54
CA LEU F 42 -3.17 18.26 9.85
C LEU F 42 -3.07 18.45 8.35
N GLY F 43 -2.71 17.37 7.65
CA GLY F 43 -2.59 17.42 6.20
C GLY F 43 -1.66 18.49 5.65
N PRO F 44 -2.15 19.34 4.74
CA PRO F 44 -1.36 20.41 4.13
C PRO F 44 -0.89 21.46 5.13
N LEU F 45 -1.52 21.49 6.30
CA LEU F 45 -1.14 22.44 7.35
C LEU F 45 0.11 22.02 8.12
N ARG F 46 0.57 20.80 7.90
CA ARG F 46 1.79 20.36 8.58
C ARG F 46 2.93 21.21 8.02
N PHE F 47 3.84 21.62 8.90
CA PHE F 47 4.97 22.47 8.53
C PHE F 47 4.57 23.85 7.98
N THR F 48 3.45 24.38 8.45
CA THR F 48 3.00 25.72 8.04
C THR F 48 2.61 26.47 9.32
N PRO F 49 2.47 27.80 9.24
CA PRO F 49 2.10 28.56 10.43
C PRO F 49 0.68 28.19 10.89
N PRO F 50 0.40 28.34 12.20
CA PRO F 50 -0.93 28.00 12.72
C PRO F 50 -2.00 28.95 12.21
N GLN F 51 -3.18 28.43 11.91
CA GLN F 51 -4.27 29.27 11.44
C GLN F 51 -5.32 29.37 12.54
N PRO F 52 -6.16 30.42 12.49
CA PRO F 52 -7.21 30.61 13.51
C PRO F 52 -8.12 29.41 13.61
N ALA F 53 -8.60 29.14 14.82
CA ALA F 53 -9.52 28.03 15.04
C ALA F 53 -10.88 28.38 14.46
N GLU F 54 -11.61 27.38 14.03
CA GLU F 54 -12.94 27.59 13.46
C GLU F 54 -13.98 27.77 14.56
N PRO F 55 -14.91 28.73 14.38
CA PRO F 55 -15.95 28.97 15.39
C PRO F 55 -16.92 27.80 15.46
N TRP F 56 -17.46 27.54 16.64
CA TRP F 56 -18.40 26.44 16.83
C TRP F 56 -19.73 26.92 17.37
N SER F 57 -20.76 26.11 17.14
CA SER F 57 -22.11 26.43 17.60
C SER F 57 -22.33 25.77 18.97
N PHE F 58 -23.36 26.20 19.67
CA PHE F 58 -23.68 25.63 20.98
C PHE F 58 -22.52 25.75 21.97
N VAL F 59 -22.39 24.80 22.89
CA VAL F 59 -21.33 24.86 23.90
C VAL F 59 -20.31 23.74 23.83
N LYS F 60 -19.04 24.11 23.68
CA LYS F 60 -17.97 23.13 23.63
C LYS F 60 -17.64 22.67 25.04
N ASN F 61 -17.66 21.35 25.25
CA ASN F 61 -17.36 20.76 26.54
C ASN F 61 -15.84 20.74 26.74
N ALA F 62 -15.34 21.56 27.65
CA ALA F 62 -13.91 21.63 27.93
C ALA F 62 -13.62 21.04 29.30
N THR F 63 -13.94 19.76 29.49
CA THR F 63 -13.74 19.11 30.77
C THR F 63 -12.84 17.87 30.70
N SER F 64 -12.15 17.69 29.57
CA SER F 64 -11.26 16.56 29.42
C SER F 64 -9.89 17.01 28.93
N TYR F 65 -8.83 16.35 29.41
CA TYR F 65 -7.49 16.73 29.01
C TYR F 65 -7.26 16.50 27.52
N PRO F 66 -6.63 17.49 26.85
CA PRO F 66 -6.37 17.36 25.42
C PRO F 66 -5.22 16.40 25.18
N PRO F 67 -5.05 15.94 23.93
CA PRO F 67 -3.95 15.01 23.62
C PRO F 67 -2.66 15.82 23.65
N MET F 68 -1.52 15.15 23.83
CA MET F 68 -0.26 15.89 23.79
C MET F 68 0.27 15.73 22.37
N CYS F 69 1.03 16.71 21.88
CA CYS F 69 1.55 16.65 20.53
C CYS F 69 2.36 15.35 20.35
N THR F 70 2.35 14.82 19.13
CA THR F 70 3.05 13.59 18.82
C THR F 70 4.49 13.67 19.29
N GLN F 71 4.91 12.64 20.01
CA GLN F 71 6.27 12.57 20.57
C GLN F 71 6.53 11.14 21.03
N ASP F 72 7.78 10.84 21.36
CA ASP F 72 8.14 9.53 21.88
C ASP F 72 7.22 9.34 23.09
N PRO F 73 6.24 8.42 23.00
CA PRO F 73 5.31 8.18 24.10
C PRO F 73 5.89 7.75 25.45
N LYS F 74 6.95 6.95 25.43
CA LYS F 74 7.56 6.48 26.67
C LYS F 74 8.32 7.61 27.35
N ALA F 75 9.11 8.31 26.56
CA ALA F 75 9.89 9.44 27.05
C ALA F 75 8.97 10.56 27.52
N GLY F 76 7.87 10.75 26.80
CA GLY F 76 6.92 11.79 27.17
C GLY F 76 6.24 11.47 28.48
N GLN F 77 5.84 10.22 28.66
CA GLN F 77 5.18 9.83 29.90
C GLN F 77 6.14 9.92 31.09
N LEU F 78 7.39 9.51 30.89
CA LEU F 78 8.38 9.58 31.95
C LEU F 78 8.56 11.02 32.42
N LEU F 79 8.82 11.93 31.49
CA LEU F 79 9.00 13.33 31.84
C LEU F 79 7.80 13.87 32.58
N SER F 80 6.60 13.56 32.09
CA SER F 80 5.39 14.03 32.75
C SER F 80 5.33 13.56 34.20
N GLU F 81 5.67 12.28 34.45
CA GLU F 81 5.62 11.76 35.83
C GLU F 81 6.68 12.41 36.73
N LEU F 82 7.81 12.80 36.14
CA LEU F 82 8.89 13.43 36.91
C LEU F 82 8.61 14.90 37.26
N PHE F 83 7.92 15.60 36.36
CA PHE F 83 7.62 17.02 36.55
C PHE F 83 6.23 17.38 37.07
N THR F 84 5.25 16.47 36.96
CA THR F 84 3.90 16.81 37.40
C THR F 84 3.79 17.20 38.88
N ASN F 85 2.89 18.15 39.15
CA ASN F 85 2.66 18.61 40.51
C ASN F 85 1.38 18.01 41.11
N ARG F 86 0.77 17.06 40.40
CA ARG F 86 -0.45 16.39 40.86
C ARG F 86 -0.13 15.14 41.67
N LYS F 87 -1.13 14.63 42.39
CA LYS F 87 -0.95 13.43 43.18
C LYS F 87 -0.58 12.28 42.25
N GLU F 88 -1.38 12.09 41.22
CA GLU F 88 -1.15 11.02 40.25
C GLU F 88 -0.97 11.61 38.86
N ASN F 89 -0.03 11.04 38.09
CA ASN F 89 0.21 11.52 36.75
C ASN F 89 -0.96 11.11 35.88
N ILE F 90 -1.34 12.00 34.97
CA ILE F 90 -2.45 11.73 34.06
C ILE F 90 -1.94 11.22 32.73
N PRO F 91 -2.29 9.97 32.37
CA PRO F 91 -1.83 9.41 31.10
C PRO F 91 -2.46 10.22 29.97
N LEU F 92 -1.67 10.57 28.97
CA LEU F 92 -2.19 11.37 27.87
C LEU F 92 -2.07 10.65 26.54
N LYS F 93 -2.97 10.96 25.62
CA LYS F 93 -2.96 10.34 24.30
C LYS F 93 -2.12 11.23 23.40
N LEU F 94 -1.59 10.64 22.32
CA LEU F 94 -0.78 11.38 21.36
C LEU F 94 -1.62 11.78 20.15
N SER F 95 -1.30 12.91 19.54
CA SER F 95 -2.02 13.36 18.35
C SER F 95 -1.37 14.59 17.75
N GLU F 96 -1.53 14.75 16.45
CA GLU F 96 -1.00 15.93 15.76
C GLU F 96 -1.99 17.06 16.04
N ASP F 97 -3.20 16.69 16.46
CA ASP F 97 -4.26 17.64 16.81
C ASP F 97 -3.99 17.94 18.29
N CYS F 98 -3.08 18.86 18.54
CA CYS F 98 -2.69 19.18 19.91
C CYS F 98 -2.59 20.65 20.26
N LEU F 99 -3.01 21.54 19.36
CA LEU F 99 -2.92 22.97 19.66
C LEU F 99 -4.07 23.40 20.57
N TYR F 100 -3.91 23.08 21.85
CA TYR F 100 -4.89 23.41 22.87
C TYR F 100 -4.21 24.08 24.05
N LEU F 101 -5.03 24.68 24.90
CA LEU F 101 -4.54 25.33 26.11
C LEU F 101 -5.55 25.06 27.22
N ASN F 102 -5.07 25.01 28.46
CA ASN F 102 -5.93 24.77 29.61
C ASN F 102 -5.95 26.04 30.44
N ILE F 103 -7.09 26.36 31.05
CA ILE F 103 -7.19 27.58 31.84
C ILE F 103 -7.66 27.34 33.26
N TYR F 104 -6.99 28.00 34.20
CA TYR F 104 -7.33 27.92 35.61
C TYR F 104 -7.55 29.35 36.07
N THR F 105 -8.79 29.71 36.35
CA THR F 105 -9.09 31.08 36.80
C THR F 105 -9.83 31.06 38.15
N PRO F 106 -9.30 31.80 39.13
CA PRO F 106 -9.86 31.89 40.48
C PRO F 106 -10.93 32.98 40.60
N ALA F 107 -11.09 33.77 39.55
CA ALA F 107 -12.05 34.86 39.53
C ALA F 107 -13.51 34.42 39.57
N ASP F 108 -14.34 35.27 40.16
CA ASP F 108 -15.78 34.99 40.22
C ASP F 108 -16.28 35.52 38.89
N LEU F 109 -16.59 34.60 37.98
CA LEU F 109 -17.03 34.97 36.65
C LEU F 109 -18.37 35.70 36.60
N THR F 110 -19.16 35.59 37.66
CA THR F 110 -20.46 36.26 37.70
C THR F 110 -20.24 37.77 37.82
N LYS F 111 -19.03 38.15 38.20
CA LYS F 111 -18.68 39.56 38.35
C LYS F 111 -17.53 39.86 37.40
N LYS F 112 -17.25 41.14 37.18
CA LYS F 112 -16.17 41.52 36.29
C LYS F 112 -14.83 41.43 37.03
N ASN F 113 -13.81 40.90 36.34
CA ASN F 113 -12.49 40.76 36.94
C ASN F 113 -11.40 40.96 35.88
N ARG F 114 -10.28 41.51 36.31
CA ARG F 114 -9.14 41.73 35.43
C ARG F 114 -7.86 41.34 36.15
N LEU F 115 -7.74 40.05 36.43
CA LEU F 115 -6.58 39.52 37.14
C LEU F 115 -5.37 39.34 36.23
N PRO F 116 -4.17 39.32 36.82
CA PRO F 116 -2.98 39.14 35.99
C PRO F 116 -3.01 37.71 35.42
N VAL F 117 -2.47 37.55 34.22
CA VAL F 117 -2.45 36.25 33.56
C VAL F 117 -1.02 35.73 33.43
N MET F 118 -0.82 34.47 33.79
CA MET F 118 0.48 33.83 33.70
C MET F 118 0.35 32.67 32.72
N VAL F 119 1.04 32.77 31.58
CA VAL F 119 0.98 31.73 30.55
C VAL F 119 2.22 30.85 30.62
N TRP F 120 2.01 29.58 30.94
CA TRP F 120 3.10 28.62 31.09
C TRP F 120 3.46 27.88 29.81
N ILE F 121 4.75 27.88 29.46
CA ILE F 121 5.26 27.17 28.31
C ILE F 121 6.12 26.01 28.86
N HIS F 122 5.66 24.78 28.68
CA HIS F 122 6.39 23.63 29.21
C HIS F 122 7.70 23.32 28.51
N GLY F 123 8.57 22.61 29.22
CA GLY F 123 9.85 22.24 28.64
C GLY F 123 9.80 20.83 28.11
N GLY F 124 10.96 20.32 27.70
CA GLY F 124 11.04 18.97 27.15
C GLY F 124 11.88 18.97 25.89
N GLY F 125 12.89 19.84 25.87
CA GLY F 125 13.81 19.94 24.74
C GLY F 125 13.19 20.17 23.38
N LEU F 126 11.95 20.66 23.38
CA LEU F 126 11.19 20.90 22.15
C LEU F 126 10.89 19.60 21.42
N MET F 127 11.04 18.47 22.12
CA MET F 127 10.80 17.14 21.53
C MET F 127 9.65 16.41 22.21
N VAL F 128 9.49 16.66 23.51
CA VAL F 128 8.44 16.03 24.29
C VAL F 128 7.81 17.06 25.24
N GLY F 129 6.82 16.64 26.01
CA GLY F 129 6.18 17.54 26.94
C GLY F 129 4.69 17.70 26.70
N ALA F 130 4.00 18.23 27.69
CA ALA F 130 2.57 18.45 27.59
C ALA F 130 2.15 19.52 28.59
N ALA F 131 1.06 20.22 28.28
CA ALA F 131 0.56 21.28 29.16
C ALA F 131 -0.15 20.70 30.37
N SER F 132 -0.89 19.62 30.15
CA SER F 132 -1.67 18.95 31.20
C SER F 132 -0.87 18.40 32.36
N THR F 133 0.44 18.31 32.17
CA THR F 133 1.33 17.83 33.20
C THR F 133 1.29 18.80 34.38
N TYR F 134 1.08 20.07 34.07
CA TYR F 134 1.06 21.12 35.08
C TYR F 134 -0.33 21.61 35.47
N ASP F 135 -0.69 21.35 36.72
CA ASP F 135 -1.98 21.74 37.26
C ASP F 135 -1.84 23.13 37.86
N GLY F 136 -2.53 24.11 37.28
CA GLY F 136 -2.45 25.47 37.78
C GLY F 136 -3.38 25.84 38.91
N LEU F 137 -4.05 24.83 39.48
CA LEU F 137 -5.03 25.04 40.55
C LEU F 137 -4.46 25.79 41.77
N ALA F 138 -3.34 25.31 42.31
CA ALA F 138 -2.74 25.93 43.49
C ALA F 138 -2.22 27.35 43.25
N LEU F 139 -1.53 27.56 42.13
CA LEU F 139 -1.00 28.88 41.82
C LEU F 139 -2.14 29.89 41.65
N ALA F 140 -3.15 29.51 40.87
CA ALA F 140 -4.29 30.38 40.62
C ALA F 140 -4.95 30.80 41.93
N ALA F 141 -5.31 29.81 42.75
CA ALA F 141 -5.98 30.06 44.02
C ALA F 141 -5.16 30.82 45.04
N HIS F 142 -3.90 30.42 45.24
CA HIS F 142 -3.03 31.06 46.22
C HIS F 142 -2.60 32.48 45.92
N GLU F 143 -2.46 32.82 44.64
CA GLU F 143 -2.02 34.17 44.29
C GLU F 143 -3.00 34.97 43.45
N ASN F 144 -4.19 34.42 43.26
CA ASN F 144 -5.23 35.09 42.49
C ASN F 144 -4.75 35.62 41.14
N VAL F 145 -4.35 34.69 40.27
CA VAL F 145 -3.90 35.01 38.94
C VAL F 145 -4.50 33.96 38.03
N VAL F 146 -4.70 34.29 36.76
CA VAL F 146 -5.25 33.31 35.83
C VAL F 146 -4.06 32.55 35.28
N VAL F 147 -4.09 31.22 35.41
CA VAL F 147 -3.00 30.40 34.91
C VAL F 147 -3.44 29.69 33.64
N VAL F 148 -2.65 29.85 32.60
CA VAL F 148 -2.93 29.24 31.29
C VAL F 148 -1.73 28.38 30.88
N THR F 149 -1.98 27.10 30.59
CA THR F 149 -0.91 26.22 30.16
C THR F 149 -1.16 25.93 28.69
N ILE F 150 -0.16 26.17 27.86
CA ILE F 150 -0.32 25.97 26.43
C ILE F 150 0.49 24.83 25.85
N GLN F 151 0.12 24.42 24.65
CA GLN F 151 0.83 23.36 23.96
C GLN F 151 1.30 23.91 22.62
N TYR F 152 2.32 23.27 22.06
CA TYR F 152 2.87 23.70 20.78
C TYR F 152 3.48 22.48 20.12
N ARG F 153 3.49 22.50 18.79
CA ARG F 153 4.04 21.39 18.01
C ARG F 153 5.49 21.11 18.41
N LEU F 154 5.79 19.83 18.61
CA LEU F 154 7.10 19.36 19.02
C LEU F 154 7.81 18.54 17.96
N GLY F 155 9.13 18.43 18.11
CA GLY F 155 9.94 17.63 17.20
C GLY F 155 9.83 17.99 15.73
N ILE F 156 9.76 16.96 14.90
CA ILE F 156 9.66 17.15 13.47
C ILE F 156 8.49 18.06 13.13
N TRP F 157 7.34 17.77 13.70
CA TRP F 157 6.13 18.55 13.46
C TRP F 157 6.32 20.02 13.82
N GLY F 158 7.01 20.27 14.92
CA GLY F 158 7.20 21.64 15.36
C GLY F 158 8.44 22.37 14.87
N PHE F 159 9.48 21.64 14.51
CA PHE F 159 10.71 22.32 14.11
C PHE F 159 11.46 21.88 12.84
N PHE F 160 10.84 21.05 12.01
CA PHE F 160 11.50 20.65 10.77
C PHE F 160 11.77 21.87 9.90
N SER F 161 13.03 22.07 9.51
CA SER F 161 13.42 23.20 8.70
C SER F 161 14.36 22.79 7.56
N THR F 162 14.11 23.35 6.37
CA THR F 162 14.94 23.06 5.21
C THR F 162 15.94 24.20 5.05
N GLY F 163 15.86 25.17 5.96
CA GLY F 163 16.77 26.30 5.90
C GLY F 163 16.36 27.32 4.86
N ASP F 164 15.17 27.17 4.28
CA ASP F 164 14.71 28.13 3.29
C ASP F 164 13.20 28.33 3.32
N GLU F 165 12.67 29.05 2.33
CA GLU F 165 11.25 29.36 2.29
C GLU F 165 10.27 28.20 2.18
N HIS F 166 10.73 27.03 1.76
CA HIS F 166 9.83 25.89 1.63
C HIS F 166 9.44 25.26 2.97
N SER F 167 10.22 25.57 4.01
CA SER F 167 9.95 25.07 5.35
C SER F 167 10.90 25.81 6.28
N ARG F 168 10.58 27.08 6.53
CA ARG F 168 11.39 27.96 7.37
C ARG F 168 11.72 27.36 8.73
N GLY F 169 10.70 26.77 9.36
CA GLY F 169 10.89 26.18 10.67
C GLY F 169 10.24 27.00 11.77
N ASN F 170 10.52 26.61 13.02
CA ASN F 170 9.98 27.30 14.19
C ASN F 170 8.46 27.26 14.31
N TRP F 171 7.83 26.22 13.77
CA TRP F 171 6.37 26.09 13.83
C TRP F 171 5.85 26.10 15.27
N GLY F 172 6.62 25.46 16.15
CA GLY F 172 6.25 25.39 17.55
C GLY F 172 6.25 26.76 18.21
N HIS F 173 7.22 27.61 17.85
CA HIS F 173 7.27 28.95 18.42
C HIS F 173 6.11 29.77 17.86
N LEU F 174 5.76 29.55 16.59
CA LEU F 174 4.64 30.27 15.98
C LEU F 174 3.36 29.85 16.68
N ASP F 175 3.30 28.60 17.14
CA ASP F 175 2.14 28.12 17.86
C ASP F 175 2.04 28.84 19.22
N GLN F 176 3.20 29.11 19.82
CA GLN F 176 3.23 29.79 21.11
C GLN F 176 2.71 31.22 20.93
N VAL F 177 3.09 31.85 19.82
CA VAL F 177 2.63 33.20 19.52
C VAL F 177 1.11 33.17 19.31
N ALA F 178 0.63 32.19 18.56
CA ALA F 178 -0.79 32.04 18.30
C ALA F 178 -1.59 31.90 19.60
N ALA F 179 -1.03 31.17 20.55
CA ALA F 179 -1.69 30.98 21.84
C ALA F 179 -1.76 32.33 22.57
N LEU F 180 -0.68 33.09 22.52
CA LEU F 180 -0.66 34.39 23.18
C LEU F 180 -1.64 35.36 22.52
N ARG F 181 -1.80 35.22 21.20
CA ARG F 181 -2.74 36.05 20.45
C ARG F 181 -4.15 35.70 20.93
N TRP F 182 -4.41 34.41 21.13
CA TRP F 182 -5.70 33.94 21.60
C TRP F 182 -5.99 34.49 23.00
N VAL F 183 -4.97 34.55 23.84
CA VAL F 183 -5.12 35.06 25.20
C VAL F 183 -5.49 36.53 25.15
N GLN F 184 -4.83 37.28 24.28
CA GLN F 184 -5.13 38.69 24.14
C GLN F 184 -6.58 38.91 23.77
N ASP F 185 -7.10 38.09 22.87
CA ASP F 185 -8.47 38.22 22.41
C ASP F 185 -9.57 37.52 23.21
N ASN F 186 -9.20 36.67 24.15
CA ASN F 186 -10.22 35.94 24.90
C ASN F 186 -10.12 35.90 26.41
N ILE F 187 -8.94 36.17 26.95
CA ILE F 187 -8.76 36.05 28.40
C ILE F 187 -9.66 36.91 29.28
N ALA F 188 -10.11 38.05 28.77
CA ALA F 188 -10.98 38.92 29.56
C ALA F 188 -12.25 38.17 29.98
N SER F 189 -12.74 37.27 29.12
CA SER F 189 -13.95 36.49 29.42
C SER F 189 -13.73 35.51 30.57
N PHE F 190 -12.48 35.25 30.92
CA PHE F 190 -12.17 34.32 32.00
C PHE F 190 -11.73 35.06 33.26
N GLY F 191 -11.95 36.37 33.27
CA GLY F 191 -11.57 37.16 34.42
C GLY F 191 -10.13 37.61 34.40
N GLY F 192 -9.48 37.44 33.25
CA GLY F 192 -8.09 37.83 33.13
C GLY F 192 -7.91 39.19 32.49
N ASN F 193 -6.77 39.82 32.78
CA ASN F 193 -6.47 41.12 32.23
C ASN F 193 -5.53 40.97 31.02
N PRO F 194 -6.07 41.15 29.81
CA PRO F 194 -5.26 41.02 28.60
C PRO F 194 -4.09 42.00 28.55
N GLY F 195 -4.17 43.02 29.41
CA GLY F 195 -3.12 44.03 29.45
C GLY F 195 -1.96 43.70 30.38
N SER F 196 -2.04 42.57 31.07
CA SER F 196 -0.98 42.15 31.97
C SER F 196 -0.77 40.64 31.84
N VAL F 197 -0.04 40.25 30.80
CA VAL F 197 0.23 38.85 30.55
C VAL F 197 1.70 38.54 30.79
N THR F 198 1.95 37.57 31.66
CA THR F 198 3.30 37.15 31.98
C THR F 198 3.53 35.78 31.35
N ILE F 199 4.59 35.64 30.57
CA ILE F 199 4.88 34.34 29.99
C ILE F 199 6.04 33.74 30.79
N PHE F 200 5.93 32.47 31.11
CA PHE F 200 6.99 31.80 31.85
C PHE F 200 7.09 30.33 31.45
N GLY F 201 8.29 29.79 31.55
CA GLY F 201 8.50 28.40 31.21
C GLY F 201 9.85 27.92 31.68
N GLU F 202 10.05 26.62 31.72
CA GLU F 202 11.35 26.12 32.15
C GLU F 202 11.98 25.24 31.10
N SER F 203 13.32 25.29 31.06
CA SER F 203 14.09 24.50 30.11
C SER F 203 13.79 24.96 28.67
N ALA F 204 13.33 24.07 27.80
CA ALA F 204 13.01 24.50 26.43
C ALA F 204 11.89 25.54 26.50
N GLY F 205 11.15 25.52 27.61
CA GLY F 205 10.08 26.48 27.81
C GLY F 205 10.67 27.85 28.14
N GLY F 206 11.79 27.83 28.86
CA GLY F 206 12.47 29.06 29.22
C GLY F 206 13.15 29.63 28.00
N GLU F 207 13.63 28.73 27.14
CA GLU F 207 14.29 29.15 25.91
C GLU F 207 13.23 29.79 25.02
N SER F 208 12.04 29.20 25.02
CA SER F 208 10.95 29.74 24.20
C SER F 208 10.60 31.14 24.65
N VAL F 209 10.54 31.35 25.96
CA VAL F 209 10.24 32.65 26.52
C VAL F 209 11.32 33.62 26.04
N SER F 210 12.57 33.19 26.12
CA SER F 210 13.71 34.00 25.70
C SER F 210 13.61 34.38 24.22
N VAL F 211 13.23 33.40 23.39
CA VAL F 211 13.07 33.64 21.95
C VAL F 211 11.94 34.63 21.67
N LEU F 212 10.84 34.53 22.41
CA LEU F 212 9.72 35.43 22.19
C LEU F 212 10.10 36.86 22.54
N VAL F 213 10.96 37.03 23.55
CA VAL F 213 11.42 38.35 23.94
C VAL F 213 12.23 38.97 22.80
N LEU F 214 12.85 38.11 21.99
CA LEU F 214 13.67 38.57 20.88
C LEU F 214 12.94 38.63 19.54
N SER F 215 11.66 38.23 19.52
CA SER F 215 10.90 38.22 18.27
C SER F 215 9.91 39.35 18.03
N PRO F 216 9.95 39.95 16.83
CA PRO F 216 9.03 41.04 16.51
C PRO F 216 7.59 40.54 16.46
N LEU F 217 7.41 39.27 16.10
CA LEU F 217 6.09 38.68 16.01
C LEU F 217 5.34 38.62 17.33
N ALA F 218 6.06 38.64 18.44
CA ALA F 218 5.43 38.57 19.75
C ALA F 218 5.23 39.92 20.40
N LYS F 219 5.35 40.98 19.61
CA LYS F 219 5.18 42.33 20.12
C LYS F 219 3.73 42.51 20.57
N ASN F 220 3.56 43.13 21.73
CA ASN F 220 2.24 43.40 22.29
C ASN F 220 1.49 42.17 22.76
N LEU F 221 2.18 41.06 22.97
CA LEU F 221 1.53 39.84 23.43
C LEU F 221 1.79 39.49 24.89
N PHE F 222 2.78 40.11 25.51
CA PHE F 222 3.08 39.86 26.91
C PHE F 222 3.72 41.10 27.55
N HIS F 223 3.67 41.18 28.87
CA HIS F 223 4.17 42.33 29.60
C HIS F 223 5.26 42.05 30.64
N ARG F 224 5.55 40.78 30.85
CA ARG F 224 6.60 40.32 31.77
C ARG F 224 7.05 38.96 31.24
N ALA F 225 8.27 38.54 31.60
CA ALA F 225 8.80 37.26 31.15
C ALA F 225 9.65 36.60 32.24
N ILE F 226 9.56 35.27 32.31
CA ILE F 226 10.34 34.51 33.28
C ILE F 226 10.91 33.27 32.59
N SER F 227 12.23 33.18 32.54
CA SER F 227 12.92 32.03 31.95
C SER F 227 13.54 31.21 33.09
N GLU F 228 13.05 29.99 33.26
CA GLU F 228 13.55 29.10 34.31
C GLU F 228 14.43 28.01 33.70
N SER F 229 15.73 28.04 34.00
CA SER F 229 16.67 27.05 33.50
C SER F 229 16.67 26.88 31.97
N GLY F 230 16.88 27.97 31.26
CA GLY F 230 16.91 27.88 29.81
C GLY F 230 16.66 29.21 29.13
N VAL F 231 17.55 29.60 28.21
CA VAL F 231 17.42 30.85 27.48
C VAL F 231 17.85 30.63 26.03
N ALA F 232 17.69 31.67 25.21
CA ALA F 232 18.03 31.59 23.80
C ALA F 232 19.52 31.35 23.54
N LEU F 233 20.34 31.47 24.57
CA LEU F 233 21.77 31.23 24.40
C LEU F 233 22.13 29.79 24.82
N THR F 234 21.11 29.01 25.18
CA THR F 234 21.33 27.62 25.54
C THR F 234 21.47 26.96 24.17
N SER F 235 22.70 26.95 23.67
CA SER F 235 23.06 26.46 22.34
C SER F 235 22.46 25.15 21.86
N VAL F 236 22.28 24.17 22.73
CA VAL F 236 21.73 22.89 22.30
C VAL F 236 20.31 23.03 21.72
N LEU F 237 19.64 24.14 22.03
CA LEU F 237 18.27 24.37 21.55
C LEU F 237 18.16 25.27 20.32
N VAL F 238 19.25 25.93 19.95
CA VAL F 238 19.23 26.83 18.80
C VAL F 238 20.20 26.35 17.75
N LYS F 239 19.69 26.14 16.53
CA LYS F 239 20.52 25.68 15.44
C LYS F 239 21.04 26.84 14.60
N LYS F 240 22.38 26.96 14.57
CA LYS F 240 23.03 28.00 13.80
C LYS F 240 23.72 27.35 12.60
N GLY F 241 24.12 28.15 11.63
CA GLY F 241 24.77 27.58 10.46
C GLY F 241 23.81 26.89 9.52
N ASP F 242 24.34 26.01 8.68
CA ASP F 242 23.54 25.28 7.70
C ASP F 242 22.73 24.14 8.33
N VAL F 243 21.41 24.25 8.25
CA VAL F 243 20.54 23.23 8.81
C VAL F 243 20.09 22.19 7.80
N LYS F 244 20.37 22.45 6.53
CA LYS F 244 19.96 21.53 5.47
C LYS F 244 20.45 20.09 5.67
N PRO F 245 21.70 19.89 6.10
CA PRO F 245 22.15 18.51 6.29
C PRO F 245 21.26 17.71 7.26
N LEU F 246 20.72 18.36 8.28
CA LEU F 246 19.84 17.66 9.22
C LEU F 246 18.49 17.35 8.54
N ALA F 247 17.98 18.31 7.79
CA ALA F 247 16.71 18.15 7.08
C ALA F 247 16.81 16.93 6.16
N GLU F 248 17.98 16.78 5.52
CA GLU F 248 18.22 15.67 4.62
C GLU F 248 18.30 14.32 5.33
N GLN F 249 18.94 14.30 6.50
CA GLN F 249 19.05 13.07 7.25
C GLN F 249 17.65 12.60 7.64
N ILE F 250 16.83 13.55 8.08
CA ILE F 250 15.46 13.23 8.46
C ILE F 250 14.67 12.71 7.25
N ALA F 251 14.76 13.43 6.13
CA ALA F 251 14.04 13.04 4.92
C ALA F 251 14.43 11.63 4.49
N ILE F 252 15.73 11.36 4.46
CA ILE F 252 16.22 10.05 4.06
C ILE F 252 15.73 8.98 5.03
N THR F 253 15.80 9.26 6.33
CA THR F 253 15.35 8.30 7.34
C THR F 253 13.86 8.01 7.16
N ALA F 254 13.12 8.99 6.68
CA ALA F 254 11.68 8.83 6.47
C ALA F 254 11.41 8.14 5.14
N GLY F 255 12.44 8.00 4.31
CA GLY F 255 12.27 7.35 3.02
C GLY F 255 11.92 8.33 1.92
N CYS F 256 12.30 9.59 2.10
CA CYS F 256 12.02 10.64 1.14
C CYS F 256 13.23 11.04 0.31
N LYS F 257 13.00 11.50 -0.92
CA LYS F 257 14.08 11.94 -1.77
C LYS F 257 14.51 13.32 -1.29
N THR F 258 15.75 13.70 -1.60
CA THR F 258 16.30 14.99 -1.19
C THR F 258 16.68 15.86 -2.38
N THR F 259 16.01 15.66 -3.52
CA THR F 259 16.28 16.41 -4.73
C THR F 259 16.27 17.92 -4.49
N THR F 260 15.20 18.41 -3.89
CA THR F 260 15.10 19.83 -3.54
C THR F 260 14.37 19.95 -2.21
N SER F 261 14.40 21.15 -1.64
CA SER F 261 13.73 21.41 -0.38
C SER F 261 12.22 21.17 -0.54
N ALA F 262 11.65 21.71 -1.61
CA ALA F 262 10.23 21.57 -1.87
C ALA F 262 9.83 20.10 -1.95
N VAL F 263 10.69 19.31 -2.58
CA VAL F 263 10.46 17.88 -2.72
C VAL F 263 10.48 17.19 -1.35
N MET F 264 11.47 17.52 -0.54
CA MET F 264 11.58 16.92 0.79
C MET F 264 10.32 17.20 1.62
N VAL F 265 9.94 18.47 1.67
CA VAL F 265 8.78 18.88 2.45
C VAL F 265 7.49 18.26 1.94
N HIS F 266 7.32 18.24 0.63
CA HIS F 266 6.11 17.66 0.04
C HIS F 266 5.99 16.19 0.44
N CYS F 267 7.10 15.46 0.37
CA CYS F 267 7.11 14.05 0.72
C CYS F 267 6.83 13.84 2.21
N LEU F 268 7.45 14.64 3.07
CA LEU F 268 7.22 14.50 4.51
C LEU F 268 5.77 14.81 4.87
N ARG F 269 5.13 15.67 4.08
CA ARG F 269 3.73 16.01 4.32
C ARG F 269 2.81 14.85 3.97
N GLN F 270 3.30 13.92 3.17
CA GLN F 270 2.51 12.77 2.76
C GLN F 270 2.60 11.63 3.77
N LYS F 271 3.62 11.66 4.61
CA LYS F 271 3.82 10.61 5.62
C LYS F 271 2.75 10.63 6.70
N THR F 272 2.41 9.46 7.23
CA THR F 272 1.40 9.37 8.28
C THR F 272 2.04 9.80 9.60
N GLU F 273 1.21 10.06 10.60
CA GLU F 273 1.71 10.45 11.90
C GLU F 273 2.62 9.34 12.40
N GLU F 274 2.16 8.10 12.24
CA GLU F 274 2.92 6.94 12.67
C GLU F 274 4.27 6.85 11.97
N GLU F 275 4.29 7.19 10.68
CA GLU F 275 5.54 7.14 9.92
C GLU F 275 6.54 8.19 10.42
N LEU F 276 6.04 9.37 10.74
CA LEU F 276 6.94 10.41 11.25
C LEU F 276 7.40 10.07 12.66
N LEU F 277 6.54 9.40 13.43
CA LEU F 277 6.90 9.01 14.78
C LEU F 277 8.02 7.96 14.70
N GLU F 278 7.89 7.02 13.76
CA GLU F 278 8.90 5.98 13.58
C GLU F 278 10.23 6.61 13.17
N THR F 279 10.18 7.65 12.34
CA THR F 279 11.39 8.34 11.91
C THR F 279 12.03 9.00 13.13
N THR F 280 11.19 9.54 14.01
CA THR F 280 11.65 10.20 15.22
C THR F 280 12.42 9.20 16.09
N LEU F 281 11.84 8.01 16.26
CA LEU F 281 12.46 6.96 17.06
C LEU F 281 13.78 6.49 16.47
N LYS F 282 13.83 6.31 15.15
CA LYS F 282 15.07 5.87 14.49
C LYS F 282 16.17 6.92 14.62
N MET F 283 15.79 8.20 14.63
CA MET F 283 16.76 9.29 14.75
C MET F 283 17.40 9.31 16.14
N LYS F 284 16.74 8.68 17.11
CA LYS F 284 17.20 8.63 18.49
C LYS F 284 17.56 10.01 19.05
N PHE F 285 16.56 10.89 19.07
CA PHE F 285 16.75 12.25 19.57
C PHE F 285 16.84 12.28 21.09
N LEU F 286 17.30 13.38 21.65
CA LEU F 286 17.38 13.50 23.10
C LEU F 286 18.14 12.35 23.74
N SER F 287 19.24 11.96 23.13
CA SER F 287 20.04 10.85 23.63
C SER F 287 21.49 11.07 23.20
N LEU F 288 22.44 10.81 24.09
CA LEU F 288 23.84 11.01 23.75
C LEU F 288 24.39 9.89 22.86
N ASP F 289 24.78 10.24 21.64
CA ASP F 289 25.34 9.27 20.70
C ASP F 289 26.80 9.00 21.03
N LEU F 290 27.07 7.78 21.51
CA LEU F 290 28.42 7.39 21.90
C LEU F 290 29.33 6.92 20.77
N GLN F 291 28.78 6.71 19.58
CA GLN F 291 29.63 6.26 18.49
C GLN F 291 29.60 7.23 17.32
N GLY F 292 30.77 7.50 16.76
CA GLY F 292 30.87 8.41 15.63
C GLY F 292 31.36 9.79 16.03
N ASP F 293 31.47 10.68 15.04
CA ASP F 293 31.93 12.05 15.31
C ASP F 293 30.83 12.80 16.03
N PRO F 294 31.11 13.24 17.27
CA PRO F 294 30.12 13.98 18.06
C PRO F 294 29.69 15.31 17.45
N ARG F 295 30.49 15.83 16.50
CA ARG F 295 30.15 17.09 15.86
C ARG F 295 29.02 16.92 14.86
N GLU F 296 28.62 15.69 14.60
CA GLU F 296 27.53 15.42 13.68
C GLU F 296 26.28 14.94 14.42
N SER F 297 26.38 14.85 15.74
CA SER F 297 25.26 14.42 16.55
C SER F 297 24.21 15.52 16.66
N GLN F 298 22.95 15.12 16.56
CA GLN F 298 21.85 16.08 16.64
C GLN F 298 20.82 15.48 17.59
N PRO F 299 20.96 15.75 18.90
CA PRO F 299 20.03 15.22 19.89
C PRO F 299 18.66 15.90 19.92
N LEU F 300 18.53 17.06 19.29
CA LEU F 300 17.25 17.77 19.28
C LEU F 300 16.95 18.41 17.93
N LEU F 301 15.69 18.78 17.75
CA LEU F 301 15.25 19.45 16.54
C LEU F 301 14.66 20.73 17.13
N GLY F 302 15.41 21.84 17.06
CA GLY F 302 14.91 23.06 17.65
C GLY F 302 14.83 24.34 16.85
N THR F 303 15.00 25.45 17.56
CA THR F 303 14.93 26.81 17.02
C THR F 303 15.99 27.11 15.94
N VAL F 304 15.56 27.76 14.87
CA VAL F 304 16.48 28.16 13.80
C VAL F 304 16.23 29.62 13.50
N ILE F 305 17.14 30.26 12.76
CA ILE F 305 16.96 31.65 12.40
C ILE F 305 16.21 31.61 11.07
N ASP F 306 14.88 31.59 11.17
CA ASP F 306 13.98 31.49 10.01
C ASP F 306 13.77 32.75 9.18
N GLY F 307 13.83 33.91 9.82
CA GLY F 307 13.62 35.16 9.10
C GLY F 307 12.25 35.77 9.35
N MET F 308 11.40 35.03 10.06
CA MET F 308 10.06 35.50 10.41
C MET F 308 9.97 35.67 11.92
N LEU F 309 10.24 34.59 12.65
CA LEU F 309 10.22 34.64 14.11
C LEU F 309 11.48 35.35 14.57
N LEU F 310 12.63 34.84 14.11
CA LEU F 310 13.93 35.42 14.44
C LEU F 310 14.60 35.87 13.16
N LEU F 311 14.96 37.15 13.09
CA LEU F 311 15.59 37.69 11.90
C LEU F 311 17.09 37.49 11.90
N LYS F 312 17.67 37.34 13.09
CA LYS F 312 19.12 37.14 13.22
C LYS F 312 19.41 36.25 14.43
N THR F 313 20.68 35.95 14.68
CA THR F 313 21.03 35.11 15.82
C THR F 313 20.72 35.86 17.12
N PRO F 314 20.46 35.14 18.22
CA PRO F 314 20.15 35.81 19.49
C PRO F 314 21.27 36.77 19.89
N GLU F 315 22.51 36.36 19.65
CA GLU F 315 23.66 37.19 19.98
C GLU F 315 23.64 38.53 19.24
N GLU F 316 23.28 38.49 17.96
CA GLU F 316 23.24 39.72 17.17
C GLU F 316 22.11 40.62 17.62
N LEU F 317 20.96 40.04 17.92
CA LEU F 317 19.82 40.82 18.36
C LEU F 317 20.11 41.46 19.71
N GLN F 318 20.81 40.73 20.58
CA GLN F 318 21.15 41.26 21.89
C GLN F 318 22.09 42.46 21.75
N ALA F 319 23.09 42.34 20.88
CA ALA F 319 24.05 43.39 20.66
C ALA F 319 23.37 44.67 20.16
N GLU F 320 22.29 44.49 19.42
CA GLU F 320 21.53 45.60 18.87
C GLU F 320 20.44 46.08 19.83
N ARG F 321 20.36 45.48 21.01
CA ARG F 321 19.33 45.85 21.98
C ARG F 321 18.00 45.89 21.25
N ASN F 322 17.81 44.94 20.35
CA ASN F 322 16.58 44.85 19.57
C ASN F 322 15.70 43.72 20.08
N PHE F 323 14.94 44.01 21.14
CA PHE F 323 14.02 43.04 21.75
C PHE F 323 13.03 43.72 22.69
N HIS F 324 12.01 42.97 23.12
CA HIS F 324 11.01 43.53 24.03
C HIS F 324 11.63 43.81 25.40
N THR F 325 11.63 45.07 25.79
CA THR F 325 12.21 45.50 27.06
C THR F 325 11.26 45.38 28.24
N VAL F 326 10.56 44.26 28.33
CA VAL F 326 9.63 44.04 29.44
C VAL F 326 10.42 43.53 30.65
N PRO F 327 9.83 43.61 31.86
CA PRO F 327 10.57 43.11 33.02
C PRO F 327 10.88 41.63 32.75
N TYR F 328 12.10 41.20 33.06
CA TYR F 328 12.50 39.82 32.78
C TYR F 328 13.24 39.18 33.96
N MET F 329 12.73 38.05 34.42
CA MET F 329 13.33 37.30 35.52
C MET F 329 14.02 36.08 34.91
N VAL F 330 15.33 35.96 35.12
CA VAL F 330 16.10 34.84 34.57
C VAL F 330 16.76 34.05 35.71
N GLY F 331 16.46 32.76 35.81
CA GLY F 331 17.05 31.97 36.88
C GLY F 331 17.60 30.60 36.52
N ILE F 332 18.34 30.02 37.44
CA ILE F 332 18.92 28.69 37.24
C ILE F 332 18.92 27.92 38.55
N ASN F 333 19.11 26.61 38.46
CA ASN F 333 19.15 25.79 39.65
C ASN F 333 20.60 25.46 39.96
N LYS F 334 20.88 25.19 41.23
CA LYS F 334 22.24 24.89 41.68
C LYS F 334 22.95 23.80 40.87
N GLN F 335 22.26 22.70 40.59
CA GLN F 335 22.87 21.60 39.83
C GLN F 335 22.03 21.21 38.62
N GLU F 336 21.98 22.09 37.63
CA GLU F 336 21.20 21.86 36.41
C GLU F 336 21.43 20.50 35.75
N PHE F 337 22.67 20.00 35.82
CA PHE F 337 23.02 18.72 35.20
C PHE F 337 23.31 17.68 36.29
N GLY F 338 22.64 17.83 37.44
CA GLY F 338 22.85 16.92 38.55
C GLY F 338 22.36 15.49 38.41
N TRP F 339 21.22 15.27 37.77
CA TRP F 339 20.69 13.91 37.63
C TRP F 339 19.67 13.74 36.51
N LEU F 340 18.62 14.54 36.57
CA LEU F 340 17.52 14.49 35.61
C LEU F 340 17.96 14.43 34.14
N ILE F 341 18.65 15.46 33.66
CA ILE F 341 19.08 15.51 32.27
C ILE F 341 20.00 14.36 31.85
N PRO F 342 21.08 14.12 32.60
CA PRO F 342 22.00 13.01 32.25
C PRO F 342 21.25 11.68 32.18
N MET F 343 20.35 11.46 33.12
CA MET F 343 19.58 10.23 33.17
C MET F 343 18.74 10.07 31.91
N LEU F 344 18.00 11.11 31.57
CA LEU F 344 17.17 11.08 30.38
C LEU F 344 17.99 10.89 29.10
N MET F 345 19.17 11.47 29.04
CA MET F 345 19.97 11.34 27.83
C MET F 345 20.88 10.11 27.79
N SER F 346 20.72 9.22 28.77
CA SER F 346 21.51 8.01 28.84
C SER F 346 22.99 8.35 28.87
N TYR F 347 23.32 9.39 29.62
CA TYR F 347 24.68 9.86 29.77
C TYR F 347 25.55 8.75 30.37
N PRO F 348 26.72 8.49 29.77
CA PRO F 348 27.67 7.47 30.21
C PRO F 348 28.42 7.81 31.50
N LEU F 349 27.70 7.87 32.60
CA LEU F 349 28.30 8.18 33.89
C LEU F 349 27.69 7.28 34.95
N SER F 350 28.34 6.15 35.21
CA SER F 350 27.85 5.21 36.20
C SER F 350 28.97 4.86 37.16
N GLU F 351 29.80 5.85 37.46
CA GLU F 351 30.92 5.64 38.37
C GLU F 351 31.14 6.86 39.27
N GLY F 352 31.11 6.62 40.57
CA GLY F 352 31.30 7.70 41.54
C GLY F 352 32.45 8.64 41.21
N GLN F 353 33.59 8.09 40.81
CA GLN F 353 34.74 8.90 40.49
C GLN F 353 34.94 9.08 38.98
N LEU F 354 35.85 9.97 38.61
CA LEU F 354 36.13 10.25 37.21
C LEU F 354 37.49 10.94 37.09
N ASP F 355 38.38 10.36 36.28
CA ASP F 355 39.69 10.93 36.07
C ASP F 355 39.60 11.96 34.95
N GLN F 356 40.58 12.85 34.86
CA GLN F 356 40.54 13.88 33.83
C GLN F 356 40.58 13.39 32.39
N LYS F 357 41.28 12.28 32.13
CA LYS F 357 41.35 11.76 30.78
C LYS F 357 39.97 11.26 30.33
N THR F 358 39.25 10.62 31.25
CA THR F 358 37.92 10.12 30.96
C THR F 358 36.98 11.31 30.78
N ALA F 359 37.22 12.37 31.55
CA ALA F 359 36.40 13.57 31.48
C ALA F 359 36.49 14.20 30.09
N MET F 360 37.72 14.37 29.61
CA MET F 360 37.94 14.97 28.29
C MET F 360 37.27 14.17 27.19
N SER F 361 37.19 12.85 27.37
CA SER F 361 36.57 12.01 26.36
C SER F 361 35.06 12.20 26.38
N LEU F 362 34.49 12.30 27.57
CA LEU F 362 33.05 12.50 27.72
C LEU F 362 32.65 13.90 27.28
N LEU F 363 33.51 14.88 27.52
CA LEU F 363 33.21 16.25 27.13
C LEU F 363 33.16 16.37 25.61
N TRP F 364 34.01 15.62 24.93
CA TRP F 364 34.03 15.63 23.47
C TRP F 364 32.73 15.02 22.95
N LYS F 365 32.34 13.90 23.55
CA LYS F 365 31.10 13.23 23.17
C LYS F 365 29.91 14.12 23.44
N SER F 366 30.07 15.02 24.41
CA SER F 366 29.00 15.95 24.81
C SER F 366 28.96 17.20 23.93
N TYR F 367 29.71 17.18 22.83
CA TYR F 367 29.77 18.31 21.92
C TYR F 367 28.40 18.91 21.58
N PRO F 368 27.41 18.07 21.22
CA PRO F 368 26.10 18.63 20.89
C PRO F 368 25.47 19.44 22.02
N LEU F 369 25.86 19.15 23.26
CA LEU F 369 25.33 19.87 24.41
C LEU F 369 26.13 21.11 24.81
N VAL F 370 27.45 21.01 24.75
CA VAL F 370 28.31 22.12 25.16
C VAL F 370 29.08 22.84 24.06
N CYS F 371 29.22 22.21 22.90
N CYS F 371 29.44 22.13 22.84
CA CYS F 371 29.92 22.81 21.77
CA CYS F 371 29.93 22.78 21.62
C CYS F 371 31.33 23.30 22.07
C CYS F 371 31.32 23.40 21.81
N ILE F 372 32.12 22.47 22.74
CA ILE F 372 33.49 22.82 23.07
C ILE F 372 34.43 22.13 22.07
N ALA F 373 35.03 22.92 21.18
CA ALA F 373 35.96 22.38 20.20
C ALA F 373 36.97 21.48 20.89
N LYS F 374 37.35 20.38 20.25
CA LYS F 374 38.29 19.44 20.83
C LYS F 374 39.58 20.11 21.31
N GLU F 375 39.99 21.17 20.61
CA GLU F 375 41.20 21.89 20.97
C GLU F 375 41.12 22.59 22.33
N LEU F 376 39.89 22.90 22.76
CA LEU F 376 39.69 23.59 24.02
C LEU F 376 39.34 22.70 25.21
N ILE F 377 39.02 21.44 24.94
CA ILE F 377 38.65 20.52 26.00
C ILE F 377 39.66 20.39 27.13
N PRO F 378 40.96 20.26 26.80
CA PRO F 378 41.96 20.14 27.87
C PRO F 378 41.92 21.32 28.83
N GLU F 379 41.93 22.54 28.30
CA GLU F 379 41.91 23.74 29.12
C GLU F 379 40.61 23.80 29.92
N ALA F 380 39.49 23.52 29.27
CA ALA F 380 38.19 23.55 29.94
C ALA F 380 38.17 22.58 31.12
N THR F 381 38.61 21.36 30.89
CA THR F 381 38.63 20.35 31.94
C THR F 381 39.62 20.70 33.04
N GLU F 382 40.79 21.18 32.65
CA GLU F 382 41.82 21.55 33.61
C GLU F 382 41.26 22.61 34.57
N LYS F 383 40.62 23.62 34.00
CA LYS F 383 40.03 24.71 34.78
C LYS F 383 39.04 24.24 35.85
N TYR F 384 38.21 23.26 35.50
CA TYR F 384 37.20 22.74 36.43
C TYR F 384 37.62 21.56 37.32
N LEU F 385 38.41 20.64 36.77
CA LEU F 385 38.81 19.47 37.55
C LEU F 385 40.21 19.53 38.15
N GLY F 386 41.12 20.23 37.48
CA GLY F 386 42.49 20.33 37.96
C GLY F 386 42.66 20.91 39.35
N GLY F 387 41.56 21.03 40.09
CA GLY F 387 41.62 21.58 41.42
C GLY F 387 41.96 20.59 42.52
N THR F 388 41.43 19.37 42.41
CA THR F 388 41.69 18.35 43.40
C THR F 388 42.10 17.02 42.77
N ASP F 389 42.24 16.00 43.61
CA ASP F 389 42.60 14.67 43.16
C ASP F 389 41.48 13.70 43.46
N ASP F 390 40.58 14.11 44.34
CA ASP F 390 39.44 13.27 44.69
C ASP F 390 38.73 12.98 43.38
N THR F 391 39.03 11.82 42.81
CA THR F 391 38.44 11.43 41.54
C THR F 391 36.92 11.56 41.57
N VAL F 392 36.35 11.63 42.77
CA VAL F 392 34.91 11.77 42.94
C VAL F 392 34.50 13.23 42.81
N LYS F 393 35.33 14.13 43.35
CA LYS F 393 35.05 15.55 43.26
C LYS F 393 35.19 16.03 41.82
N LYS F 394 36.13 15.44 41.10
CA LYS F 394 36.32 15.79 39.70
C LYS F 394 35.05 15.45 38.95
N LYS F 395 34.34 14.45 39.45
CA LYS F 395 33.10 14.00 38.84
C LYS F 395 32.01 15.05 39.07
N ASP F 396 31.95 15.58 40.28
CA ASP F 396 30.96 16.61 40.60
C ASP F 396 31.26 17.89 39.84
N LEU F 397 32.54 18.24 39.79
CA LEU F 397 32.98 19.45 39.10
C LEU F 397 32.75 19.32 37.60
N PHE F 398 32.78 18.10 37.10
CA PHE F 398 32.54 17.86 35.68
C PHE F 398 31.10 18.19 35.38
N LEU F 399 30.21 17.82 36.30
CA LEU F 399 28.80 18.09 36.13
C LEU F 399 28.54 19.59 36.22
N ASP F 400 29.35 20.29 37.02
CA ASP F 400 29.20 21.75 37.15
C ASP F 400 29.61 22.41 35.86
N LEU F 401 30.66 21.87 35.25
CA LEU F 401 31.17 22.40 33.99
C LEU F 401 30.07 22.39 32.93
N ILE F 402 29.40 21.25 32.77
CA ILE F 402 28.34 21.12 31.79
C ILE F 402 27.17 22.05 32.10
N ALA F 403 26.78 22.10 33.36
CA ALA F 403 25.67 22.96 33.79
C ALA F 403 25.97 24.42 33.46
N ASP F 404 27.20 24.85 33.76
CA ASP F 404 27.62 26.22 33.51
C ASP F 404 27.56 26.62 32.04
N VAL F 405 27.97 25.71 31.15
CA VAL F 405 27.96 26.01 29.72
C VAL F 405 26.55 25.98 29.14
N MET F 406 25.74 25.04 29.61
CA MET F 406 24.38 24.92 29.11
C MET F 406 23.39 25.94 29.63
N PHE F 407 23.47 26.26 30.92
CA PHE F 407 22.52 27.20 31.53
C PHE F 407 23.10 28.38 32.30
N GLY F 408 24.05 28.10 33.19
CA GLY F 408 24.65 29.14 34.01
C GLY F 408 25.15 30.37 33.27
N VAL F 409 26.14 30.17 32.40
CA VAL F 409 26.74 31.26 31.65
C VAL F 409 25.77 31.92 30.67
N PRO F 410 25.03 31.12 29.89
CA PRO F 410 24.07 31.71 28.94
C PRO F 410 23.02 32.59 29.66
N SER F 411 22.54 32.13 30.81
CA SER F 411 21.53 32.88 31.55
C SER F 411 22.04 34.24 32.01
N VAL F 412 23.24 34.28 32.57
CA VAL F 412 23.80 35.54 33.04
C VAL F 412 24.05 36.47 31.85
N ILE F 413 24.52 35.90 30.74
CA ILE F 413 24.79 36.74 29.57
C ILE F 413 23.50 37.35 29.04
N VAL F 414 22.40 36.61 29.11
CA VAL F 414 21.11 37.13 28.65
C VAL F 414 20.61 38.21 29.59
N ALA F 415 20.75 37.97 30.89
CA ALA F 415 20.31 38.93 31.90
C ALA F 415 21.07 40.25 31.80
N ARG F 416 22.39 40.15 31.63
CA ARG F 416 23.23 41.33 31.50
C ARG F 416 22.88 42.16 30.27
N ASN F 417 22.59 41.49 29.16
CA ASN F 417 22.21 42.20 27.94
C ASN F 417 20.83 42.84 28.07
N HIS F 418 19.91 42.17 28.74
CA HIS F 418 18.56 42.70 28.93
C HIS F 418 18.65 43.92 29.84
N ARG F 419 19.49 43.81 30.86
CA ARG F 419 19.71 44.89 31.82
C ARG F 419 20.29 46.10 31.11
N ASP F 420 21.35 45.87 30.33
CA ASP F 420 22.02 46.95 29.64
C ASP F 420 21.18 47.61 28.56
N ALA F 421 20.00 47.05 28.28
CA ALA F 421 19.11 47.62 27.28
C ALA F 421 18.11 48.52 27.98
N GLY F 422 18.25 48.64 29.30
CA GLY F 422 17.37 49.49 30.08
C GLY F 422 16.10 48.81 30.56
N ALA F 423 16.03 47.48 30.48
CA ALA F 423 14.84 46.78 30.92
C ALA F 423 15.01 46.22 32.33
N PRO F 424 13.94 46.23 33.13
CA PRO F 424 14.02 45.70 34.50
C PRO F 424 14.41 44.23 34.42
N THR F 425 15.45 43.84 35.16
CA THR F 425 15.93 42.48 35.15
C THR F 425 16.13 41.91 36.55
N TYR F 426 15.82 40.63 36.73
CA TYR F 426 15.98 39.93 38.01
C TYR F 426 16.54 38.53 37.76
N MET F 427 17.36 38.04 38.69
CA MET F 427 17.94 36.71 38.57
C MET F 427 17.85 35.96 39.89
N TYR F 428 17.81 34.64 39.82
CA TYR F 428 17.78 33.83 41.03
C TYR F 428 18.54 32.54 40.77
N GLU F 429 18.92 31.88 41.86
CA GLU F 429 19.59 30.60 41.79
C GLU F 429 18.82 29.76 42.80
N PHE F 430 18.17 28.70 42.31
CA PHE F 430 17.37 27.82 43.17
C PHE F 430 18.19 26.64 43.68
N GLN F 431 18.19 26.47 45.00
CA GLN F 431 18.93 25.39 45.62
C GLN F 431 18.11 24.69 46.69
N TYR F 432 17.35 23.68 46.28
CA TYR F 432 16.52 22.92 47.20
C TYR F 432 16.20 21.55 46.62
N ARG F 433 16.07 20.55 47.48
CA ARG F 433 15.73 19.22 47.00
C ARG F 433 14.31 18.88 47.43
N PRO F 434 13.35 19.00 46.51
CA PRO F 434 11.96 18.69 46.84
C PRO F 434 11.75 17.24 47.24
N SER F 435 10.81 17.02 48.15
CA SER F 435 10.51 15.68 48.62
C SER F 435 9.81 14.90 47.52
N PHE F 436 9.39 15.62 46.48
CA PHE F 436 8.69 15.02 45.35
C PHE F 436 9.63 14.48 44.29
N SER F 437 10.94 14.58 44.54
CA SER F 437 11.94 14.08 43.60
C SER F 437 11.75 12.58 43.39
N SER F 438 12.26 12.06 42.28
CA SER F 438 12.16 10.64 42.00
C SER F 438 12.92 9.82 43.04
N ASP F 439 12.42 8.64 43.37
CA ASP F 439 13.08 7.78 44.34
C ASP F 439 14.44 7.33 43.81
N MET F 440 14.58 7.29 42.48
CA MET F 440 15.84 6.86 41.86
C MET F 440 16.91 7.94 41.92
N LYS F 441 16.52 9.13 42.36
CA LYS F 441 17.45 10.25 42.46
C LYS F 441 18.12 10.23 43.83
N PRO F 442 19.46 10.24 43.86
CA PRO F 442 20.21 10.21 45.13
C PRO F 442 19.97 11.47 45.97
N LYS F 443 19.98 11.30 47.29
CA LYS F 443 19.75 12.41 48.21
C LYS F 443 20.74 13.56 48.06
N THR F 444 21.95 13.24 47.60
CA THR F 444 22.99 14.24 47.44
C THR F 444 22.71 15.33 46.40
N VAL F 445 21.85 15.05 45.43
CA VAL F 445 21.52 16.02 44.39
C VAL F 445 20.56 17.08 44.90
N ILE F 446 21.01 18.34 44.89
CA ILE F 446 20.20 19.44 45.36
C ILE F 446 20.09 20.51 44.27
N GLY F 447 18.87 20.94 43.99
CA GLY F 447 18.67 21.95 42.96
C GLY F 447 18.91 21.39 41.57
N ASP F 448 18.39 20.19 41.34
CA ASP F 448 18.52 19.54 40.04
C ASP F 448 17.63 20.26 39.05
N HIS F 449 17.84 20.01 37.76
CA HIS F 449 17.04 20.62 36.71
C HIS F 449 15.56 20.32 37.02
N GLY F 450 14.71 21.35 37.00
CA GLY F 450 13.29 21.16 37.26
C GLY F 450 12.83 21.18 38.72
N ASP F 451 13.75 21.21 39.67
CA ASP F 451 13.33 21.19 41.07
C ASP F 451 12.47 22.38 41.52
N GLU F 452 12.64 23.55 40.90
CA GLU F 452 11.85 24.71 41.30
C GLU F 452 10.37 24.62 40.89
N LEU F 453 10.07 23.75 39.93
CA LEU F 453 8.70 23.57 39.44
C LEU F 453 7.72 23.25 40.55
N PHE F 454 8.13 22.34 41.45
CA PHE F 454 7.27 21.94 42.55
C PHE F 454 6.89 23.13 43.43
N SER F 455 7.81 24.08 43.58
CA SER F 455 7.55 25.27 44.38
C SER F 455 6.70 26.26 43.58
N VAL F 456 7.10 26.53 42.34
CA VAL F 456 6.36 27.46 41.48
C VAL F 456 4.90 27.06 41.30
N PHE F 457 4.65 25.77 41.15
CA PHE F 457 3.28 25.29 40.94
C PHE F 457 2.55 24.76 42.17
N GLY F 458 3.05 25.07 43.36
CA GLY F 458 2.40 24.64 44.59
C GLY F 458 2.14 23.16 44.77
N ALA F 459 3.11 22.33 44.42
CA ALA F 459 2.96 20.88 44.59
C ALA F 459 2.67 20.51 46.06
N PRO F 460 3.25 21.25 47.02
CA PRO F 460 2.99 20.90 48.42
C PRO F 460 1.50 20.96 48.81
N PHE F 461 0.70 21.64 47.99
CA PHE F 461 -0.72 21.76 48.29
C PHE F 461 -1.59 20.81 47.48
N LEU F 462 -0.94 20.03 46.61
CA LEU F 462 -1.65 19.07 45.78
C LEU F 462 -1.19 17.65 46.07
N LYS F 463 0.09 17.51 46.42
CA LYS F 463 0.66 16.20 46.75
C LYS F 463 0.85 16.12 48.26
N GLU F 464 1.12 14.93 48.78
CA GLU F 464 1.32 14.76 50.21
C GLU F 464 2.78 14.57 50.60
N GLY F 465 3.05 14.68 51.90
CA GLY F 465 4.39 14.48 52.40
C GLY F 465 5.34 15.67 52.52
N ALA F 466 4.86 16.86 52.16
CA ALA F 466 5.70 18.05 52.23
C ALA F 466 5.94 18.55 53.65
N SER F 467 7.19 18.86 53.96
CA SER F 467 7.56 19.35 55.28
C SER F 467 7.06 20.79 55.41
N GLU F 468 7.07 21.31 56.64
CA GLU F 468 6.63 22.68 56.86
C GLU F 468 7.52 23.63 56.08
N GLU F 469 8.82 23.30 56.05
CA GLU F 469 9.79 24.10 55.35
C GLU F 469 9.49 24.15 53.85
N GLU F 470 9.09 23.01 53.29
CA GLU F 470 8.78 22.92 51.86
C GLU F 470 7.49 23.68 51.51
N ILE F 471 6.49 23.55 52.38
CA ILE F 471 5.22 24.25 52.17
C ILE F 471 5.48 25.76 52.13
N ARG F 472 6.25 26.25 53.10
CA ARG F 472 6.56 27.67 53.17
C ARG F 472 7.38 28.17 51.98
N LEU F 473 8.28 27.33 51.49
CA LEU F 473 9.09 27.70 50.33
C LEU F 473 8.17 27.93 49.13
N SER F 474 7.21 27.02 48.96
CA SER F 474 6.28 27.13 47.84
C SER F 474 5.48 28.43 47.92
N LYS F 475 4.91 28.72 49.08
CA LYS F 475 4.13 29.94 49.27
C LYS F 475 4.95 31.16 48.89
N MET F 476 6.20 31.18 49.32
CA MET F 476 7.10 32.30 49.04
C MET F 476 7.38 32.45 47.55
N VAL F 477 7.70 31.33 46.89
CA VAL F 477 7.99 31.35 45.47
C VAL F 477 6.77 31.78 44.66
N MET F 478 5.61 31.21 44.95
CA MET F 478 4.41 31.58 44.22
C MET F 478 4.10 33.08 44.35
N LYS F 479 4.31 33.61 45.56
CA LYS F 479 4.06 35.03 45.82
C LYS F 479 5.07 35.91 45.10
N PHE F 480 6.32 35.45 45.00
CA PHE F 480 7.35 36.21 44.31
C PHE F 480 6.96 36.24 42.82
N TRP F 481 6.61 35.08 42.27
CA TRP F 481 6.23 34.98 40.86
C TRP F 481 4.99 35.81 40.53
N ALA F 482 3.97 35.71 41.37
CA ALA F 482 2.74 36.46 41.17
C ALA F 482 2.94 37.97 41.35
N ASN F 483 3.82 38.36 42.27
CA ASN F 483 4.09 39.78 42.47
C ASN F 483 4.76 40.29 41.19
N PHE F 484 5.66 39.49 40.65
CA PHE F 484 6.36 39.86 39.42
C PHE F 484 5.32 40.00 38.30
N ALA F 485 4.35 39.09 38.29
CA ALA F 485 3.30 39.11 37.27
C ALA F 485 2.50 40.41 37.30
N ARG F 486 2.09 40.85 38.49
CA ARG F 486 1.30 42.08 38.53
C ARG F 486 2.08 43.37 38.53
N ASN F 487 3.29 43.38 39.10
CA ASN F 487 4.06 44.62 39.15
C ASN F 487 5.34 44.68 38.33
N GLY F 488 5.84 43.53 37.88
CA GLY F 488 7.08 43.54 37.12
C GLY F 488 8.24 43.66 38.09
N ASN F 489 7.92 43.41 39.36
CA ASN F 489 8.87 43.46 40.46
C ASN F 489 8.34 42.38 41.41
N PRO F 490 9.20 41.44 41.82
CA PRO F 490 8.77 40.35 42.72
C PRO F 490 8.61 40.74 44.19
N ASN F 491 9.21 41.85 44.58
CA ASN F 491 9.16 42.29 45.97
C ASN F 491 7.78 42.55 46.55
N GLY F 492 7.64 42.25 47.84
CA GLY F 492 6.37 42.46 48.51
C GLY F 492 6.51 42.28 50.01
N GLU F 493 5.50 42.71 50.75
CA GLU F 493 5.51 42.60 52.21
C GLU F 493 5.53 41.14 52.64
N GLY F 494 6.39 40.85 53.60
CA GLY F 494 6.49 39.48 54.11
C GLY F 494 7.43 38.60 53.31
N LEU F 495 8.16 39.20 52.37
CA LEU F 495 9.08 38.45 51.52
C LEU F 495 10.50 39.00 51.61
N PRO F 496 11.51 38.12 51.66
CA PRO F 496 12.87 38.64 51.73
C PRO F 496 13.14 39.54 50.54
N HIS F 497 14.02 40.53 50.72
CA HIS F 497 14.32 41.46 49.64
C HIS F 497 15.03 40.81 48.46
N TRP F 498 14.50 41.06 47.27
CA TRP F 498 15.07 40.52 46.04
C TRP F 498 15.63 41.73 45.29
N PRO F 499 16.96 41.91 45.32
CA PRO F 499 17.52 43.06 44.62
C PRO F 499 17.39 42.93 43.10
N GLU F 500 17.30 44.06 42.44
CA GLU F 500 17.19 44.07 40.99
C GLU F 500 18.57 43.75 40.42
N TYR F 501 18.59 43.09 39.26
CA TYR F 501 19.85 42.74 38.63
C TYR F 501 20.38 43.93 37.85
N ASN F 502 21.01 44.86 38.56
CA ASN F 502 21.57 46.05 37.92
C ASN F 502 23.08 45.89 37.80
N GLN F 503 23.80 47.01 37.80
CA GLN F 503 25.26 46.96 37.67
C GLN F 503 25.95 46.23 38.82
N LYS F 504 25.26 46.12 39.95
CA LYS F 504 25.82 45.43 41.13
C LYS F 504 25.55 43.92 41.01
N GLU F 505 24.74 43.57 40.02
CA GLU F 505 24.39 42.18 39.75
C GLU F 505 23.85 41.41 40.95
N GLY F 506 22.89 41.99 41.64
CA GLY F 506 22.29 41.32 42.78
C GLY F 506 21.34 40.25 42.26
N TYR F 507 21.20 39.18 43.02
CA TYR F 507 20.30 38.09 42.64
C TYR F 507 19.85 37.42 43.91
N LEU F 508 18.81 36.61 43.82
CA LEU F 508 18.28 35.94 44.99
C LEU F 508 18.62 34.45 45.04
N GLN F 509 19.13 34.01 46.19
CA GLN F 509 19.46 32.61 46.39
C GLN F 509 18.20 32.05 47.05
N ILE F 510 17.43 31.30 46.28
CA ILE F 510 16.18 30.73 46.79
C ILE F 510 16.38 29.31 47.31
N GLY F 511 15.92 29.07 48.53
CA GLY F 511 16.05 27.77 49.14
C GLY F 511 15.55 27.80 50.57
N ALA F 512 15.99 26.85 51.40
CA ALA F 512 15.60 26.81 52.80
C ALA F 512 15.89 28.15 53.45
N ASN F 513 17.05 28.71 53.11
CA ASN F 513 17.45 30.02 53.64
C ASN F 513 17.62 30.99 52.47
N THR F 514 16.54 31.66 52.12
CA THR F 514 16.53 32.61 51.00
C THR F 514 17.18 33.95 51.38
N GLN F 515 18.04 34.45 50.51
CA GLN F 515 18.68 35.73 50.78
C GLN F 515 19.41 36.23 49.53
N ALA F 516 19.59 37.55 49.46
CA ALA F 516 20.26 38.17 48.33
C ALA F 516 21.75 37.91 48.32
N ALA F 517 22.34 38.03 47.14
CA ALA F 517 23.77 37.83 46.94
C ALA F 517 24.12 38.64 45.71
N GLN F 518 25.37 38.60 45.28
CA GLN F 518 25.76 39.35 44.10
C GLN F 518 26.76 38.59 43.24
N LYS F 519 26.86 38.99 41.97
CA LYS F 519 27.81 38.41 41.01
C LYS F 519 27.64 36.92 40.70
N LEU F 520 26.43 36.53 40.31
CA LEU F 520 26.16 35.14 39.96
C LEU F 520 26.99 34.69 38.75
N LYS F 521 27.76 33.62 38.93
CA LYS F 521 28.58 33.05 37.85
C LYS F 521 29.50 34.07 37.16
N ASP F 522 29.92 35.10 37.88
CA ASP F 522 30.77 36.10 37.25
C ASP F 522 32.09 35.55 36.71
N LYS F 523 32.79 34.76 37.50
CA LYS F 523 34.08 34.19 37.08
C LYS F 523 33.90 33.19 35.94
N GLU F 524 32.80 32.42 36.00
CA GLU F 524 32.54 31.44 34.95
C GLU F 524 32.29 32.10 33.60
N VAL F 525 31.51 33.18 33.59
CA VAL F 525 31.22 33.90 32.36
C VAL F 525 32.49 34.45 31.73
N ALA F 526 33.38 34.97 32.56
CA ALA F 526 34.65 35.52 32.06
C ALA F 526 35.46 34.40 31.41
N PHE F 527 35.66 33.31 32.13
CA PHE F 527 36.42 32.18 31.61
C PHE F 527 35.90 31.67 30.27
N TRP F 528 34.62 31.26 30.24
CA TRP F 528 34.04 30.74 29.03
C TRP F 528 34.06 31.71 27.87
N THR F 529 33.83 32.98 28.16
CA THR F 529 33.83 33.99 27.11
C THR F 529 35.20 34.10 26.47
N ASN F 530 36.25 34.08 27.29
CA ASN F 530 37.61 34.17 26.75
C ASN F 530 38.01 32.88 26.06
N LEU F 531 37.57 31.74 26.60
CA LEU F 531 37.92 30.45 26.01
C LEU F 531 37.39 30.36 24.58
N PHE F 532 36.08 30.53 24.42
CA PHE F 532 35.45 30.48 23.11
C PHE F 532 36.03 31.50 22.14
N ALA F 533 36.47 32.63 22.68
CA ALA F 533 37.04 33.70 21.87
C ALA F 533 38.28 33.23 21.12
N LYS F 534 38.98 32.24 21.66
CA LYS F 534 40.16 31.70 21.02
C LYS F 534 39.79 30.97 19.72
#